data_2CRP
#
_entry.id   2CRP
#
_cell.length_a   1.000
_cell.length_b   1.000
_cell.length_c   1.000
_cell.angle_alpha   90.00
_cell.angle_beta   90.00
_cell.angle_gamma   90.00
#
_symmetry.space_group_name_H-M   'P 1'
#
_entity_poly.entity_id   1
_entity_poly.type   'polypeptide(L)'
_entity_poly.pdbx_seq_one_letter_code
;GSSGSSGPEKPAKTQKTSLDEALQWRDSLDKLLQNNYGLASFKSFLKSEFSEENLEFWIACEDYKKIKSPAKMAEKAKQI
YEEFIQTEAPKEVNIDHFTKDITMKNLVEPSLSSFDMAQKRIHALMEKDSLPRFVRSEFYQELISGPSSG
;
_entity_poly.pdbx_strand_id   A
#
# COMPACT_ATOMS: atom_id res chain seq x y z
N GLY A 1 -33.58 -43.19 -0.15
CA GLY A 1 -32.98 -42.34 0.86
C GLY A 1 -31.56 -42.76 1.20
N SER A 2 -30.62 -41.82 1.13
CA SER A 2 -29.23 -42.11 1.44
C SER A 2 -28.56 -40.91 2.12
N SER A 3 -28.20 -41.10 3.39
CA SER A 3 -27.55 -40.04 4.16
C SER A 3 -26.23 -39.65 3.54
N GLY A 4 -26.03 -38.35 3.33
CA GLY A 4 -24.80 -37.87 2.74
C GLY A 4 -24.22 -36.68 3.50
N SER A 5 -22.91 -36.53 3.43
CA SER A 5 -22.23 -35.43 4.11
C SER A 5 -21.15 -34.82 3.23
N SER A 6 -21.19 -33.50 3.08
CA SER A 6 -20.22 -32.79 2.26
C SER A 6 -18.92 -32.58 3.01
N GLY A 7 -17.94 -31.99 2.34
CA GLY A 7 -16.64 -31.75 2.96
C GLY A 7 -15.86 -30.65 2.27
N PRO A 8 -14.86 -30.09 2.97
CA PRO A 8 -14.02 -29.02 2.44
C PRO A 8 -13.09 -29.52 1.32
N GLU A 9 -12.28 -28.61 0.80
CA GLU A 9 -11.35 -28.95 -0.27
C GLU A 9 -10.00 -28.27 -0.04
N LYS A 10 -9.08 -28.50 -0.97
CA LYS A 10 -7.74 -27.91 -0.88
C LYS A 10 -7.51 -26.91 -2.02
N PRO A 11 -6.75 -25.85 -1.72
CA PRO A 11 -6.44 -24.81 -2.70
C PRO A 11 -5.49 -25.30 -3.80
N ALA A 12 -5.06 -24.39 -4.66
CA ALA A 12 -4.15 -24.73 -5.75
C ALA A 12 -2.93 -23.83 -5.75
N LYS A 13 -2.04 -24.03 -6.71
CA LYS A 13 -0.83 -23.23 -6.83
C LYS A 13 -0.73 -22.58 -8.20
N THR A 14 0.24 -21.69 -8.37
CA THR A 14 0.44 -21.00 -9.64
C THR A 14 1.69 -20.13 -9.60
N GLN A 15 2.05 -19.56 -10.75
CA GLN A 15 3.22 -18.71 -10.84
C GLN A 15 3.26 -17.70 -9.70
N LYS A 16 4.39 -17.01 -9.57
CA LYS A 16 4.55 -16.01 -8.52
C LYS A 16 5.10 -14.70 -9.08
N THR A 17 6.36 -14.73 -9.50
CA THR A 17 7.01 -13.55 -10.06
C THR A 17 8.20 -13.93 -10.94
N SER A 18 8.38 -13.21 -12.03
CA SER A 18 9.48 -13.49 -12.95
C SER A 18 10.53 -12.39 -12.87
N LEU A 19 11.73 -12.68 -13.39
CA LEU A 19 12.82 -11.72 -13.37
C LEU A 19 12.40 -10.41 -14.03
N ASP A 20 11.97 -10.49 -15.28
CA ASP A 20 11.54 -9.31 -16.01
C ASP A 20 10.46 -8.56 -15.25
N GLU A 21 9.89 -9.21 -14.24
CA GLU A 21 8.83 -8.61 -13.44
C GLU A 21 9.42 -7.89 -12.23
N ALA A 22 10.15 -8.64 -11.40
CA ALA A 22 10.77 -8.07 -10.21
C ALA A 22 11.35 -6.69 -10.49
N LEU A 23 11.86 -6.52 -11.71
CA LEU A 23 12.45 -5.24 -12.11
C LEU A 23 11.38 -4.17 -12.31
N GLN A 24 10.24 -4.59 -12.85
CA GLN A 24 9.13 -3.67 -13.09
C GLN A 24 8.75 -2.93 -11.81
N TRP A 25 9.10 -3.50 -10.67
CA TRP A 25 8.80 -2.90 -9.38
C TRP A 25 9.69 -1.69 -9.12
N ARG A 26 10.85 -1.66 -9.78
CA ARG A 26 11.79 -0.57 -9.62
C ARG A 26 11.24 0.72 -10.25
N ASP A 27 10.65 0.59 -11.43
CA ASP A 27 10.08 1.73 -12.12
C ASP A 27 9.00 2.41 -11.28
N SER A 28 7.97 1.64 -10.93
CA SER A 28 6.87 2.17 -10.13
C SER A 28 6.57 1.25 -8.95
N LEU A 29 6.43 1.84 -7.77
CA LEU A 29 6.14 1.07 -6.57
C LEU A 29 4.85 0.27 -6.72
N ASP A 30 3.84 0.91 -7.31
CA ASP A 30 2.56 0.25 -7.52
C ASP A 30 2.75 -1.20 -7.94
N LYS A 31 3.41 -1.41 -9.06
CA LYS A 31 3.67 -2.75 -9.57
C LYS A 31 4.00 -3.71 -8.43
N LEU A 32 4.79 -3.24 -7.47
CA LEU A 32 5.18 -4.07 -6.33
C LEU A 32 3.96 -4.41 -5.48
N LEU A 33 3.37 -3.40 -4.86
CA LEU A 33 2.20 -3.60 -4.01
C LEU A 33 1.16 -4.47 -4.72
N GLN A 34 0.88 -4.15 -5.96
CA GLN A 34 -0.09 -4.90 -6.75
C GLN A 34 0.24 -6.39 -6.74
N ASN A 35 1.51 -6.71 -6.94
CA ASN A 35 1.97 -8.09 -6.94
C ASN A 35 1.93 -8.69 -5.55
N ASN A 36 1.20 -9.79 -5.39
CA ASN A 36 1.09 -10.46 -4.11
C ASN A 36 2.46 -10.81 -3.55
N TYR A 37 3.33 -11.35 -4.40
CA TYR A 37 4.66 -11.73 -3.99
C TYR A 37 5.46 -10.51 -3.51
N GLY A 38 5.60 -9.51 -4.39
CA GLY A 38 6.32 -8.31 -4.05
C GLY A 38 5.76 -7.63 -2.81
N LEU A 39 4.44 -7.59 -2.72
CA LEU A 39 3.77 -6.97 -1.58
C LEU A 39 4.16 -7.65 -0.28
N ALA A 40 3.81 -8.93 -0.16
CA ALA A 40 4.12 -9.70 1.04
C ALA A 40 5.53 -9.40 1.53
N SER A 41 6.50 -9.49 0.62
CA SER A 41 7.89 -9.23 0.96
C SER A 41 8.11 -7.77 1.33
N PHE A 42 7.54 -6.88 0.52
CA PHE A 42 7.67 -5.44 0.76
C PHE A 42 7.28 -5.09 2.18
N LYS A 43 6.15 -5.65 2.65
CA LYS A 43 5.67 -5.39 4.00
C LYS A 43 6.75 -5.72 5.03
N SER A 44 7.12 -6.99 5.11
CA SER A 44 8.14 -7.43 6.05
C SER A 44 9.29 -6.44 6.12
N PHE A 45 9.80 -6.06 4.95
CA PHE A 45 10.90 -5.11 4.88
C PHE A 45 10.65 -3.90 5.77
N LEU A 46 9.47 -3.31 5.64
CA LEU A 46 9.10 -2.15 6.43
C LEU A 46 9.06 -2.49 7.92
N LYS A 47 8.32 -3.54 8.27
CA LYS A 47 8.20 -3.97 9.65
C LYS A 47 9.55 -3.88 10.36
N SER A 48 10.61 -4.24 9.65
CA SER A 48 11.95 -4.19 10.21
C SER A 48 12.45 -2.76 10.33
N GLU A 49 12.14 -1.94 9.33
CA GLU A 49 12.56 -0.54 9.32
C GLU A 49 11.55 0.33 10.06
N PHE A 50 10.73 -0.30 10.89
CA PHE A 50 9.72 0.42 11.66
C PHE A 50 8.97 1.41 10.77
N SER A 51 8.88 1.11 9.49
CA SER A 51 8.20 1.98 8.53
C SER A 51 7.01 1.26 7.91
N GLU A 52 6.46 0.29 8.63
CA GLU A 52 5.31 -0.47 8.14
C GLU A 52 4.06 0.39 8.12
N GLU A 53 4.09 1.48 8.88
CA GLU A 53 2.95 2.40 8.95
C GLU A 53 2.71 3.08 7.61
N ASN A 54 3.78 3.19 6.81
CA ASN A 54 3.69 3.83 5.50
C ASN A 54 2.77 3.02 4.57
N LEU A 55 2.98 1.71 4.53
CA LEU A 55 2.18 0.83 3.69
C LEU A 55 0.76 0.73 4.21
N GLU A 56 0.62 0.58 5.52
CA GLU A 56 -0.69 0.46 6.15
C GLU A 56 -1.65 1.50 5.59
N PHE A 57 -1.30 2.77 5.72
CA PHE A 57 -2.13 3.86 5.22
C PHE A 57 -2.57 3.59 3.78
N TRP A 58 -1.71 2.95 3.02
CA TRP A 58 -2.01 2.63 1.62
C TRP A 58 -3.08 1.56 1.53
N ILE A 59 -2.79 0.39 2.10
CA ILE A 59 -3.73 -0.72 2.08
C ILE A 59 -5.12 -0.28 2.51
N ALA A 60 -5.19 0.44 3.63
CA ALA A 60 -6.45 0.94 4.15
C ALA A 60 -7.18 1.79 3.11
N CYS A 61 -6.45 2.73 2.51
CA CYS A 61 -7.02 3.61 1.50
C CYS A 61 -7.84 2.82 0.49
N GLU A 62 -7.21 1.83 -0.15
CA GLU A 62 -7.89 1.01 -1.13
C GLU A 62 -9.11 0.34 -0.54
N ASP A 63 -8.96 -0.20 0.67
CA ASP A 63 -10.06 -0.87 1.35
C ASP A 63 -11.20 0.11 1.64
N TYR A 64 -10.90 1.40 1.55
CA TYR A 64 -11.91 2.43 1.80
C TYR A 64 -12.61 2.83 0.51
N LYS A 65 -11.87 2.77 -0.60
CA LYS A 65 -12.42 3.12 -1.90
C LYS A 65 -13.56 2.18 -2.28
N LYS A 66 -13.46 0.93 -1.87
CA LYS A 66 -14.49 -0.07 -2.16
C LYS A 66 -15.63 0.02 -1.16
N ILE A 67 -15.76 1.18 -0.52
CA ILE A 67 -16.82 1.39 0.45
C ILE A 67 -18.00 2.14 -0.16
N LYS A 68 -19.12 1.44 -0.30
CA LYS A 68 -20.32 2.04 -0.88
C LYS A 68 -21.21 2.64 0.21
N SER A 69 -21.22 2.00 1.37
CA SER A 69 -22.03 2.46 2.49
C SER A 69 -21.87 3.97 2.68
N PRO A 70 -23.01 4.67 2.82
CA PRO A 70 -23.03 6.12 3.01
C PRO A 70 -22.49 6.54 4.38
N ALA A 71 -22.56 5.62 5.33
CA ALA A 71 -22.08 5.88 6.68
C ALA A 71 -20.60 5.51 6.83
N LYS A 72 -20.24 4.35 6.30
CA LYS A 72 -18.86 3.88 6.36
C LYS A 72 -17.92 4.82 5.62
N MET A 73 -18.29 5.14 4.37
CA MET A 73 -17.48 6.03 3.55
C MET A 73 -17.02 7.25 4.36
N ALA A 74 -17.89 7.74 5.24
CA ALA A 74 -17.56 8.89 6.07
C ALA A 74 -16.92 8.45 7.37
N GLU A 75 -17.65 7.68 8.16
CA GLU A 75 -17.16 7.20 9.45
C GLU A 75 -15.76 6.60 9.29
N LYS A 76 -15.63 5.61 8.42
CA LYS A 76 -14.36 4.94 8.19
C LYS A 76 -13.27 5.97 7.92
N ALA A 77 -13.58 6.97 7.11
CA ALA A 77 -12.62 8.03 6.79
C ALA A 77 -11.96 8.59 8.05
N LYS A 78 -12.79 8.95 9.01
CA LYS A 78 -12.30 9.51 10.28
C LYS A 78 -11.41 8.50 11.00
N GLN A 79 -11.74 7.22 10.86
CA GLN A 79 -10.96 6.16 11.50
C GLN A 79 -9.51 6.19 11.04
N ILE A 80 -9.31 6.16 9.73
CA ILE A 80 -7.96 6.19 9.16
C ILE A 80 -7.20 7.43 9.61
N TYR A 81 -7.93 8.53 9.79
CA TYR A 81 -7.32 9.78 10.22
C TYR A 81 -6.94 9.73 11.70
N GLU A 82 -7.86 9.24 12.52
CA GLU A 82 -7.62 9.14 13.95
C GLU A 82 -6.52 8.12 14.25
N GLU A 83 -6.10 7.40 13.22
CA GLU A 83 -5.06 6.39 13.37
C GLU A 83 -3.73 6.89 12.80
N PHE A 84 -3.76 7.39 11.57
CA PHE A 84 -2.56 7.91 10.92
C PHE A 84 -2.56 9.42 10.91
N ILE A 85 -3.63 10.01 10.38
CA ILE A 85 -3.75 11.46 10.33
C ILE A 85 -4.12 12.04 11.69
N GLN A 86 -3.76 11.33 12.74
CA GLN A 86 -4.06 11.77 14.10
C GLN A 86 -2.81 12.29 14.79
N THR A 87 -2.97 13.28 15.66
CA THR A 87 -1.86 13.87 16.39
C THR A 87 -1.04 12.79 17.10
N GLU A 88 0.26 12.79 16.85
CA GLU A 88 1.16 11.82 17.48
C GLU A 88 0.55 10.42 17.42
N ALA A 89 -0.19 10.14 16.36
CA ALA A 89 -0.81 8.84 16.17
C ALA A 89 0.20 7.71 16.35
N PRO A 90 -0.31 6.49 16.56
CA PRO A 90 0.54 5.31 16.74
C PRO A 90 1.25 4.89 15.46
N LYS A 91 0.59 5.11 14.32
CA LYS A 91 1.16 4.76 13.03
C LYS A 91 1.25 6.00 12.12
N GLU A 92 1.11 7.17 12.73
CA GLU A 92 1.19 8.42 11.99
C GLU A 92 2.22 8.34 10.87
N VAL A 93 1.75 8.22 9.63
CA VAL A 93 2.63 8.11 8.48
C VAL A 93 3.45 9.39 8.31
N ASN A 94 4.33 9.39 7.30
CA ASN A 94 5.17 10.55 7.04
C ASN A 94 4.51 11.48 6.02
N ILE A 95 3.84 12.51 6.53
CA ILE A 95 3.17 13.48 5.68
C ILE A 95 3.25 14.88 6.27
N ASP A 96 3.98 15.76 5.60
CA ASP A 96 4.13 17.14 6.06
C ASP A 96 2.78 17.77 6.34
N HIS A 97 2.79 18.89 7.06
CA HIS A 97 1.55 19.60 7.40
C HIS A 97 0.73 19.88 6.15
N PHE A 98 1.42 20.15 5.04
CA PHE A 98 0.75 20.44 3.78
C PHE A 98 -0.28 19.36 3.44
N THR A 99 0.22 18.17 3.08
CA THR A 99 -0.64 17.06 2.74
C THR A 99 -1.57 16.69 3.89
N LYS A 100 -1.00 16.57 5.09
CA LYS A 100 -1.77 16.24 6.28
C LYS A 100 -3.03 17.09 6.37
N ASP A 101 -2.86 18.39 6.27
CA ASP A 101 -3.98 19.33 6.34
C ASP A 101 -5.03 18.98 5.30
N ILE A 102 -4.59 18.75 4.07
CA ILE A 102 -5.50 18.41 2.98
C ILE A 102 -6.55 17.39 3.43
N THR A 103 -6.10 16.18 3.75
CA THR A 103 -6.99 15.12 4.20
C THR A 103 -8.05 15.68 5.13
N MET A 104 -7.63 16.38 6.18
CA MET A 104 -8.55 16.96 7.14
C MET A 104 -9.70 17.67 6.44
N LYS A 105 -9.36 18.63 5.58
CA LYS A 105 -10.36 19.39 4.84
C LYS A 105 -11.19 18.47 3.95
N ASN A 106 -10.67 17.29 3.68
CA ASN A 106 -11.36 16.31 2.85
C ASN A 106 -12.20 15.36 3.70
N LEU A 107 -12.27 15.64 4.99
CA LEU A 107 -13.04 14.81 5.92
C LEU A 107 -14.46 15.35 6.07
N VAL A 108 -14.73 16.47 5.41
CA VAL A 108 -16.06 17.09 5.48
C VAL A 108 -17.04 16.35 4.59
N GLU A 109 -16.74 16.28 3.30
CA GLU A 109 -17.60 15.60 2.33
C GLU A 109 -16.84 14.49 1.61
N PRO A 110 -16.18 13.63 2.38
CA PRO A 110 -15.41 12.50 1.85
C PRO A 110 -16.29 11.42 1.23
N SER A 111 -15.89 10.91 0.08
CA SER A 111 -16.65 9.86 -0.60
C SER A 111 -15.75 8.71 -1.02
N LEU A 112 -14.88 8.98 -1.99
CA LEU A 112 -13.95 7.96 -2.49
C LEU A 112 -12.54 8.52 -2.59
N SER A 113 -12.42 9.73 -3.15
CA SER A 113 -11.12 10.37 -3.32
C SER A 113 -10.78 11.22 -2.09
N SER A 114 -11.40 10.90 -0.96
CA SER A 114 -11.16 11.63 0.28
C SER A 114 -9.68 11.65 0.63
N PHE A 115 -9.03 10.51 0.45
CA PHE A 115 -7.60 10.38 0.73
C PHE A 115 -6.79 10.27 -0.55
N ASP A 116 -7.21 11.01 -1.57
CA ASP A 116 -6.51 10.98 -2.85
C ASP A 116 -5.08 11.50 -2.72
N MET A 117 -4.93 12.67 -2.09
CA MET A 117 -3.62 13.26 -1.90
C MET A 117 -2.78 12.44 -0.92
N ALA A 118 -3.31 12.28 0.30
CA ALA A 118 -2.62 11.51 1.32
C ALA A 118 -2.11 10.18 0.77
N GLN A 119 -2.95 9.52 0.00
CA GLN A 119 -2.59 8.23 -0.60
C GLN A 119 -1.39 8.38 -1.53
N LYS A 120 -1.54 9.24 -2.54
CA LYS A 120 -0.47 9.47 -3.50
C LYS A 120 0.78 10.02 -2.82
N ARG A 121 0.57 10.71 -1.69
CA ARG A 121 1.68 11.29 -0.94
C ARG A 121 2.56 10.20 -0.34
N ILE A 122 1.96 9.32 0.44
CA ILE A 122 2.69 8.22 1.07
C ILE A 122 3.21 7.24 0.02
N HIS A 123 2.38 6.92 -0.96
CA HIS A 123 2.76 5.99 -2.01
C HIS A 123 4.03 6.47 -2.71
N ALA A 124 4.16 7.78 -2.88
CA ALA A 124 5.32 8.36 -3.53
C ALA A 124 6.56 8.26 -2.64
N LEU A 125 6.33 8.13 -1.34
CA LEU A 125 7.42 8.02 -0.38
C LEU A 125 7.94 6.59 -0.29
N MET A 126 7.01 5.63 -0.27
CA MET A 126 7.37 4.22 -0.19
C MET A 126 7.96 3.74 -1.51
N GLU A 127 7.85 4.57 -2.55
CA GLU A 127 8.37 4.22 -3.86
C GLU A 127 9.74 4.87 -4.09
N LYS A 128 9.99 5.97 -3.39
CA LYS A 128 11.25 6.69 -3.52
C LYS A 128 12.07 6.56 -2.24
N ASP A 129 11.51 5.92 -1.23
CA ASP A 129 12.19 5.72 0.04
C ASP A 129 12.43 4.24 0.31
N SER A 130 11.34 3.50 0.50
CA SER A 130 11.43 2.07 0.77
C SER A 130 11.74 1.29 -0.51
N LEU A 131 10.92 1.48 -1.53
CA LEU A 131 11.11 0.81 -2.81
C LEU A 131 12.59 0.70 -3.16
N PRO A 132 13.28 1.85 -3.16
CA PRO A 132 14.71 1.93 -3.47
C PRO A 132 15.56 1.30 -2.38
N ARG A 133 15.02 1.22 -1.18
CA ARG A 133 15.74 0.64 -0.05
C ARG A 133 15.41 -0.84 0.11
N PHE A 134 14.37 -1.29 -0.58
CA PHE A 134 13.94 -2.68 -0.52
C PHE A 134 14.71 -3.53 -1.52
N VAL A 135 14.98 -2.96 -2.68
CA VAL A 135 15.72 -3.66 -3.73
C VAL A 135 17.13 -3.99 -3.28
N ARG A 136 17.74 -3.07 -2.53
CA ARG A 136 19.10 -3.25 -2.04
C ARG A 136 19.16 -4.38 -1.02
N SER A 137 18.06 -4.56 -0.28
CA SER A 137 17.99 -5.61 0.74
C SER A 137 17.98 -7.00 0.09
N GLU A 138 18.21 -8.02 0.90
CA GLU A 138 18.23 -9.40 0.41
C GLU A 138 16.87 -9.79 -0.15
N PHE A 139 15.82 -9.53 0.62
CA PHE A 139 14.46 -9.86 0.20
C PHE A 139 14.31 -9.74 -1.30
N TYR A 140 14.96 -8.74 -1.88
CA TYR A 140 14.89 -8.51 -3.32
C TYR A 140 15.88 -9.41 -4.06
N GLN A 141 17.12 -9.42 -3.60
CA GLN A 141 18.16 -10.24 -4.22
C GLN A 141 17.66 -11.67 -4.45
N GLU A 142 16.80 -12.13 -3.55
CA GLU A 142 16.26 -13.49 -3.65
C GLU A 142 15.13 -13.54 -4.68
N LEU A 143 14.48 -12.40 -4.89
CA LEU A 143 13.38 -12.32 -5.85
C LEU A 143 13.91 -12.35 -7.28
N ILE A 144 15.09 -11.77 -7.48
CA ILE A 144 15.70 -11.72 -8.81
C ILE A 144 16.84 -12.74 -8.92
N SER A 145 17.67 -12.82 -7.88
CA SER A 145 18.78 -13.75 -7.86
C SER A 145 18.49 -14.94 -6.96
N GLY A 146 17.24 -15.40 -6.98
CA GLY A 146 16.85 -16.53 -6.16
C GLY A 146 17.30 -17.85 -6.75
N PRO A 147 16.47 -18.89 -6.58
CA PRO A 147 16.77 -20.23 -7.09
C PRO A 147 16.70 -20.31 -8.61
N SER A 148 16.42 -19.17 -9.23
CA SER A 148 16.32 -19.11 -10.69
C SER A 148 17.43 -18.24 -11.27
N SER A 149 17.53 -18.22 -12.59
CA SER A 149 18.55 -17.43 -13.28
C SER A 149 18.03 -16.04 -13.63
N GLY A 150 18.95 -15.11 -13.89
CA GLY A 150 18.55 -13.77 -14.24
C GLY A 150 18.66 -13.49 -15.72
N GLY A 1 -38.31 10.75 -15.37
CA GLY A 1 -38.01 9.33 -15.21
C GLY A 1 -36.80 9.09 -14.34
N SER A 2 -36.57 7.83 -14.00
CA SER A 2 -35.43 7.46 -13.15
C SER A 2 -35.10 5.98 -13.31
N SER A 3 -33.80 5.69 -13.45
CA SER A 3 -33.34 4.31 -13.61
C SER A 3 -31.91 4.16 -13.13
N GLY A 4 -31.43 2.92 -13.09
CA GLY A 4 -30.08 2.66 -12.64
C GLY A 4 -29.77 1.17 -12.55
N SER A 5 -28.50 0.84 -12.34
CA SER A 5 -28.08 -0.55 -12.24
C SER A 5 -26.62 -0.65 -11.83
N SER A 6 -26.16 -1.86 -11.57
CA SER A 6 -24.77 -2.09 -11.17
C SER A 6 -24.40 -3.57 -11.32
N GLY A 7 -23.14 -3.89 -11.02
CA GLY A 7 -22.68 -5.25 -11.13
C GLY A 7 -21.46 -5.52 -10.27
N PRO A 8 -21.41 -6.72 -9.67
CA PRO A 8 -20.29 -7.12 -8.81
C PRO A 8 -19.01 -7.36 -9.59
N GLU A 9 -17.97 -7.85 -8.92
CA GLU A 9 -16.69 -8.13 -9.55
C GLU A 9 -15.73 -8.81 -8.59
N LYS A 10 -15.16 -9.92 -9.02
CA LYS A 10 -14.22 -10.68 -8.20
C LYS A 10 -12.79 -10.50 -8.70
N PRO A 11 -11.84 -10.40 -7.76
CA PRO A 11 -10.42 -10.23 -8.08
C PRO A 11 -9.81 -11.48 -8.70
N ALA A 12 -8.49 -11.53 -8.76
CA ALA A 12 -7.78 -12.67 -9.32
C ALA A 12 -6.56 -13.02 -8.49
N LYS A 13 -5.85 -14.07 -8.90
CA LYS A 13 -4.65 -14.51 -8.18
C LYS A 13 -3.48 -14.71 -9.16
N THR A 14 -2.32 -14.17 -8.79
CA THR A 14 -1.14 -14.28 -9.62
C THR A 14 -0.30 -15.50 -9.23
N GLN A 15 0.82 -15.69 -9.92
CA GLN A 15 1.69 -16.83 -9.65
C GLN A 15 3.15 -16.39 -9.55
N LYS A 16 4.05 -17.34 -9.43
CA LYS A 16 5.47 -17.05 -9.32
C LYS A 16 5.82 -15.77 -10.09
N THR A 17 6.76 -15.00 -9.55
CA THR A 17 7.18 -13.76 -10.18
C THR A 17 8.38 -13.99 -11.09
N SER A 18 8.28 -13.51 -12.33
CA SER A 18 9.35 -13.66 -13.30
C SER A 18 10.41 -12.59 -13.10
N LEU A 19 11.64 -12.90 -13.50
CA LEU A 19 12.76 -11.96 -13.37
C LEU A 19 12.40 -10.62 -14.01
N ASP A 20 12.08 -10.63 -15.29
CA ASP A 20 11.72 -9.41 -16.00
C ASP A 20 10.63 -8.65 -15.26
N GLU A 21 9.95 -9.34 -14.34
CA GLU A 21 8.88 -8.72 -13.56
C GLU A 21 9.43 -8.06 -12.31
N ALA A 22 10.10 -8.86 -11.47
CA ALA A 22 10.68 -8.35 -10.23
C ALA A 22 11.34 -7.00 -10.45
N LEU A 23 11.88 -6.80 -11.64
CA LEU A 23 12.55 -5.54 -11.99
C LEU A 23 11.54 -4.42 -12.18
N GLN A 24 10.40 -4.76 -12.77
CA GLN A 24 9.34 -3.78 -13.01
C GLN A 24 8.94 -3.08 -11.71
N TRP A 25 9.20 -3.74 -10.58
CA TRP A 25 8.85 -3.18 -9.29
C TRP A 25 9.77 -2.00 -8.94
N ARG A 26 10.91 -1.93 -9.62
CA ARG A 26 11.87 -0.86 -9.39
C ARG A 26 11.42 0.43 -10.08
N ASP A 27 11.01 0.30 -11.34
CA ASP A 27 10.56 1.45 -12.10
C ASP A 27 9.47 2.23 -11.36
N SER A 28 8.40 1.53 -11.01
CA SER A 28 7.29 2.16 -10.29
C SER A 28 6.88 1.31 -9.09
N LEU A 29 6.65 1.97 -7.96
CA LEU A 29 6.25 1.28 -6.74
C LEU A 29 4.99 0.44 -6.97
N ASP A 30 4.00 1.05 -7.60
CA ASP A 30 2.74 0.36 -7.89
C ASP A 30 3.00 -1.09 -8.33
N LYS A 31 3.71 -1.24 -9.44
CA LYS A 31 4.03 -2.57 -9.96
C LYS A 31 4.35 -3.54 -8.82
N LEU A 32 4.96 -3.02 -7.76
CA LEU A 32 5.32 -3.83 -6.61
C LEU A 32 4.09 -4.15 -5.76
N LEU A 33 3.47 -3.10 -5.22
CA LEU A 33 2.28 -3.26 -4.39
C LEU A 33 1.24 -4.14 -5.09
N GLN A 34 0.92 -3.79 -6.33
CA GLN A 34 -0.06 -4.54 -7.10
C GLN A 34 0.26 -6.04 -7.07
N ASN A 35 1.53 -6.36 -7.28
CA ASN A 35 1.97 -7.75 -7.28
C ASN A 35 1.91 -8.34 -5.87
N ASN A 36 1.18 -9.44 -5.72
CA ASN A 36 1.04 -10.10 -4.43
C ASN A 36 2.42 -10.48 -3.87
N TYR A 37 3.25 -11.07 -4.72
CA TYR A 37 4.60 -11.48 -4.30
C TYR A 37 5.41 -10.28 -3.82
N GLY A 38 5.51 -9.27 -4.67
CA GLY A 38 6.27 -8.08 -4.32
C GLY A 38 5.72 -7.39 -3.09
N LEU A 39 4.40 -7.31 -3.00
CA LEU A 39 3.74 -6.66 -1.86
C LEU A 39 4.08 -7.38 -0.57
N ALA A 40 3.68 -8.64 -0.47
CA ALA A 40 3.95 -9.43 0.73
C ALA A 40 5.37 -9.19 1.25
N SER A 41 6.35 -9.37 0.38
CA SER A 41 7.75 -9.18 0.76
C SER A 41 7.99 -7.72 1.18
N PHE A 42 7.48 -6.79 0.38
CA PHE A 42 7.63 -5.37 0.68
C PHE A 42 7.23 -5.06 2.11
N LYS A 43 6.17 -5.70 2.57
CA LYS A 43 5.67 -5.50 3.93
C LYS A 43 6.73 -5.90 4.95
N SER A 44 7.09 -7.18 4.96
CA SER A 44 8.09 -7.68 5.90
C SER A 44 9.25 -6.69 6.04
N PHE A 45 9.71 -6.16 4.91
CA PHE A 45 10.81 -5.21 4.92
C PHE A 45 10.50 -4.02 5.84
N LEU A 46 9.32 -3.46 5.67
CA LEU A 46 8.90 -2.31 6.48
C LEU A 46 8.78 -2.71 7.95
N LYS A 47 7.95 -3.71 8.23
CA LYS A 47 7.74 -4.19 9.59
C LYS A 47 9.06 -4.29 10.33
N SER A 48 10.05 -4.92 9.71
CA SER A 48 11.36 -5.09 10.30
C SER A 48 12.06 -3.75 10.48
N GLU A 49 11.90 -2.87 9.49
CA GLU A 49 12.51 -1.55 9.54
C GLU A 49 11.65 -0.57 10.33
N PHE A 50 10.51 -1.05 10.82
CA PHE A 50 9.60 -0.23 11.60
C PHE A 50 9.01 0.90 10.75
N SER A 51 8.77 0.60 9.47
CA SER A 51 8.22 1.59 8.55
C SER A 51 7.00 1.04 7.83
N GLU A 52 6.25 0.19 8.52
CA GLU A 52 5.05 -0.42 7.94
C GLU A 52 3.90 0.58 7.89
N GLU A 53 3.95 1.57 8.79
CA GLU A 53 2.91 2.59 8.85
C GLU A 53 2.72 3.26 7.50
N ASN A 54 3.81 3.36 6.74
CA ASN A 54 3.76 3.99 5.42
C ASN A 54 2.84 3.21 4.48
N LEU A 55 3.02 1.90 4.44
CA LEU A 55 2.21 1.04 3.58
C LEU A 55 0.78 0.93 4.12
N GLU A 56 0.66 0.71 5.41
CA GLU A 56 -0.64 0.58 6.06
C GLU A 56 -1.60 1.65 5.53
N PHE A 57 -1.20 2.92 5.66
CA PHE A 57 -2.02 4.03 5.22
C PHE A 57 -2.50 3.81 3.78
N TRP A 58 -1.67 3.15 2.98
CA TRP A 58 -2.01 2.88 1.59
C TRP A 58 -3.06 1.78 1.49
N ILE A 59 -2.74 0.60 2.01
CA ILE A 59 -3.67 -0.52 1.97
C ILE A 59 -5.05 -0.10 2.46
N ALA A 60 -5.08 0.59 3.60
CA ALA A 60 -6.35 1.05 4.17
C ALA A 60 -7.14 1.89 3.17
N CYS A 61 -6.49 2.89 2.60
CA CYS A 61 -7.13 3.76 1.62
C CYS A 61 -7.92 2.94 0.61
N GLU A 62 -7.21 2.13 -0.18
CA GLU A 62 -7.84 1.30 -1.19
C GLU A 62 -9.06 0.57 -0.61
N ASP A 63 -8.89 0.03 0.59
CA ASP A 63 -9.97 -0.70 1.25
C ASP A 63 -11.15 0.23 1.54
N TYR A 64 -10.86 1.52 1.66
CA TYR A 64 -11.89 2.51 1.94
C TYR A 64 -12.62 2.92 0.67
N LYS A 65 -11.99 2.67 -0.47
CA LYS A 65 -12.58 3.01 -1.76
C LYS A 65 -13.75 2.11 -2.08
N LYS A 66 -13.67 0.85 -1.64
CA LYS A 66 -14.73 -0.11 -1.87
C LYS A 66 -15.87 0.06 -0.87
N ILE A 67 -15.91 1.23 -0.23
CA ILE A 67 -16.95 1.53 0.75
C ILE A 67 -18.12 2.27 0.11
N LYS A 68 -19.22 1.57 -0.10
CA LYS A 68 -20.42 2.16 -0.69
C LYS A 68 -21.32 2.75 0.37
N SER A 69 -21.37 2.11 1.53
CA SER A 69 -22.20 2.57 2.63
C SER A 69 -22.02 4.06 2.86
N PRO A 70 -23.14 4.77 3.07
CA PRO A 70 -23.13 6.22 3.30
C PRO A 70 -22.52 6.58 4.66
N ALA A 71 -22.58 5.64 5.60
CA ALA A 71 -22.04 5.86 6.93
C ALA A 71 -20.55 5.51 6.99
N LYS A 72 -20.23 4.28 6.65
CA LYS A 72 -18.85 3.80 6.66
C LYS A 72 -17.94 4.78 5.92
N MET A 73 -18.34 5.13 4.70
CA MET A 73 -17.57 6.06 3.88
C MET A 73 -17.11 7.25 4.71
N ALA A 74 -17.97 7.71 5.60
CA ALA A 74 -17.66 8.86 6.45
C ALA A 74 -16.95 8.41 7.73
N GLU A 75 -17.62 7.56 8.51
CA GLU A 75 -17.07 7.06 9.76
C GLU A 75 -15.67 6.49 9.53
N LYS A 76 -15.58 5.48 8.68
CA LYS A 76 -14.30 4.84 8.38
C LYS A 76 -13.22 5.88 8.13
N ALA A 77 -13.54 6.88 7.31
CA ALA A 77 -12.60 7.94 7.00
C ALA A 77 -11.95 8.50 8.27
N LYS A 78 -12.77 8.80 9.26
CA LYS A 78 -12.27 9.34 10.53
C LYS A 78 -11.32 8.34 11.20
N GLN A 79 -11.55 7.06 10.96
CA GLN A 79 -10.72 6.02 11.56
C GLN A 79 -9.29 6.11 11.03
N ILE A 80 -9.14 6.07 9.71
CA ILE A 80 -7.83 6.15 9.08
C ILE A 80 -7.10 7.42 9.50
N TYR A 81 -7.86 8.47 9.77
CA TYR A 81 -7.30 9.75 10.16
C TYR A 81 -6.89 9.73 11.64
N GLU A 82 -7.78 9.24 12.49
CA GLU A 82 -7.51 9.16 13.92
C GLU A 82 -6.37 8.17 14.21
N GLU A 83 -5.95 7.46 13.17
CA GLU A 83 -4.87 6.48 13.31
C GLU A 83 -3.57 7.03 12.72
N PHE A 84 -3.63 7.47 11.47
CA PHE A 84 -2.46 8.00 10.80
C PHE A 84 -2.49 9.53 10.76
N ILE A 85 -3.59 10.08 10.27
CA ILE A 85 -3.76 11.53 10.20
C ILE A 85 -4.12 12.11 11.56
N GLN A 86 -3.73 11.41 12.62
CA GLN A 86 -4.01 11.86 13.98
C GLN A 86 -2.74 12.40 14.64
N THR A 87 -2.91 13.33 15.57
CA THR A 87 -1.79 13.92 16.28
C THR A 87 -0.91 12.86 16.93
N GLU A 88 0.40 12.98 16.75
CA GLU A 88 1.33 12.02 17.31
C GLU A 88 0.75 10.62 17.30
N ALA A 89 -0.04 10.31 16.28
CA ALA A 89 -0.66 9.00 16.16
C ALA A 89 0.37 7.89 16.31
N PRO A 90 -0.12 6.65 16.51
CA PRO A 90 0.74 5.48 16.68
C PRO A 90 1.45 5.09 15.38
N LYS A 91 0.77 5.30 14.26
CA LYS A 91 1.33 4.98 12.96
C LYS A 91 1.37 6.21 12.05
N GLU A 92 1.27 7.38 12.68
CA GLU A 92 1.30 8.64 11.93
C GLU A 92 2.33 8.58 10.81
N VAL A 93 1.87 8.36 9.59
CA VAL A 93 2.75 8.28 8.43
C VAL A 93 3.53 9.58 8.26
N ASN A 94 4.35 9.63 7.21
CA ASN A 94 5.16 10.81 6.93
C ASN A 94 4.48 11.71 5.91
N ILE A 95 3.78 12.73 6.40
CA ILE A 95 3.08 13.67 5.54
C ILE A 95 3.13 15.09 6.10
N ASP A 96 3.83 15.97 5.41
CA ASP A 96 3.96 17.36 5.84
C ASP A 96 2.59 17.96 6.12
N HIS A 97 2.59 19.11 6.79
CA HIS A 97 1.35 19.80 7.13
C HIS A 97 0.50 20.04 5.89
N PHE A 98 1.17 20.32 4.78
CA PHE A 98 0.48 20.58 3.52
C PHE A 98 -0.51 19.47 3.21
N THR A 99 0.00 18.28 2.90
CA THR A 99 -0.85 17.14 2.59
C THR A 99 -1.74 16.77 3.76
N LYS A 100 -1.14 16.68 4.95
CA LYS A 100 -1.89 16.33 6.16
C LYS A 100 -3.17 17.16 6.27
N ASP A 101 -3.03 18.48 6.14
CA ASP A 101 -4.17 19.38 6.21
C ASP A 101 -5.23 18.99 5.19
N ILE A 102 -4.80 18.75 3.96
CA ILE A 102 -5.71 18.38 2.88
C ILE A 102 -6.72 17.34 3.35
N THR A 103 -6.23 16.15 3.68
CA THR A 103 -7.09 15.07 4.15
C THR A 103 -8.17 15.59 5.09
N MET A 104 -7.75 16.36 6.10
CA MET A 104 -8.68 16.92 7.06
C MET A 104 -9.85 17.61 6.36
N LYS A 105 -9.53 18.56 5.49
CA LYS A 105 -10.55 19.29 4.73
C LYS A 105 -11.36 18.35 3.86
N ASN A 106 -10.83 17.16 3.60
CA ASN A 106 -11.50 16.17 2.78
C ASN A 106 -12.32 15.21 3.65
N LEU A 107 -12.36 15.48 4.95
CA LEU A 107 -13.10 14.65 5.89
C LEU A 107 -14.52 15.16 6.06
N VAL A 108 -14.85 16.24 5.37
CA VAL A 108 -16.18 16.83 5.44
C VAL A 108 -17.16 16.07 4.55
N GLU A 109 -16.85 16.00 3.26
CA GLU A 109 -17.70 15.29 2.30
C GLU A 109 -16.93 14.18 1.59
N PRO A 110 -16.23 13.35 2.39
CA PRO A 110 -15.44 12.23 1.86
C PRO A 110 -16.32 11.13 1.30
N SER A 111 -15.90 10.56 0.18
CA SER A 111 -16.64 9.48 -0.47
C SER A 111 -15.72 8.33 -0.86
N LEU A 112 -14.88 8.56 -1.86
CA LEU A 112 -13.95 7.54 -2.32
C LEU A 112 -12.54 8.12 -2.46
N SER A 113 -12.45 9.31 -3.04
CA SER A 113 -11.16 9.97 -3.23
C SER A 113 -10.84 10.88 -2.05
N SER A 114 -11.42 10.57 -0.89
CA SER A 114 -11.21 11.38 0.30
C SER A 114 -9.72 11.40 0.68
N PHE A 115 -9.06 10.26 0.53
CA PHE A 115 -7.65 10.15 0.85
C PHE A 115 -6.81 10.01 -0.42
N ASP A 116 -7.20 10.73 -1.46
CA ASP A 116 -6.49 10.68 -2.73
C ASP A 116 -5.09 11.27 -2.59
N MET A 117 -5.02 12.52 -2.13
CA MET A 117 -3.75 13.20 -1.95
C MET A 117 -2.86 12.43 -0.97
N ALA A 118 -3.33 12.28 0.26
CA ALA A 118 -2.58 11.57 1.29
C ALA A 118 -2.11 10.21 0.78
N GLN A 119 -2.92 9.58 -0.05
CA GLN A 119 -2.60 8.27 -0.61
C GLN A 119 -1.43 8.38 -1.60
N LYS A 120 -1.58 9.29 -2.56
CA LYS A 120 -0.55 9.50 -3.57
C LYS A 120 0.72 10.06 -2.95
N ARG A 121 0.56 10.81 -1.87
CA ARG A 121 1.70 11.41 -1.18
C ARG A 121 2.60 10.32 -0.57
N ILE A 122 2.03 9.52 0.32
CA ILE A 122 2.77 8.45 0.97
C ILE A 122 3.34 7.47 -0.06
N HIS A 123 2.54 7.17 -1.08
CA HIS A 123 2.96 6.26 -2.13
C HIS A 123 4.24 6.73 -2.79
N ALA A 124 4.37 8.05 -2.95
CA ALA A 124 5.56 8.64 -3.56
C ALA A 124 6.76 8.52 -2.64
N LEU A 125 6.50 8.35 -1.35
CA LEU A 125 7.57 8.23 -0.36
C LEU A 125 8.06 6.79 -0.26
N MET A 126 7.13 5.85 -0.25
CA MET A 126 7.47 4.43 -0.15
C MET A 126 8.12 3.94 -1.45
N GLU A 127 8.08 4.79 -2.48
CA GLU A 127 8.67 4.44 -3.77
C GLU A 127 10.06 5.05 -3.91
N LYS A 128 10.30 6.13 -3.18
CA LYS A 128 11.59 6.81 -3.23
C LYS A 128 12.34 6.65 -1.91
N ASP A 129 11.67 6.03 -0.93
CA ASP A 129 12.28 5.80 0.38
C ASP A 129 12.50 4.32 0.62
N SER A 130 11.40 3.57 0.74
CA SER A 130 11.49 2.14 0.99
C SER A 130 11.81 1.39 -0.29
N LEU A 131 11.00 1.59 -1.32
CA LEU A 131 11.21 0.93 -2.61
C LEU A 131 12.70 0.77 -2.90
N PRO A 132 13.43 1.88 -2.86
CA PRO A 132 14.89 1.89 -3.11
C PRO A 132 15.67 1.20 -2.00
N ARG A 133 15.11 1.20 -0.79
CA ARG A 133 15.76 0.58 0.35
C ARG A 133 15.37 -0.90 0.46
N PHE A 134 14.35 -1.29 -0.29
CA PHE A 134 13.89 -2.67 -0.27
C PHE A 134 14.70 -3.53 -1.24
N VAL A 135 15.02 -2.96 -2.40
CA VAL A 135 15.80 -3.66 -3.41
C VAL A 135 17.22 -3.91 -2.93
N ARG A 136 17.68 -3.10 -1.99
CA ARG A 136 19.02 -3.24 -1.45
C ARG A 136 19.14 -4.48 -0.57
N SER A 137 18.11 -4.73 0.24
CA SER A 137 18.09 -5.88 1.14
C SER A 137 18.07 -7.18 0.34
N GLU A 138 18.14 -8.30 1.05
CA GLU A 138 18.12 -9.61 0.41
C GLU A 138 16.72 -9.96 -0.08
N PHE A 139 15.71 -9.54 0.68
CA PHE A 139 14.33 -9.82 0.33
C PHE A 139 14.10 -9.65 -1.17
N TYR A 140 14.84 -8.73 -1.77
CA TYR A 140 14.71 -8.47 -3.21
C TYR A 140 15.70 -9.32 -4.00
N GLN A 141 16.96 -9.30 -3.58
CA GLN A 141 18.00 -10.07 -4.25
C GLN A 141 17.56 -11.52 -4.46
N GLU A 142 16.73 -12.02 -3.56
CA GLU A 142 16.22 -13.38 -3.65
C GLU A 142 15.10 -13.49 -4.68
N LEU A 143 14.41 -12.37 -4.90
CA LEU A 143 13.31 -12.33 -5.87
C LEU A 143 13.83 -12.49 -7.29
N ILE A 144 15.03 -11.95 -7.54
CA ILE A 144 15.64 -12.03 -8.86
C ILE A 144 16.70 -13.13 -8.92
N SER A 145 17.51 -13.21 -7.87
CA SER A 145 18.57 -14.21 -7.79
C SER A 145 17.98 -15.61 -7.68
N GLY A 146 16.85 -15.72 -6.99
CA GLY A 146 16.21 -17.02 -6.82
C GLY A 146 16.04 -17.75 -8.13
N PRO A 147 15.48 -18.97 -8.07
CA PRO A 147 15.26 -19.80 -9.25
C PRO A 147 14.16 -19.24 -10.15
N SER A 148 13.59 -18.11 -9.76
CA SER A 148 12.53 -17.47 -10.53
C SER A 148 12.82 -17.57 -12.02
N SER A 149 14.11 -17.59 -12.37
CA SER A 149 14.52 -17.68 -13.77
C SER A 149 15.81 -18.47 -13.90
N GLY A 150 16.22 -18.74 -15.14
CA GLY A 150 17.44 -19.49 -15.39
C GLY A 150 18.66 -18.60 -15.40
N GLY A 1 6.65 3.38 -33.86
CA GLY A 1 6.14 2.02 -33.88
C GLY A 1 5.04 1.80 -32.86
N SER A 2 5.25 0.84 -31.96
CA SER A 2 4.26 0.53 -30.94
C SER A 2 4.75 0.95 -29.55
N SER A 3 3.99 1.81 -28.90
CA SER A 3 4.36 2.29 -27.58
C SER A 3 3.64 1.50 -26.49
N GLY A 4 4.40 1.07 -25.49
CA GLY A 4 3.82 0.30 -24.40
C GLY A 4 4.76 -0.76 -23.87
N SER A 5 5.46 -0.45 -22.78
CA SER A 5 6.41 -1.38 -22.18
C SER A 5 5.79 -2.06 -20.96
N SER A 6 5.13 -1.27 -20.12
CA SER A 6 4.50 -1.80 -18.91
C SER A 6 3.10 -2.32 -19.21
N GLY A 7 2.63 -3.26 -18.39
CA GLY A 7 1.31 -3.83 -18.58
C GLY A 7 0.77 -4.48 -17.32
N PRO A 8 0.62 -3.69 -16.26
CA PRO A 8 0.11 -4.18 -14.97
C PRO A 8 -1.37 -4.53 -15.03
N GLU A 9 -1.88 -4.72 -16.25
CA GLU A 9 -3.28 -5.06 -16.44
C GLU A 9 -3.53 -6.54 -16.16
N LYS A 10 -2.98 -7.02 -15.04
CA LYS A 10 -3.14 -8.42 -14.65
C LYS A 10 -4.24 -8.57 -13.60
N PRO A 11 -5.03 -9.65 -13.72
CA PRO A 11 -6.13 -9.94 -12.79
C PRO A 11 -5.62 -10.34 -11.41
N ALA A 12 -6.49 -10.22 -10.41
CA ALA A 12 -6.13 -10.58 -9.04
C ALA A 12 -6.06 -12.10 -8.86
N LYS A 13 -4.86 -12.59 -8.61
CA LYS A 13 -4.65 -14.03 -8.42
C LYS A 13 -3.28 -14.31 -7.82
N THR A 14 -3.08 -15.54 -7.35
CA THR A 14 -1.82 -15.93 -6.74
C THR A 14 -0.94 -16.69 -7.75
N GLN A 15 0.34 -16.36 -7.77
CA GLN A 15 1.28 -17.00 -8.68
C GLN A 15 2.71 -16.60 -8.36
N LYS A 16 3.66 -17.16 -9.11
CA LYS A 16 5.07 -16.85 -8.90
C LYS A 16 5.46 -15.57 -9.64
N THR A 17 6.70 -15.15 -9.44
CA THR A 17 7.20 -13.93 -10.08
C THR A 17 8.36 -14.24 -11.03
N SER A 18 8.42 -13.51 -12.14
CA SER A 18 9.46 -13.72 -13.13
C SER A 18 10.56 -12.66 -12.99
N LEU A 19 11.77 -13.01 -13.41
CA LEU A 19 12.91 -12.10 -13.33
C LEU A 19 12.55 -10.75 -13.96
N ASP A 20 12.26 -10.76 -15.26
CA ASP A 20 11.91 -9.54 -15.97
C ASP A 20 10.80 -8.79 -15.26
N GLU A 21 10.11 -9.49 -14.35
CA GLU A 21 9.02 -8.89 -13.60
C GLU A 21 9.54 -8.16 -12.36
N ALA A 22 10.23 -8.91 -11.50
CA ALA A 22 10.78 -8.34 -10.28
C ALA A 22 11.38 -6.96 -10.54
N LEU A 23 11.92 -6.76 -11.73
CA LEU A 23 12.52 -5.49 -12.09
C LEU A 23 11.45 -4.44 -12.35
N GLN A 24 10.34 -4.85 -12.94
CA GLN A 24 9.24 -3.95 -13.23
C GLN A 24 8.76 -3.25 -11.97
N TRP A 25 9.05 -3.85 -10.82
CA TRP A 25 8.64 -3.29 -9.53
C TRP A 25 9.48 -2.05 -9.20
N ARG A 26 10.64 -1.94 -9.83
CA ARG A 26 11.53 -0.80 -9.59
C ARG A 26 11.00 0.45 -10.27
N ASP A 27 10.43 0.29 -11.47
CA ASP A 27 9.88 1.41 -12.21
C ASP A 27 8.86 2.17 -11.38
N SER A 28 7.82 1.47 -10.94
CA SER A 28 6.76 2.07 -10.14
C SER A 28 6.40 1.18 -8.95
N LEU A 29 6.53 1.72 -7.75
CA LEU A 29 6.22 0.98 -6.53
C LEU A 29 4.91 0.22 -6.69
N ASP A 30 3.93 0.87 -7.31
CA ASP A 30 2.61 0.26 -7.52
C ASP A 30 2.77 -1.18 -8.01
N LYS A 31 3.53 -1.37 -9.07
CA LYS A 31 3.75 -2.70 -9.64
C LYS A 31 4.13 -3.69 -8.55
N LEU A 32 4.84 -3.21 -7.53
CA LEU A 32 5.27 -4.06 -6.43
C LEU A 32 4.09 -4.42 -5.54
N LEU A 33 3.46 -3.41 -4.95
CA LEU A 33 2.31 -3.62 -4.08
C LEU A 33 1.25 -4.47 -4.77
N GLN A 34 0.98 -4.16 -6.03
CA GLN A 34 -0.02 -4.89 -6.80
C GLN A 34 0.27 -6.39 -6.78
N ASN A 35 1.53 -6.75 -6.98
CA ASN A 35 1.95 -8.14 -6.98
C ASN A 35 1.93 -8.71 -5.56
N ASN A 36 1.25 -9.84 -5.40
CA ASN A 36 1.16 -10.49 -4.09
C ASN A 36 2.54 -10.79 -3.53
N TYR A 37 3.39 -11.41 -4.36
CA TYR A 37 4.75 -11.75 -3.94
C TYR A 37 5.51 -10.51 -3.51
N GLY A 38 5.63 -9.55 -4.43
CA GLY A 38 6.34 -8.32 -4.14
C GLY A 38 5.79 -7.61 -2.91
N LEU A 39 4.47 -7.56 -2.80
CA LEU A 39 3.81 -6.91 -1.68
C LEU A 39 4.23 -7.55 -0.36
N ALA A 40 3.87 -8.83 -0.19
CA ALA A 40 4.21 -9.56 1.03
C ALA A 40 5.63 -9.25 1.48
N SER A 41 6.58 -9.35 0.55
CA SER A 41 7.98 -9.08 0.86
C SER A 41 8.18 -7.62 1.25
N PHE A 42 7.61 -6.72 0.45
CA PHE A 42 7.73 -5.29 0.71
C PHE A 42 7.36 -4.97 2.16
N LYS A 43 6.30 -5.62 2.65
CA LYS A 43 5.85 -5.41 4.02
C LYS A 43 6.93 -5.81 5.03
N SER A 44 7.28 -7.10 5.03
CA SER A 44 8.29 -7.61 5.94
C SER A 44 9.44 -6.62 6.10
N PHE A 45 9.95 -6.12 4.97
CA PHE A 45 11.05 -5.16 4.98
C PHE A 45 10.73 -3.98 5.88
N LEU A 46 9.55 -3.41 5.70
CA LEU A 46 9.12 -2.27 6.51
C LEU A 46 9.08 -2.62 7.99
N LYS A 47 8.31 -3.65 8.32
CA LYS A 47 8.19 -4.11 9.70
C LYS A 47 9.55 -4.09 10.40
N SER A 48 10.57 -4.58 9.70
CA SER A 48 11.92 -4.63 10.25
C SER A 48 12.50 -3.24 10.38
N GLU A 49 12.31 -2.42 9.33
CA GLU A 49 12.83 -1.06 9.32
C GLU A 49 11.94 -0.13 10.15
N PHE A 50 10.83 -0.68 10.66
CA PHE A 50 9.89 0.10 11.46
C PHE A 50 9.22 1.17 10.62
N SER A 51 8.92 0.84 9.37
CA SER A 51 8.27 1.78 8.46
C SER A 51 7.06 1.14 7.79
N GLU A 52 6.39 0.26 8.53
CA GLU A 52 5.21 -0.42 8.00
C GLU A 52 4.01 0.52 7.96
N GLU A 53 4.01 1.51 8.85
CA GLU A 53 2.93 2.48 8.92
C GLU A 53 2.68 3.13 7.56
N ASN A 54 3.75 3.27 6.78
CA ASN A 54 3.67 3.88 5.46
C ASN A 54 2.74 3.08 4.56
N LEU A 55 3.00 1.78 4.45
CA LEU A 55 2.19 0.90 3.61
C LEU A 55 0.76 0.82 4.13
N GLU A 56 0.63 0.61 5.45
CA GLU A 56 -0.69 0.51 6.07
C GLU A 56 -1.63 1.56 5.51
N PHE A 57 -1.24 2.83 5.64
CA PHE A 57 -2.05 3.93 5.14
C PHE A 57 -2.51 3.68 3.71
N TRP A 58 -1.65 3.04 2.93
CA TRP A 58 -1.97 2.72 1.54
C TRP A 58 -3.04 1.65 1.45
N ILE A 59 -2.72 0.45 1.95
CA ILE A 59 -3.65 -0.66 1.92
C ILE A 59 -5.04 -0.23 2.39
N ALA A 60 -5.08 0.56 3.46
CA ALA A 60 -6.34 1.04 4.01
C ALA A 60 -7.08 1.91 2.99
N CYS A 61 -6.36 2.84 2.38
CA CYS A 61 -6.93 3.74 1.39
C CYS A 61 -7.72 2.96 0.33
N GLU A 62 -7.02 2.06 -0.36
CA GLU A 62 -7.64 1.25 -1.41
C GLU A 62 -8.85 0.50 -0.85
N ASP A 63 -8.76 0.08 0.40
CA ASP A 63 -9.84 -0.65 1.05
C ASP A 63 -11.03 0.28 1.33
N TYR A 64 -10.73 1.53 1.64
CA TYR A 64 -11.77 2.52 1.93
C TYR A 64 -12.56 2.85 0.68
N LYS A 65 -11.93 2.70 -0.48
CA LYS A 65 -12.59 2.98 -1.75
C LYS A 65 -13.70 1.96 -2.04
N LYS A 66 -13.52 0.75 -1.54
CA LYS A 66 -14.50 -0.31 -1.73
C LYS A 66 -15.78 -0.03 -0.95
N ILE A 67 -15.76 1.05 -0.17
CA ILE A 67 -16.91 1.44 0.62
C ILE A 67 -17.93 2.19 -0.22
N LYS A 68 -19.16 1.69 -0.26
CA LYS A 68 -20.22 2.31 -1.03
C LYS A 68 -21.33 2.82 -0.11
N SER A 69 -21.12 2.69 1.19
CA SER A 69 -22.11 3.13 2.17
C SER A 69 -21.95 4.61 2.48
N PRO A 70 -23.09 5.31 2.59
CA PRO A 70 -23.11 6.75 2.88
C PRO A 70 -22.65 7.06 4.29
N ALA A 71 -22.51 6.03 5.11
CA ALA A 71 -22.07 6.20 6.49
C ALA A 71 -20.63 5.75 6.67
N LYS A 72 -20.33 4.53 6.25
CA LYS A 72 -18.98 3.99 6.36
C LYS A 72 -17.98 4.86 5.63
N MET A 73 -18.37 5.32 4.44
CA MET A 73 -17.50 6.18 3.64
C MET A 73 -17.04 7.40 4.43
N ALA A 74 -17.90 7.88 5.32
CA ALA A 74 -17.58 9.04 6.15
C ALA A 74 -16.93 8.61 7.46
N GLU A 75 -17.62 7.75 8.21
CA GLU A 75 -17.11 7.26 9.49
C GLU A 75 -15.73 6.64 9.31
N LYS A 76 -15.65 5.62 8.47
CA LYS A 76 -14.40 4.93 8.21
C LYS A 76 -13.27 5.93 7.94
N ALA A 77 -13.56 6.94 7.13
CA ALA A 77 -12.58 7.97 6.81
C ALA A 77 -11.93 8.52 8.06
N LYS A 78 -12.76 8.90 9.04
CA LYS A 78 -12.27 9.45 10.29
C LYS A 78 -11.37 8.46 11.01
N GLN A 79 -11.71 7.18 10.91
CA GLN A 79 -10.93 6.13 11.56
C GLN A 79 -9.49 6.16 11.08
N ILE A 80 -9.28 6.06 9.77
CA ILE A 80 -7.95 6.07 9.20
C ILE A 80 -7.18 7.33 9.61
N TYR A 81 -7.92 8.42 9.83
CA TYR A 81 -7.31 9.68 10.23
C TYR A 81 -6.92 9.65 11.71
N GLU A 82 -7.81 9.14 12.54
CA GLU A 82 -7.56 9.05 13.98
C GLU A 82 -6.43 8.05 14.26
N GLU A 83 -6.01 7.33 13.24
CA GLU A 83 -4.94 6.35 13.38
C GLU A 83 -3.64 6.87 12.79
N PHE A 84 -3.70 7.29 11.53
CA PHE A 84 -2.53 7.82 10.83
C PHE A 84 -2.54 9.34 10.82
N ILE A 85 -3.63 9.92 10.33
CA ILE A 85 -3.77 11.36 10.26
C ILE A 85 -4.12 11.95 11.62
N GLN A 86 -3.75 11.25 12.69
CA GLN A 86 -4.03 11.70 14.04
C GLN A 86 -2.77 12.22 14.71
N THR A 87 -2.94 13.12 15.68
CA THR A 87 -1.81 13.70 16.40
C THR A 87 -0.97 12.62 17.06
N GLU A 88 0.35 12.72 16.92
CA GLU A 88 1.26 11.75 17.50
C GLU A 88 0.68 10.34 17.42
N ALA A 89 -0.11 10.09 16.39
CA ALA A 89 -0.73 8.78 16.20
C ALA A 89 0.31 7.66 16.33
N PRO A 90 -0.18 6.43 16.55
CA PRO A 90 0.68 5.26 16.69
C PRO A 90 1.37 4.87 15.39
N LYS A 91 0.70 5.15 14.27
CA LYS A 91 1.25 4.83 12.96
C LYS A 91 1.30 6.07 12.07
N GLU A 92 1.20 7.24 12.70
CA GLU A 92 1.24 8.51 11.96
C GLU A 92 2.27 8.46 10.86
N VAL A 93 1.81 8.25 9.63
CA VAL A 93 2.71 8.19 8.47
C VAL A 93 3.50 9.48 8.32
N ASN A 94 4.26 9.57 7.24
CA ASN A 94 5.07 10.76 6.97
C ASN A 94 4.39 11.66 5.94
N ILE A 95 3.76 12.73 6.43
CA ILE A 95 3.07 13.67 5.56
C ILE A 95 3.14 15.09 6.12
N ASP A 96 3.84 15.96 5.41
CA ASP A 96 3.98 17.35 5.84
C ASP A 96 2.63 17.96 6.18
N HIS A 97 2.64 19.05 6.94
CA HIS A 97 1.41 19.72 7.34
C HIS A 97 0.52 19.99 6.14
N PHE A 98 1.14 20.33 5.01
CA PHE A 98 0.40 20.62 3.79
C PHE A 98 -0.59 19.50 3.48
N THR A 99 -0.06 18.33 3.12
CA THR A 99 -0.90 17.19 2.78
C THR A 99 -1.77 16.78 3.98
N LYS A 100 -1.14 16.64 5.14
CA LYS A 100 -1.85 16.26 6.35
C LYS A 100 -3.13 17.09 6.52
N ASP A 101 -2.99 18.40 6.36
CA ASP A 101 -4.13 19.31 6.49
C ASP A 101 -5.20 18.99 5.44
N ILE A 102 -4.77 18.84 4.19
CA ILE A 102 -5.69 18.52 3.11
C ILE A 102 -6.70 17.47 3.52
N THR A 103 -6.21 16.28 3.83
CA THR A 103 -7.08 15.18 4.24
C THR A 103 -8.14 15.66 5.22
N MET A 104 -7.71 16.33 6.27
CA MET A 104 -8.63 16.84 7.28
C MET A 104 -9.81 17.56 6.62
N LYS A 105 -9.50 18.56 5.80
CA LYS A 105 -10.52 19.33 5.11
C LYS A 105 -11.37 18.44 4.21
N ASN A 106 -10.80 17.29 3.83
CA ASN A 106 -11.50 16.34 2.97
C ASN A 106 -12.30 15.35 3.80
N LEU A 107 -12.35 15.57 5.11
CA LEU A 107 -13.09 14.70 6.02
C LEU A 107 -14.51 15.20 6.22
N VAL A 108 -14.83 16.32 5.57
CA VAL A 108 -16.16 16.90 5.68
C VAL A 108 -17.16 16.19 4.78
N GLU A 109 -16.86 16.15 3.49
CA GLU A 109 -17.73 15.48 2.52
C GLU A 109 -16.96 14.42 1.75
N PRO A 110 -16.26 13.55 2.49
CA PRO A 110 -15.47 12.46 1.90
C PRO A 110 -16.36 11.38 1.28
N SER A 111 -16.00 10.94 0.08
CA SER A 111 -16.76 9.91 -0.61
C SER A 111 -15.86 8.73 -0.98
N LEU A 112 -14.99 8.95 -1.95
CA LEU A 112 -14.07 7.91 -2.40
C LEU A 112 -12.65 8.46 -2.54
N SER A 113 -12.53 9.63 -3.17
CA SER A 113 -11.23 10.25 -3.37
C SER A 113 -10.86 11.12 -2.17
N SER A 114 -11.50 10.87 -1.05
CA SER A 114 -11.25 11.64 0.17
C SER A 114 -9.76 11.57 0.54
N PHE A 115 -9.18 10.39 0.43
CA PHE A 115 -7.77 10.19 0.75
C PHE A 115 -6.93 10.05 -0.52
N ASP A 116 -7.30 10.81 -1.54
CA ASP A 116 -6.58 10.78 -2.81
C ASP A 116 -5.19 11.38 -2.66
N MET A 117 -5.13 12.56 -2.07
CA MET A 117 -3.85 13.24 -1.86
C MET A 117 -2.95 12.44 -0.94
N ALA A 118 -3.35 12.32 0.32
CA ALA A 118 -2.57 11.57 1.30
C ALA A 118 -2.13 10.22 0.74
N GLN A 119 -3.03 9.55 0.03
CA GLN A 119 -2.72 8.26 -0.55
C GLN A 119 -1.57 8.36 -1.54
N LYS A 120 -1.69 9.27 -2.50
CA LYS A 120 -0.65 9.47 -3.50
C LYS A 120 0.61 10.07 -2.87
N ARG A 121 0.43 10.76 -1.75
CA ARG A 121 1.54 11.38 -1.05
C ARG A 121 2.47 10.32 -0.46
N ILE A 122 1.89 9.43 0.34
CA ILE A 122 2.68 8.36 0.97
C ILE A 122 3.24 7.41 -0.07
N HIS A 123 2.42 7.07 -1.07
CA HIS A 123 2.85 6.17 -2.13
C HIS A 123 4.14 6.66 -2.77
N ALA A 124 4.25 7.97 -2.93
CA ALA A 124 5.44 8.57 -3.54
C ALA A 124 6.64 8.46 -2.62
N LEU A 125 6.38 8.31 -1.32
CA LEU A 125 7.45 8.19 -0.33
C LEU A 125 7.94 6.75 -0.23
N MET A 126 7.01 5.80 -0.23
CA MET A 126 7.35 4.39 -0.14
C MET A 126 7.98 3.91 -1.44
N GLU A 127 7.90 4.74 -2.47
CA GLU A 127 8.46 4.39 -3.78
C GLU A 127 9.84 5.02 -3.96
N LYS A 128 10.10 6.11 -3.23
CA LYS A 128 11.37 6.81 -3.31
C LYS A 128 12.16 6.63 -2.02
N ASP A 129 11.56 5.99 -1.04
CA ASP A 129 12.21 5.75 0.24
C ASP A 129 12.41 4.26 0.48
N SER A 130 11.30 3.54 0.62
CA SER A 130 11.35 2.10 0.87
C SER A 130 11.69 1.35 -0.42
N LEU A 131 10.86 1.52 -1.44
CA LEU A 131 11.07 0.85 -2.72
C LEU A 131 12.56 0.75 -3.04
N PRO A 132 13.25 1.89 -3.00
CA PRO A 132 14.70 1.96 -3.28
C PRO A 132 15.52 1.30 -2.18
N ARG A 133 14.98 1.28 -0.97
CA ARG A 133 15.67 0.68 0.17
C ARG A 133 15.34 -0.80 0.29
N PHE A 134 14.31 -1.24 -0.43
CA PHE A 134 13.89 -2.63 -0.40
C PHE A 134 14.68 -3.46 -1.42
N VAL A 135 14.86 -2.91 -2.61
CA VAL A 135 15.58 -3.59 -3.67
C VAL A 135 16.99 -3.97 -3.21
N ARG A 136 17.60 -3.10 -2.43
CA ARG A 136 18.96 -3.35 -1.92
C ARG A 136 18.96 -4.53 -0.95
N SER A 137 17.97 -4.56 -0.05
CA SER A 137 17.87 -5.64 0.93
C SER A 137 17.79 -6.99 0.24
N GLU A 138 18.52 -7.96 0.77
CA GLU A 138 18.53 -9.31 0.21
C GLU A 138 17.13 -9.73 -0.19
N PHE A 139 16.14 -9.38 0.62
CA PHE A 139 14.75 -9.73 0.35
C PHE A 139 14.45 -9.64 -1.14
N TYR A 140 15.03 -8.64 -1.79
CA TYR A 140 14.82 -8.44 -3.22
C TYR A 140 15.81 -9.26 -4.04
N GLN A 141 17.06 -9.25 -3.62
CA GLN A 141 18.11 -10.00 -4.31
C GLN A 141 17.69 -11.45 -4.50
N GLU A 142 16.92 -11.97 -3.56
CA GLU A 142 16.46 -13.36 -3.63
C GLU A 142 15.29 -13.49 -4.61
N LEU A 143 14.57 -12.40 -4.83
CA LEU A 143 13.44 -12.39 -5.74
C LEU A 143 13.90 -12.52 -7.19
N ILE A 144 15.05 -11.92 -7.49
CA ILE A 144 15.61 -11.98 -8.84
C ILE A 144 16.69 -13.05 -8.94
N SER A 145 17.52 -13.15 -7.91
CA SER A 145 18.60 -14.13 -7.89
C SER A 145 18.04 -15.54 -7.79
N GLY A 146 17.01 -15.71 -6.96
CA GLY A 146 16.41 -17.02 -6.78
C GLY A 146 16.18 -17.73 -8.11
N PRO A 147 15.76 -19.00 -8.03
CA PRO A 147 15.50 -19.83 -9.22
C PRO A 147 14.26 -19.36 -9.98
N SER A 148 14.47 -18.82 -11.17
CA SER A 148 13.36 -18.34 -12.00
C SER A 148 13.38 -19.01 -13.37
N SER A 149 12.40 -18.67 -14.19
CA SER A 149 12.29 -19.23 -15.53
C SER A 149 12.10 -18.14 -16.58
N GLY A 150 12.61 -18.36 -17.78
CA GLY A 150 12.48 -17.39 -18.84
C GLY A 150 12.83 -17.96 -20.20
N GLY A 1 12.01 3.57 -25.43
CA GLY A 1 11.32 3.62 -24.15
C GLY A 1 10.30 2.52 -24.00
N SER A 2 10.11 2.05 -22.76
CA SER A 2 9.15 0.99 -22.49
C SER A 2 8.01 1.49 -21.60
N SER A 3 6.79 1.09 -21.94
CA SER A 3 5.62 1.49 -21.18
C SER A 3 5.43 0.62 -19.95
N GLY A 4 5.47 -0.70 -20.15
CA GLY A 4 5.31 -1.62 -19.04
C GLY A 4 4.36 -2.75 -19.37
N SER A 5 4.90 -3.96 -19.51
CA SER A 5 4.09 -5.13 -19.82
C SER A 5 3.51 -5.76 -18.56
N SER A 6 2.20 -5.97 -18.56
CA SER A 6 1.53 -6.56 -17.40
C SER A 6 1.91 -8.03 -17.25
N GLY A 7 1.29 -8.69 -16.28
CA GLY A 7 1.57 -10.10 -16.04
C GLY A 7 0.49 -11.01 -16.58
N PRO A 8 0.82 -11.78 -17.62
CA PRO A 8 -0.13 -12.71 -18.25
C PRO A 8 -0.45 -13.91 -17.35
N GLU A 9 0.04 -13.85 -16.12
CA GLU A 9 -0.20 -14.93 -15.16
C GLU A 9 -1.51 -15.65 -15.47
N LYS A 10 -1.46 -16.98 -15.47
CA LYS A 10 -2.65 -17.79 -15.75
C LYS A 10 -3.67 -17.67 -14.62
N PRO A 11 -4.95 -17.92 -14.95
CA PRO A 11 -6.04 -17.85 -13.98
C PRO A 11 -5.98 -18.98 -12.95
N ALA A 12 -5.13 -18.82 -11.95
CA ALA A 12 -4.97 -19.83 -10.91
C ALA A 12 -4.08 -19.31 -9.78
N LYS A 13 -3.82 -20.19 -8.80
CA LYS A 13 -2.99 -19.82 -7.66
C LYS A 13 -1.56 -19.53 -8.12
N THR A 14 -1.13 -18.28 -7.96
CA THR A 14 0.20 -17.86 -8.35
C THR A 14 1.25 -18.88 -7.89
N GLN A 15 2.44 -18.81 -8.48
CA GLN A 15 3.52 -19.72 -8.13
C GLN A 15 4.78 -18.95 -7.74
N LYS A 16 5.38 -18.29 -8.71
CA LYS A 16 6.60 -17.51 -8.47
C LYS A 16 6.61 -16.26 -9.34
N THR A 17 7.58 -15.37 -9.08
CA THR A 17 7.72 -14.14 -9.84
C THR A 17 8.77 -14.28 -10.92
N SER A 18 8.50 -13.66 -12.08
CA SER A 18 9.43 -13.72 -13.20
C SER A 18 10.47 -12.60 -13.11
N LEU A 19 11.70 -12.91 -13.51
CA LEU A 19 12.77 -11.94 -13.46
C LEU A 19 12.33 -10.60 -14.05
N ASP A 20 11.96 -10.61 -15.33
CA ASP A 20 11.51 -9.40 -16.00
C ASP A 20 10.46 -8.67 -15.16
N GLU A 21 9.85 -9.39 -14.23
CA GLU A 21 8.82 -8.82 -13.37
C GLU A 21 9.45 -8.16 -12.15
N ALA A 22 10.18 -8.96 -11.37
CA ALA A 22 10.84 -8.45 -10.17
C ALA A 22 11.45 -7.08 -10.41
N LEU A 23 11.89 -6.84 -11.64
CA LEU A 23 12.50 -5.57 -12.00
C LEU A 23 11.44 -4.48 -12.17
N GLN A 24 10.28 -4.86 -12.68
CA GLN A 24 9.19 -3.92 -12.88
C GLN A 24 8.85 -3.19 -11.58
N TRP A 25 9.19 -3.81 -10.46
CA TRP A 25 8.92 -3.21 -9.15
C TRP A 25 9.87 -2.05 -8.88
N ARG A 26 11.01 -2.05 -9.56
CA ARG A 26 11.99 -0.98 -9.39
C ARG A 26 11.52 0.30 -10.09
N ASP A 27 10.96 0.14 -11.28
CA ASP A 27 10.48 1.29 -12.04
C ASP A 27 9.44 2.08 -11.25
N SER A 28 8.39 1.39 -10.82
CA SER A 28 7.32 2.03 -10.05
C SER A 28 6.92 1.16 -8.86
N LEU A 29 6.72 1.80 -7.72
CA LEU A 29 6.32 1.10 -6.50
C LEU A 29 5.05 0.29 -6.72
N ASP A 30 4.12 0.87 -7.45
CA ASP A 30 2.85 0.19 -7.75
C ASP A 30 3.08 -1.27 -8.12
N LYS A 31 3.80 -1.49 -9.22
CA LYS A 31 4.10 -2.84 -9.68
C LYS A 31 4.35 -3.77 -8.51
N LEU A 32 5.00 -3.26 -7.47
CA LEU A 32 5.31 -4.04 -6.28
C LEU A 32 4.06 -4.29 -5.46
N LEU A 33 3.52 -3.21 -4.89
CA LEU A 33 2.31 -3.29 -4.08
C LEU A 33 1.24 -4.14 -4.77
N GLN A 34 0.95 -3.81 -6.01
CA GLN A 34 -0.06 -4.54 -6.79
C GLN A 34 0.26 -6.03 -6.80
N ASN A 35 1.54 -6.35 -7.00
CA ASN A 35 1.97 -7.75 -7.05
C ASN A 35 1.88 -8.39 -5.67
N ASN A 36 1.15 -9.50 -5.59
CA ASN A 36 0.99 -10.21 -4.33
C ASN A 36 2.34 -10.61 -3.75
N TYR A 37 3.20 -11.19 -4.59
CA TYR A 37 4.52 -11.62 -4.15
C TYR A 37 5.36 -10.42 -3.69
N GLY A 38 5.47 -9.43 -4.56
CA GLY A 38 6.25 -8.24 -4.24
C GLY A 38 5.73 -7.53 -3.00
N LEU A 39 4.40 -7.48 -2.86
CA LEU A 39 3.77 -6.82 -1.72
C LEU A 39 4.15 -7.52 -0.42
N ALA A 40 3.77 -8.79 -0.31
CA ALA A 40 4.06 -9.58 0.88
C ALA A 40 5.49 -9.33 1.36
N SER A 41 6.44 -9.44 0.45
CA SER A 41 7.86 -9.23 0.79
C SER A 41 8.10 -7.78 1.17
N PHE A 42 7.56 -6.86 0.37
CA PHE A 42 7.72 -5.44 0.61
C PHE A 42 7.36 -5.08 2.06
N LYS A 43 6.28 -5.68 2.55
CA LYS A 43 5.82 -5.43 3.91
C LYS A 43 6.89 -5.85 4.93
N SER A 44 7.20 -7.14 4.96
CA SER A 44 8.20 -7.66 5.89
C SER A 44 9.40 -6.71 5.98
N PHE A 45 9.82 -6.19 4.83
CA PHE A 45 10.96 -5.28 4.78
C PHE A 45 10.72 -4.06 5.67
N LEU A 46 9.53 -3.48 5.55
CA LEU A 46 9.17 -2.31 6.34
C LEU A 46 9.28 -2.60 7.83
N LYS A 47 8.67 -3.70 8.26
CA LYS A 47 8.70 -4.11 9.66
C LYS A 47 10.10 -3.95 10.25
N SER A 48 11.09 -4.44 9.52
CA SER A 48 12.49 -4.37 9.96
C SER A 48 12.95 -2.91 10.02
N GLU A 49 12.57 -2.13 9.01
CA GLU A 49 12.95 -0.73 8.94
C GLU A 49 12.03 0.13 9.82
N PHE A 50 11.02 -0.50 10.39
CA PHE A 50 10.07 0.19 11.25
C PHE A 50 9.33 1.28 10.48
N SER A 51 9.02 0.99 9.22
CA SER A 51 8.31 1.95 8.38
C SER A 51 7.11 1.29 7.69
N GLU A 52 6.47 0.36 8.41
CA GLU A 52 5.32 -0.34 7.88
C GLU A 52 4.08 0.55 7.90
N GLU A 53 4.11 1.57 8.74
CA GLU A 53 2.99 2.51 8.86
C GLU A 53 2.71 3.19 7.53
N ASN A 54 3.76 3.40 6.74
CA ASN A 54 3.62 4.04 5.44
C ASN A 54 2.70 3.24 4.53
N LEU A 55 2.96 1.94 4.43
CA LEU A 55 2.14 1.05 3.59
C LEU A 55 0.72 0.94 4.13
N GLU A 56 0.61 0.78 5.45
CA GLU A 56 -0.70 0.66 6.09
C GLU A 56 -1.66 1.70 5.55
N PHE A 57 -1.29 2.98 5.68
CA PHE A 57 -2.14 4.07 5.20
C PHE A 57 -2.60 3.81 3.77
N TRP A 58 -1.77 3.13 3.00
CA TRP A 58 -2.11 2.82 1.61
C TRP A 58 -3.14 1.70 1.53
N ILE A 59 -2.79 0.52 2.03
CA ILE A 59 -3.69 -0.62 2.02
C ILE A 59 -5.09 -0.22 2.51
N ALA A 60 -5.12 0.59 3.55
CA ALA A 60 -6.39 1.04 4.12
C ALA A 60 -7.17 1.88 3.11
N CYS A 61 -6.49 2.85 2.49
CA CYS A 61 -7.12 3.72 1.51
C CYS A 61 -7.92 2.90 0.50
N GLU A 62 -7.26 1.95 -0.13
CA GLU A 62 -7.89 1.10 -1.13
C GLU A 62 -9.12 0.41 -0.54
N ASP A 63 -8.96 -0.12 0.68
CA ASP A 63 -10.06 -0.82 1.35
C ASP A 63 -11.21 0.14 1.64
N TYR A 64 -10.93 1.43 1.55
CA TYR A 64 -11.95 2.46 1.80
C TYR A 64 -12.69 2.83 0.52
N LYS A 65 -11.98 2.73 -0.60
CA LYS A 65 -12.57 3.06 -1.90
C LYS A 65 -13.67 2.08 -2.26
N LYS A 66 -13.51 0.83 -1.81
CA LYS A 66 -14.51 -0.21 -2.09
C LYS A 66 -15.67 -0.12 -1.10
N ILE A 67 -15.80 1.01 -0.44
CA ILE A 67 -16.86 1.22 0.53
C ILE A 67 -18.07 1.90 -0.12
N LYS A 68 -19.21 1.20 -0.11
CA LYS A 68 -20.43 1.74 -0.69
C LYS A 68 -21.32 2.36 0.39
N SER A 69 -21.29 1.77 1.58
CA SER A 69 -22.09 2.27 2.69
C SER A 69 -21.95 3.78 2.83
N PRO A 70 -23.09 4.47 2.99
CA PRO A 70 -23.11 5.93 3.15
C PRO A 70 -22.53 6.38 4.48
N ALA A 71 -22.62 5.52 5.48
CA ALA A 71 -22.09 5.82 6.81
C ALA A 71 -20.62 5.46 6.92
N LYS A 72 -20.27 4.29 6.39
CA LYS A 72 -18.89 3.82 6.43
C LYS A 72 -17.97 4.77 5.66
N MET A 73 -18.35 5.07 4.41
CA MET A 73 -17.56 5.95 3.57
C MET A 73 -17.11 7.18 4.34
N ALA A 74 -17.96 7.65 5.26
CA ALA A 74 -17.65 8.82 6.06
C ALA A 74 -16.95 8.41 7.37
N GLU A 75 -17.66 7.64 8.19
CA GLU A 75 -17.10 7.19 9.47
C GLU A 75 -15.71 6.60 9.27
N LYS A 76 -15.63 5.55 8.46
CA LYS A 76 -14.36 4.89 8.19
C LYS A 76 -13.26 5.91 7.91
N ALA A 77 -13.58 6.88 7.06
CA ALA A 77 -12.62 7.92 6.71
C ALA A 77 -11.94 8.50 7.95
N LYS A 78 -12.75 8.87 8.95
CA LYS A 78 -12.22 9.43 10.19
C LYS A 78 -11.31 8.42 10.89
N GLN A 79 -11.71 7.15 10.87
CA GLN A 79 -10.93 6.10 11.51
C GLN A 79 -9.49 6.12 11.03
N ILE A 80 -9.30 6.15 9.71
CA ILE A 80 -7.97 6.18 9.13
C ILE A 80 -7.21 7.42 9.56
N TYR A 81 -7.93 8.50 9.82
CA TYR A 81 -7.33 9.76 10.24
C TYR A 81 -6.93 9.70 11.70
N GLU A 82 -7.84 9.20 12.54
CA GLU A 82 -7.58 9.09 13.97
C GLU A 82 -6.47 8.08 14.25
N GLU A 83 -6.05 7.37 13.21
CA GLU A 83 -5.01 6.36 13.34
C GLU A 83 -3.69 6.88 12.76
N PHE A 84 -3.74 7.35 11.51
CA PHE A 84 -2.55 7.85 10.84
C PHE A 84 -2.56 9.38 10.83
N ILE A 85 -3.64 9.97 10.35
CA ILE A 85 -3.77 11.42 10.29
C ILE A 85 -4.13 12.00 11.66
N GLN A 86 -3.75 11.28 12.71
CA GLN A 86 -4.05 11.72 14.07
C GLN A 86 -2.79 12.27 14.74
N THR A 87 -2.99 13.26 15.63
CA THR A 87 -1.87 13.87 16.33
C THR A 87 -1.03 12.81 17.06
N GLU A 88 0.26 12.78 16.77
CA GLU A 88 1.15 11.82 17.40
C GLU A 88 0.58 10.42 17.36
N ALA A 89 -0.15 10.12 16.29
CA ALA A 89 -0.77 8.81 16.13
C ALA A 89 0.27 7.69 16.27
N PRO A 90 -0.22 6.46 16.48
CA PRO A 90 0.65 5.29 16.64
C PRO A 90 1.34 4.90 15.34
N LYS A 91 0.65 5.11 14.22
CA LYS A 91 1.19 4.79 12.91
C LYS A 91 1.25 6.02 12.02
N GLU A 92 1.15 7.20 12.63
CA GLU A 92 1.19 8.45 11.89
C GLU A 92 2.23 8.40 10.78
N VAL A 93 1.76 8.28 9.54
CA VAL A 93 2.65 8.21 8.38
C VAL A 93 3.47 9.48 8.25
N ASN A 94 4.25 9.57 7.19
CA ASN A 94 5.10 10.74 6.94
C ASN A 94 4.43 11.68 5.94
N ILE A 95 3.78 12.72 6.46
CA ILE A 95 3.11 13.69 5.60
C ILE A 95 3.18 15.09 6.20
N ASP A 96 3.92 15.99 5.54
CA ASP A 96 4.06 17.35 6.01
C ASP A 96 2.71 17.97 6.31
N HIS A 97 2.70 19.00 7.15
CA HIS A 97 1.46 19.69 7.52
C HIS A 97 0.63 20.01 6.27
N PHE A 98 1.31 20.32 5.18
CA PHE A 98 0.64 20.66 3.93
C PHE A 98 -0.38 19.58 3.57
N THR A 99 0.11 18.40 3.17
CA THR A 99 -0.75 17.30 2.78
C THR A 99 -1.66 16.89 3.94
N LYS A 100 -1.06 16.68 5.10
CA LYS A 100 -1.81 16.28 6.29
C LYS A 100 -3.07 17.13 6.45
N ASP A 101 -2.92 18.44 6.28
CA ASP A 101 -4.05 19.35 6.39
C ASP A 101 -5.11 19.05 5.34
N ILE A 102 -4.67 18.84 4.10
CA ILE A 102 -5.58 18.55 3.01
C ILE A 102 -6.63 17.52 3.43
N THR A 103 -6.16 16.31 3.75
CA THR A 103 -7.06 15.23 4.17
C THR A 103 -8.12 15.75 5.12
N MET A 104 -7.69 16.39 6.20
CA MET A 104 -8.62 16.93 7.19
C MET A 104 -9.79 17.63 6.51
N LYS A 105 -9.49 18.57 5.63
CA LYS A 105 -10.53 19.30 4.91
C LYS A 105 -11.37 18.36 4.06
N ASN A 106 -10.79 17.23 3.69
CA ASN A 106 -11.49 16.24 2.88
C ASN A 106 -12.29 15.28 3.75
N LEU A 107 -12.37 15.58 5.04
CA LEU A 107 -13.11 14.75 5.98
C LEU A 107 -14.54 15.26 6.15
N VAL A 108 -14.83 16.39 5.51
CA VAL A 108 -16.16 16.98 5.60
C VAL A 108 -17.16 16.22 4.72
N GLU A 109 -16.86 16.15 3.42
CA GLU A 109 -17.72 15.45 2.48
C GLU A 109 -16.96 14.35 1.75
N PRO A 110 -16.28 13.49 2.50
CA PRO A 110 -15.49 12.39 1.95
C PRO A 110 -16.37 11.30 1.34
N SER A 111 -16.00 10.85 0.15
CA SER A 111 -16.75 9.81 -0.54
C SER A 111 -15.83 8.70 -1.05
N LEU A 112 -14.97 9.05 -2.00
CA LEU A 112 -14.03 8.10 -2.58
C LEU A 112 -12.64 8.71 -2.70
N SER A 113 -12.59 9.94 -3.19
CA SER A 113 -11.31 10.64 -3.36
C SER A 113 -10.95 11.42 -2.11
N SER A 114 -11.53 11.03 -0.98
CA SER A 114 -11.27 11.70 0.30
C SER A 114 -9.79 11.64 0.65
N PHE A 115 -9.17 10.50 0.36
CA PHE A 115 -7.75 10.32 0.65
C PHE A 115 -6.95 10.18 -0.64
N ASP A 116 -7.20 11.07 -1.59
CA ASP A 116 -6.50 11.05 -2.87
C ASP A 116 -5.09 11.63 -2.73
N MET A 117 -5.00 12.82 -2.14
CA MET A 117 -3.71 13.47 -1.95
C MET A 117 -2.83 12.68 -0.98
N ALA A 118 -3.33 12.47 0.24
CA ALA A 118 -2.59 11.71 1.24
C ALA A 118 -2.08 10.38 0.67
N GLN A 119 -2.94 9.71 -0.08
CA GLN A 119 -2.58 8.43 -0.68
C GLN A 119 -1.39 8.58 -1.62
N LYS A 120 -1.53 9.44 -2.62
CA LYS A 120 -0.47 9.68 -3.59
C LYS A 120 0.77 10.25 -2.90
N ARG A 121 0.55 10.95 -1.79
CA ARG A 121 1.65 11.55 -1.05
C ARG A 121 2.55 10.47 -0.44
N ILE A 122 1.94 9.54 0.31
CA ILE A 122 2.68 8.47 0.94
C ILE A 122 3.23 7.50 -0.09
N HIS A 123 2.40 7.13 -1.06
CA HIS A 123 2.82 6.21 -2.12
C HIS A 123 4.08 6.70 -2.80
N ALA A 124 4.20 8.02 -2.97
CA ALA A 124 5.36 8.61 -3.61
C ALA A 124 6.59 8.53 -2.69
N LEU A 125 6.34 8.37 -1.40
CA LEU A 125 7.41 8.27 -0.42
C LEU A 125 7.92 6.84 -0.29
N MET A 126 6.98 5.89 -0.24
CA MET A 126 7.34 4.49 -0.12
C MET A 126 7.99 3.97 -1.41
N GLU A 127 7.94 4.79 -2.45
CA GLU A 127 8.52 4.42 -3.73
C GLU A 127 9.91 5.02 -3.89
N LYS A 128 10.18 6.11 -3.17
CA LYS A 128 11.47 6.78 -3.21
C LYS A 128 12.21 6.61 -1.90
N ASP A 129 11.55 6.02 -0.92
CA ASP A 129 12.16 5.81 0.39
C ASP A 129 12.39 4.33 0.64
N SER A 130 11.30 3.58 0.77
CA SER A 130 11.38 2.14 1.02
C SER A 130 11.71 1.38 -0.26
N LEU A 131 10.87 1.56 -1.28
CA LEU A 131 11.06 0.89 -2.56
C LEU A 131 12.55 0.75 -2.87
N PRO A 132 13.28 1.88 -2.84
CA PRO A 132 14.71 1.90 -3.11
C PRO A 132 15.53 1.22 -2.01
N ARG A 133 15.01 1.27 -0.79
CA ARG A 133 15.69 0.65 0.35
C ARG A 133 15.34 -0.82 0.45
N PHE A 134 14.31 -1.25 -0.28
CA PHE A 134 13.88 -2.64 -0.26
C PHE A 134 14.68 -3.47 -1.25
N VAL A 135 14.77 -2.99 -2.49
CA VAL A 135 15.50 -3.67 -3.54
C VAL A 135 16.90 -4.06 -3.06
N ARG A 136 17.42 -3.30 -2.11
CA ARG A 136 18.76 -3.56 -1.56
C ARG A 136 18.73 -4.77 -0.63
N SER A 137 17.70 -4.85 0.21
CA SER A 137 17.57 -5.96 1.15
C SER A 137 17.49 -7.29 0.41
N GLU A 138 18.25 -8.26 0.89
CA GLU A 138 18.27 -9.59 0.27
C GLU A 138 16.88 -9.97 -0.22
N PHE A 139 15.86 -9.66 0.59
CA PHE A 139 14.48 -9.98 0.25
C PHE A 139 14.26 -9.88 -1.27
N TYR A 140 14.81 -8.83 -1.87
CA TYR A 140 14.67 -8.61 -3.30
C TYR A 140 15.67 -9.47 -4.08
N GLN A 141 16.91 -9.50 -3.61
CA GLN A 141 17.96 -10.27 -4.26
C GLN A 141 17.48 -11.70 -4.52
N GLU A 142 16.68 -12.23 -3.61
CA GLU A 142 16.15 -13.58 -3.76
C GLU A 142 15.02 -13.63 -4.77
N LEU A 143 14.34 -12.50 -4.94
CA LEU A 143 13.23 -12.40 -5.87
C LEU A 143 13.71 -12.46 -7.32
N ILE A 144 14.90 -11.92 -7.56
CA ILE A 144 15.48 -11.92 -8.89
C ILE A 144 16.53 -13.03 -9.04
N SER A 145 17.33 -13.19 -7.99
CA SER A 145 18.39 -14.22 -8.01
C SER A 145 17.78 -15.61 -7.94
N GLY A 146 16.65 -15.74 -7.25
CA GLY A 146 15.99 -17.02 -7.13
C GLY A 146 15.66 -17.63 -8.48
N PRO A 147 14.80 -18.67 -8.47
CA PRO A 147 14.38 -19.36 -9.69
C PRO A 147 13.49 -18.49 -10.56
N SER A 148 14.10 -17.72 -11.45
CA SER A 148 13.36 -16.84 -12.36
C SER A 148 14.29 -16.20 -13.37
N SER A 149 13.86 -16.18 -14.63
CA SER A 149 14.65 -15.58 -15.69
C SER A 149 13.77 -15.18 -16.87
N GLY A 150 14.38 -14.54 -17.86
CA GLY A 150 13.62 -14.11 -19.03
C GLY A 150 14.31 -12.97 -19.77
N GLY A 1 -27.10 2.47 -21.89
CA GLY A 1 -27.07 1.55 -20.76
C GLY A 1 -26.15 0.38 -21.00
N SER A 2 -26.10 -0.54 -20.03
CA SER A 2 -25.24 -1.72 -20.14
C SER A 2 -23.77 -1.32 -20.23
N SER A 3 -23.38 -0.34 -19.41
CA SER A 3 -22.00 0.13 -19.39
C SER A 3 -21.31 -0.25 -18.09
N GLY A 4 -21.98 0.01 -16.96
CA GLY A 4 -21.41 -0.31 -15.67
C GLY A 4 -22.22 -1.36 -14.93
N SER A 5 -21.68 -1.84 -13.82
CA SER A 5 -22.35 -2.86 -13.01
C SER A 5 -21.79 -2.89 -11.59
N SER A 6 -22.49 -3.60 -10.71
CA SER A 6 -22.07 -3.70 -9.32
C SER A 6 -21.04 -4.81 -9.15
N GLY A 7 -21.37 -6.01 -9.62
CA GLY A 7 -20.46 -7.13 -9.50
C GLY A 7 -19.68 -7.12 -8.21
N PRO A 8 -20.38 -7.32 -7.09
CA PRO A 8 -19.76 -7.33 -5.76
C PRO A 8 -18.86 -8.55 -5.56
N GLU A 9 -19.01 -9.54 -6.42
CA GLU A 9 -18.21 -10.76 -6.32
C GLU A 9 -17.12 -10.78 -7.38
N LYS A 10 -16.00 -10.13 -7.08
CA LYS A 10 -14.87 -10.07 -7.99
C LYS A 10 -13.89 -11.21 -7.74
N PRO A 11 -13.31 -11.75 -8.82
CA PRO A 11 -12.35 -12.86 -8.73
C PRO A 11 -11.02 -12.42 -8.13
N ALA A 12 -10.12 -13.38 -7.94
CA ALA A 12 -8.81 -13.10 -7.37
C ALA A 12 -7.92 -14.33 -7.40
N LYS A 13 -6.81 -14.24 -8.14
CA LYS A 13 -5.88 -15.34 -8.25
C LYS A 13 -4.61 -14.92 -9.00
N THR A 14 -3.47 -15.46 -8.59
CA THR A 14 -2.20 -15.14 -9.22
C THR A 14 -1.23 -16.31 -9.13
N GLN A 15 -0.11 -16.19 -9.82
CA GLN A 15 0.92 -17.24 -9.81
C GLN A 15 2.26 -16.68 -9.38
N LYS A 16 3.26 -17.55 -9.32
CA LYS A 16 4.61 -17.14 -8.92
C LYS A 16 5.04 -15.88 -9.65
N THR A 17 6.17 -15.32 -9.24
CA THR A 17 6.69 -14.11 -9.86
C THR A 17 7.88 -14.42 -10.77
N SER A 18 7.84 -13.86 -11.98
CA SER A 18 8.91 -14.08 -12.94
C SER A 18 10.03 -13.07 -12.76
N LEU A 19 11.22 -13.42 -13.26
CA LEU A 19 12.38 -12.53 -13.15
C LEU A 19 12.10 -11.18 -13.80
N ASP A 20 11.67 -11.22 -15.06
CA ASP A 20 11.38 -10.00 -15.79
C ASP A 20 10.31 -9.17 -15.07
N GLU A 21 9.67 -9.78 -14.08
CA GLU A 21 8.64 -9.11 -13.31
C GLU A 21 9.23 -8.36 -12.13
N ALA A 22 9.88 -9.10 -11.23
CA ALA A 22 10.50 -8.51 -10.05
C ALA A 22 11.12 -7.16 -10.38
N LEU A 23 11.67 -7.04 -11.59
CA LEU A 23 12.31 -5.81 -12.03
C LEU A 23 11.27 -4.71 -12.24
N GLN A 24 10.13 -5.08 -12.83
CA GLN A 24 9.07 -4.13 -13.09
C GLN A 24 8.65 -3.40 -11.81
N TRP A 25 8.94 -4.03 -10.68
CA TRP A 25 8.59 -3.45 -9.38
C TRP A 25 9.48 -2.24 -9.07
N ARG A 26 10.65 -2.20 -9.70
CA ARG A 26 11.59 -1.10 -9.50
C ARG A 26 11.15 0.14 -10.25
N ASP A 27 10.64 -0.05 -11.46
CA ASP A 27 10.18 1.05 -12.29
C ASP A 27 9.18 1.92 -11.52
N SER A 28 8.09 1.31 -11.08
CA SER A 28 7.06 2.02 -10.34
C SER A 28 6.61 1.22 -9.11
N LEU A 29 6.53 1.89 -7.97
CA LEU A 29 6.12 1.25 -6.73
C LEU A 29 4.84 0.45 -6.94
N ASP A 30 3.88 1.05 -7.62
CA ASP A 30 2.60 0.39 -7.88
C ASP A 30 2.81 -1.06 -8.29
N LYS A 31 3.50 -1.27 -9.41
CA LYS A 31 3.78 -2.61 -9.90
C LYS A 31 4.03 -3.58 -8.76
N LEU A 32 4.89 -3.17 -7.82
CA LEU A 32 5.22 -3.99 -6.67
C LEU A 32 3.97 -4.30 -5.84
N LEU A 33 3.34 -3.26 -5.32
CA LEU A 33 2.13 -3.41 -4.51
C LEU A 33 1.13 -4.31 -5.22
N GLN A 34 0.84 -4.00 -6.48
CA GLN A 34 -0.11 -4.78 -7.26
C GLN A 34 0.19 -6.28 -7.15
N ASN A 35 1.47 -6.63 -7.26
CA ASN A 35 1.88 -8.02 -7.16
C ASN A 35 1.84 -8.51 -5.72
N ASN A 36 1.16 -9.63 -5.50
CA ASN A 36 1.05 -10.20 -4.16
C ASN A 36 2.42 -10.55 -3.60
N TYR A 37 3.21 -11.28 -4.37
CA TYR A 37 4.55 -11.68 -3.95
C TYR A 37 5.38 -10.46 -3.57
N GLY A 38 5.45 -9.48 -4.47
CA GLY A 38 6.21 -8.28 -4.21
C GLY A 38 5.68 -7.50 -3.01
N LEU A 39 4.36 -7.43 -2.89
CA LEU A 39 3.73 -6.72 -1.79
C LEU A 39 4.06 -7.38 -0.46
N ALA A 40 3.62 -8.62 -0.30
CA ALA A 40 3.86 -9.38 0.93
C ALA A 40 5.29 -9.16 1.42
N SER A 41 6.25 -9.46 0.55
CA SER A 41 7.67 -9.32 0.90
C SER A 41 8.00 -7.86 1.20
N PHE A 42 7.48 -6.96 0.37
CA PHE A 42 7.72 -5.53 0.55
C PHE A 42 7.37 -5.09 1.96
N LYS A 43 6.23 -5.54 2.45
CA LYS A 43 5.77 -5.19 3.79
C LYS A 43 6.80 -5.60 4.84
N SER A 44 7.05 -6.90 4.97
CA SER A 44 8.00 -7.41 5.94
C SER A 44 9.22 -6.49 6.02
N PHE A 45 9.78 -6.15 4.87
CA PHE A 45 10.95 -5.28 4.80
C PHE A 45 10.75 -4.04 5.69
N LEU A 46 9.57 -3.44 5.58
CA LEU A 46 9.25 -2.24 6.37
C LEU A 46 9.26 -2.56 7.86
N LYS A 47 8.51 -3.60 8.25
CA LYS A 47 8.43 -4.00 9.64
C LYS A 47 9.80 -3.93 10.32
N SER A 48 10.82 -4.44 9.63
CA SER A 48 12.17 -4.44 10.17
C SER A 48 12.69 -3.01 10.32
N GLU A 49 12.40 -2.17 9.32
CA GLU A 49 12.83 -0.79 9.34
C GLU A 49 11.92 0.06 10.23
N PHE A 50 10.80 -0.52 10.64
CA PHE A 50 9.84 0.18 11.48
C PHE A 50 9.15 1.31 10.71
N SER A 51 8.97 1.10 9.41
CA SER A 51 8.33 2.10 8.57
C SER A 51 7.15 1.49 7.80
N GLU A 52 6.50 0.50 8.40
CA GLU A 52 5.37 -0.16 7.78
C GLU A 52 4.14 0.75 7.76
N GLU A 53 4.10 1.67 8.72
CA GLU A 53 2.98 2.60 8.82
C GLU A 53 2.77 3.35 7.51
N ASN A 54 3.86 3.62 6.80
CA ASN A 54 3.79 4.32 5.53
C ASN A 54 2.92 3.56 4.53
N LEU A 55 3.15 2.26 4.43
CA LEU A 55 2.38 1.42 3.51
C LEU A 55 0.96 1.22 4.02
N GLU A 56 0.84 0.90 5.32
CA GLU A 56 -0.48 0.68 5.92
C GLU A 56 -1.49 1.70 5.41
N PHE A 57 -1.20 2.99 5.64
CA PHE A 57 -2.09 4.05 5.21
C PHE A 57 -2.58 3.81 3.78
N TRP A 58 -1.67 3.33 2.93
CA TRP A 58 -2.01 3.05 1.54
C TRP A 58 -3.00 1.91 1.43
N ILE A 59 -2.58 0.72 1.84
CA ILE A 59 -3.44 -0.46 1.78
C ILE A 59 -4.86 -0.12 2.25
N ALA A 60 -4.95 0.65 3.32
CA ALA A 60 -6.24 1.05 3.86
C ALA A 60 -7.03 1.91 2.87
N CYS A 61 -6.34 2.88 2.28
CA CYS A 61 -6.96 3.76 1.30
C CYS A 61 -7.77 2.98 0.27
N GLU A 62 -7.10 2.06 -0.42
CA GLU A 62 -7.75 1.23 -1.42
C GLU A 62 -8.95 0.50 -0.83
N ASP A 63 -8.78 -0.02 0.38
CA ASP A 63 -9.83 -0.75 1.06
C ASP A 63 -11.02 0.17 1.37
N TYR A 64 -10.75 1.47 1.41
CA TYR A 64 -11.78 2.45 1.71
C TYR A 64 -12.53 2.85 0.43
N LYS A 65 -11.82 2.82 -0.69
CA LYS A 65 -12.42 3.19 -1.97
C LYS A 65 -13.54 2.21 -2.35
N LYS A 66 -13.39 0.96 -1.93
CA LYS A 66 -14.39 -0.06 -2.22
C LYS A 66 -15.53 -0.02 -1.20
N ILE A 67 -15.71 1.13 -0.58
CA ILE A 67 -16.76 1.31 0.41
C ILE A 67 -17.96 2.04 -0.18
N LYS A 68 -19.08 1.33 -0.29
CA LYS A 68 -20.30 1.91 -0.84
C LYS A 68 -21.19 2.46 0.27
N SER A 69 -21.18 1.80 1.42
CA SER A 69 -21.97 2.22 2.56
C SER A 69 -21.85 3.73 2.78
N PRO A 70 -23.00 4.40 2.93
CA PRO A 70 -23.04 5.85 3.15
C PRO A 70 -22.53 6.24 4.53
N ALA A 71 -22.52 5.29 5.45
CA ALA A 71 -22.06 5.53 6.81
C ALA A 71 -20.58 5.18 6.95
N LYS A 72 -20.17 4.08 6.33
CA LYS A 72 -18.78 3.64 6.38
C LYS A 72 -17.87 4.62 5.64
N MET A 73 -18.26 4.95 4.41
CA MET A 73 -17.48 5.88 3.60
C MET A 73 -17.05 7.09 4.42
N ALA A 74 -17.93 7.55 5.30
CA ALA A 74 -17.65 8.70 6.15
C ALA A 74 -16.98 8.27 7.45
N GLU A 75 -17.66 7.41 8.20
CA GLU A 75 -17.13 6.91 9.46
C GLU A 75 -15.73 6.35 9.30
N LYS A 76 -15.59 5.37 8.42
CA LYS A 76 -14.30 4.74 8.16
C LYS A 76 -13.22 5.80 7.92
N ALA A 77 -13.53 6.76 7.04
CA ALA A 77 -12.59 7.82 6.72
C ALA A 77 -11.93 8.38 7.98
N LYS A 78 -12.76 8.63 9.00
CA LYS A 78 -12.26 9.17 10.27
C LYS A 78 -11.33 8.18 10.94
N GLN A 79 -11.69 6.90 10.88
CA GLN A 79 -10.87 5.85 11.49
C GLN A 79 -9.42 5.95 11.02
N ILE A 80 -9.23 5.98 9.71
CA ILE A 80 -7.90 6.07 9.13
C ILE A 80 -7.18 7.33 9.58
N TYR A 81 -7.95 8.39 9.85
CA TYR A 81 -7.39 9.66 10.30
C TYR A 81 -6.98 9.58 11.77
N GLU A 82 -7.86 9.02 12.59
CA GLU A 82 -7.58 8.88 14.02
C GLU A 82 -6.44 7.90 14.27
N GLU A 83 -6.01 7.22 13.21
CA GLU A 83 -4.93 6.26 13.32
C GLU A 83 -3.64 6.81 12.72
N PHE A 84 -3.74 7.34 11.50
CA PHE A 84 -2.59 7.91 10.81
C PHE A 84 -2.63 9.43 10.85
N ILE A 85 -3.74 10.00 10.39
CA ILE A 85 -3.90 11.45 10.36
C ILE A 85 -4.26 11.98 11.75
N GLN A 86 -3.83 11.25 12.78
CA GLN A 86 -4.10 11.65 14.15
C GLN A 86 -2.83 12.17 14.83
N THR A 87 -3.00 13.13 15.73
CA THR A 87 -1.87 13.72 16.45
C THR A 87 -1.00 12.63 17.07
N GLU A 88 0.31 12.76 16.91
CA GLU A 88 1.25 11.80 17.45
C GLU A 88 0.69 10.38 17.36
N ALA A 89 -0.09 10.12 16.32
CA ALA A 89 -0.68 8.81 16.11
C ALA A 89 0.36 7.71 16.23
N PRO A 90 -0.11 6.47 16.42
CA PRO A 90 0.77 5.30 16.55
C PRO A 90 1.46 4.94 15.24
N LYS A 91 0.77 5.19 14.13
CA LYS A 91 1.31 4.91 12.81
C LYS A 91 1.34 6.16 11.94
N GLU A 92 1.30 7.32 12.58
CA GLU A 92 1.32 8.59 11.87
C GLU A 92 2.33 8.55 10.72
N VAL A 93 1.83 8.41 9.50
CA VAL A 93 2.69 8.36 8.32
C VAL A 93 3.45 9.67 8.15
N ASN A 94 4.47 9.65 7.30
CA ASN A 94 5.28 10.83 7.04
C ASN A 94 4.60 11.75 6.04
N ILE A 95 3.91 12.76 6.55
CA ILE A 95 3.20 13.71 5.71
C ILE A 95 3.21 15.11 6.32
N ASP A 96 3.92 16.03 5.68
CA ASP A 96 4.01 17.40 6.16
C ASP A 96 2.63 17.96 6.48
N HIS A 97 2.59 19.09 7.16
CA HIS A 97 1.33 19.73 7.52
C HIS A 97 0.48 20.00 6.30
N PHE A 98 1.13 20.32 5.19
CA PHE A 98 0.43 20.61 3.94
C PHE A 98 -0.54 19.47 3.59
N THR A 99 0.01 18.32 3.25
CA THR A 99 -0.80 17.16 2.89
C THR A 99 -1.69 16.74 4.04
N LYS A 100 -1.10 16.64 5.23
CA LYS A 100 -1.84 16.25 6.43
C LYS A 100 -3.13 17.04 6.55
N ASP A 101 -3.02 18.37 6.50
CA ASP A 101 -4.18 19.24 6.60
C ASP A 101 -5.24 18.88 5.56
N ILE A 102 -4.79 18.74 4.31
CA ILE A 102 -5.69 18.40 3.22
C ILE A 102 -6.70 17.33 3.65
N THR A 103 -6.20 16.13 3.91
CA THR A 103 -7.06 15.03 4.34
C THR A 103 -8.14 15.51 5.29
N MET A 104 -7.72 16.19 6.36
CA MET A 104 -8.65 16.71 7.35
C MET A 104 -9.82 17.43 6.68
N LYS A 105 -9.49 18.44 5.88
CA LYS A 105 -10.51 19.22 5.18
C LYS A 105 -11.35 18.33 4.27
N ASN A 106 -10.79 17.17 3.91
CA ASN A 106 -11.49 16.23 3.05
C ASN A 106 -12.31 15.24 3.86
N LEU A 107 -12.35 15.46 5.17
CA LEU A 107 -13.12 14.59 6.07
C LEU A 107 -14.55 15.09 6.21
N VAL A 108 -14.85 16.21 5.59
CA VAL A 108 -16.19 16.79 5.64
C VAL A 108 -17.13 16.07 4.67
N GLU A 109 -16.78 16.07 3.40
CA GLU A 109 -17.60 15.43 2.38
C GLU A 109 -16.80 14.34 1.65
N PRO A 110 -16.14 13.47 2.42
CA PRO A 110 -15.34 12.37 1.87
C PRO A 110 -16.19 11.30 1.20
N SER A 111 -15.91 11.02 -0.07
CA SER A 111 -16.65 10.02 -0.82
C SER A 111 -15.74 8.89 -1.26
N LEU A 112 -14.85 9.18 -2.22
CA LEU A 112 -13.92 8.18 -2.73
C LEU A 112 -12.51 8.76 -2.83
N SER A 113 -12.41 9.97 -3.35
CA SER A 113 -11.12 10.64 -3.49
C SER A 113 -10.74 11.39 -2.22
N SER A 114 -11.37 11.01 -1.11
CA SER A 114 -11.10 11.65 0.18
C SER A 114 -9.60 11.74 0.44
N PHE A 115 -8.93 10.60 0.39
CA PHE A 115 -7.48 10.54 0.62
C PHE A 115 -6.73 10.47 -0.70
N ASP A 116 -7.20 11.21 -1.69
CA ASP A 116 -6.57 11.23 -3.00
C ASP A 116 -5.16 11.82 -2.91
N MET A 117 -4.98 12.79 -2.03
CA MET A 117 -3.69 13.44 -1.85
C MET A 117 -2.81 12.63 -0.91
N ALA A 118 -3.20 12.58 0.36
CA ALA A 118 -2.44 11.83 1.36
C ALA A 118 -2.01 10.47 0.82
N GLN A 119 -2.85 9.87 -0.02
CA GLN A 119 -2.56 8.57 -0.60
C GLN A 119 -1.36 8.66 -1.55
N LYS A 120 -1.44 9.58 -2.50
CA LYS A 120 -0.35 9.77 -3.48
C LYS A 120 0.90 10.30 -2.79
N ARG A 121 0.71 11.05 -1.71
CA ARG A 121 1.82 11.62 -0.97
C ARG A 121 2.68 10.53 -0.35
N ILE A 122 2.05 9.66 0.43
CA ILE A 122 2.76 8.56 1.09
C ILE A 122 3.31 7.58 0.07
N HIS A 123 2.48 7.21 -0.90
CA HIS A 123 2.88 6.27 -1.94
C HIS A 123 4.14 6.76 -2.66
N ALA A 124 4.24 8.08 -2.82
CA ALA A 124 5.39 8.68 -3.49
C ALA A 124 6.63 8.61 -2.61
N LEU A 125 6.41 8.51 -1.30
CA LEU A 125 7.53 8.44 -0.35
C LEU A 125 8.00 7.00 -0.18
N MET A 126 7.05 6.08 -0.08
CA MET A 126 7.39 4.66 0.08
C MET A 126 8.00 4.10 -1.20
N GLU A 127 7.90 4.87 -2.28
CA GLU A 127 8.44 4.44 -3.57
C GLU A 127 9.83 5.02 -3.79
N LYS A 128 10.13 6.11 -3.10
CA LYS A 128 11.43 6.77 -3.23
C LYS A 128 12.24 6.63 -1.93
N ASP A 129 11.59 6.08 -0.90
CA ASP A 129 12.25 5.89 0.39
C ASP A 129 12.50 4.41 0.65
N SER A 130 11.43 3.66 0.83
CA SER A 130 11.53 2.22 1.10
C SER A 130 11.77 1.45 -0.20
N LEU A 131 10.88 1.63 -1.15
CA LEU A 131 10.99 0.95 -2.45
C LEU A 131 12.45 0.74 -2.82
N PRO A 132 13.22 1.84 -2.84
CA PRO A 132 14.65 1.81 -3.18
C PRO A 132 15.48 1.12 -2.11
N ARG A 133 15.05 1.24 -0.86
CA ARG A 133 15.76 0.62 0.26
C ARG A 133 15.35 -0.83 0.42
N PHE A 134 14.28 -1.22 -0.26
CA PHE A 134 13.78 -2.60 -0.18
C PHE A 134 14.51 -3.49 -1.18
N VAL A 135 14.83 -2.93 -2.35
CA VAL A 135 15.52 -3.68 -3.38
C VAL A 135 16.96 -3.97 -2.99
N ARG A 136 17.57 -3.02 -2.28
CA ARG A 136 18.95 -3.18 -1.84
C ARG A 136 19.11 -4.40 -0.93
N SER A 137 18.17 -4.56 0.00
CA SER A 137 18.21 -5.69 0.92
C SER A 137 18.09 -7.01 0.18
N GLU A 138 18.39 -8.11 0.87
CA GLU A 138 18.32 -9.43 0.28
C GLU A 138 16.88 -9.77 -0.11
N PHE A 139 15.93 -9.38 0.73
CA PHE A 139 14.52 -9.65 0.49
C PHE A 139 14.21 -9.60 -1.01
N TYR A 140 14.82 -8.66 -1.70
CA TYR A 140 14.62 -8.50 -3.14
C TYR A 140 15.60 -9.37 -3.93
N GLN A 141 16.86 -9.37 -3.51
CA GLN A 141 17.89 -10.16 -4.17
C GLN A 141 17.44 -11.59 -4.35
N GLU A 142 16.64 -12.09 -3.41
CA GLU A 142 16.15 -13.45 -3.46
C GLU A 142 15.01 -13.58 -4.46
N LEU A 143 14.30 -12.47 -4.71
CA LEU A 143 13.19 -12.46 -5.64
C LEU A 143 13.68 -12.61 -7.08
N ILE A 144 14.84 -12.01 -7.38
CA ILE A 144 15.41 -12.09 -8.72
C ILE A 144 16.46 -13.20 -8.79
N SER A 145 17.27 -13.31 -7.74
CA SER A 145 18.32 -14.32 -7.69
C SER A 145 17.72 -15.71 -7.58
N GLY A 146 16.66 -15.84 -6.79
CA GLY A 146 16.01 -17.13 -6.60
C GLY A 146 15.73 -17.82 -7.92
N PRO A 147 15.15 -19.02 -7.84
CA PRO A 147 14.81 -19.82 -9.03
C PRO A 147 13.66 -19.21 -9.82
N SER A 148 12.58 -18.88 -9.13
CA SER A 148 11.41 -18.29 -9.78
C SER A 148 11.22 -18.86 -11.19
N SER A 149 11.45 -20.16 -11.32
CA SER A 149 11.31 -20.83 -12.61
C SER A 149 10.15 -21.82 -12.59
N GLY A 150 10.05 -22.58 -11.51
CA GLY A 150 8.98 -23.56 -11.37
C GLY A 150 7.89 -23.10 -10.43
N GLY A 1 -28.03 8.70 0.95
CA GLY A 1 -27.73 9.55 -0.19
C GLY A 1 -26.81 8.87 -1.18
N SER A 2 -27.16 7.65 -1.58
CA SER A 2 -26.35 6.90 -2.53
C SER A 2 -27.23 6.01 -3.41
N SER A 3 -26.94 6.02 -4.71
CA SER A 3 -27.71 5.22 -5.66
C SER A 3 -27.70 3.75 -5.27
N GLY A 4 -28.72 3.03 -5.69
CA GLY A 4 -28.82 1.61 -5.38
C GLY A 4 -28.09 0.74 -6.38
N SER A 5 -27.66 -0.44 -5.95
CA SER A 5 -26.94 -1.36 -6.82
C SER A 5 -26.95 -2.77 -6.23
N SER A 6 -26.98 -3.77 -7.11
CA SER A 6 -26.99 -5.16 -6.68
C SER A 6 -25.80 -5.45 -5.76
N GLY A 7 -24.60 -5.30 -6.29
CA GLY A 7 -23.40 -5.56 -5.50
C GLY A 7 -22.21 -5.94 -6.37
N PRO A 8 -21.01 -5.56 -5.92
CA PRO A 8 -19.76 -5.86 -6.64
C PRO A 8 -19.42 -7.34 -6.61
N GLU A 9 -18.44 -7.73 -7.44
CA GLU A 9 -18.02 -9.13 -7.51
C GLU A 9 -16.77 -9.28 -8.36
N LYS A 10 -15.70 -9.77 -7.75
CA LYS A 10 -14.43 -9.96 -8.46
C LYS A 10 -13.77 -11.26 -8.02
N PRO A 11 -13.15 -11.95 -9.00
CA PRO A 11 -12.46 -13.23 -8.75
C PRO A 11 -11.18 -13.04 -7.93
N ALA A 12 -10.41 -14.11 -7.80
CA ALA A 12 -9.17 -14.06 -7.05
C ALA A 12 -8.24 -15.21 -7.44
N LYS A 13 -6.97 -14.88 -7.69
CA LYS A 13 -5.99 -15.89 -8.08
C LYS A 13 -4.58 -15.42 -7.73
N THR A 14 -3.67 -16.38 -7.59
CA THR A 14 -2.28 -16.07 -7.26
C THR A 14 -1.32 -16.66 -8.29
N GLN A 15 -0.05 -16.30 -8.19
CA GLN A 15 0.96 -16.80 -9.12
C GLN A 15 2.36 -16.47 -8.61
N LYS A 16 3.37 -16.90 -9.37
CA LYS A 16 4.76 -16.64 -9.00
C LYS A 16 5.28 -15.37 -9.66
N THR A 17 6.51 -15.01 -9.34
CA THR A 17 7.13 -13.81 -9.90
C THR A 17 8.30 -14.17 -10.81
N SER A 18 8.40 -13.47 -11.94
CA SER A 18 9.48 -13.71 -12.89
C SER A 18 10.57 -12.65 -12.77
N LEU A 19 11.75 -12.97 -13.30
CA LEU A 19 12.87 -12.03 -13.26
C LEU A 19 12.50 -10.70 -13.91
N ASP A 20 12.10 -10.76 -15.17
CA ASP A 20 11.72 -9.56 -15.90
C ASP A 20 10.60 -8.82 -15.18
N GLU A 21 10.01 -9.47 -14.19
CA GLU A 21 8.91 -8.87 -13.43
C GLU A 21 9.46 -8.11 -12.22
N ALA A 22 10.17 -8.83 -11.35
CA ALA A 22 10.75 -8.22 -10.15
C ALA A 22 11.34 -6.86 -10.45
N LEU A 23 11.84 -6.69 -11.67
CA LEU A 23 12.43 -5.42 -12.09
C LEU A 23 11.35 -4.36 -12.29
N GLN A 24 10.22 -4.78 -12.85
CA GLN A 24 9.12 -3.86 -13.10
C GLN A 24 8.72 -3.13 -11.83
N TRP A 25 9.03 -3.72 -10.69
CA TRP A 25 8.70 -3.13 -9.39
C TRP A 25 9.57 -1.91 -9.11
N ARG A 26 10.74 -1.86 -9.77
CA ARG A 26 11.66 -0.75 -9.59
C ARG A 26 11.13 0.51 -10.26
N ASP A 27 10.53 0.34 -11.42
CA ASP A 27 9.98 1.47 -12.17
C ASP A 27 8.97 2.25 -11.31
N SER A 28 7.92 1.56 -10.89
CA SER A 28 6.89 2.18 -10.07
C SER A 28 6.51 1.29 -8.88
N LEU A 29 6.57 1.84 -7.68
CA LEU A 29 6.24 1.10 -6.48
C LEU A 29 4.91 0.36 -6.64
N ASP A 30 3.95 1.01 -7.29
CA ASP A 30 2.64 0.42 -7.53
C ASP A 30 2.77 -1.02 -8.00
N LYS A 31 3.55 -1.22 -9.05
CA LYS A 31 3.77 -2.56 -9.61
C LYS A 31 4.10 -3.55 -8.51
N LEU A 32 4.87 -3.11 -7.53
CA LEU A 32 5.26 -3.96 -6.41
C LEU A 32 4.05 -4.32 -5.55
N LEU A 33 3.46 -3.31 -4.92
CA LEU A 33 2.29 -3.52 -4.06
C LEU A 33 1.24 -4.35 -4.77
N GLN A 34 0.99 -4.04 -6.04
CA GLN A 34 0.01 -4.77 -6.83
C GLN A 34 0.30 -6.26 -6.81
N ASN A 35 1.57 -6.62 -7.00
CA ASN A 35 1.98 -8.01 -7.01
C ASN A 35 1.95 -8.60 -5.60
N ASN A 36 1.26 -9.73 -5.45
CA ASN A 36 1.15 -10.39 -4.15
C ASN A 36 2.54 -10.70 -3.59
N TYR A 37 3.35 -11.38 -4.39
CA TYR A 37 4.70 -11.74 -3.96
C TYR A 37 5.49 -10.51 -3.53
N GLY A 38 5.59 -9.53 -4.43
CA GLY A 38 6.32 -8.32 -4.12
C GLY A 38 5.77 -7.61 -2.91
N LEU A 39 4.44 -7.54 -2.80
CA LEU A 39 3.79 -6.89 -1.67
C LEU A 39 4.14 -7.60 -0.36
N ALA A 40 3.77 -8.86 -0.25
CA ALA A 40 4.04 -9.64 0.95
C ALA A 40 5.47 -9.43 1.43
N SER A 41 6.42 -9.53 0.50
CA SER A 41 7.83 -9.36 0.84
C SER A 41 8.13 -7.90 1.19
N PHE A 42 7.57 -6.98 0.41
CA PHE A 42 7.77 -5.55 0.63
C PHE A 42 7.41 -5.18 2.06
N LYS A 43 6.30 -5.71 2.55
CA LYS A 43 5.83 -5.43 3.90
C LYS A 43 6.90 -5.83 4.93
N SER A 44 7.20 -7.12 4.99
CA SER A 44 8.20 -7.62 5.93
C SER A 44 9.40 -6.67 6.02
N PHE A 45 9.87 -6.23 4.86
CA PHE A 45 11.01 -5.32 4.80
C PHE A 45 10.78 -4.11 5.71
N LEU A 46 9.57 -3.59 5.70
CA LEU A 46 9.22 -2.44 6.53
C LEU A 46 9.15 -2.82 8.01
N LYS A 47 8.37 -3.85 8.31
CA LYS A 47 8.23 -4.31 9.69
C LYS A 47 9.57 -4.31 10.40
N SER A 48 10.61 -4.77 9.71
CA SER A 48 11.95 -4.82 10.28
C SER A 48 12.51 -3.41 10.48
N GLU A 49 12.20 -2.52 9.54
CA GLU A 49 12.68 -1.15 9.61
C GLU A 49 11.75 -0.29 10.48
N PHE A 50 10.60 -0.86 10.84
CA PHE A 50 9.64 -0.15 11.67
C PHE A 50 9.00 1.00 10.90
N SER A 51 8.86 0.82 9.59
CA SER A 51 8.27 1.85 8.74
C SER A 51 7.12 1.28 7.91
N GLU A 52 6.43 0.29 8.48
CA GLU A 52 5.31 -0.33 7.80
C GLU A 52 4.09 0.58 7.79
N GLU A 53 4.06 1.52 8.74
CA GLU A 53 2.95 2.46 8.84
C GLU A 53 2.70 3.15 7.50
N ASN A 54 3.76 3.38 6.76
CA ASN A 54 3.66 4.03 5.45
C ASN A 54 2.77 3.22 4.51
N LEU A 55 2.98 1.91 4.49
CA LEU A 55 2.20 1.03 3.64
C LEU A 55 0.77 0.88 4.16
N GLU A 56 0.64 0.66 5.46
CA GLU A 56 -0.68 0.50 6.08
C GLU A 56 -1.66 1.53 5.53
N PHE A 57 -1.31 2.81 5.67
CA PHE A 57 -2.17 3.89 5.18
C PHE A 57 -2.61 3.63 3.75
N TRP A 58 -1.72 3.07 2.95
CA TRP A 58 -2.01 2.77 1.55
C TRP A 58 -3.06 1.68 1.44
N ILE A 59 -2.76 0.51 1.99
CA ILE A 59 -3.68 -0.62 1.95
C ILE A 59 -5.07 -0.21 2.40
N ALA A 60 -5.13 0.55 3.49
CA ALA A 60 -6.41 1.02 4.03
C ALA A 60 -7.16 1.85 3.00
N CYS A 61 -6.45 2.78 2.37
CA CYS A 61 -7.05 3.66 1.35
C CYS A 61 -7.89 2.85 0.38
N GLU A 62 -7.26 1.87 -0.26
CA GLU A 62 -7.95 1.01 -1.23
C GLU A 62 -9.15 0.32 -0.59
N ASP A 63 -9.00 -0.07 0.67
CA ASP A 63 -10.07 -0.75 1.40
C ASP A 63 -11.22 0.22 1.69
N TYR A 64 -10.94 1.51 1.56
CA TYR A 64 -11.94 2.54 1.83
C TYR A 64 -12.68 2.90 0.54
N LYS A 65 -12.00 2.80 -0.59
CA LYS A 65 -12.59 3.12 -1.88
C LYS A 65 -13.74 2.16 -2.20
N LYS A 66 -13.63 0.93 -1.71
CA LYS A 66 -14.65 -0.07 -1.95
C LYS A 66 -15.80 0.07 -0.95
N ILE A 67 -15.89 1.24 -0.33
CA ILE A 67 -16.94 1.51 0.65
C ILE A 67 -18.09 2.28 0.02
N LYS A 68 -19.19 1.58 -0.26
CA LYS A 68 -20.36 2.20 -0.86
C LYS A 68 -21.25 2.84 0.21
N SER A 69 -21.38 2.15 1.34
CA SER A 69 -22.20 2.65 2.43
C SER A 69 -22.01 4.16 2.62
N PRO A 70 -23.12 4.88 2.82
CA PRO A 70 -23.10 6.33 3.02
C PRO A 70 -22.48 6.73 4.35
N ALA A 71 -22.62 5.86 5.34
CA ALA A 71 -22.07 6.12 6.67
C ALA A 71 -20.60 5.72 6.74
N LYS A 72 -20.33 4.43 6.50
CA LYS A 72 -18.97 3.92 6.53
C LYS A 72 -18.02 4.84 5.77
N MET A 73 -18.43 5.24 4.57
CA MET A 73 -17.61 6.12 3.74
C MET A 73 -17.14 7.33 4.53
N ALA A 74 -18.01 7.85 5.40
CA ALA A 74 -17.67 9.00 6.22
C ALA A 74 -16.99 8.58 7.52
N GLU A 75 -17.67 7.74 8.29
CA GLU A 75 -17.13 7.25 9.56
C GLU A 75 -15.73 6.65 9.35
N LYS A 76 -15.65 5.66 8.48
CA LYS A 76 -14.39 4.99 8.20
C LYS A 76 -13.28 6.01 7.94
N ALA A 77 -13.57 7.00 7.10
CA ALA A 77 -12.60 8.04 6.77
C ALA A 77 -11.94 8.58 8.02
N LYS A 78 -12.73 8.86 9.06
CA LYS A 78 -12.21 9.37 10.32
C LYS A 78 -11.37 8.32 11.02
N GLN A 79 -11.80 7.06 10.95
CA GLN A 79 -11.10 5.97 11.59
C GLN A 79 -9.63 5.93 11.14
N ILE A 80 -9.43 5.97 9.82
CA ILE A 80 -8.09 5.93 9.26
C ILE A 80 -7.29 7.18 9.65
N TYR A 81 -8.00 8.28 9.87
CA TYR A 81 -7.37 9.54 10.26
C TYR A 81 -6.94 9.50 11.72
N GLU A 82 -7.84 9.03 12.58
CA GLU A 82 -7.56 8.95 14.01
C GLU A 82 -6.43 7.96 14.28
N GLU A 83 -6.03 7.22 13.24
CA GLU A 83 -4.96 6.23 13.37
C GLU A 83 -3.68 6.73 12.72
N PHE A 84 -3.78 7.16 11.47
CA PHE A 84 -2.62 7.65 10.73
C PHE A 84 -2.63 9.17 10.67
N ILE A 85 -3.73 9.74 10.19
CA ILE A 85 -3.87 11.18 10.07
C ILE A 85 -4.22 11.80 11.43
N GLN A 86 -3.77 11.16 12.50
CA GLN A 86 -4.04 11.65 13.85
C GLN A 86 -2.78 12.27 14.45
N THR A 87 -2.98 13.28 15.31
CA THR A 87 -1.85 13.95 15.96
C THR A 87 -1.01 12.96 16.76
N GLU A 88 0.27 12.87 16.42
CA GLU A 88 1.18 11.98 17.10
C GLU A 88 0.63 10.55 17.13
N ALA A 89 -0.19 10.22 16.13
CA ALA A 89 -0.79 8.90 16.03
C ALA A 89 0.27 7.80 16.19
N PRO A 90 -0.19 6.57 16.45
CA PRO A 90 0.71 5.42 16.62
C PRO A 90 1.39 5.00 15.32
N LYS A 91 0.67 5.17 14.22
CA LYS A 91 1.20 4.81 12.90
C LYS A 91 1.19 6.02 11.97
N GLU A 92 1.06 7.21 12.55
CA GLU A 92 1.04 8.44 11.77
C GLU A 92 2.11 8.41 10.68
N VAL A 93 1.68 8.18 9.44
CA VAL A 93 2.60 8.11 8.30
C VAL A 93 3.38 9.41 8.17
N ASN A 94 4.30 9.44 7.22
CA ASN A 94 5.12 10.63 6.98
C ASN A 94 4.48 11.53 5.94
N ILE A 95 3.77 12.56 6.40
CA ILE A 95 3.12 13.50 5.50
C ILE A 95 3.19 14.92 6.05
N ASP A 96 3.96 15.77 5.36
CA ASP A 96 4.12 17.16 5.77
C ASP A 96 2.77 17.80 6.08
N HIS A 97 2.79 18.90 6.82
CA HIS A 97 1.57 19.60 7.18
C HIS A 97 0.70 19.86 5.95
N PHE A 98 1.34 20.19 4.83
CA PHE A 98 0.62 20.45 3.60
C PHE A 98 -0.40 19.36 3.31
N THR A 99 0.10 18.16 3.00
CA THR A 99 -0.77 17.02 2.71
C THR A 99 -1.64 16.67 3.91
N LYS A 100 -1.00 16.47 5.05
CA LYS A 100 -1.71 16.11 6.28
C LYS A 100 -2.96 16.98 6.45
N ASP A 101 -2.80 18.28 6.24
CA ASP A 101 -3.91 19.21 6.37
C ASP A 101 -4.99 18.91 5.34
N ILE A 102 -4.59 18.66 4.10
CA ILE A 102 -5.52 18.36 3.03
C ILE A 102 -6.57 17.35 3.49
N THR A 103 -6.12 16.14 3.81
CA THR A 103 -7.02 15.08 4.26
C THR A 103 -8.08 15.64 5.21
N MET A 104 -7.64 16.34 6.24
CA MET A 104 -8.55 16.93 7.22
C MET A 104 -9.70 17.64 6.52
N LYS A 105 -9.37 18.60 5.66
CA LYS A 105 -10.37 19.36 4.93
C LYS A 105 -11.22 18.44 4.05
N ASN A 106 -10.72 17.23 3.82
CA ASN A 106 -11.43 16.25 2.99
C ASN A 106 -12.27 15.32 3.86
N LEU A 107 -12.21 15.53 5.17
CA LEU A 107 -12.97 14.70 6.11
C LEU A 107 -14.35 15.28 6.35
N VAL A 108 -14.66 16.38 5.67
CA VAL A 108 -15.96 17.03 5.80
C VAL A 108 -16.97 16.44 4.81
N GLU A 109 -16.53 16.23 3.58
CA GLU A 109 -17.40 15.67 2.55
C GLU A 109 -16.69 14.54 1.81
N PRO A 110 -16.05 13.64 2.57
CA PRO A 110 -15.33 12.50 1.99
C PRO A 110 -16.28 11.46 1.40
N SER A 111 -15.91 10.93 0.24
CA SER A 111 -16.73 9.93 -0.44
C SER A 111 -15.87 8.78 -0.93
N LEU A 112 -15.02 9.05 -1.92
CA LEU A 112 -14.14 8.03 -2.48
C LEU A 112 -12.72 8.56 -2.62
N SER A 113 -12.60 9.79 -3.11
CA SER A 113 -11.29 10.41 -3.30
C SER A 113 -10.85 11.16 -2.05
N SER A 114 -11.43 10.77 -0.91
CA SER A 114 -11.11 11.41 0.36
C SER A 114 -9.60 11.48 0.57
N PHE A 115 -8.95 10.33 0.52
CA PHE A 115 -7.50 10.26 0.70
C PHE A 115 -6.78 10.19 -0.65
N ASP A 116 -7.34 10.88 -1.64
CA ASP A 116 -6.75 10.91 -2.98
C ASP A 116 -5.35 11.51 -2.94
N MET A 117 -5.16 12.49 -2.06
CA MET A 117 -3.86 13.15 -1.95
C MET A 117 -2.95 12.39 -0.99
N ALA A 118 -3.40 12.23 0.25
CA ALA A 118 -2.62 11.52 1.26
C ALA A 118 -2.13 10.18 0.73
N GLN A 119 -2.97 9.53 -0.08
CA GLN A 119 -2.62 8.24 -0.66
C GLN A 119 -1.46 8.37 -1.63
N LYS A 120 -1.62 9.26 -2.61
CA LYS A 120 -0.58 9.49 -3.61
C LYS A 120 0.68 10.05 -2.97
N ARG A 121 0.50 10.80 -1.89
CA ARG A 121 1.63 11.40 -1.19
C ARG A 121 2.53 10.33 -0.58
N ILE A 122 1.95 9.51 0.30
CA ILE A 122 2.69 8.44 0.95
C ILE A 122 3.26 7.46 -0.08
N HIS A 123 2.45 7.15 -1.08
CA HIS A 123 2.88 6.22 -2.13
C HIS A 123 4.15 6.70 -2.80
N ALA A 124 4.26 8.02 -2.99
CA ALA A 124 5.44 8.60 -3.63
C ALA A 124 6.65 8.50 -2.71
N LEU A 125 6.40 8.32 -1.42
CA LEU A 125 7.48 8.22 -0.44
C LEU A 125 7.99 6.78 -0.35
N MET A 126 7.06 5.83 -0.27
CA MET A 126 7.41 4.42 -0.17
C MET A 126 8.05 3.94 -1.47
N GLU A 127 7.98 4.77 -2.51
CA GLU A 127 8.55 4.42 -3.80
C GLU A 127 9.93 5.05 -3.98
N LYS A 128 10.15 6.16 -3.28
CA LYS A 128 11.44 6.86 -3.35
C LYS A 128 12.18 6.77 -2.03
N ASP A 129 11.57 6.11 -1.06
CA ASP A 129 12.18 5.94 0.26
C ASP A 129 12.45 4.48 0.56
N SER A 130 11.37 3.70 0.69
CA SER A 130 11.48 2.28 0.98
C SER A 130 11.81 1.49 -0.28
N LEU A 131 11.00 1.70 -1.32
CA LEU A 131 11.19 1.00 -2.59
C LEU A 131 12.68 0.90 -2.93
N PRO A 132 13.37 2.05 -2.90
CA PRO A 132 14.81 2.11 -3.20
C PRO A 132 15.66 1.44 -2.12
N ARG A 133 15.10 1.33 -0.92
CA ARG A 133 15.80 0.71 0.20
C ARG A 133 15.42 -0.76 0.34
N PHE A 134 14.35 -1.15 -0.35
CA PHE A 134 13.88 -2.53 -0.30
C PHE A 134 14.61 -3.39 -1.32
N VAL A 135 14.88 -2.81 -2.49
CA VAL A 135 15.57 -3.54 -3.56
C VAL A 135 16.98 -3.93 -3.12
N ARG A 136 17.64 -3.04 -2.39
CA ARG A 136 18.99 -3.30 -1.90
C ARG A 136 19.01 -4.46 -0.92
N SER A 137 18.02 -4.51 -0.05
CA SER A 137 17.92 -5.57 0.95
C SER A 137 17.76 -6.93 0.27
N GLU A 138 18.50 -7.91 0.78
CA GLU A 138 18.44 -9.27 0.24
C GLU A 138 17.01 -9.64 -0.17
N PHE A 139 16.06 -9.26 0.67
CA PHE A 139 14.65 -9.55 0.41
C PHE A 139 14.36 -9.50 -1.09
N TYR A 140 14.94 -8.52 -1.77
CA TYR A 140 14.74 -8.35 -3.20
C TYR A 140 15.74 -9.18 -3.99
N GLN A 141 17.01 -9.10 -3.57
CA GLN A 141 18.07 -9.84 -4.25
C GLN A 141 17.68 -11.30 -4.45
N GLU A 142 16.92 -11.84 -3.50
CA GLU A 142 16.47 -13.23 -3.58
C GLU A 142 15.33 -13.37 -4.58
N LEU A 143 14.57 -12.29 -4.77
CA LEU A 143 13.44 -12.31 -5.68
C LEU A 143 13.91 -12.43 -7.13
N ILE A 144 15.05 -11.81 -7.42
CA ILE A 144 15.62 -11.85 -8.77
C ILE A 144 16.72 -12.90 -8.87
N SER A 145 17.55 -12.99 -7.83
CA SER A 145 18.64 -13.96 -7.81
C SER A 145 18.10 -15.39 -7.72
N GLY A 146 16.97 -15.54 -7.04
CA GLY A 146 16.36 -16.85 -6.89
C GLY A 146 16.16 -17.56 -8.22
N PRO A 147 15.50 -18.72 -8.18
CA PRO A 147 15.23 -19.52 -9.39
C PRO A 147 14.21 -18.85 -10.30
N SER A 148 14.70 -18.02 -11.22
CA SER A 148 13.84 -17.31 -12.15
C SER A 148 14.66 -16.53 -13.17
N SER A 149 14.23 -16.56 -14.43
CA SER A 149 14.92 -15.85 -15.50
C SER A 149 14.06 -15.75 -16.75
N GLY A 150 14.29 -14.73 -17.55
CA GLY A 150 13.52 -14.54 -18.76
C GLY A 150 14.02 -13.38 -19.60
N GLY A 1 -4.82 12.81 -21.37
CA GLY A 1 -6.19 12.91 -21.86
C GLY A 1 -7.18 13.15 -20.73
N SER A 2 -8.31 12.46 -20.80
CA SER A 2 -9.35 12.61 -19.79
C SER A 2 -9.62 11.28 -19.09
N SER A 3 -9.96 11.35 -17.81
CA SER A 3 -10.24 10.14 -17.03
C SER A 3 -11.70 9.72 -17.18
N GLY A 4 -11.98 8.48 -16.84
CA GLY A 4 -13.35 7.98 -16.94
C GLY A 4 -13.42 6.66 -17.70
N SER A 5 -13.54 5.57 -16.97
CA SER A 5 -13.61 4.24 -17.58
C SER A 5 -14.67 3.38 -16.89
N SER A 6 -15.13 2.35 -17.59
CA SER A 6 -16.15 1.45 -17.04
C SER A 6 -15.65 0.01 -17.06
N GLY A 7 -16.28 -0.83 -16.24
CA GLY A 7 -15.90 -2.23 -16.19
C GLY A 7 -15.45 -2.66 -14.80
N PRO A 8 -16.15 -3.65 -14.23
CA PRO A 8 -15.84 -4.17 -12.89
C PRO A 8 -14.53 -4.94 -12.86
N GLU A 9 -14.21 -5.50 -11.70
CA GLU A 9 -12.98 -6.27 -11.53
C GLU A 9 -13.26 -7.63 -10.91
N LYS A 10 -12.50 -8.64 -11.32
CA LYS A 10 -12.66 -9.99 -10.80
C LYS A 10 -11.49 -10.37 -9.89
N PRO A 11 -11.81 -11.05 -8.78
CA PRO A 11 -10.80 -11.50 -7.81
C PRO A 11 -9.90 -12.60 -8.37
N ALA A 12 -8.61 -12.32 -8.49
CA ALA A 12 -7.65 -13.28 -9.01
C ALA A 12 -6.44 -13.39 -8.10
N LYS A 13 -5.50 -14.26 -8.46
CA LYS A 13 -4.29 -14.45 -7.68
C LYS A 13 -3.26 -15.27 -8.47
N THR A 14 -2.02 -14.80 -8.46
CA THR A 14 -0.94 -15.47 -9.17
C THR A 14 -0.34 -16.59 -8.32
N GLN A 15 0.70 -17.23 -8.84
CA GLN A 15 1.37 -18.33 -8.14
C GLN A 15 2.85 -18.03 -7.97
N LYS A 16 3.38 -17.15 -8.82
CA LYS A 16 4.80 -16.79 -8.76
C LYS A 16 5.04 -15.46 -9.47
N THR A 17 6.29 -15.01 -9.44
CA THR A 17 6.66 -13.75 -10.08
C THR A 17 7.79 -13.95 -11.07
N SER A 18 7.59 -13.49 -12.30
CA SER A 18 8.61 -13.62 -13.34
C SER A 18 9.76 -12.65 -13.10
N LEU A 19 10.92 -12.97 -13.65
CA LEU A 19 12.10 -12.14 -13.50
C LEU A 19 11.86 -10.74 -14.08
N ASP A 20 11.49 -10.70 -15.36
CA ASP A 20 11.23 -9.43 -16.03
C ASP A 20 10.19 -8.62 -15.27
N GLU A 21 9.48 -9.28 -14.36
CA GLU A 21 8.46 -8.62 -13.56
C GLU A 21 9.05 -8.00 -12.30
N ALA A 22 9.71 -8.82 -11.50
CA ALA A 22 10.34 -8.36 -10.26
C ALA A 22 11.04 -7.02 -10.48
N LEU A 23 11.54 -6.81 -11.68
CA LEU A 23 12.24 -5.58 -12.01
C LEU A 23 11.25 -4.43 -12.22
N GLN A 24 10.11 -4.74 -12.82
CA GLN A 24 9.08 -3.74 -13.06
C GLN A 24 8.68 -3.03 -11.77
N TRP A 25 9.00 -3.66 -10.64
CA TRP A 25 8.68 -3.09 -9.34
C TRP A 25 9.54 -1.88 -9.03
N ARG A 26 10.70 -1.81 -9.69
CA ARG A 26 11.63 -0.69 -9.49
C ARG A 26 11.07 0.58 -10.12
N ASP A 27 10.65 0.48 -11.37
CA ASP A 27 10.10 1.63 -12.09
C ASP A 27 9.07 2.36 -11.23
N SER A 28 8.04 1.63 -10.81
CA SER A 28 6.99 2.22 -10.00
C SER A 28 6.63 1.30 -8.83
N LEU A 29 6.52 1.89 -7.65
CA LEU A 29 6.19 1.13 -6.44
C LEU A 29 4.94 0.30 -6.66
N ASP A 30 3.90 0.93 -7.21
CA ASP A 30 2.64 0.26 -7.47
C ASP A 30 2.87 -1.19 -7.91
N LYS A 31 3.50 -1.35 -9.07
CA LYS A 31 3.78 -2.67 -9.61
C LYS A 31 4.11 -3.65 -8.49
N LEU A 32 4.84 -3.18 -7.48
CA LEU A 32 5.23 -4.01 -6.36
C LEU A 32 4.00 -4.36 -5.50
N LEU A 33 3.37 -3.33 -4.94
CA LEU A 33 2.20 -3.52 -4.10
C LEU A 33 1.15 -4.38 -4.81
N GLN A 34 0.79 -3.97 -6.03
CA GLN A 34 -0.20 -4.69 -6.81
C GLN A 34 0.09 -6.19 -6.80
N ASN A 35 1.37 -6.54 -6.85
CA ASN A 35 1.78 -7.94 -6.84
C ASN A 35 1.89 -8.47 -5.42
N ASN A 36 1.13 -9.52 -5.12
CA ASN A 36 1.14 -10.13 -3.79
C ASN A 36 2.57 -10.46 -3.35
N TYR A 37 3.29 -11.16 -4.22
CA TYR A 37 4.66 -11.55 -3.92
C TYR A 37 5.49 -10.35 -3.49
N GLY A 38 5.59 -9.35 -4.36
CA GLY A 38 6.36 -8.16 -4.05
C GLY A 38 5.86 -7.47 -2.79
N LEU A 39 4.54 -7.38 -2.65
CA LEU A 39 3.94 -6.74 -1.48
C LEU A 39 4.35 -7.44 -0.20
N ALA A 40 3.96 -8.71 -0.08
CA ALA A 40 4.29 -9.51 1.10
C ALA A 40 5.71 -9.20 1.58
N SER A 41 6.67 -9.29 0.67
CA SER A 41 8.07 -9.03 1.00
C SER A 41 8.27 -7.56 1.36
N PHE A 42 7.66 -6.67 0.57
CA PHE A 42 7.78 -5.24 0.81
C PHE A 42 7.41 -4.89 2.25
N LYS A 43 6.37 -5.54 2.76
CA LYS A 43 5.91 -5.31 4.12
C LYS A 43 6.98 -5.69 5.14
N SER A 44 7.31 -6.98 5.16
CA SER A 44 8.32 -7.49 6.09
C SER A 44 9.48 -6.51 6.22
N PHE A 45 9.92 -5.97 5.08
CA PHE A 45 11.03 -5.03 5.06
C PHE A 45 10.76 -3.85 6.00
N LEU A 46 9.63 -3.18 5.77
CA LEU A 46 9.26 -2.03 6.60
C LEU A 46 9.25 -2.41 8.08
N LYS A 47 8.62 -3.52 8.40
CA LYS A 47 8.54 -4.00 9.78
C LYS A 47 9.93 -4.00 10.42
N SER A 48 10.90 -4.56 9.72
CA SER A 48 12.27 -4.65 10.23
C SER A 48 12.89 -3.25 10.31
N GLU A 49 12.23 -2.28 9.69
CA GLU A 49 12.72 -0.91 9.70
C GLU A 49 11.81 0.00 10.52
N PHE A 50 10.75 -0.59 11.07
CA PHE A 50 9.80 0.17 11.88
C PHE A 50 9.11 1.25 11.03
N SER A 51 8.90 0.95 9.76
CA SER A 51 8.25 1.89 8.85
C SER A 51 7.13 1.21 8.08
N GLU A 52 6.44 0.28 8.74
CA GLU A 52 5.34 -0.43 8.11
C GLU A 52 4.06 0.40 8.13
N GLU A 53 4.09 1.50 8.88
CA GLU A 53 2.94 2.39 8.99
C GLU A 53 2.65 3.07 7.64
N ASN A 54 3.71 3.40 6.92
CA ASN A 54 3.56 4.06 5.62
C ASN A 54 2.68 3.22 4.68
N LEU A 55 2.96 1.93 4.61
CA LEU A 55 2.21 1.03 3.75
C LEU A 55 0.79 0.85 4.28
N GLU A 56 0.65 0.72 5.59
CA GLU A 56 -0.66 0.55 6.22
C GLU A 56 -1.64 1.59 5.69
N PHE A 57 -1.25 2.86 5.77
CA PHE A 57 -2.10 3.96 5.31
C PHE A 57 -2.54 3.73 3.87
N TRP A 58 -1.68 3.11 3.07
CA TRP A 58 -1.98 2.83 1.68
C TRP A 58 -3.01 1.71 1.56
N ILE A 59 -2.69 0.55 2.10
CA ILE A 59 -3.59 -0.60 2.05
C ILE A 59 -4.99 -0.21 2.49
N ALA A 60 -5.08 0.52 3.59
CA ALA A 60 -6.37 0.96 4.12
C ALA A 60 -7.12 1.80 3.10
N CYS A 61 -6.42 2.74 2.47
CA CYS A 61 -7.03 3.61 1.46
C CYS A 61 -7.83 2.79 0.45
N GLU A 62 -7.15 1.91 -0.28
CA GLU A 62 -7.80 1.08 -1.27
C GLU A 62 -9.03 0.40 -0.70
N ASP A 63 -8.91 -0.08 0.53
CA ASP A 63 -10.01 -0.76 1.20
C ASP A 63 -11.17 0.22 1.46
N TYR A 64 -10.86 1.50 1.51
CA TYR A 64 -11.86 2.52 1.75
C TYR A 64 -12.53 2.94 0.44
N LYS A 65 -11.81 2.80 -0.66
CA LYS A 65 -12.33 3.16 -1.98
C LYS A 65 -13.42 2.18 -2.41
N LYS A 66 -13.32 0.95 -1.93
CA LYS A 66 -14.31 -0.08 -2.27
C LYS A 66 -15.54 0.03 -1.36
N ILE A 67 -15.61 1.11 -0.61
CA ILE A 67 -16.73 1.33 0.30
C ILE A 67 -17.85 2.11 -0.39
N LYS A 68 -19.06 1.57 -0.33
CA LYS A 68 -20.22 2.21 -0.95
C LYS A 68 -21.15 2.78 0.12
N SER A 69 -21.20 2.13 1.27
CA SER A 69 -22.05 2.58 2.37
C SER A 69 -21.87 4.07 2.62
N PRO A 70 -22.99 4.79 2.77
CA PRO A 70 -22.99 6.23 3.02
C PRO A 70 -22.47 6.57 4.42
N ALA A 71 -22.51 5.60 5.32
CA ALA A 71 -22.04 5.80 6.68
C ALA A 71 -20.58 5.38 6.82
N LYS A 72 -20.22 4.27 6.19
CA LYS A 72 -18.85 3.78 6.25
C LYS A 72 -17.89 4.71 5.51
N MET A 73 -18.26 5.07 4.28
CA MET A 73 -17.43 5.96 3.46
C MET A 73 -17.01 7.18 4.27
N ALA A 74 -17.88 7.62 5.17
CA ALA A 74 -17.60 8.78 6.00
C ALA A 74 -16.92 8.38 7.31
N GLU A 75 -17.60 7.55 8.10
CA GLU A 75 -17.07 7.09 9.37
C GLU A 75 -15.67 6.49 9.19
N LYS A 76 -15.59 5.45 8.35
CA LYS A 76 -14.33 4.78 8.09
C LYS A 76 -13.22 5.80 7.82
N ALA A 77 -13.56 6.85 7.08
CA ALA A 77 -12.60 7.90 6.76
C ALA A 77 -11.94 8.46 8.02
N LYS A 78 -12.77 8.84 8.99
CA LYS A 78 -12.27 9.39 10.25
C LYS A 78 -11.42 8.36 10.99
N GLN A 79 -11.74 7.08 10.80
CA GLN A 79 -11.00 6.01 11.45
C GLN A 79 -9.55 5.99 11.00
N ILE A 80 -9.35 6.04 9.68
CA ILE A 80 -8.00 6.03 9.12
C ILE A 80 -7.22 7.28 9.52
N TYR A 81 -7.95 8.38 9.74
CA TYR A 81 -7.33 9.64 10.13
C TYR A 81 -6.96 9.63 11.61
N GLU A 82 -7.89 9.14 12.44
CA GLU A 82 -7.66 9.07 13.88
C GLU A 82 -6.54 8.08 14.21
N GLU A 83 -6.10 7.34 13.20
CA GLU A 83 -5.04 6.36 13.39
C GLU A 83 -3.73 6.84 12.77
N PHE A 84 -3.78 7.23 11.50
CA PHE A 84 -2.60 7.72 10.80
C PHE A 84 -2.59 9.25 10.74
N ILE A 85 -3.69 9.82 10.25
CA ILE A 85 -3.80 11.28 10.15
C ILE A 85 -4.18 11.89 11.49
N GLN A 86 -3.81 11.23 12.57
CA GLN A 86 -4.11 11.71 13.91
C GLN A 86 -2.87 12.26 14.59
N THR A 87 -3.05 13.25 15.45
CA THR A 87 -1.94 13.86 16.17
C THR A 87 -1.13 12.82 16.94
N GLU A 88 0.18 12.84 16.74
CA GLU A 88 1.07 11.90 17.41
C GLU A 88 0.47 10.50 17.41
N ALA A 89 -0.22 10.15 16.33
CA ALA A 89 -0.85 8.84 16.21
C ALA A 89 0.18 7.72 16.41
N PRO A 90 -0.32 6.50 16.64
CA PRO A 90 0.53 5.33 16.86
C PRO A 90 1.25 4.89 15.59
N LYS A 91 0.58 5.06 14.45
CA LYS A 91 1.15 4.68 13.17
C LYS A 91 1.22 5.89 12.23
N GLU A 92 1.23 7.09 12.81
CA GLU A 92 1.29 8.31 12.03
C GLU A 92 2.26 8.15 10.86
N VAL A 93 1.80 8.51 9.67
CA VAL A 93 2.62 8.42 8.46
C VAL A 93 3.41 9.70 8.24
N ASN A 94 4.25 9.69 7.22
CA ASN A 94 5.07 10.85 6.89
C ASN A 94 4.38 11.73 5.86
N ILE A 95 3.72 12.78 6.34
CA ILE A 95 3.02 13.71 5.46
C ILE A 95 3.16 15.15 5.94
N ASP A 96 3.87 15.96 5.18
CA ASP A 96 4.08 17.36 5.53
C ASP A 96 2.75 18.05 5.82
N HIS A 97 2.77 18.99 6.75
CA HIS A 97 1.57 19.73 7.13
C HIS A 97 0.65 19.93 5.92
N PHE A 98 1.26 20.26 4.78
CA PHE A 98 0.50 20.49 3.56
C PHE A 98 -0.51 19.36 3.33
N THR A 99 0.00 18.16 3.10
CA THR A 99 -0.86 17.00 2.86
C THR A 99 -1.69 16.68 4.10
N LYS A 100 -1.01 16.45 5.23
CA LYS A 100 -1.69 16.12 6.47
C LYS A 100 -2.90 17.03 6.68
N ASP A 101 -2.84 18.23 6.13
CA ASP A 101 -3.94 19.19 6.25
C ASP A 101 -5.03 18.90 5.23
N ILE A 102 -4.62 18.59 4.01
CA ILE A 102 -5.56 18.29 2.94
C ILE A 102 -6.59 17.25 3.39
N THR A 103 -6.11 16.10 3.85
CA THR A 103 -6.99 15.04 4.31
C THR A 103 -8.06 15.57 5.26
N MET A 104 -7.62 16.38 6.23
CA MET A 104 -8.55 16.96 7.20
C MET A 104 -9.73 17.63 6.51
N LYS A 105 -9.42 18.55 5.59
CA LYS A 105 -10.45 19.27 4.85
C LYS A 105 -11.26 18.32 3.99
N ASN A 106 -10.68 17.15 3.69
CA ASN A 106 -11.35 16.16 2.87
C ASN A 106 -12.16 15.20 3.73
N LEU A 107 -12.22 15.47 5.03
CA LEU A 107 -12.96 14.64 5.97
C LEU A 107 -14.39 15.13 6.11
N VAL A 108 -14.70 16.24 5.46
CA VAL A 108 -16.04 16.81 5.51
C VAL A 108 -17.00 16.07 4.60
N GLU A 109 -16.70 16.07 3.30
CA GLU A 109 -17.54 15.39 2.31
C GLU A 109 -16.75 14.28 1.62
N PRO A 110 -16.10 13.42 2.42
CA PRO A 110 -15.31 12.30 1.89
C PRO A 110 -16.19 11.21 1.28
N SER A 111 -15.83 10.79 0.08
CA SER A 111 -16.58 9.75 -0.62
C SER A 111 -15.65 8.65 -1.12
N LEU A 112 -14.81 8.97 -2.09
CA LEU A 112 -13.87 8.01 -2.66
C LEU A 112 -12.48 8.61 -2.77
N SER A 113 -12.41 9.85 -3.26
CA SER A 113 -11.13 10.53 -3.42
C SER A 113 -10.78 11.33 -2.16
N SER A 114 -11.36 10.93 -1.04
CA SER A 114 -11.11 11.61 0.23
C SER A 114 -9.64 11.53 0.61
N PHE A 115 -9.02 10.38 0.34
CA PHE A 115 -7.61 10.18 0.66
C PHE A 115 -6.79 10.08 -0.62
N ASP A 116 -7.11 10.92 -1.60
CA ASP A 116 -6.40 10.93 -2.87
C ASP A 116 -5.01 11.55 -2.71
N MET A 117 -4.95 12.68 -2.02
CA MET A 117 -3.69 13.37 -1.80
C MET A 117 -2.80 12.58 -0.85
N ALA A 118 -3.27 12.39 0.37
CA ALA A 118 -2.51 11.65 1.38
C ALA A 118 -1.99 10.33 0.80
N GLN A 119 -2.86 9.62 0.09
CA GLN A 119 -2.49 8.34 -0.50
C GLN A 119 -1.30 8.51 -1.46
N LYS A 120 -1.48 9.36 -2.47
CA LYS A 120 -0.43 9.61 -3.45
C LYS A 120 0.81 10.18 -2.78
N ARG A 121 0.60 10.91 -1.68
CA ARG A 121 1.71 11.52 -0.94
C ARG A 121 2.59 10.45 -0.31
N ILE A 122 1.98 9.54 0.43
CA ILE A 122 2.71 8.47 1.09
C ILE A 122 3.23 7.46 0.08
N HIS A 123 2.41 7.14 -0.91
CA HIS A 123 2.79 6.19 -1.94
C HIS A 123 4.07 6.61 -2.64
N ALA A 124 4.24 7.93 -2.80
CA ALA A 124 5.42 8.48 -3.44
C ALA A 124 6.65 8.38 -2.53
N LEU A 125 6.39 8.23 -1.24
CA LEU A 125 7.47 8.12 -0.26
C LEU A 125 7.99 6.69 -0.16
N MET A 126 7.06 5.74 -0.12
CA MET A 126 7.42 4.33 -0.04
C MET A 126 7.98 3.82 -1.36
N GLU A 127 7.86 4.66 -2.40
CA GLU A 127 8.35 4.29 -3.72
C GLU A 127 9.74 4.90 -3.97
N LYS A 128 10.01 6.02 -3.31
CA LYS A 128 11.29 6.69 -3.46
C LYS A 128 12.11 6.59 -2.18
N ASP A 129 11.52 6.00 -1.14
CA ASP A 129 12.20 5.83 0.14
C ASP A 129 12.46 4.35 0.43
N SER A 130 11.39 3.60 0.63
CA SER A 130 11.50 2.17 0.92
C SER A 130 11.77 1.38 -0.35
N LEU A 131 10.90 1.53 -1.34
CA LEU A 131 11.05 0.83 -2.61
C LEU A 131 12.52 0.68 -2.98
N PRO A 132 13.24 1.81 -3.01
CA PRO A 132 14.67 1.83 -3.35
C PRO A 132 15.53 1.19 -2.27
N ARG A 133 15.04 1.22 -1.03
CA ARG A 133 15.77 0.65 0.10
C ARG A 133 15.40 -0.82 0.28
N PHE A 134 14.33 -1.25 -0.39
CA PHE A 134 13.88 -2.64 -0.29
C PHE A 134 14.60 -3.52 -1.31
N VAL A 135 14.86 -2.95 -2.49
CA VAL A 135 15.54 -3.68 -3.55
C VAL A 135 16.95 -4.08 -3.12
N ARG A 136 17.64 -3.19 -2.42
CA ARG A 136 18.99 -3.45 -1.96
C ARG A 136 19.00 -4.60 -0.96
N SER A 137 17.89 -4.77 -0.25
CA SER A 137 17.77 -5.83 0.75
C SER A 137 17.63 -7.19 0.08
N GLU A 138 18.32 -8.19 0.62
CA GLU A 138 18.26 -9.54 0.07
C GLU A 138 16.84 -9.89 -0.37
N PHE A 139 15.88 -9.69 0.52
CA PHE A 139 14.49 -9.99 0.22
C PHE A 139 14.20 -9.80 -1.27
N TYR A 140 14.80 -8.76 -1.85
CA TYR A 140 14.60 -8.47 -3.27
C TYR A 140 15.60 -9.24 -4.12
N GLN A 141 16.88 -9.08 -3.80
CA GLN A 141 17.94 -9.77 -4.54
C GLN A 141 17.57 -11.21 -4.82
N GLU A 142 16.82 -11.82 -3.90
CA GLU A 142 16.39 -13.21 -4.05
C GLU A 142 15.26 -13.32 -5.06
N LEU A 143 14.43 -12.28 -5.14
CA LEU A 143 13.30 -12.27 -6.06
C LEU A 143 13.78 -12.48 -7.50
N ILE A 144 14.99 -12.03 -7.80
CA ILE A 144 15.55 -12.17 -9.13
C ILE A 144 16.70 -13.17 -9.13
N SER A 145 17.48 -13.18 -8.05
CA SER A 145 18.62 -14.08 -7.92
C SER A 145 18.15 -15.54 -7.93
N GLY A 146 16.95 -15.77 -7.41
CA GLY A 146 16.42 -17.12 -7.37
C GLY A 146 16.34 -17.76 -8.75
N PRO A 147 15.87 -19.01 -8.80
CA PRO A 147 15.73 -19.75 -10.06
C PRO A 147 14.63 -19.19 -10.95
N SER A 148 15.03 -18.54 -12.04
CA SER A 148 14.07 -17.96 -12.97
C SER A 148 14.68 -17.82 -14.36
N SER A 149 13.89 -17.30 -15.30
CA SER A 149 14.36 -17.11 -16.67
C SER A 149 14.34 -15.64 -17.06
N GLY A 150 15.19 -15.28 -18.02
CA GLY A 150 15.26 -13.90 -18.47
C GLY A 150 14.44 -13.65 -19.71
N GLY A 1 -41.97 -24.32 15.02
CA GLY A 1 -41.15 -24.88 13.97
C GLY A 1 -39.67 -24.81 14.28
N SER A 2 -38.85 -25.35 13.39
CA SER A 2 -37.41 -25.35 13.58
C SER A 2 -36.69 -25.70 12.28
N SER A 3 -35.48 -25.16 12.12
CA SER A 3 -34.69 -25.42 10.91
C SER A 3 -33.25 -24.96 11.12
N GLY A 4 -32.41 -25.22 10.12
CA GLY A 4 -31.02 -24.83 10.19
C GLY A 4 -30.22 -25.27 8.98
N SER A 5 -29.01 -24.74 8.85
CA SER A 5 -28.15 -25.07 7.73
C SER A 5 -26.73 -24.59 7.96
N SER A 6 -25.84 -24.87 7.01
CA SER A 6 -24.45 -24.45 7.11
C SER A 6 -23.75 -24.51 5.75
N GLY A 7 -22.48 -24.13 5.72
CA GLY A 7 -21.73 -24.14 4.48
C GLY A 7 -20.23 -24.24 4.71
N PRO A 8 -19.59 -25.17 4.00
CA PRO A 8 -18.14 -25.38 4.10
C PRO A 8 -17.33 -24.23 3.52
N GLU A 9 -16.02 -24.42 3.41
CA GLU A 9 -15.15 -23.39 2.87
C GLU A 9 -14.27 -23.95 1.75
N LYS A 10 -13.47 -23.08 1.15
CA LYS A 10 -12.59 -23.50 0.06
C LYS A 10 -11.16 -23.03 0.32
N PRO A 11 -10.18 -23.77 -0.24
CA PRO A 11 -8.76 -23.45 -0.08
C PRO A 11 -8.36 -22.19 -0.84
N ALA A 12 -7.06 -21.92 -0.90
CA ALA A 12 -6.56 -20.75 -1.60
C ALA A 12 -5.56 -21.14 -2.69
N LYS A 13 -5.03 -20.15 -3.39
CA LYS A 13 -4.06 -20.38 -4.45
C LYS A 13 -2.72 -19.74 -4.12
N THR A 14 -1.76 -19.90 -5.02
CA THR A 14 -0.42 -19.34 -4.82
C THR A 14 -0.14 -18.24 -5.84
N GLN A 15 1.03 -17.61 -5.70
CA GLN A 15 1.43 -16.55 -6.61
C GLN A 15 2.85 -16.75 -7.12
N LYS A 16 3.15 -16.18 -8.27
CA LYS A 16 4.49 -16.31 -8.87
C LYS A 16 4.92 -15.00 -9.51
N THR A 17 6.19 -14.93 -9.90
CA THR A 17 6.74 -13.73 -10.52
C THR A 17 7.91 -14.06 -11.41
N SER A 18 8.01 -13.37 -12.55
CA SER A 18 9.10 -13.60 -13.49
C SER A 18 10.24 -12.61 -13.26
N LEU A 19 11.45 -13.03 -13.62
CA LEU A 19 12.63 -12.20 -13.44
C LEU A 19 12.41 -10.81 -14.03
N ASP A 20 12.11 -10.76 -15.32
CA ASP A 20 11.87 -9.50 -16.02
C ASP A 20 10.79 -8.69 -15.31
N GLU A 21 10.00 -9.38 -14.47
CA GLU A 21 8.92 -8.72 -13.74
C GLU A 21 9.45 -8.07 -12.46
N ALA A 22 10.05 -8.88 -11.60
CA ALA A 22 10.60 -8.39 -10.35
C ALA A 22 11.31 -7.05 -10.54
N LEU A 23 11.89 -6.87 -11.72
CA LEU A 23 12.60 -5.63 -12.04
C LEU A 23 11.62 -4.49 -12.31
N GLN A 24 10.51 -4.81 -12.97
CA GLN A 24 9.50 -3.81 -13.28
C GLN A 24 9.01 -3.12 -12.02
N TRP A 25 9.31 -3.71 -10.86
CA TRP A 25 8.89 -3.15 -9.59
C TRP A 25 9.75 -1.94 -9.23
N ARG A 26 10.94 -1.87 -9.80
CA ARG A 26 11.85 -0.76 -9.54
C ARG A 26 11.36 0.53 -10.20
N ASP A 27 10.74 0.38 -11.37
CA ASP A 27 10.22 1.52 -12.10
C ASP A 27 9.16 2.26 -11.29
N SER A 28 8.12 1.52 -10.87
CA SER A 28 7.04 2.11 -10.09
C SER A 28 6.68 1.20 -8.92
N LEU A 29 6.63 1.78 -7.73
CA LEU A 29 6.29 1.03 -6.52
C LEU A 29 4.99 0.25 -6.71
N ASP A 30 4.03 0.87 -7.38
CA ASP A 30 2.74 0.24 -7.63
C ASP A 30 2.93 -1.19 -8.11
N LYS A 31 3.69 -1.36 -9.19
CA LYS A 31 3.94 -2.67 -9.75
C LYS A 31 4.31 -3.67 -8.66
N LEU A 32 4.98 -3.19 -7.62
CA LEU A 32 5.38 -4.04 -6.50
C LEU A 32 4.18 -4.44 -5.66
N LEU A 33 3.48 -3.43 -5.14
CA LEU A 33 2.30 -3.67 -4.30
C LEU A 33 1.30 -4.56 -5.03
N GLN A 34 0.94 -4.17 -6.24
CA GLN A 34 -0.02 -4.94 -7.03
C GLN A 34 0.31 -6.43 -6.99
N ASN A 35 1.60 -6.75 -7.06
CA ASN A 35 2.05 -8.13 -7.02
C ASN A 35 2.08 -8.66 -5.59
N ASN A 36 1.25 -9.67 -5.32
CA ASN A 36 1.18 -10.26 -3.99
C ASN A 36 2.58 -10.58 -3.47
N TYR A 37 3.39 -11.23 -4.31
CA TYR A 37 4.75 -11.60 -3.93
C TYR A 37 5.53 -10.38 -3.48
N GLY A 38 5.70 -9.41 -4.38
CA GLY A 38 6.42 -8.20 -4.06
C GLY A 38 5.88 -7.51 -2.83
N LEU A 39 4.56 -7.44 -2.73
CA LEU A 39 3.92 -6.79 -1.59
C LEU A 39 4.32 -7.46 -0.28
N ALA A 40 3.95 -8.73 -0.13
CA ALA A 40 4.27 -9.49 1.07
C ALA A 40 5.69 -9.19 1.54
N SER A 41 6.66 -9.35 0.63
CA SER A 41 8.06 -9.10 0.96
C SER A 41 8.29 -7.63 1.26
N PHE A 42 7.61 -6.76 0.52
CA PHE A 42 7.74 -5.32 0.70
C PHE A 42 7.36 -4.91 2.13
N LYS A 43 6.36 -5.58 2.68
CA LYS A 43 5.89 -5.30 4.03
C LYS A 43 6.96 -5.67 5.05
N SER A 44 7.26 -6.96 5.15
CA SER A 44 8.26 -7.43 6.10
C SER A 44 9.48 -6.51 6.12
N PHE A 45 9.89 -6.06 4.94
CA PHE A 45 11.04 -5.17 4.82
C PHE A 45 10.86 -3.93 5.68
N LEU A 46 9.63 -3.39 5.69
CA LEU A 46 9.34 -2.21 6.48
C LEU A 46 9.26 -2.53 7.96
N LYS A 47 8.51 -3.57 8.31
CA LYS A 47 8.36 -3.99 9.69
C LYS A 47 9.69 -3.93 10.43
N SER A 48 10.76 -4.30 9.73
CA SER A 48 12.10 -4.30 10.32
C SER A 48 12.57 -2.86 10.55
N GLU A 49 12.19 -1.96 9.66
CA GLU A 49 12.57 -0.56 9.76
C GLU A 49 11.49 0.25 10.46
N PHE A 50 10.56 -0.45 11.10
CA PHE A 50 9.46 0.21 11.82
C PHE A 50 8.83 1.29 10.96
N SER A 51 8.84 1.09 9.64
CA SER A 51 8.27 2.04 8.71
C SER A 51 7.13 1.42 7.90
N GLU A 52 6.49 0.43 8.49
CA GLU A 52 5.38 -0.26 7.83
C GLU A 52 4.12 0.60 7.83
N GLU A 53 4.02 1.49 8.82
CA GLU A 53 2.87 2.37 8.93
C GLU A 53 2.58 3.06 7.59
N ASN A 54 3.65 3.41 6.88
CA ASN A 54 3.51 4.08 5.59
C ASN A 54 2.62 3.27 4.64
N LEU A 55 2.89 1.96 4.57
CA LEU A 55 2.12 1.08 3.71
C LEU A 55 0.69 0.94 4.21
N GLU A 56 0.54 0.65 5.50
CA GLU A 56 -0.78 0.49 6.10
C GLU A 56 -1.74 1.54 5.58
N PHE A 57 -1.32 2.80 5.61
CA PHE A 57 -2.14 3.90 5.14
C PHE A 57 -2.62 3.66 3.72
N TRP A 58 -1.76 3.03 2.91
CA TRP A 58 -2.09 2.73 1.53
C TRP A 58 -3.13 1.62 1.44
N ILE A 59 -2.76 0.42 1.90
CA ILE A 59 -3.65 -0.73 1.87
C ILE A 59 -5.05 -0.34 2.34
N ALA A 60 -5.11 0.47 3.41
CA ALA A 60 -6.38 0.91 3.95
C ALA A 60 -7.15 1.76 2.95
N CYS A 61 -6.50 2.79 2.42
CA CYS A 61 -7.11 3.68 1.45
C CYS A 61 -7.96 2.90 0.46
N GLU A 62 -7.33 1.93 -0.22
CA GLU A 62 -8.03 1.12 -1.20
C GLU A 62 -9.25 0.45 -0.58
N ASP A 63 -9.11 0.01 0.66
CA ASP A 63 -10.20 -0.65 1.36
C ASP A 63 -11.34 0.34 1.65
N TYR A 64 -11.01 1.62 1.62
CA TYR A 64 -12.00 2.67 1.88
C TYR A 64 -12.75 3.04 0.59
N LYS A 65 -12.08 2.87 -0.54
CA LYS A 65 -12.67 3.19 -1.83
C LYS A 65 -13.78 2.21 -2.17
N LYS A 66 -13.62 0.96 -1.75
CA LYS A 66 -14.60 -0.08 -2.01
C LYS A 66 -15.83 0.10 -1.11
N ILE A 67 -15.82 1.16 -0.31
CA ILE A 67 -16.93 1.44 0.60
C ILE A 67 -17.99 2.30 -0.07
N LYS A 68 -19.17 1.73 -0.27
CA LYS A 68 -20.27 2.44 -0.91
C LYS A 68 -21.21 3.03 0.15
N SER A 69 -21.30 2.36 1.29
CA SER A 69 -22.16 2.82 2.38
C SER A 69 -21.99 4.32 2.62
N PRO A 70 -23.11 5.02 2.85
CA PRO A 70 -23.10 6.45 3.10
C PRO A 70 -22.49 6.81 4.45
N ALA A 71 -22.67 5.93 5.43
CA ALA A 71 -22.13 6.14 6.77
C ALA A 71 -20.68 5.73 6.85
N LYS A 72 -20.40 4.48 6.46
CA LYS A 72 -19.03 3.97 6.49
C LYS A 72 -18.08 4.89 5.75
N MET A 73 -18.41 5.22 4.51
CA MET A 73 -17.58 6.11 3.70
C MET A 73 -17.14 7.33 4.50
N ALA A 74 -18.00 7.76 5.43
CA ALA A 74 -17.68 8.91 6.27
C ALA A 74 -16.98 8.48 7.55
N GLU A 75 -17.68 7.70 8.37
CA GLU A 75 -17.12 7.23 9.64
C GLU A 75 -15.75 6.60 9.41
N LYS A 76 -15.70 5.60 8.55
CA LYS A 76 -14.44 4.91 8.24
C LYS A 76 -13.33 5.92 7.93
N ALA A 77 -13.67 6.94 7.15
CA ALA A 77 -12.70 7.96 6.79
C ALA A 77 -12.03 8.55 8.03
N LYS A 78 -12.81 8.76 9.07
CA LYS A 78 -12.28 9.32 10.31
C LYS A 78 -11.37 8.32 11.01
N GLN A 79 -11.71 7.04 10.94
CA GLN A 79 -10.92 5.99 11.56
C GLN A 79 -9.48 6.05 11.08
N ILE A 80 -9.29 5.97 9.77
CA ILE A 80 -7.96 6.02 9.18
C ILE A 80 -7.23 7.29 9.57
N TYR A 81 -7.99 8.32 9.93
CA TYR A 81 -7.42 9.60 10.33
C TYR A 81 -7.01 9.59 11.80
N GLU A 82 -7.87 9.02 12.63
CA GLU A 82 -7.61 8.94 14.06
C GLU A 82 -6.48 7.96 14.35
N GLU A 83 -6.07 7.21 13.33
CA GLU A 83 -5.01 6.22 13.48
C GLU A 83 -3.71 6.74 12.86
N PHE A 84 -3.81 7.27 11.64
CA PHE A 84 -2.65 7.80 10.94
C PHE A 84 -2.66 9.32 10.93
N ILE A 85 -3.75 9.89 10.43
CA ILE A 85 -3.89 11.35 10.37
C ILE A 85 -4.23 11.93 11.74
N GLN A 86 -3.84 11.22 12.79
CA GLN A 86 -4.10 11.66 14.15
C GLN A 86 -2.83 12.18 14.81
N THR A 87 -2.97 13.24 15.61
CA THR A 87 -1.82 13.83 16.30
C THR A 87 -1.02 12.76 17.03
N GLU A 88 0.29 12.76 16.81
CA GLU A 88 1.19 11.80 17.44
C GLU A 88 0.63 10.39 17.33
N ALA A 89 -0.11 10.14 16.25
CA ALA A 89 -0.70 8.83 16.01
C ALA A 89 0.34 7.73 16.14
N PRO A 90 -0.12 6.49 16.39
CA PRO A 90 0.76 5.33 16.54
C PRO A 90 1.41 4.91 15.23
N LYS A 91 0.71 5.18 14.12
CA LYS A 91 1.23 4.85 12.80
C LYS A 91 1.31 6.08 11.91
N GLU A 92 1.25 7.26 12.54
CA GLU A 92 1.31 8.51 11.81
C GLU A 92 2.33 8.43 10.66
N VAL A 93 1.83 8.28 9.44
CA VAL A 93 2.70 8.18 8.28
C VAL A 93 3.51 9.46 8.09
N ASN A 94 4.33 9.48 7.05
CA ASN A 94 5.17 10.64 6.76
C ASN A 94 4.48 11.58 5.76
N ILE A 95 3.84 12.61 6.29
CA ILE A 95 3.15 13.58 5.45
C ILE A 95 3.23 14.98 6.05
N ASP A 96 3.93 15.88 5.38
CA ASP A 96 4.08 17.25 5.84
C ASP A 96 2.72 17.86 6.17
N HIS A 97 2.73 18.87 7.03
CA HIS A 97 1.48 19.54 7.43
C HIS A 97 0.63 19.85 6.20
N PHE A 98 1.28 20.22 5.11
CA PHE A 98 0.57 20.54 3.88
C PHE A 98 -0.43 19.45 3.51
N THR A 99 0.10 18.28 3.13
CA THR A 99 -0.73 17.15 2.75
C THR A 99 -1.63 16.72 3.91
N LYS A 100 -1.04 16.55 5.08
CA LYS A 100 -1.78 16.15 6.26
C LYS A 100 -3.06 16.98 6.41
N ASP A 101 -2.91 18.29 6.35
CA ASP A 101 -4.06 19.19 6.47
C ASP A 101 -5.13 18.86 5.44
N ILE A 102 -4.70 18.67 4.19
CA ILE A 102 -5.62 18.35 3.12
C ILE A 102 -6.65 17.31 3.55
N THR A 103 -6.16 16.11 3.88
CA THR A 103 -7.05 15.03 4.32
C THR A 103 -8.09 15.54 5.30
N MET A 104 -7.65 16.28 6.30
CA MET A 104 -8.55 16.83 7.31
C MET A 104 -9.72 17.55 6.65
N LYS A 105 -9.41 18.51 5.80
CA LYS A 105 -10.43 19.28 5.09
C LYS A 105 -11.26 18.38 4.19
N ASN A 106 -10.72 17.21 3.87
CA ASN A 106 -11.42 16.26 3.01
C ASN A 106 -12.23 15.27 3.84
N LEU A 107 -12.25 15.48 5.15
CA LEU A 107 -12.97 14.61 6.06
C LEU A 107 -14.40 15.10 6.25
N VAL A 108 -14.73 16.24 5.64
CA VAL A 108 -16.06 16.80 5.75
C VAL A 108 -17.05 16.06 4.84
N GLU A 109 -16.78 16.07 3.54
CA GLU A 109 -17.64 15.39 2.59
C GLU A 109 -16.87 14.34 1.81
N PRO A 110 -16.16 13.46 2.54
CA PRO A 110 -15.37 12.38 1.94
C PRO A 110 -16.23 11.31 1.31
N SER A 111 -15.87 10.89 0.09
CA SER A 111 -16.61 9.86 -0.61
C SER A 111 -15.69 8.76 -1.10
N LEU A 112 -14.86 9.06 -2.09
CA LEU A 112 -13.93 8.10 -2.64
C LEU A 112 -12.53 8.69 -2.74
N SER A 113 -12.45 9.92 -3.24
CA SER A 113 -11.17 10.61 -3.39
C SER A 113 -10.76 11.30 -2.09
N SER A 114 -11.34 10.86 -0.98
CA SER A 114 -11.05 11.44 0.32
C SER A 114 -9.54 11.56 0.53
N PHE A 115 -8.85 10.43 0.50
CA PHE A 115 -7.40 10.41 0.70
C PHE A 115 -6.68 10.35 -0.65
N ASP A 116 -7.27 11.00 -1.65
CA ASP A 116 -6.67 11.03 -2.99
C ASP A 116 -5.28 11.63 -2.95
N MET A 117 -5.09 12.62 -2.09
CA MET A 117 -3.79 13.28 -1.95
C MET A 117 -2.88 12.50 -1.01
N ALA A 118 -3.36 12.26 0.21
CA ALA A 118 -2.59 11.53 1.20
C ALA A 118 -2.12 10.19 0.65
N GLN A 119 -2.99 9.51 -0.08
CA GLN A 119 -2.65 8.21 -0.67
C GLN A 119 -1.49 8.34 -1.63
N LYS A 120 -1.62 9.24 -2.61
CA LYS A 120 -0.57 9.45 -3.60
C LYS A 120 0.68 10.03 -2.95
N ARG A 121 0.49 10.80 -1.88
CA ARG A 121 1.61 11.40 -1.17
C ARG A 121 2.50 10.33 -0.54
N ILE A 122 1.89 9.43 0.21
CA ILE A 122 2.63 8.35 0.87
C ILE A 122 3.18 7.37 -0.15
N HIS A 123 2.37 7.02 -1.14
CA HIS A 123 2.78 6.09 -2.18
C HIS A 123 4.05 6.58 -2.88
N ALA A 124 4.11 7.89 -3.12
CA ALA A 124 5.27 8.48 -3.77
C ALA A 124 6.51 8.39 -2.89
N LEU A 125 6.29 8.20 -1.60
CA LEU A 125 7.40 8.11 -0.64
C LEU A 125 7.92 6.67 -0.56
N MET A 126 7.02 5.73 -0.29
CA MET A 126 7.39 4.31 -0.19
C MET A 126 7.97 3.82 -1.51
N GLU A 127 7.87 4.64 -2.55
CA GLU A 127 8.39 4.28 -3.87
C GLU A 127 9.75 4.92 -4.11
N LYS A 128 10.01 6.02 -3.39
CA LYS A 128 11.28 6.73 -3.54
C LYS A 128 12.13 6.55 -2.29
N ASP A 129 11.56 5.94 -1.26
CA ASP A 129 12.28 5.72 -0.01
C ASP A 129 12.40 4.22 0.29
N SER A 130 11.26 3.58 0.53
CA SER A 130 11.23 2.16 0.84
C SER A 130 11.54 1.33 -0.41
N LEU A 131 10.84 1.63 -1.49
CA LEU A 131 11.03 0.91 -2.75
C LEU A 131 12.53 0.76 -3.06
N PRO A 132 13.24 1.89 -3.09
CA PRO A 132 14.68 1.91 -3.37
C PRO A 132 15.50 1.31 -2.24
N ARG A 133 14.93 1.30 -1.03
CA ARG A 133 15.61 0.77 0.14
C ARG A 133 15.26 -0.71 0.32
N PHE A 134 14.22 -1.16 -0.38
CA PHE A 134 13.78 -2.55 -0.28
C PHE A 134 14.58 -3.44 -1.23
N VAL A 135 14.88 -2.92 -2.41
CA VAL A 135 15.63 -3.66 -3.40
C VAL A 135 17.05 -3.95 -2.92
N ARG A 136 17.47 -3.22 -1.89
CA ARG A 136 18.81 -3.40 -1.33
C ARG A 136 18.86 -4.62 -0.42
N SER A 137 17.80 -4.82 0.35
CA SER A 137 17.73 -5.95 1.27
C SER A 137 17.60 -7.26 0.50
N GLU A 138 18.40 -8.26 0.90
CA GLU A 138 18.37 -9.56 0.25
C GLU A 138 16.96 -9.91 -0.19
N PHE A 139 15.99 -9.64 0.67
CA PHE A 139 14.58 -9.93 0.37
C PHE A 139 14.31 -9.80 -1.13
N TYR A 140 14.85 -8.75 -1.72
CA TYR A 140 14.66 -8.50 -3.15
C TYR A 140 15.68 -9.30 -3.98
N GLN A 141 16.96 -9.13 -3.65
CA GLN A 141 18.02 -9.83 -4.36
C GLN A 141 17.63 -11.27 -4.65
N GLU A 142 16.87 -11.87 -3.73
CA GLU A 142 16.43 -13.25 -3.89
C GLU A 142 15.32 -13.35 -4.93
N LEU A 143 14.46 -12.33 -4.97
CA LEU A 143 13.36 -12.31 -5.92
C LEU A 143 13.85 -12.54 -7.34
N ILE A 144 15.04 -12.03 -7.64
CA ILE A 144 15.62 -12.19 -8.97
C ILE A 144 16.75 -13.21 -8.95
N SER A 145 17.48 -13.27 -7.84
CA SER A 145 18.60 -14.20 -7.71
C SER A 145 18.10 -15.63 -7.65
N GLY A 146 17.33 -15.95 -6.61
CA GLY A 146 16.80 -17.30 -6.46
C GLY A 146 17.75 -18.36 -6.98
N PRO A 147 17.19 -19.45 -7.51
CA PRO A 147 17.97 -20.56 -8.06
C PRO A 147 18.67 -20.19 -9.36
N SER A 148 19.39 -21.15 -9.93
CA SER A 148 20.12 -20.91 -11.18
C SER A 148 19.36 -19.95 -12.08
N SER A 149 20.03 -18.87 -12.48
CA SER A 149 19.42 -17.87 -13.34
C SER A 149 20.46 -16.87 -13.83
N GLY A 150 20.48 -16.62 -15.13
CA GLY A 150 21.42 -15.68 -15.70
C GLY A 150 20.78 -14.35 -16.05
N GLY A 1 -19.26 -36.74 -15.17
CA GLY A 1 -18.55 -35.48 -15.16
C GLY A 1 -18.42 -34.89 -13.77
N SER A 2 -17.32 -35.21 -13.09
CA SER A 2 -17.09 -34.71 -11.73
C SER A 2 -15.86 -33.80 -11.70
N SER A 3 -15.94 -32.76 -10.89
CA SER A 3 -14.84 -31.81 -10.76
C SER A 3 -13.62 -32.48 -10.13
N GLY A 4 -13.84 -33.21 -9.06
CA GLY A 4 -12.75 -33.89 -8.37
C GLY A 4 -12.63 -33.48 -6.92
N SER A 5 -12.78 -34.46 -6.02
CA SER A 5 -12.69 -34.18 -4.59
C SER A 5 -11.27 -33.82 -4.19
N SER A 6 -10.32 -34.71 -4.51
CA SER A 6 -8.92 -34.49 -4.18
C SER A 6 -8.24 -33.66 -5.26
N GLY A 7 -7.00 -33.25 -4.99
CA GLY A 7 -6.25 -32.47 -5.96
C GLY A 7 -4.76 -32.59 -5.78
N PRO A 8 -4.06 -32.96 -6.86
CA PRO A 8 -2.60 -33.13 -6.85
C PRO A 8 -1.87 -31.81 -6.70
N GLU A 9 -2.27 -30.83 -7.49
CA GLU A 9 -1.64 -29.50 -7.45
C GLU A 9 -2.58 -28.44 -8.03
N LYS A 10 -2.27 -27.18 -7.74
CA LYS A 10 -3.08 -26.07 -8.24
C LYS A 10 -2.44 -24.74 -7.88
N PRO A 11 -2.32 -23.85 -8.89
CA PRO A 11 -1.73 -22.52 -8.70
C PRO A 11 -2.62 -21.61 -7.85
N ALA A 12 -3.76 -22.13 -7.41
CA ALA A 12 -4.69 -21.36 -6.59
C ALA A 12 -4.01 -20.84 -5.34
N LYS A 13 -3.27 -21.72 -4.66
CA LYS A 13 -2.57 -21.35 -3.44
C LYS A 13 -1.83 -20.03 -3.61
N THR A 14 -0.80 -20.04 -4.45
CA THR A 14 -0.02 -18.84 -4.71
C THR A 14 0.62 -18.88 -6.09
N GLN A 15 1.43 -17.88 -6.41
CA GLN A 15 2.09 -17.80 -7.70
C GLN A 15 3.57 -17.50 -7.53
N LYS A 16 4.28 -17.39 -8.65
CA LYS A 16 5.72 -17.10 -8.63
C LYS A 16 6.02 -15.77 -9.31
N THR A 17 7.27 -15.35 -9.25
CA THR A 17 7.69 -14.09 -9.85
C THR A 17 8.78 -14.31 -10.89
N SER A 18 8.73 -13.55 -11.98
CA SER A 18 9.71 -13.66 -13.04
C SER A 18 10.72 -12.51 -12.97
N LEU A 19 11.97 -12.82 -13.30
CA LEU A 19 13.03 -11.81 -13.28
C LEU A 19 12.57 -10.52 -13.94
N ASP A 20 12.26 -10.61 -15.23
CA ASP A 20 11.81 -9.44 -15.99
C ASP A 20 10.72 -8.69 -15.23
N GLU A 21 10.09 -9.38 -14.27
CA GLU A 21 9.03 -8.78 -13.47
C GLU A 21 9.61 -8.09 -12.24
N ALA A 22 10.34 -8.84 -11.43
CA ALA A 22 10.95 -8.32 -10.22
C ALA A 22 11.55 -6.94 -10.47
N LEU A 23 12.03 -6.72 -11.69
CA LEU A 23 12.63 -5.45 -12.05
C LEU A 23 11.56 -4.38 -12.28
N GLN A 24 10.42 -4.79 -12.84
CA GLN A 24 9.32 -3.87 -13.09
C GLN A 24 8.92 -3.13 -11.83
N TRP A 25 9.26 -3.70 -10.68
CA TRP A 25 8.92 -3.10 -9.39
C TRP A 25 9.78 -1.86 -9.14
N ARG A 26 10.93 -1.80 -9.80
CA ARG A 26 11.85 -0.67 -9.65
C ARG A 26 11.26 0.59 -10.29
N ASP A 27 10.71 0.43 -11.49
CA ASP A 27 10.11 1.54 -12.21
C ASP A 27 9.03 2.22 -11.37
N SER A 28 7.99 1.47 -11.05
CA SER A 28 6.89 2.01 -10.26
C SER A 28 6.57 1.09 -9.07
N LEU A 29 6.56 1.67 -7.87
CA LEU A 29 6.27 0.90 -6.66
C LEU A 29 5.01 0.07 -6.83
N ASP A 30 4.02 0.62 -7.52
CA ASP A 30 2.76 -0.07 -7.76
C ASP A 30 3.00 -1.52 -8.18
N LYS A 31 3.78 -1.70 -9.24
CA LYS A 31 4.10 -3.03 -9.75
C LYS A 31 4.47 -3.97 -8.61
N LEU A 32 4.98 -3.40 -7.51
CA LEU A 32 5.37 -4.19 -6.35
C LEU A 32 4.15 -4.54 -5.50
N LEU A 33 3.34 -3.54 -5.21
CA LEU A 33 2.15 -3.75 -4.40
C LEU A 33 1.16 -4.67 -5.11
N GLN A 34 1.01 -4.47 -6.42
CA GLN A 34 0.11 -5.29 -7.21
C GLN A 34 0.55 -6.75 -7.23
N ASN A 35 1.86 -6.96 -7.26
CA ASN A 35 2.42 -8.31 -7.28
C ASN A 35 2.40 -8.92 -5.88
N ASN A 36 1.38 -9.74 -5.62
CA ASN A 36 1.24 -10.40 -4.33
C ASN A 36 2.60 -10.70 -3.73
N TYR A 37 3.43 -11.41 -4.48
CA TYR A 37 4.76 -11.77 -4.01
C TYR A 37 5.55 -10.54 -3.57
N GLY A 38 5.60 -9.54 -4.46
CA GLY A 38 6.31 -8.32 -4.15
C GLY A 38 5.75 -7.61 -2.92
N LEU A 39 4.43 -7.43 -2.90
CA LEU A 39 3.77 -6.77 -1.78
C LEU A 39 4.12 -7.44 -0.46
N ALA A 40 3.77 -8.72 -0.34
CA ALA A 40 4.05 -9.48 0.88
C ALA A 40 5.44 -9.17 1.41
N SER A 41 6.46 -9.43 0.58
CA SER A 41 7.84 -9.20 0.97
C SER A 41 8.06 -7.72 1.32
N PHE A 42 7.52 -6.84 0.48
CA PHE A 42 7.65 -5.40 0.68
C PHE A 42 7.24 -5.02 2.11
N LYS A 43 6.14 -5.59 2.57
CA LYS A 43 5.64 -5.31 3.91
C LYS A 43 6.67 -5.68 4.97
N SER A 44 7.00 -6.97 5.03
CA SER A 44 7.98 -7.45 6.01
C SER A 44 9.16 -6.49 6.11
N PHE A 45 9.68 -6.07 4.97
CA PHE A 45 10.81 -5.15 4.94
C PHE A 45 10.55 -3.93 5.82
N LEU A 46 9.31 -3.42 5.76
CA LEU A 46 8.93 -2.26 6.56
C LEU A 46 8.93 -2.60 8.05
N LYS A 47 8.18 -3.63 8.41
CA LYS A 47 8.09 -4.06 9.80
C LYS A 47 9.45 -3.97 10.49
N SER A 48 10.51 -4.24 9.73
CA SER A 48 11.86 -4.19 10.28
C SER A 48 12.36 -2.75 10.36
N GLU A 49 11.98 -1.93 9.38
CA GLU A 49 12.38 -0.54 9.35
C GLU A 49 11.36 0.34 10.06
N PHE A 50 10.51 -0.28 10.87
CA PHE A 50 9.49 0.44 11.61
C PHE A 50 8.76 1.44 10.71
N SER A 51 8.65 1.10 9.42
CA SER A 51 7.99 1.95 8.46
C SER A 51 6.81 1.24 7.82
N GLU A 52 6.22 0.30 8.55
CA GLU A 52 5.07 -0.45 8.05
C GLU A 52 3.83 0.42 8.00
N GLU A 53 3.81 1.47 8.81
CA GLU A 53 2.68 2.38 8.86
C GLU A 53 2.46 3.05 7.50
N ASN A 54 3.55 3.26 6.77
CA ASN A 54 3.48 3.88 5.46
C ASN A 54 2.58 3.08 4.52
N LEU A 55 2.85 1.78 4.41
CA LEU A 55 2.07 0.90 3.55
C LEU A 55 0.64 0.77 4.06
N GLU A 56 0.50 0.58 5.38
CA GLU A 56 -0.81 0.44 6.00
C GLU A 56 -1.78 1.49 5.45
N PHE A 57 -1.40 2.76 5.58
CA PHE A 57 -2.23 3.86 5.12
C PHE A 57 -2.69 3.63 3.68
N TRP A 58 -1.83 3.01 2.88
CA TRP A 58 -2.14 2.72 1.49
C TRP A 58 -3.22 1.65 1.38
N ILE A 59 -2.92 0.46 1.89
CA ILE A 59 -3.87 -0.65 1.86
C ILE A 59 -5.25 -0.21 2.30
N ALA A 60 -5.31 0.57 3.39
CA ALA A 60 -6.57 1.06 3.91
C ALA A 60 -7.27 1.96 2.90
N CYS A 61 -6.53 2.95 2.39
CA CYS A 61 -7.08 3.88 1.41
C CYS A 61 -7.90 3.15 0.35
N GLU A 62 -7.29 2.15 -0.26
CA GLU A 62 -7.97 1.36 -1.29
C GLU A 62 -9.20 0.66 -0.73
N ASP A 63 -9.04 0.07 0.45
CA ASP A 63 -10.14 -0.64 1.10
C ASP A 63 -11.28 0.32 1.43
N TYR A 64 -10.97 1.61 1.48
CA TYR A 64 -11.97 2.63 1.79
C TYR A 64 -12.72 3.05 0.54
N LYS A 65 -12.01 3.08 -0.59
CA LYS A 65 -12.61 3.46 -1.86
C LYS A 65 -13.70 2.48 -2.27
N LYS A 66 -13.52 1.21 -1.90
CA LYS A 66 -14.49 0.17 -2.22
C LYS A 66 -15.63 0.16 -1.21
N ILE A 67 -15.80 1.27 -0.49
CA ILE A 67 -16.85 1.37 0.51
C ILE A 67 -18.11 2.02 -0.08
N LYS A 68 -19.19 1.24 -0.15
CA LYS A 68 -20.45 1.73 -0.69
C LYS A 68 -21.34 2.27 0.42
N SER A 69 -21.08 1.84 1.65
CA SER A 69 -21.87 2.27 2.80
C SER A 69 -21.76 3.79 2.98
N PRO A 70 -22.91 4.43 3.20
CA PRO A 70 -22.98 5.89 3.39
C PRO A 70 -22.37 6.32 4.72
N ALA A 71 -22.53 5.48 5.74
CA ALA A 71 -22.00 5.79 7.06
C ALA A 71 -20.52 5.41 7.16
N LYS A 72 -20.16 4.31 6.51
CA LYS A 72 -18.78 3.84 6.52
C LYS A 72 -17.87 4.80 5.76
N MET A 73 -18.30 5.16 4.55
CA MET A 73 -17.52 6.08 3.72
C MET A 73 -17.06 7.29 4.53
N ALA A 74 -17.92 7.76 5.42
CA ALA A 74 -17.60 8.91 6.26
C ALA A 74 -16.92 8.48 7.55
N GLU A 75 -17.61 7.64 8.32
CA GLU A 75 -17.08 7.14 9.59
C GLU A 75 -15.67 6.58 9.40
N LYS A 76 -15.55 5.57 8.55
CA LYS A 76 -14.27 4.94 8.28
C LYS A 76 -13.20 5.99 8.00
N ALA A 77 -13.55 6.98 7.20
CA ALA A 77 -12.62 8.05 6.86
C ALA A 77 -11.93 8.60 8.10
N LYS A 78 -12.73 8.97 9.10
CA LYS A 78 -12.19 9.51 10.34
C LYS A 78 -11.27 8.51 11.03
N GLN A 79 -11.66 7.23 10.98
CA GLN A 79 -10.86 6.18 11.60
C GLN A 79 -9.42 6.22 11.10
N ILE A 80 -9.24 6.12 9.79
CA ILE A 80 -7.91 6.16 9.19
C ILE A 80 -7.15 7.41 9.61
N TYR A 81 -7.90 8.47 9.93
CA TYR A 81 -7.29 9.73 10.34
C TYR A 81 -6.85 9.67 11.80
N GLU A 82 -7.73 9.15 12.65
CA GLU A 82 -7.44 9.04 14.08
C GLU A 82 -6.31 8.04 14.33
N GLU A 83 -5.92 7.34 13.26
CA GLU A 83 -4.84 6.35 13.37
C GLU A 83 -3.56 6.88 12.73
N PHE A 84 -3.67 7.33 11.49
CA PHE A 84 -2.52 7.86 10.77
C PHE A 84 -2.52 9.38 10.78
N ILE A 85 -3.63 9.97 10.34
CA ILE A 85 -3.76 11.43 10.30
C ILE A 85 -4.10 11.98 11.67
N GLN A 86 -3.66 11.28 12.72
CA GLN A 86 -3.91 11.70 14.09
C GLN A 86 -2.64 12.24 14.74
N THR A 87 -2.81 13.16 15.69
CA THR A 87 -1.67 13.75 16.37
C THR A 87 -0.90 12.69 17.17
N GLU A 88 0.40 12.61 16.92
CA GLU A 88 1.24 11.64 17.62
C GLU A 88 0.67 10.23 17.49
N ALA A 89 -0.06 9.99 16.41
CA ALA A 89 -0.65 8.68 16.17
C ALA A 89 0.39 7.58 16.24
N PRO A 90 -0.07 6.34 16.46
CA PRO A 90 0.80 5.17 16.55
C PRO A 90 1.43 4.80 15.21
N LYS A 91 0.72 5.11 14.13
CA LYS A 91 1.19 4.81 12.79
C LYS A 91 1.25 6.08 11.94
N GLU A 92 1.22 7.23 12.60
CA GLU A 92 1.27 8.51 11.90
C GLU A 92 2.27 8.47 10.75
N VAL A 93 1.77 8.22 9.55
CA VAL A 93 2.62 8.16 8.36
C VAL A 93 3.44 9.43 8.21
N ASN A 94 4.27 9.47 7.17
CA ASN A 94 5.12 10.63 6.91
C ASN A 94 4.44 11.57 5.92
N ILE A 95 3.82 12.62 6.43
CA ILE A 95 3.14 13.59 5.59
C ILE A 95 3.22 15.00 6.19
N ASP A 96 3.94 15.88 5.51
CA ASP A 96 4.10 17.25 5.97
C ASP A 96 2.73 17.89 6.25
N HIS A 97 2.73 18.88 7.13
CA HIS A 97 1.49 19.58 7.48
C HIS A 97 0.68 19.91 6.24
N PHE A 98 1.36 20.20 5.14
CA PHE A 98 0.71 20.53 3.88
C PHE A 98 -0.33 19.47 3.52
N THR A 99 0.14 18.28 3.16
CA THR A 99 -0.75 17.19 2.80
C THR A 99 -1.63 16.77 3.97
N LYS A 100 -1.03 16.67 5.15
CA LYS A 100 -1.75 16.28 6.35
C LYS A 100 -3.03 17.11 6.50
N ASP A 101 -2.90 18.43 6.37
CA ASP A 101 -4.05 19.32 6.49
C ASP A 101 -5.11 18.99 5.44
N ILE A 102 -4.66 18.78 4.21
CA ILE A 102 -5.57 18.46 3.12
C ILE A 102 -6.61 17.43 3.55
N THR A 103 -6.14 16.22 3.87
CA THR A 103 -7.03 15.15 4.31
C THR A 103 -8.10 15.68 5.27
N MET A 104 -7.65 16.37 6.31
CA MET A 104 -8.57 16.94 7.30
C MET A 104 -9.73 17.66 6.62
N LYS A 105 -9.39 18.62 5.77
CA LYS A 105 -10.40 19.39 5.04
C LYS A 105 -11.24 18.49 4.16
N ASN A 106 -10.70 17.33 3.81
CA ASN A 106 -11.40 16.38 2.96
C ASN A 106 -12.21 15.39 3.80
N LEU A 107 -12.27 15.64 5.10
CA LEU A 107 -13.02 14.78 6.01
C LEU A 107 -14.45 15.29 6.19
N VAL A 108 -14.75 16.41 5.56
CA VAL A 108 -16.08 17.00 5.64
C VAL A 108 -17.06 16.27 4.74
N GLU A 109 -16.76 16.26 3.44
CA GLU A 109 -17.62 15.60 2.47
C GLU A 109 -16.85 14.51 1.71
N PRO A 110 -16.17 13.64 2.48
CA PRO A 110 -15.39 12.54 1.90
C PRO A 110 -16.27 11.46 1.27
N SER A 111 -15.91 11.04 0.06
CA SER A 111 -16.66 10.02 -0.65
C SER A 111 -15.75 8.89 -1.12
N LEU A 112 -14.90 9.19 -2.08
CA LEU A 112 -13.96 8.21 -2.61
C LEU A 112 -12.56 8.78 -2.72
N SER A 113 -12.46 10.01 -3.23
CA SER A 113 -11.17 10.67 -3.38
C SER A 113 -10.80 11.43 -2.11
N SER A 114 -11.40 11.04 -0.98
CA SER A 114 -11.14 11.69 0.29
C SER A 114 -9.65 11.64 0.63
N PHE A 115 -9.03 10.49 0.34
CA PHE A 115 -7.60 10.31 0.63
C PHE A 115 -6.81 10.21 -0.67
N ASP A 116 -7.13 11.08 -1.63
CA ASP A 116 -6.44 11.10 -2.91
C ASP A 116 -5.02 11.65 -2.77
N MET A 117 -4.91 12.79 -2.11
CA MET A 117 -3.62 13.43 -1.90
C MET A 117 -2.76 12.62 -0.94
N ALA A 118 -3.29 12.38 0.26
CA ALA A 118 -2.57 11.61 1.27
C ALA A 118 -2.10 10.27 0.71
N GLN A 119 -2.99 9.57 0.02
CA GLN A 119 -2.66 8.29 -0.57
C GLN A 119 -1.46 8.40 -1.51
N LYS A 120 -1.59 9.28 -2.51
CA LYS A 120 -0.52 9.48 -3.47
C LYS A 120 0.73 10.04 -2.80
N ARG A 121 0.52 10.79 -1.72
CA ARG A 121 1.63 11.39 -0.98
C ARG A 121 2.52 10.31 -0.36
N ILE A 122 1.89 9.38 0.36
CA ILE A 122 2.61 8.29 1.01
C ILE A 122 3.13 7.29 -0.01
N HIS A 123 2.28 6.96 -0.98
CA HIS A 123 2.65 6.01 -2.03
C HIS A 123 3.94 6.45 -2.73
N ALA A 124 4.09 7.76 -2.91
CA ALA A 124 5.26 8.31 -3.57
C ALA A 124 6.49 8.21 -2.67
N LEU A 125 6.26 8.14 -1.37
CA LEU A 125 7.35 8.04 -0.40
C LEU A 125 7.87 6.61 -0.31
N MET A 126 6.95 5.64 -0.33
CA MET A 126 7.31 4.24 -0.26
C MET A 126 7.91 3.77 -1.58
N GLU A 127 7.80 4.59 -2.61
CA GLU A 127 8.34 4.25 -3.93
C GLU A 127 9.68 4.93 -4.16
N LYS A 128 9.93 6.00 -3.42
CA LYS A 128 11.18 6.74 -3.54
C LYS A 128 12.05 6.55 -2.31
N ASP A 129 11.48 5.93 -1.27
CA ASP A 129 12.21 5.69 -0.04
C ASP A 129 12.37 4.19 0.20
N SER A 130 11.26 3.50 0.41
CA SER A 130 11.27 2.06 0.67
C SER A 130 11.62 1.30 -0.61
N LEU A 131 10.82 1.50 -1.65
CA LEU A 131 11.03 0.83 -2.93
C LEU A 131 12.52 0.72 -3.24
N PRO A 132 13.21 1.87 -3.24
CA PRO A 132 14.65 1.92 -3.53
C PRO A 132 15.49 1.31 -2.40
N ARG A 133 14.90 1.24 -1.21
CA ARG A 133 15.58 0.68 -0.05
C ARG A 133 15.26 -0.80 0.11
N PHE A 134 14.23 -1.26 -0.61
CA PHE A 134 13.82 -2.66 -0.55
C PHE A 134 14.59 -3.51 -1.56
N VAL A 135 14.98 -2.88 -2.66
CA VAL A 135 15.73 -3.57 -3.71
C VAL A 135 17.13 -3.96 -3.23
N ARG A 136 17.71 -3.11 -2.38
CA ARG A 136 19.05 -3.37 -1.85
C ARG A 136 19.00 -4.44 -0.76
N SER A 137 17.86 -4.56 -0.09
CA SER A 137 17.69 -5.54 0.96
C SER A 137 17.57 -6.95 0.40
N GLU A 138 18.23 -7.90 1.03
CA GLU A 138 18.20 -9.29 0.58
C GLU A 138 16.81 -9.66 0.05
N PHE A 139 15.79 -9.40 0.85
CA PHE A 139 14.42 -9.70 0.45
C PHE A 139 14.25 -9.62 -1.06
N TYR A 140 14.89 -8.62 -1.66
CA TYR A 140 14.81 -8.42 -3.11
C TYR A 140 15.83 -9.31 -3.82
N GLN A 141 17.08 -9.27 -3.35
CA GLN A 141 18.14 -10.07 -3.94
C GLN A 141 17.69 -11.51 -4.16
N GLU A 142 16.83 -12.00 -3.27
CA GLU A 142 16.33 -13.36 -3.35
C GLU A 142 15.23 -13.47 -4.40
N LEU A 143 14.55 -12.35 -4.66
CA LEU A 143 13.48 -12.32 -5.63
C LEU A 143 14.03 -12.37 -7.06
N ILE A 144 15.20 -11.79 -7.25
CA ILE A 144 15.83 -11.77 -8.57
C ILE A 144 16.99 -12.77 -8.62
N SER A 145 17.80 -12.80 -7.57
CA SER A 145 18.94 -13.70 -7.51
C SER A 145 18.65 -14.88 -6.59
N GLY A 146 17.43 -15.40 -6.66
CA GLY A 146 17.04 -16.52 -5.83
C GLY A 146 17.92 -17.73 -6.06
N PRO A 147 17.30 -18.93 -5.99
CA PRO A 147 18.02 -20.19 -6.20
C PRO A 147 18.47 -20.39 -7.63
N SER A 148 18.13 -19.42 -8.49
CA SER A 148 18.50 -19.49 -9.90
C SER A 148 19.46 -18.36 -10.27
N SER A 149 20.22 -18.57 -11.33
CA SER A 149 21.18 -17.57 -11.79
C SER A 149 20.52 -16.56 -12.73
N GLY A 150 21.26 -15.52 -13.08
CA GLY A 150 20.73 -14.50 -13.97
C GLY A 150 20.52 -13.17 -13.27
N GLY A 1 -0.31 3.82 -23.32
CA GLY A 1 -1.43 3.04 -22.85
C GLY A 1 -1.37 1.59 -23.30
N SER A 2 -1.84 0.69 -22.45
CA SER A 2 -1.82 -0.74 -22.77
C SER A 2 -3.20 -1.35 -22.55
N SER A 3 -3.62 -2.21 -23.48
CA SER A 3 -4.92 -2.86 -23.40
C SER A 3 -4.76 -4.38 -23.40
N GLY A 4 -4.99 -5.00 -22.26
CA GLY A 4 -4.87 -6.44 -22.16
C GLY A 4 -3.53 -6.88 -21.60
N SER A 5 -3.33 -8.19 -21.49
CA SER A 5 -2.08 -8.73 -20.97
C SER A 5 -1.36 -9.55 -22.02
N SER A 6 -0.15 -9.11 -22.38
CA SER A 6 0.64 -9.80 -23.39
C SER A 6 1.87 -10.45 -22.76
N GLY A 7 1.86 -11.78 -22.65
CA GLY A 7 2.97 -12.50 -22.07
C GLY A 7 2.54 -13.43 -20.96
N PRO A 8 2.34 -12.89 -19.76
CA PRO A 8 1.92 -13.66 -18.58
C PRO A 8 0.49 -14.17 -18.72
N GLU A 9 0.16 -15.20 -17.93
CA GLU A 9 -1.17 -15.77 -17.96
C GLU A 9 -2.13 -14.97 -17.08
N LYS A 10 -3.42 -15.26 -17.19
CA LYS A 10 -4.43 -14.56 -16.40
C LYS A 10 -4.04 -14.50 -14.93
N PRO A 11 -4.61 -13.54 -14.20
CA PRO A 11 -4.34 -13.36 -12.77
C PRO A 11 -4.92 -14.48 -11.92
N ALA A 12 -4.16 -15.57 -11.78
CA ALA A 12 -4.59 -16.71 -10.99
C ALA A 12 -4.08 -16.61 -9.55
N LYS A 13 -4.34 -17.65 -8.77
CA LYS A 13 -3.92 -17.67 -7.37
C LYS A 13 -2.48 -18.16 -7.25
N THR A 14 -1.62 -17.67 -8.14
CA THR A 14 -0.22 -18.05 -8.13
C THR A 14 0.62 -17.07 -7.31
N GLN A 15 1.60 -17.59 -6.59
CA GLN A 15 2.48 -16.75 -5.77
C GLN A 15 3.90 -16.75 -6.32
N LYS A 16 4.02 -16.71 -7.64
CA LYS A 16 5.32 -16.69 -8.29
C LYS A 16 5.60 -15.34 -8.93
N THR A 17 6.87 -15.08 -9.25
CA THR A 17 7.27 -13.83 -9.86
C THR A 17 8.35 -14.05 -10.92
N SER A 18 8.14 -13.49 -12.10
CA SER A 18 9.09 -13.63 -13.20
C SER A 18 10.21 -12.61 -13.08
N LEU A 19 11.37 -12.94 -13.65
CA LEU A 19 12.52 -12.04 -13.61
C LEU A 19 12.17 -10.67 -14.16
N ASP A 20 11.76 -10.64 -15.43
CA ASP A 20 11.39 -9.39 -16.08
C ASP A 20 10.32 -8.65 -15.28
N GLU A 21 9.70 -9.35 -14.34
CA GLU A 21 8.66 -8.77 -13.50
C GLU A 21 9.27 -8.07 -12.28
N ALA A 22 9.99 -8.84 -11.47
CA ALA A 22 10.63 -8.31 -10.28
C ALA A 22 11.23 -6.93 -10.55
N LEU A 23 11.74 -6.74 -11.75
CA LEU A 23 12.35 -5.46 -12.13
C LEU A 23 11.29 -4.38 -12.26
N GLN A 24 10.12 -4.75 -12.80
CA GLN A 24 9.03 -3.81 -12.98
C GLN A 24 8.66 -3.13 -11.65
N TRP A 25 9.02 -3.79 -10.55
CA TRP A 25 8.73 -3.26 -9.22
C TRP A 25 9.60 -2.05 -8.92
N ARG A 26 10.72 -1.95 -9.62
CA ARG A 26 11.65 -0.84 -9.43
C ARG A 26 11.14 0.43 -10.12
N ASP A 27 10.62 0.27 -11.33
CA ASP A 27 10.10 1.39 -12.09
C ASP A 27 9.05 2.15 -11.29
N SER A 28 8.00 1.44 -10.88
CA SER A 28 6.92 2.06 -10.11
C SER A 28 6.54 1.18 -8.92
N LEU A 29 6.63 1.76 -7.72
CA LEU A 29 6.29 1.03 -6.50
C LEU A 29 5.00 0.25 -6.67
N ASP A 30 3.99 0.90 -7.24
CA ASP A 30 2.70 0.25 -7.47
C ASP A 30 2.88 -1.21 -7.85
N LYS A 31 3.50 -1.44 -9.00
CA LYS A 31 3.75 -2.80 -9.49
C LYS A 31 4.04 -3.75 -8.32
N LEU A 32 4.86 -3.29 -7.39
CA LEU A 32 5.22 -4.11 -6.23
C LEU A 32 3.99 -4.40 -5.37
N LEU A 33 3.43 -3.37 -4.78
CA LEU A 33 2.24 -3.52 -3.93
C LEU A 33 1.19 -4.37 -4.63
N GLN A 34 0.92 -4.06 -5.90
CA GLN A 34 -0.06 -4.80 -6.67
C GLN A 34 0.25 -6.29 -6.67
N ASN A 35 1.52 -6.63 -6.89
CA ASN A 35 1.95 -8.01 -6.92
C ASN A 35 1.93 -8.62 -5.51
N ASN A 36 1.26 -9.77 -5.37
CA ASN A 36 1.16 -10.44 -4.09
C ASN A 36 2.55 -10.78 -3.55
N TYR A 37 3.40 -11.33 -4.42
CA TYR A 37 4.75 -11.70 -4.04
C TYR A 37 5.54 -10.49 -3.56
N GLY A 38 5.60 -9.46 -4.40
CA GLY A 38 6.33 -8.26 -4.06
C GLY A 38 5.78 -7.59 -2.81
N LEU A 39 4.45 -7.45 -2.74
CA LEU A 39 3.81 -6.82 -1.60
C LEU A 39 4.21 -7.51 -0.30
N ALA A 40 3.88 -8.80 -0.19
CA ALA A 40 4.21 -9.58 1.00
C ALA A 40 5.62 -9.25 1.50
N SER A 41 6.61 -9.49 0.65
CA SER A 41 8.00 -9.23 0.99
C SER A 41 8.19 -7.76 1.38
N PHE A 42 7.66 -6.87 0.55
CA PHE A 42 7.76 -5.44 0.80
C PHE A 42 7.39 -5.09 2.24
N LYS A 43 6.27 -5.66 2.69
CA LYS A 43 5.80 -5.42 4.05
C LYS A 43 6.85 -5.85 5.08
N SER A 44 7.17 -7.14 5.10
CA SER A 44 8.14 -7.67 6.02
C SER A 44 9.35 -6.74 6.15
N PHE A 45 9.78 -6.20 5.02
CA PHE A 45 10.92 -5.29 4.99
C PHE A 45 10.66 -4.07 5.86
N LEU A 46 9.50 -3.44 5.66
CA LEU A 46 9.12 -2.26 6.42
C LEU A 46 9.17 -2.53 7.92
N LYS A 47 8.60 -3.67 8.32
CA LYS A 47 8.59 -4.06 9.73
C LYS A 47 10.00 -3.98 10.34
N SER A 48 10.95 -4.63 9.67
CA SER A 48 12.33 -4.63 10.16
C SER A 48 12.89 -3.21 10.20
N GLU A 49 12.42 -2.37 9.30
CA GLU A 49 12.88 -0.98 9.25
C GLU A 49 12.03 -0.09 10.15
N PHE A 50 10.91 -0.63 10.61
CA PHE A 50 10.01 0.11 11.50
C PHE A 50 9.27 1.21 10.72
N SER A 51 8.96 0.93 9.46
CA SER A 51 8.27 1.89 8.62
C SER A 51 7.07 1.24 7.92
N GLU A 52 6.40 0.34 8.63
CA GLU A 52 5.23 -0.35 8.08
C GLU A 52 4.01 0.56 8.07
N GLU A 53 4.03 1.58 8.92
CA GLU A 53 2.92 2.52 9.02
C GLU A 53 2.66 3.18 7.67
N ASN A 54 3.72 3.38 6.89
CA ASN A 54 3.61 3.99 5.57
C ASN A 54 2.68 3.18 4.66
N LEU A 55 2.97 1.89 4.56
CA LEU A 55 2.18 0.99 3.72
C LEU A 55 0.74 0.89 4.25
N GLU A 56 0.61 0.69 5.56
CA GLU A 56 -0.70 0.57 6.20
C GLU A 56 -1.66 1.61 5.62
N PHE A 57 -1.30 2.88 5.73
CA PHE A 57 -2.13 3.96 5.23
C PHE A 57 -2.58 3.68 3.80
N TRP A 58 -1.70 3.08 3.01
CA TRP A 58 -2.01 2.76 1.62
C TRP A 58 -3.08 1.68 1.54
N ILE A 59 -2.78 0.51 2.10
CA ILE A 59 -3.73 -0.60 2.09
C ILE A 59 -5.12 -0.15 2.53
N ALA A 60 -5.18 0.61 3.61
CA ALA A 60 -6.44 1.11 4.12
C ALA A 60 -7.13 2.03 3.11
N CYS A 61 -6.36 2.95 2.54
CA CYS A 61 -6.89 3.88 1.55
C CYS A 61 -7.62 3.14 0.44
N GLU A 62 -6.92 2.22 -0.21
CA GLU A 62 -7.50 1.44 -1.30
C GLU A 62 -8.72 0.64 -0.81
N ASP A 63 -8.63 0.14 0.41
CA ASP A 63 -9.72 -0.64 1.00
C ASP A 63 -10.92 0.25 1.29
N TYR A 64 -10.66 1.50 1.66
CA TYR A 64 -11.73 2.45 1.97
C TYR A 64 -12.56 2.74 0.74
N LYS A 65 -11.91 2.79 -0.42
CA LYS A 65 -12.60 3.06 -1.68
C LYS A 65 -13.63 1.98 -1.97
N LYS A 66 -13.37 0.77 -1.50
CA LYS A 66 -14.28 -0.35 -1.72
C LYS A 66 -15.58 -0.15 -0.95
N ILE A 67 -15.64 0.94 -0.19
CA ILE A 67 -16.84 1.25 0.59
C ILE A 67 -17.84 2.07 -0.22
N LYS A 68 -19.10 1.62 -0.21
CA LYS A 68 -20.15 2.32 -0.95
C LYS A 68 -21.17 2.92 0.00
N SER A 69 -21.27 2.34 1.20
CA SER A 69 -22.22 2.83 2.21
C SER A 69 -22.02 4.32 2.45
N PRO A 70 -23.14 5.04 2.61
CA PRO A 70 -23.13 6.48 2.85
C PRO A 70 -22.60 6.83 4.24
N ALA A 71 -22.53 5.84 5.11
CA ALA A 71 -22.04 6.04 6.47
C ALA A 71 -20.58 5.61 6.59
N LYS A 72 -20.31 4.34 6.33
CA LYS A 72 -18.96 3.80 6.41
C LYS A 72 -17.98 4.68 5.64
N MET A 73 -18.41 5.16 4.47
CA MET A 73 -17.58 6.02 3.64
C MET A 73 -17.12 7.25 4.42
N ALA A 74 -17.99 7.74 5.30
CA ALA A 74 -17.68 8.91 6.11
C ALA A 74 -17.01 8.52 7.42
N GLU A 75 -17.65 7.62 8.16
CA GLU A 75 -17.13 7.15 9.44
C GLU A 75 -15.73 6.55 9.26
N LYS A 76 -15.64 5.53 8.42
CA LYS A 76 -14.37 4.87 8.17
C LYS A 76 -13.28 5.88 7.83
N ALA A 77 -13.67 6.96 7.18
CA ALA A 77 -12.73 8.00 6.81
C ALA A 77 -12.03 8.59 8.03
N LYS A 78 -12.81 8.85 9.08
CA LYS A 78 -12.26 9.40 10.31
C LYS A 78 -11.40 8.37 11.03
N GLN A 79 -11.82 7.11 10.99
CA GLN A 79 -11.08 6.04 11.64
C GLN A 79 -9.62 6.03 11.19
N ILE A 80 -9.41 6.05 9.88
CA ILE A 80 -8.07 6.04 9.32
C ILE A 80 -7.31 7.31 9.71
N TYR A 81 -8.05 8.40 9.91
CA TYR A 81 -7.44 9.67 10.28
C TYR A 81 -7.00 9.66 11.74
N GLU A 82 -7.88 9.17 12.61
CA GLU A 82 -7.59 9.09 14.04
C GLU A 82 -6.45 8.12 14.31
N GLU A 83 -6.05 7.38 13.28
CA GLU A 83 -4.98 6.41 13.41
C GLU A 83 -3.69 6.92 12.77
N PHE A 84 -3.79 7.32 11.50
CA PHE A 84 -2.63 7.84 10.77
C PHE A 84 -2.65 9.36 10.74
N ILE A 85 -3.76 9.93 10.28
CA ILE A 85 -3.90 11.38 10.21
C ILE A 85 -4.23 11.98 11.58
N GLN A 86 -3.82 11.28 12.63
CA GLN A 86 -4.07 11.75 13.99
C GLN A 86 -2.78 12.29 14.61
N THR A 87 -2.94 13.21 15.57
CA THR A 87 -1.81 13.81 16.24
C THR A 87 -0.95 12.75 16.94
N GLU A 88 0.35 12.83 16.74
CA GLU A 88 1.27 11.87 17.35
C GLU A 88 0.71 10.46 17.31
N ALA A 89 -0.07 10.17 16.26
CA ALA A 89 -0.67 8.86 16.09
C ALA A 89 0.37 7.75 16.19
N PRO A 90 -0.09 6.52 16.42
CA PRO A 90 0.79 5.35 16.54
C PRO A 90 1.44 4.98 15.20
N LYS A 91 0.71 5.21 14.11
CA LYS A 91 1.22 4.89 12.78
C LYS A 91 1.18 6.13 11.89
N GLU A 92 1.12 7.30 12.51
CA GLU A 92 1.08 8.55 11.76
C GLU A 92 2.14 8.56 10.66
N VAL A 93 1.71 8.23 9.44
CA VAL A 93 2.62 8.19 8.30
C VAL A 93 3.39 9.51 8.18
N ASN A 94 4.24 9.59 7.15
CA ASN A 94 5.04 10.78 6.92
C ASN A 94 4.35 11.72 5.93
N ILE A 95 3.75 12.79 6.44
CA ILE A 95 3.06 13.77 5.61
C ILE A 95 3.11 15.15 6.23
N ASP A 96 3.81 16.06 5.57
CA ASP A 96 3.93 17.44 6.07
C ASP A 96 2.56 18.04 6.32
N HIS A 97 2.53 19.10 7.11
CA HIS A 97 1.26 19.78 7.44
C HIS A 97 0.45 20.04 6.17
N PHE A 98 1.15 20.34 5.08
CA PHE A 98 0.48 20.61 3.81
C PHE A 98 -0.50 19.50 3.46
N THR A 99 0.04 18.33 3.11
CA THR A 99 -0.78 17.18 2.75
C THR A 99 -1.70 16.78 3.90
N LYS A 100 -1.12 16.59 5.08
CA LYS A 100 -1.88 16.21 6.26
C LYS A 100 -3.15 17.05 6.38
N ASP A 101 -3.00 18.36 6.28
CA ASP A 101 -4.13 19.27 6.37
C ASP A 101 -5.19 18.93 5.34
N ILE A 102 -4.75 18.72 4.09
CA ILE A 102 -5.67 18.39 3.02
C ILE A 102 -6.70 17.35 3.46
N THR A 103 -6.23 16.14 3.75
CA THR A 103 -7.11 15.06 4.18
C THR A 103 -8.18 15.58 5.14
N MET A 104 -7.76 16.30 6.16
CA MET A 104 -8.68 16.86 7.15
C MET A 104 -9.84 17.57 6.47
N LYS A 105 -9.51 18.55 5.63
CA LYS A 105 -10.52 19.31 4.91
C LYS A 105 -11.35 18.40 4.01
N ASN A 106 -10.84 17.21 3.75
CA ASN A 106 -11.54 16.24 2.91
C ASN A 106 -12.39 15.29 3.76
N LEU A 107 -12.30 15.46 5.07
CA LEU A 107 -13.07 14.62 5.99
C LEU A 107 -14.48 15.18 6.19
N VAL A 108 -14.80 16.23 5.46
CA VAL A 108 -16.11 16.86 5.55
C VAL A 108 -17.07 16.28 4.53
N GLU A 109 -16.60 16.08 3.31
CA GLU A 109 -17.41 15.52 2.24
C GLU A 109 -16.69 14.38 1.54
N PRO A 110 -16.06 13.50 2.33
CA PRO A 110 -15.31 12.36 1.81
C PRO A 110 -16.23 11.30 1.21
N SER A 111 -15.86 10.78 0.04
CA SER A 111 -16.65 9.76 -0.64
C SER A 111 -15.77 8.61 -1.11
N LEU A 112 -14.91 8.90 -2.09
CA LEU A 112 -14.01 7.90 -2.64
C LEU A 112 -12.60 8.45 -2.78
N SER A 113 -12.50 9.71 -3.20
CA SER A 113 -11.21 10.36 -3.37
C SER A 113 -10.83 11.17 -2.13
N SER A 114 -11.39 10.77 -0.98
CA SER A 114 -11.10 11.46 0.27
C SER A 114 -9.60 11.53 0.53
N PHE A 115 -8.92 10.39 0.40
CA PHE A 115 -7.49 10.32 0.62
C PHE A 115 -6.74 10.26 -0.70
N ASP A 116 -7.22 11.02 -1.68
CA ASP A 116 -6.60 11.06 -3.00
C ASP A 116 -5.19 11.64 -2.92
N MET A 117 -5.03 12.69 -2.13
CA MET A 117 -3.75 13.35 -1.97
C MET A 117 -2.86 12.56 -1.00
N ALA A 118 -3.33 12.40 0.23
CA ALA A 118 -2.59 11.66 1.24
C ALA A 118 -2.11 10.32 0.71
N GLN A 119 -2.98 9.64 -0.04
CA GLN A 119 -2.64 8.34 -0.60
C GLN A 119 -1.45 8.45 -1.55
N LYS A 120 -1.57 9.31 -2.55
CA LYS A 120 -0.50 9.52 -3.53
C LYS A 120 0.74 10.09 -2.86
N ARG A 121 0.53 10.82 -1.76
CA ARG A 121 1.64 11.42 -1.03
C ARG A 121 2.54 10.35 -0.42
N ILE A 122 1.93 9.41 0.30
CA ILE A 122 2.68 8.33 0.93
C ILE A 122 3.23 7.36 -0.10
N HIS A 123 2.40 7.02 -1.09
CA HIS A 123 2.81 6.10 -2.14
C HIS A 123 4.08 6.59 -2.83
N ALA A 124 4.21 7.90 -2.97
CA ALA A 124 5.39 8.48 -3.60
C ALA A 124 6.60 8.40 -2.68
N LEU A 125 6.34 8.27 -1.38
CA LEU A 125 7.42 8.18 -0.40
C LEU A 125 7.93 6.74 -0.27
N MET A 126 7.01 5.80 -0.22
CA MET A 126 7.37 4.39 -0.10
C MET A 126 8.04 3.90 -1.36
N GLU A 127 8.00 4.72 -2.41
CA GLU A 127 8.61 4.36 -3.68
C GLU A 127 9.99 5.00 -3.84
N LYS A 128 10.21 6.07 -3.09
CA LYS A 128 11.47 6.79 -3.12
C LYS A 128 12.23 6.63 -1.81
N ASP A 129 11.59 6.00 -0.83
CA ASP A 129 12.20 5.78 0.47
C ASP A 129 12.41 4.28 0.73
N SER A 130 11.31 3.57 0.88
CA SER A 130 11.38 2.12 1.14
C SER A 130 11.72 1.36 -0.13
N LEU A 131 10.97 1.61 -1.19
CA LEU A 131 11.20 0.94 -2.47
C LEU A 131 12.70 0.82 -2.76
N PRO A 132 13.39 1.96 -2.72
CA PRO A 132 14.84 2.01 -2.96
C PRO A 132 15.65 1.36 -1.85
N ARG A 133 15.02 1.23 -0.69
CA ARG A 133 15.69 0.62 0.47
C ARG A 133 15.34 -0.86 0.58
N PHE A 134 14.30 -1.27 -0.15
CA PHE A 134 13.87 -2.67 -0.14
C PHE A 134 14.63 -3.49 -1.16
N VAL A 135 14.85 -2.90 -2.34
CA VAL A 135 15.57 -3.59 -3.40
C VAL A 135 17.01 -3.88 -3.00
N ARG A 136 17.52 -3.11 -2.04
CA ARG A 136 18.89 -3.28 -1.57
C ARG A 136 19.01 -4.55 -0.74
N SER A 137 18.02 -4.80 0.10
CA SER A 137 18.01 -5.99 0.96
C SER A 137 17.84 -7.26 0.14
N GLU A 138 18.64 -8.27 0.45
CA GLU A 138 18.57 -9.54 -0.27
C GLU A 138 17.13 -9.88 -0.63
N PHE A 139 16.20 -9.54 0.26
CA PHE A 139 14.79 -9.81 0.02
C PHE A 139 14.44 -9.68 -1.46
N TYR A 140 14.98 -8.65 -2.10
CA TYR A 140 14.73 -8.41 -3.51
C TYR A 140 15.66 -9.25 -4.38
N GLN A 141 16.93 -9.29 -4.00
CA GLN A 141 17.94 -10.05 -4.74
C GLN A 141 17.48 -11.50 -4.94
N GLU A 142 16.77 -12.03 -3.95
CA GLU A 142 16.28 -13.40 -4.02
C GLU A 142 15.09 -13.50 -4.96
N LEU A 143 14.48 -12.36 -5.27
CA LEU A 143 13.32 -12.32 -6.16
C LEU A 143 13.76 -12.38 -7.62
N ILE A 144 15.02 -12.01 -7.88
CA ILE A 144 15.55 -12.02 -9.23
C ILE A 144 16.60 -13.12 -9.39
N SER A 145 17.49 -13.23 -8.40
CA SER A 145 18.54 -14.24 -8.43
C SER A 145 18.05 -15.56 -7.83
N GLY A 146 17.40 -15.47 -6.68
CA GLY A 146 16.89 -16.65 -6.02
C GLY A 146 17.93 -17.76 -5.94
N PRO A 147 17.48 -19.01 -6.15
CA PRO A 147 18.37 -20.18 -6.10
C PRO A 147 19.33 -20.22 -7.27
N SER A 148 19.39 -19.14 -8.04
CA SER A 148 20.27 -19.05 -9.20
C SER A 148 21.64 -19.66 -8.88
N SER A 149 22.40 -19.95 -9.93
CA SER A 149 23.73 -20.53 -9.76
C SER A 149 24.68 -20.04 -10.84
N GLY A 150 25.91 -19.72 -10.44
CA GLY A 150 26.90 -19.24 -11.39
C GLY A 150 28.31 -19.61 -10.99
N GLY A 1 -33.91 -28.18 10.37
CA GLY A 1 -33.39 -28.00 9.02
C GLY A 1 -32.27 -26.99 8.98
N SER A 2 -32.33 -26.09 8.00
CA SER A 2 -31.29 -25.07 7.83
C SER A 2 -29.92 -25.70 7.64
N SER A 3 -29.87 -26.75 6.82
CA SER A 3 -28.62 -27.45 6.56
C SER A 3 -28.35 -27.54 5.06
N GLY A 4 -27.16 -27.13 4.65
CA GLY A 4 -26.80 -27.17 3.25
C GLY A 4 -26.98 -25.82 2.56
N SER A 5 -26.07 -25.50 1.65
CA SER A 5 -26.12 -24.24 0.92
C SER A 5 -26.19 -23.06 1.89
N SER A 6 -25.35 -23.10 2.92
CA SER A 6 -25.31 -22.04 3.91
C SER A 6 -24.03 -21.22 3.80
N GLY A 7 -23.65 -20.90 2.56
CA GLY A 7 -22.46 -20.12 2.34
C GLY A 7 -21.39 -20.90 1.59
N PRO A 8 -21.29 -20.65 0.27
CA PRO A 8 -20.31 -21.33 -0.58
C PRO A 8 -18.88 -20.90 -0.29
N GLU A 9 -18.00 -21.87 -0.06
CA GLU A 9 -16.60 -21.58 0.23
C GLU A 9 -15.98 -20.72 -0.87
N LYS A 10 -14.75 -20.27 -0.64
CA LYS A 10 -14.04 -19.45 -1.61
C LYS A 10 -12.83 -20.18 -2.18
N PRO A 11 -12.53 -19.94 -3.45
CA PRO A 11 -11.40 -20.56 -4.14
C PRO A 11 -10.05 -20.05 -3.62
N ALA A 12 -8.97 -20.71 -4.05
CA ALA A 12 -7.63 -20.32 -3.62
C ALA A 12 -6.58 -21.03 -4.45
N LYS A 13 -5.54 -20.29 -4.85
CA LYS A 13 -4.46 -20.85 -5.65
C LYS A 13 -3.16 -20.10 -5.40
N THR A 14 -2.04 -20.84 -5.39
CA THR A 14 -0.74 -20.24 -5.17
C THR A 14 -0.30 -19.40 -6.35
N GLN A 15 0.64 -18.48 -6.12
CA GLN A 15 1.14 -17.62 -7.17
C GLN A 15 2.66 -17.55 -7.14
N LYS A 16 3.24 -16.87 -8.13
CA LYS A 16 4.69 -16.74 -8.22
C LYS A 16 5.07 -15.46 -8.97
N THR A 17 6.37 -15.21 -9.08
CA THR A 17 6.87 -14.03 -9.77
C THR A 17 8.05 -14.38 -10.68
N SER A 18 8.06 -13.80 -11.87
CA SER A 18 9.13 -14.06 -12.83
C SER A 18 10.26 -13.03 -12.66
N LEU A 19 11.44 -13.38 -13.16
CA LEU A 19 12.60 -12.50 -13.07
C LEU A 19 12.31 -11.16 -13.74
N ASP A 20 11.95 -11.21 -15.02
CA ASP A 20 11.65 -10.00 -15.78
C ASP A 20 10.61 -9.15 -15.05
N GLU A 21 9.85 -9.78 -14.16
CA GLU A 21 8.82 -9.07 -13.40
C GLU A 21 9.43 -8.37 -12.20
N ALA A 22 10.08 -9.15 -11.33
CA ALA A 22 10.71 -8.59 -10.14
C ALA A 22 11.36 -7.24 -10.43
N LEU A 23 11.91 -7.10 -11.64
CA LEU A 23 12.57 -5.86 -12.04
C LEU A 23 11.55 -4.77 -12.28
N GLN A 24 10.42 -5.13 -12.89
CA GLN A 24 9.36 -4.17 -13.18
C GLN A 24 8.92 -3.46 -11.90
N TRP A 25 9.16 -4.08 -10.76
CA TRP A 25 8.79 -3.51 -9.48
C TRP A 25 9.64 -2.29 -9.15
N ARG A 26 10.77 -2.17 -9.83
CA ARG A 26 11.68 -1.03 -9.62
C ARG A 26 11.18 0.20 -10.35
N ASP A 27 10.61 0.00 -11.53
CA ASP A 27 10.09 1.10 -12.33
C ASP A 27 9.12 1.96 -11.52
N SER A 28 8.06 1.33 -11.02
CA SER A 28 7.06 2.04 -10.23
C SER A 28 6.68 1.23 -9.00
N LEU A 29 6.58 1.91 -7.86
CA LEU A 29 6.22 1.25 -6.61
C LEU A 29 4.92 0.45 -6.76
N ASP A 30 3.95 1.05 -7.45
CA ASP A 30 2.67 0.38 -7.67
C ASP A 30 2.86 -1.06 -8.11
N LYS A 31 3.52 -1.24 -9.26
CA LYS A 31 3.77 -2.57 -9.79
C LYS A 31 4.07 -3.56 -8.67
N LEU A 32 4.85 -3.13 -7.68
CA LEU A 32 5.20 -3.97 -6.55
C LEU A 32 3.98 -4.28 -5.70
N LEU A 33 3.40 -3.25 -5.11
CA LEU A 33 2.22 -3.40 -4.27
C LEU A 33 1.17 -4.26 -4.97
N GLN A 34 0.85 -3.92 -6.21
CA GLN A 34 -0.14 -4.66 -6.98
C GLN A 34 0.17 -6.16 -6.96
N ASN A 35 1.44 -6.51 -7.17
CA ASN A 35 1.86 -7.91 -7.17
C ASN A 35 1.83 -8.47 -5.76
N ASN A 36 1.11 -9.58 -5.57
CA ASN A 36 1.01 -10.22 -4.27
C ASN A 36 2.39 -10.60 -3.75
N TYR A 37 3.20 -11.22 -4.61
CA TYR A 37 4.54 -11.63 -4.23
C TYR A 37 5.37 -10.44 -3.76
N GLY A 38 5.50 -9.44 -4.62
CA GLY A 38 6.27 -8.25 -4.29
C GLY A 38 5.73 -7.55 -3.05
N LEU A 39 4.40 -7.48 -2.94
CA LEU A 39 3.77 -6.82 -1.81
C LEU A 39 4.13 -7.52 -0.51
N ALA A 40 3.72 -8.78 -0.38
CA ALA A 40 4.01 -9.56 0.81
C ALA A 40 5.43 -9.29 1.32
N SER A 41 6.40 -9.43 0.43
CA SER A 41 7.80 -9.20 0.78
C SER A 41 8.04 -7.74 1.15
N PHE A 42 7.51 -6.83 0.34
CA PHE A 42 7.66 -5.41 0.58
C PHE A 42 7.27 -5.05 2.01
N LYS A 43 6.16 -5.62 2.48
CA LYS A 43 5.68 -5.36 3.83
C LYS A 43 6.72 -5.81 4.86
N SER A 44 6.96 -7.11 4.92
CA SER A 44 7.93 -7.67 5.86
C SER A 44 9.14 -6.76 6.00
N PHE A 45 9.66 -6.31 4.86
CA PHE A 45 10.83 -5.43 4.86
C PHE A 45 10.59 -4.21 5.74
N LEU A 46 9.43 -3.58 5.58
CA LEU A 46 9.08 -2.40 6.36
C LEU A 46 9.13 -2.70 7.86
N LYS A 47 8.55 -3.83 8.25
CA LYS A 47 8.53 -4.23 9.66
C LYS A 47 9.91 -4.07 10.29
N SER A 48 10.92 -4.66 9.66
CA SER A 48 12.29 -4.58 10.16
C SER A 48 12.78 -3.14 10.16
N GLU A 49 12.47 -2.42 9.09
CA GLU A 49 12.89 -1.02 8.97
C GLU A 49 12.05 -0.12 9.88
N PHE A 50 10.95 -0.66 10.37
CA PHE A 50 10.05 0.09 11.25
C PHE A 50 9.35 1.21 10.49
N SER A 51 9.02 0.94 9.23
CA SER A 51 8.35 1.92 8.38
C SER A 51 7.14 1.30 7.70
N GLU A 52 6.44 0.41 8.40
CA GLU A 52 5.26 -0.25 7.85
C GLU A 52 4.06 0.69 7.85
N GLU A 53 4.11 1.70 8.71
CA GLU A 53 3.02 2.67 8.82
C GLU A 53 2.77 3.34 7.47
N ASN A 54 3.82 3.49 6.68
CA ASN A 54 3.71 4.13 5.37
C ASN A 54 2.79 3.31 4.46
N LEU A 55 3.04 2.01 4.39
CA LEU A 55 2.24 1.12 3.55
C LEU A 55 0.81 1.03 4.08
N GLU A 56 0.68 0.72 5.37
CA GLU A 56 -0.63 0.60 5.99
C GLU A 56 -1.59 1.66 5.46
N PHE A 57 -1.22 2.93 5.65
CA PHE A 57 -2.05 4.04 5.19
C PHE A 57 -2.52 3.82 3.76
N TRP A 58 -1.68 3.18 2.96
CA TRP A 58 -2.01 2.90 1.57
C TRP A 58 -3.05 1.80 1.47
N ILE A 59 -2.70 0.60 1.92
CA ILE A 59 -3.61 -0.54 1.88
C ILE A 59 -4.99 -0.14 2.36
N ALA A 60 -5.05 0.61 3.45
CA ALA A 60 -6.33 1.05 4.01
C ALA A 60 -7.11 1.88 2.99
N CYS A 61 -6.47 2.92 2.47
CA CYS A 61 -7.10 3.78 1.48
C CYS A 61 -7.88 2.96 0.45
N GLU A 62 -7.20 2.03 -0.19
CA GLU A 62 -7.83 1.18 -1.20
C GLU A 62 -9.05 0.47 -0.62
N ASP A 63 -8.92 -0.01 0.61
CA ASP A 63 -10.01 -0.71 1.28
C ASP A 63 -11.16 0.24 1.57
N TYR A 64 -10.88 1.54 1.54
CA TYR A 64 -11.90 2.55 1.80
C TYR A 64 -12.64 2.93 0.52
N LYS A 65 -11.96 2.79 -0.61
CA LYS A 65 -12.56 3.11 -1.90
C LYS A 65 -13.68 2.12 -2.25
N LYS A 66 -13.51 0.87 -1.84
CA LYS A 66 -14.50 -0.16 -2.10
C LYS A 66 -15.66 -0.06 -1.13
N ILE A 67 -15.73 1.05 -0.41
CA ILE A 67 -16.81 1.28 0.55
C ILE A 67 -17.99 1.97 -0.10
N LYS A 68 -19.12 1.27 -0.19
CA LYS A 68 -20.32 1.82 -0.79
C LYS A 68 -21.24 2.42 0.28
N SER A 69 -21.21 1.84 1.47
CA SER A 69 -22.04 2.32 2.58
C SER A 69 -21.88 3.83 2.75
N PRO A 70 -23.02 4.51 2.91
CA PRO A 70 -23.03 5.97 3.10
C PRO A 70 -22.46 6.39 4.45
N ALA A 71 -22.60 5.52 5.44
CA ALA A 71 -22.09 5.80 6.78
C ALA A 71 -20.62 5.44 6.90
N LYS A 72 -20.26 4.26 6.39
CA LYS A 72 -18.88 3.80 6.44
C LYS A 72 -17.96 4.76 5.69
N MET A 73 -18.31 5.07 4.44
CA MET A 73 -17.52 5.98 3.64
C MET A 73 -17.04 7.17 4.45
N ALA A 74 -17.92 7.67 5.32
CA ALA A 74 -17.59 8.82 6.16
C ALA A 74 -16.93 8.36 7.47
N GLU A 75 -17.67 7.59 8.25
CA GLU A 75 -17.16 7.09 9.52
C GLU A 75 -15.77 6.50 9.36
N LYS A 76 -15.64 5.53 8.47
CA LYS A 76 -14.36 4.88 8.21
C LYS A 76 -13.28 5.91 7.95
N ALA A 77 -13.59 6.89 7.10
CA ALA A 77 -12.63 7.95 6.77
C ALA A 77 -11.95 8.49 8.03
N LYS A 78 -12.75 8.79 9.04
CA LYS A 78 -12.22 9.31 10.30
C LYS A 78 -11.31 8.31 10.97
N GLN A 79 -11.69 7.03 10.89
CA GLN A 79 -10.89 5.96 11.49
C GLN A 79 -9.45 6.02 11.01
N ILE A 80 -9.27 6.06 9.70
CA ILE A 80 -7.93 6.12 9.10
C ILE A 80 -7.18 7.37 9.56
N TYR A 81 -7.93 8.43 9.84
CA TYR A 81 -7.34 9.70 10.29
C TYR A 81 -6.92 9.60 11.74
N GLU A 82 -7.80 9.07 12.58
CA GLU A 82 -7.53 8.93 14.01
C GLU A 82 -6.39 7.94 14.25
N GLU A 83 -5.97 7.26 13.18
CA GLU A 83 -4.90 6.29 13.28
C GLU A 83 -3.61 6.84 12.65
N PHE A 84 -3.72 7.31 11.41
CA PHE A 84 -2.57 7.85 10.70
C PHE A 84 -2.58 9.38 10.74
N ILE A 85 -3.70 9.96 10.30
CA ILE A 85 -3.84 11.42 10.29
C ILE A 85 -4.19 11.95 11.67
N GLN A 86 -3.77 11.24 12.70
CA GLN A 86 -4.03 11.64 14.08
C GLN A 86 -2.79 12.20 14.74
N THR A 87 -2.99 13.11 15.68
CA THR A 87 -1.88 13.73 16.40
C THR A 87 -1.06 12.70 17.15
N GLU A 88 0.24 12.63 16.86
CA GLU A 88 1.12 11.69 17.52
C GLU A 88 0.58 10.26 17.40
N ALA A 89 -0.18 10.02 16.34
CA ALA A 89 -0.76 8.70 16.12
C ALA A 89 0.30 7.61 16.22
N PRO A 90 -0.15 6.36 16.40
CA PRO A 90 0.75 5.20 16.52
C PRO A 90 1.42 4.86 15.19
N LYS A 91 0.75 5.18 14.09
CA LYS A 91 1.28 4.91 12.76
C LYS A 91 1.34 6.18 11.92
N GLU A 92 1.28 7.33 12.60
CA GLU A 92 1.32 8.62 11.92
C GLU A 92 2.34 8.60 10.79
N VAL A 93 1.85 8.42 9.56
CA VAL A 93 2.72 8.37 8.39
C VAL A 93 3.51 9.66 8.24
N ASN A 94 4.33 9.74 7.20
CA ASN A 94 5.14 10.92 6.96
C ASN A 94 4.45 11.86 5.97
N ILE A 95 3.81 12.90 6.50
CA ILE A 95 3.12 13.87 5.67
C ILE A 95 3.13 15.25 6.32
N ASP A 96 3.85 16.18 5.69
CA ASP A 96 3.94 17.54 6.20
C ASP A 96 2.55 18.11 6.48
N HIS A 97 2.51 19.19 7.27
CA HIS A 97 1.24 19.83 7.61
C HIS A 97 0.41 20.10 6.36
N PHE A 98 1.08 20.51 5.29
CA PHE A 98 0.41 20.80 4.03
C PHE A 98 -0.56 19.68 3.65
N THR A 99 0.00 18.53 3.29
CA THR A 99 -0.81 17.38 2.91
C THR A 99 -1.71 16.93 4.05
N LYS A 100 -1.11 16.71 5.21
CA LYS A 100 -1.86 16.28 6.39
C LYS A 100 -3.16 17.08 6.53
N ASP A 101 -3.05 18.39 6.39
CA ASP A 101 -4.22 19.26 6.49
C ASP A 101 -5.26 18.92 5.43
N ILE A 102 -4.80 18.69 4.21
CA ILE A 102 -5.70 18.35 3.11
C ILE A 102 -6.73 17.32 3.54
N THR A 103 -6.25 16.13 3.90
CA THR A 103 -7.13 15.05 4.33
C THR A 103 -8.21 15.57 5.28
N MET A 104 -7.79 16.28 6.32
CA MET A 104 -8.72 16.84 7.29
C MET A 104 -9.86 17.57 6.59
N LYS A 105 -9.51 18.56 5.78
CA LYS A 105 -10.50 19.34 5.05
C LYS A 105 -11.32 18.45 4.13
N ASN A 106 -10.86 17.23 3.91
CA ASN A 106 -11.55 16.27 3.05
C ASN A 106 -12.41 15.32 3.89
N LEU A 107 -12.40 15.51 5.20
CA LEU A 107 -13.18 14.67 6.11
C LEU A 107 -14.58 15.24 6.29
N VAL A 108 -14.88 16.32 5.58
CA VAL A 108 -16.19 16.95 5.67
C VAL A 108 -17.14 16.39 4.64
N GLU A 109 -16.64 16.15 3.43
CA GLU A 109 -17.46 15.62 2.35
C GLU A 109 -16.72 14.49 1.63
N PRO A 110 -16.10 13.59 2.42
CA PRO A 110 -15.35 12.46 1.87
C PRO A 110 -16.26 11.41 1.24
N SER A 111 -15.99 11.07 -0.01
CA SER A 111 -16.80 10.07 -0.72
C SER A 111 -15.94 8.90 -1.16
N LEU A 112 -15.03 9.16 -2.10
CA LEU A 112 -14.14 8.12 -2.60
C LEU A 112 -12.70 8.60 -2.66
N SER A 113 -12.50 9.82 -3.17
CA SER A 113 -11.18 10.41 -3.28
C SER A 113 -10.84 11.21 -2.02
N SER A 114 -11.48 10.86 -0.91
CA SER A 114 -11.25 11.55 0.36
C SER A 114 -9.77 11.56 0.70
N PHE A 115 -9.09 10.45 0.41
CA PHE A 115 -7.65 10.33 0.68
C PHE A 115 -6.86 10.19 -0.61
N ASP A 116 -7.13 11.06 -1.57
CA ASP A 116 -6.45 11.03 -2.84
C ASP A 116 -5.06 11.67 -2.73
N MET A 117 -5.01 12.86 -2.16
CA MET A 117 -3.75 13.58 -1.99
C MET A 117 -2.82 12.83 -1.04
N ALA A 118 -3.29 12.63 0.19
CA ALA A 118 -2.51 11.93 1.21
C ALA A 118 -2.02 10.59 0.69
N GLN A 119 -2.90 9.87 0.00
CA GLN A 119 -2.55 8.56 -0.56
C GLN A 119 -1.37 8.67 -1.51
N LYS A 120 -1.53 9.48 -2.55
CA LYS A 120 -0.48 9.67 -3.54
C LYS A 120 0.77 10.26 -2.90
N ARG A 121 0.57 10.99 -1.81
CA ARG A 121 1.69 11.62 -1.09
C ARG A 121 2.60 10.55 -0.47
N ILE A 122 1.99 9.65 0.31
CA ILE A 122 2.74 8.59 0.97
C ILE A 122 3.28 7.60 -0.06
N HIS A 123 2.42 7.18 -0.98
CA HIS A 123 2.82 6.23 -2.01
C HIS A 123 4.08 6.70 -2.74
N ALA A 124 4.19 8.01 -2.93
CA ALA A 124 5.34 8.59 -3.61
C ALA A 124 6.58 8.53 -2.72
N LEU A 125 6.37 8.44 -1.42
CA LEU A 125 7.46 8.38 -0.46
C LEU A 125 7.97 6.95 -0.30
N MET A 126 7.06 5.99 -0.38
CA MET A 126 7.41 4.58 -0.25
C MET A 126 8.08 4.07 -1.52
N GLU A 127 8.06 4.89 -2.56
CA GLU A 127 8.67 4.51 -3.84
C GLU A 127 10.07 5.08 -3.96
N LYS A 128 10.32 6.18 -3.25
CA LYS A 128 11.63 6.82 -3.28
C LYS A 128 12.33 6.69 -1.92
N ASP A 129 11.63 6.13 -0.94
CA ASP A 129 12.18 5.95 0.39
C ASP A 129 12.42 4.47 0.68
N SER A 130 11.34 3.71 0.78
CA SER A 130 11.43 2.28 1.06
C SER A 130 11.75 1.50 -0.22
N LEU A 131 10.92 1.69 -1.24
CA LEU A 131 11.11 1.00 -2.52
C LEU A 131 12.59 0.84 -2.83
N PRO A 132 13.34 1.95 -2.78
CA PRO A 132 14.78 1.96 -3.06
C PRO A 132 15.58 1.26 -1.96
N ARG A 133 15.05 1.29 -0.74
CA ARG A 133 15.71 0.66 0.40
C ARG A 133 15.33 -0.82 0.50
N PHE A 134 14.28 -1.21 -0.21
CA PHE A 134 13.82 -2.59 -0.20
C PHE A 134 14.64 -3.45 -1.15
N VAL A 135 14.74 -3.01 -2.39
CA VAL A 135 15.50 -3.75 -3.40
C VAL A 135 16.92 -4.02 -2.93
N ARG A 136 17.43 -3.16 -2.06
CA ARG A 136 18.77 -3.31 -1.53
C ARG A 136 18.86 -4.53 -0.62
N SER A 137 17.91 -4.66 0.30
CA SER A 137 17.88 -5.78 1.23
C SER A 137 17.75 -7.11 0.48
N GLU A 138 18.54 -8.09 0.88
CA GLU A 138 18.51 -9.41 0.25
C GLU A 138 17.09 -9.78 -0.15
N PHE A 139 16.12 -9.39 0.67
CA PHE A 139 14.73 -9.68 0.40
C PHE A 139 14.44 -9.68 -1.10
N TYR A 140 15.00 -8.69 -1.79
CA TYR A 140 14.81 -8.56 -3.24
C TYR A 140 15.80 -9.45 -3.99
N GLN A 141 17.07 -9.35 -3.63
CA GLN A 141 18.12 -10.13 -4.28
C GLN A 141 17.68 -11.58 -4.44
N GLU A 142 16.85 -12.06 -3.51
CA GLU A 142 16.35 -13.43 -3.56
C GLU A 142 15.23 -13.57 -4.59
N LEU A 143 14.45 -12.50 -4.75
CA LEU A 143 13.34 -12.51 -5.69
C LEU A 143 13.84 -12.65 -7.12
N ILE A 144 15.00 -12.07 -7.41
CA ILE A 144 15.58 -12.13 -8.74
C ILE A 144 16.65 -13.23 -8.81
N SER A 145 17.45 -13.34 -7.76
CA SER A 145 18.51 -14.35 -7.71
C SER A 145 17.92 -15.72 -7.36
N GLY A 146 17.22 -15.79 -6.24
CA GLY A 146 16.63 -17.04 -5.82
C GLY A 146 17.61 -18.19 -5.87
N PRO A 147 17.10 -19.41 -5.65
CA PRO A 147 17.92 -20.62 -5.67
C PRO A 147 18.41 -20.98 -7.07
N SER A 148 17.50 -20.93 -8.04
CA SER A 148 17.83 -21.25 -9.42
C SER A 148 18.35 -20.01 -10.15
N SER A 149 19.17 -19.22 -9.46
CA SER A 149 19.72 -18.01 -10.04
C SER A 149 18.71 -17.35 -10.99
N GLY A 150 17.46 -17.33 -10.57
CA GLY A 150 16.42 -16.73 -11.38
C GLY A 150 15.13 -17.53 -11.38
N GLY A 1 -36.10 0.91 -10.32
CA GLY A 1 -35.97 1.57 -9.04
C GLY A 1 -34.71 1.17 -8.30
N SER A 2 -34.53 1.71 -7.10
CA SER A 2 -33.35 1.41 -6.30
C SER A 2 -33.75 0.77 -4.97
N SER A 3 -33.33 -0.47 -4.77
CA SER A 3 -33.65 -1.20 -3.55
C SER A 3 -32.40 -1.43 -2.71
N GLY A 4 -32.60 -1.77 -1.44
CA GLY A 4 -31.48 -2.00 -0.55
C GLY A 4 -31.14 -3.47 -0.42
N SER A 5 -29.99 -3.86 -0.95
CA SER A 5 -29.55 -5.25 -0.90
C SER A 5 -28.03 -5.34 -1.06
N SER A 6 -27.38 -5.97 -0.09
CA SER A 6 -25.92 -6.13 -0.12
C SER A 6 -25.55 -7.54 -0.59
N GLY A 7 -24.95 -7.62 -1.77
CA GLY A 7 -24.55 -8.91 -2.31
C GLY A 7 -23.25 -8.83 -3.08
N PRO A 8 -22.17 -8.42 -2.39
CA PRO A 8 -20.84 -8.29 -3.00
C PRO A 8 -20.23 -9.64 -3.33
N GLU A 9 -19.53 -9.72 -4.46
CA GLU A 9 -18.89 -10.94 -4.90
C GLU A 9 -17.49 -10.68 -5.42
N LYS A 10 -16.64 -11.70 -5.36
CA LYS A 10 -15.26 -11.58 -5.82
C LYS A 10 -14.61 -12.96 -5.98
N PRO A 11 -14.00 -13.19 -7.15
CA PRO A 11 -13.34 -14.46 -7.45
C PRO A 11 -12.06 -14.65 -6.63
N ALA A 12 -11.28 -15.67 -6.99
CA ALA A 12 -10.03 -15.96 -6.30
C ALA A 12 -9.03 -16.64 -7.23
N LYS A 13 -7.77 -16.21 -7.15
CA LYS A 13 -6.72 -16.78 -7.98
C LYS A 13 -5.35 -16.30 -7.53
N THR A 14 -4.35 -17.16 -7.65
CA THR A 14 -2.99 -16.81 -7.26
C THR A 14 -2.02 -16.95 -8.43
N GLN A 15 -0.79 -16.48 -8.24
CA GLN A 15 0.22 -16.54 -9.28
C GLN A 15 1.61 -16.26 -8.71
N LYS A 16 2.62 -16.37 -9.56
CA LYS A 16 4.00 -16.12 -9.15
C LYS A 16 4.59 -14.94 -9.91
N THR A 17 5.86 -14.65 -9.64
CA THR A 17 6.55 -13.55 -10.29
C THR A 17 7.74 -14.05 -11.11
N SER A 18 8.04 -13.34 -12.19
CA SER A 18 9.16 -13.71 -13.06
C SER A 18 10.31 -12.73 -12.91
N LEU A 19 11.50 -13.16 -13.32
CA LEU A 19 12.69 -12.32 -13.24
C LEU A 19 12.44 -10.95 -13.85
N ASP A 20 12.15 -10.93 -15.15
CA ASP A 20 11.88 -9.68 -15.85
C ASP A 20 10.81 -8.88 -15.14
N GLU A 21 10.02 -9.55 -14.29
CA GLU A 21 8.96 -8.89 -13.55
C GLU A 21 9.51 -8.20 -12.30
N ALA A 22 10.15 -8.99 -11.43
CA ALA A 22 10.73 -8.46 -10.21
C ALA A 22 11.37 -7.09 -10.45
N LEU A 23 11.93 -6.91 -11.64
CA LEU A 23 12.57 -5.65 -11.98
C LEU A 23 11.54 -4.56 -12.24
N GLN A 24 10.44 -4.94 -12.88
CA GLN A 24 9.37 -4.00 -13.18
C GLN A 24 8.87 -3.30 -11.92
N TRP A 25 9.15 -3.92 -10.77
CA TRP A 25 8.73 -3.36 -9.49
C TRP A 25 9.54 -2.12 -9.14
N ARG A 26 10.69 -1.97 -9.77
CA ARG A 26 11.56 -0.82 -9.53
C ARG A 26 11.01 0.43 -10.22
N ASP A 27 10.52 0.25 -11.44
CA ASP A 27 9.96 1.36 -12.20
C ASP A 27 8.95 2.15 -11.37
N SER A 28 7.90 1.48 -10.93
CA SER A 28 6.86 2.12 -10.13
C SER A 28 6.50 1.25 -8.92
N LEU A 29 6.50 1.85 -7.74
CA LEU A 29 6.17 1.13 -6.51
C LEU A 29 4.88 0.35 -6.68
N ASP A 30 3.90 0.95 -7.35
CA ASP A 30 2.61 0.30 -7.58
C ASP A 30 2.81 -1.12 -8.07
N LYS A 31 3.52 -1.27 -9.18
CA LYS A 31 3.78 -2.59 -9.76
C LYS A 31 4.12 -3.61 -8.67
N LEU A 32 4.83 -3.15 -7.64
CA LEU A 32 5.21 -4.02 -6.53
C LEU A 32 4.00 -4.38 -5.68
N LEU A 33 3.39 -3.36 -5.08
CA LEU A 33 2.22 -3.58 -4.23
C LEU A 33 1.17 -4.43 -4.95
N GLN A 34 0.86 -4.06 -6.19
CA GLN A 34 -0.11 -4.80 -6.98
C GLN A 34 0.17 -6.29 -6.95
N ASN A 35 1.43 -6.65 -7.18
CA ASN A 35 1.84 -8.05 -7.18
C ASN A 35 1.86 -8.61 -5.76
N ASN A 36 1.29 -9.79 -5.58
CA ASN A 36 1.25 -10.44 -4.28
C ASN A 36 2.66 -10.68 -3.74
N TYR A 37 3.45 -11.42 -4.50
CA TYR A 37 4.83 -11.72 -4.11
C TYR A 37 5.56 -10.46 -3.70
N GLY A 38 5.54 -9.45 -4.56
CA GLY A 38 6.21 -8.20 -4.27
C GLY A 38 5.67 -7.53 -3.03
N LEU A 39 4.35 -7.44 -2.93
CA LEU A 39 3.71 -6.82 -1.78
C LEU A 39 4.11 -7.52 -0.47
N ALA A 40 3.72 -8.78 -0.35
CA ALA A 40 4.04 -9.56 0.84
C ALA A 40 5.46 -9.27 1.31
N SER A 41 6.43 -9.39 0.41
CA SER A 41 7.82 -9.15 0.73
C SER A 41 8.04 -7.70 1.18
N PHE A 42 7.58 -6.76 0.36
CA PHE A 42 7.72 -5.34 0.67
C PHE A 42 7.31 -5.06 2.12
N LYS A 43 6.18 -5.64 2.53
CA LYS A 43 5.69 -5.45 3.88
C LYS A 43 6.74 -5.84 4.92
N SER A 44 7.14 -7.11 4.88
CA SER A 44 8.14 -7.60 5.82
C SER A 44 9.30 -6.61 5.96
N PHE A 45 9.79 -6.13 4.82
CA PHE A 45 10.90 -5.18 4.81
C PHE A 45 10.61 -4.00 5.72
N LEU A 46 9.39 -3.46 5.63
CA LEU A 46 9.00 -2.33 6.46
C LEU A 46 8.96 -2.71 7.93
N LYS A 47 8.40 -3.89 8.22
CA LYS A 47 8.30 -4.37 9.59
C LYS A 47 9.64 -4.24 10.31
N SER A 48 10.69 -4.80 9.71
CA SER A 48 12.02 -4.75 10.29
C SER A 48 12.54 -3.31 10.35
N GLU A 49 12.29 -2.57 9.28
CA GLU A 49 12.73 -1.17 9.21
C GLU A 49 11.88 -0.29 10.11
N PHE A 50 10.76 -0.83 10.58
CA PHE A 50 9.86 -0.09 11.45
C PHE A 50 9.17 1.04 10.69
N SER A 51 8.85 0.77 9.42
CA SER A 51 8.19 1.77 8.58
C SER A 51 6.98 1.16 7.87
N GLU A 52 6.29 0.25 8.56
CA GLU A 52 5.12 -0.40 8.00
C GLU A 52 3.92 0.54 7.99
N GLU A 53 3.93 1.51 8.90
CA GLU A 53 2.84 2.48 9.00
C GLU A 53 2.59 3.16 7.66
N ASN A 54 3.67 3.42 6.92
CA ASN A 54 3.57 4.06 5.62
C ASN A 54 2.67 3.26 4.68
N LEU A 55 2.97 1.98 4.52
CA LEU A 55 2.19 1.10 3.65
C LEU A 55 0.75 0.99 4.15
N GLU A 56 0.60 0.69 5.44
CA GLU A 56 -0.73 0.55 6.03
C GLU A 56 -1.68 1.62 5.49
N PHE A 57 -1.27 2.88 5.61
CA PHE A 57 -2.08 3.99 5.14
C PHE A 57 -2.54 3.75 3.71
N TRP A 58 -1.68 3.13 2.91
CA TRP A 58 -2.01 2.85 1.51
C TRP A 58 -3.06 1.76 1.41
N ILE A 59 -2.74 0.58 1.94
CA ILE A 59 -3.66 -0.55 1.90
C ILE A 59 -5.04 -0.15 2.39
N ALA A 60 -5.08 0.56 3.52
CA ALA A 60 -6.35 1.01 4.10
C ALA A 60 -7.13 1.85 3.10
N CYS A 61 -6.47 2.86 2.54
CA CYS A 61 -7.12 3.74 1.57
C CYS A 61 -7.92 2.94 0.55
N GLU A 62 -7.21 2.13 -0.24
CA GLU A 62 -7.86 1.30 -1.25
C GLU A 62 -9.07 0.57 -0.68
N ASP A 63 -8.90 0.04 0.53
CA ASP A 63 -9.98 -0.68 1.19
C ASP A 63 -11.17 0.23 1.48
N TYR A 64 -10.89 1.52 1.60
CA TYR A 64 -11.94 2.50 1.88
C TYR A 64 -12.64 2.92 0.60
N LYS A 65 -11.99 2.69 -0.54
CA LYS A 65 -12.57 3.03 -1.83
C LYS A 65 -13.75 2.12 -2.16
N LYS A 66 -13.66 0.86 -1.72
CA LYS A 66 -14.72 -0.10 -1.97
C LYS A 66 -15.86 0.06 -0.96
N ILE A 67 -15.91 1.23 -0.34
CA ILE A 67 -16.95 1.52 0.65
C ILE A 67 -18.11 2.28 0.02
N LYS A 68 -19.29 1.65 0.00
CA LYS A 68 -20.48 2.26 -0.56
C LYS A 68 -21.36 2.85 0.53
N SER A 69 -21.41 2.18 1.68
CA SER A 69 -22.22 2.64 2.80
C SER A 69 -22.06 4.14 2.99
N PRO A 70 -23.19 4.83 3.21
CA PRO A 70 -23.21 6.29 3.43
C PRO A 70 -22.61 6.68 4.77
N ALA A 71 -22.66 5.77 5.73
CA ALA A 71 -22.11 6.02 7.05
C ALA A 71 -20.65 5.60 7.14
N LYS A 72 -20.33 4.49 6.47
CA LYS A 72 -18.96 3.97 6.47
C LYS A 72 -18.03 4.91 5.70
N MET A 73 -18.43 5.27 4.48
CA MET A 73 -17.63 6.15 3.65
C MET A 73 -17.15 7.36 4.44
N ALA A 74 -17.99 7.84 5.35
CA ALA A 74 -17.64 8.99 6.18
C ALA A 74 -16.96 8.55 7.47
N GLU A 75 -17.66 7.74 8.25
CA GLU A 75 -17.13 7.26 9.53
C GLU A 75 -15.73 6.65 9.33
N LYS A 76 -15.66 5.62 8.50
CA LYS A 76 -14.39 4.95 8.22
C LYS A 76 -13.29 5.97 7.94
N ALA A 77 -13.59 6.94 7.09
CA ALA A 77 -12.63 7.98 6.74
C ALA A 77 -11.95 8.53 8.00
N LYS A 78 -12.75 8.94 8.97
CA LYS A 78 -12.23 9.50 10.21
C LYS A 78 -11.32 8.49 10.91
N GLN A 79 -11.69 7.22 10.86
CA GLN A 79 -10.90 6.16 11.48
C GLN A 79 -9.46 6.20 11.00
N ILE A 80 -9.28 6.13 9.68
CA ILE A 80 -7.95 6.16 9.10
C ILE A 80 -7.20 7.42 9.50
N TYR A 81 -7.93 8.47 9.81
CA TYR A 81 -7.34 9.74 10.21
C TYR A 81 -6.92 9.71 11.69
N GLU A 82 -7.80 9.16 12.52
CA GLU A 82 -7.53 9.06 13.95
C GLU A 82 -6.39 8.09 14.23
N GLU A 83 -5.97 7.37 13.19
CA GLU A 83 -4.90 6.39 13.31
C GLU A 83 -3.60 6.92 12.68
N PHE A 84 -3.71 7.36 11.43
CA PHE A 84 -2.55 7.89 10.71
C PHE A 84 -2.56 9.42 10.71
N ILE A 85 -3.67 10.00 10.27
CA ILE A 85 -3.81 11.45 10.22
C ILE A 85 -4.15 12.01 11.59
N GLN A 86 -3.75 11.29 12.65
CA GLN A 86 -4.02 11.73 14.01
C GLN A 86 -2.73 12.24 14.67
N THR A 87 -2.90 13.10 15.67
CA THR A 87 -1.76 13.67 16.38
C THR A 87 -0.93 12.58 17.05
N GLU A 88 0.39 12.68 16.91
CA GLU A 88 1.29 11.70 17.50
C GLU A 88 0.70 10.29 17.40
N ALA A 89 -0.07 10.05 16.34
CA ALA A 89 -0.68 8.74 16.13
C ALA A 89 0.36 7.63 16.21
N PRO A 90 -0.13 6.39 16.43
CA PRO A 90 0.74 5.22 16.54
C PRO A 90 1.38 4.84 15.20
N LYS A 91 0.68 5.15 14.12
CA LYS A 91 1.18 4.84 12.78
C LYS A 91 1.24 6.10 11.92
N GLU A 92 1.20 7.26 12.56
CA GLU A 92 1.25 8.53 11.86
C GLU A 92 2.26 8.48 10.72
N VAL A 93 1.76 8.30 9.51
CA VAL A 93 2.62 8.24 8.34
C VAL A 93 3.45 9.51 8.18
N ASN A 94 4.28 9.56 7.15
CA ASN A 94 5.12 10.72 6.89
C ASN A 94 4.45 11.68 5.92
N ILE A 95 3.76 12.67 6.46
CA ILE A 95 3.07 13.65 5.64
C ILE A 95 3.13 15.05 6.27
N ASP A 96 3.85 15.95 5.62
CA ASP A 96 3.99 17.32 6.12
C ASP A 96 2.63 17.93 6.41
N HIS A 97 2.62 19.01 7.18
CA HIS A 97 1.39 19.70 7.53
C HIS A 97 0.57 20.01 6.29
N PHE A 98 1.25 20.39 5.21
CA PHE A 98 0.57 20.73 3.96
C PHE A 98 -0.41 19.62 3.57
N THR A 99 0.12 18.44 3.27
CA THR A 99 -0.71 17.32 2.88
C THR A 99 -1.63 16.89 4.03
N LYS A 100 -1.05 16.72 5.21
CA LYS A 100 -1.82 16.32 6.38
C LYS A 100 -3.10 17.14 6.52
N ASP A 101 -2.99 18.44 6.33
CA ASP A 101 -4.13 19.34 6.42
C ASP A 101 -5.18 18.99 5.36
N ILE A 102 -4.71 18.78 4.14
CA ILE A 102 -5.60 18.44 3.03
C ILE A 102 -6.63 17.39 3.45
N THR A 103 -6.14 16.19 3.79
CA THR A 103 -7.01 15.11 4.20
C THR A 103 -8.11 15.61 5.14
N MET A 104 -7.70 16.32 6.18
CA MET A 104 -8.65 16.86 7.15
C MET A 104 -9.82 17.55 6.44
N LYS A 105 -9.49 18.52 5.60
CA LYS A 105 -10.51 19.26 4.86
C LYS A 105 -11.32 18.33 3.97
N ASN A 106 -10.76 17.16 3.68
CA ASN A 106 -11.43 16.17 2.84
C ASN A 106 -12.25 15.21 3.68
N LEU A 107 -12.33 15.48 4.98
CA LEU A 107 -13.09 14.63 5.89
C LEU A 107 -14.53 15.13 6.04
N VAL A 108 -14.83 16.23 5.36
CA VAL A 108 -16.17 16.81 5.42
C VAL A 108 -17.14 16.04 4.54
N GLU A 109 -16.82 15.95 3.25
CA GLU A 109 -17.66 15.24 2.30
C GLU A 109 -16.86 14.16 1.56
N PRO A 110 -16.16 13.32 2.34
CA PRO A 110 -15.34 12.23 1.79
C PRO A 110 -16.19 11.12 1.19
N SER A 111 -15.84 10.70 -0.02
CA SER A 111 -16.57 9.64 -0.71
C SER A 111 -15.64 8.50 -1.11
N LEU A 112 -14.79 8.75 -2.09
CA LEU A 112 -13.85 7.74 -2.57
C LEU A 112 -12.44 8.33 -2.69
N SER A 113 -12.36 9.53 -3.25
CA SER A 113 -11.08 10.20 -3.43
C SER A 113 -10.76 11.10 -2.23
N SER A 114 -11.38 10.79 -1.10
CA SER A 114 -11.17 11.57 0.12
C SER A 114 -9.69 11.58 0.50
N PHE A 115 -9.04 10.43 0.38
CA PHE A 115 -7.63 10.30 0.72
C PHE A 115 -6.77 10.21 -0.54
N ASP A 116 -7.22 10.85 -1.60
CA ASP A 116 -6.50 10.84 -2.87
C ASP A 116 -5.10 11.41 -2.71
N MET A 117 -5.02 12.63 -2.18
CA MET A 117 -3.74 13.28 -1.96
C MET A 117 -2.87 12.49 -0.97
N ALA A 118 -3.37 12.34 0.25
CA ALA A 118 -2.66 11.60 1.28
C ALA A 118 -2.13 10.27 0.75
N GLN A 119 -2.95 9.60 -0.07
CA GLN A 119 -2.57 8.32 -0.64
C GLN A 119 -1.40 8.49 -1.61
N LYS A 120 -1.56 9.37 -2.59
CA LYS A 120 -0.53 9.61 -3.57
C LYS A 120 0.73 10.19 -2.91
N ARG A 121 0.54 10.87 -1.80
CA ARG A 121 1.65 11.47 -1.07
C ARG A 121 2.56 10.39 -0.49
N ILE A 122 2.00 9.54 0.37
CA ILE A 122 2.76 8.47 0.98
C ILE A 122 3.31 7.50 -0.06
N HIS A 123 2.48 7.17 -1.05
CA HIS A 123 2.88 6.27 -2.12
C HIS A 123 4.15 6.77 -2.80
N ALA A 124 4.27 8.08 -2.96
CA ALA A 124 5.43 8.68 -3.59
C ALA A 124 6.66 8.57 -2.70
N LEU A 125 6.43 8.35 -1.41
CA LEU A 125 7.53 8.23 -0.45
C LEU A 125 8.03 6.79 -0.39
N MET A 126 7.13 5.86 -0.12
CA MET A 126 7.49 4.44 -0.02
C MET A 126 8.10 3.96 -1.34
N GLU A 127 8.01 4.78 -2.37
CA GLU A 127 8.55 4.44 -3.68
C GLU A 127 9.94 5.06 -3.87
N LYS A 128 10.19 6.16 -3.18
CA LYS A 128 11.48 6.85 -3.26
C LYS A 128 12.24 6.74 -1.95
N ASP A 129 11.64 6.09 -0.96
CA ASP A 129 12.27 5.92 0.34
C ASP A 129 12.52 4.45 0.63
N SER A 130 11.44 3.68 0.79
CA SER A 130 11.54 2.26 1.07
C SER A 130 11.82 1.46 -0.20
N LEU A 131 11.00 1.69 -1.22
CA LEU A 131 11.16 1.00 -2.49
C LEU A 131 12.64 0.85 -2.85
N PRO A 132 13.36 1.99 -2.84
CA PRO A 132 14.79 2.02 -3.16
C PRO A 132 15.64 1.34 -2.09
N ARG A 133 15.09 1.25 -0.88
CA ARG A 133 15.81 0.63 0.24
C ARG A 133 15.44 -0.84 0.35
N PHE A 134 14.38 -1.25 -0.33
CA PHE A 134 13.93 -2.63 -0.30
C PHE A 134 14.65 -3.46 -1.35
N VAL A 135 14.98 -2.83 -2.48
CA VAL A 135 15.68 -3.52 -3.56
C VAL A 135 17.13 -3.80 -3.17
N ARG A 136 17.65 -3.04 -2.22
CA ARG A 136 19.01 -3.22 -1.77
C ARG A 136 19.14 -4.45 -0.87
N SER A 137 18.22 -4.58 0.08
CA SER A 137 18.23 -5.71 1.00
C SER A 137 18.17 -7.03 0.24
N GLU A 138 18.38 -8.13 0.95
CA GLU A 138 18.35 -9.45 0.35
C GLU A 138 16.94 -9.83 -0.09
N PHE A 139 15.97 -9.47 0.75
CA PHE A 139 14.57 -9.77 0.45
C PHE A 139 14.28 -9.63 -1.04
N TYR A 140 14.88 -8.61 -1.65
CA TYR A 140 14.68 -8.35 -3.08
C TYR A 140 15.68 -9.15 -3.91
N GLN A 141 16.97 -8.97 -3.62
CA GLN A 141 18.01 -9.67 -4.35
C GLN A 141 17.65 -11.13 -4.56
N GLU A 142 16.88 -11.68 -3.63
CA GLU A 142 16.46 -13.07 -3.72
C GLU A 142 15.34 -13.24 -4.74
N LEU A 143 14.46 -12.23 -4.82
CA LEU A 143 13.35 -12.27 -5.76
C LEU A 143 13.83 -12.56 -7.17
N ILE A 144 15.02 -12.09 -7.49
CA ILE A 144 15.59 -12.31 -8.81
C ILE A 144 16.73 -13.32 -8.76
N SER A 145 17.48 -13.31 -7.65
CA SER A 145 18.61 -14.22 -7.48
C SER A 145 18.11 -15.65 -7.30
N GLY A 146 17.34 -15.88 -6.24
CA GLY A 146 16.83 -17.20 -5.97
C GLY A 146 17.79 -18.29 -6.38
N PRO A 147 17.24 -19.47 -6.73
CA PRO A 147 18.04 -20.62 -7.15
C PRO A 147 18.70 -20.41 -8.51
N SER A 148 19.87 -19.76 -8.51
CA SER A 148 20.59 -19.49 -9.74
C SER A 148 22.03 -19.07 -9.44
N SER A 149 22.78 -18.79 -10.49
CA SER A 149 24.18 -18.38 -10.35
C SER A 149 24.28 -16.95 -9.84
N GLY A 150 25.51 -16.52 -9.55
CA GLY A 150 25.72 -15.17 -9.06
C GLY A 150 27.04 -15.02 -8.35
N GLY A 1 -20.70 -47.88 14.59
CA GLY A 1 -20.24 -48.47 13.35
C GLY A 1 -20.64 -47.68 12.12
N SER A 2 -19.72 -46.85 11.63
CA SER A 2 -19.99 -46.03 10.45
C SER A 2 -19.97 -46.87 9.19
N SER A 3 -20.94 -46.62 8.31
CA SER A 3 -21.03 -47.36 7.05
C SER A 3 -20.75 -46.45 5.86
N GLY A 4 -19.53 -46.51 5.35
CA GLY A 4 -19.16 -45.69 4.21
C GLY A 4 -17.81 -45.01 4.40
N SER A 5 -17.69 -43.79 3.89
CA SER A 5 -16.43 -43.04 4.01
C SER A 5 -16.70 -41.54 3.97
N SER A 6 -15.68 -40.75 4.30
CA SER A 6 -15.80 -39.30 4.30
C SER A 6 -14.43 -38.64 4.25
N GLY A 7 -14.41 -37.38 3.82
CA GLY A 7 -13.15 -36.66 3.72
C GLY A 7 -13.10 -35.75 2.51
N PRO A 8 -13.28 -34.44 2.73
CA PRO A 8 -13.26 -33.43 1.67
C PRO A 8 -11.86 -33.23 1.09
N GLU A 9 -11.77 -32.45 0.02
CA GLU A 9 -10.49 -32.18 -0.61
C GLU A 9 -10.00 -30.77 -0.29
N LYS A 10 -8.83 -30.42 -0.80
CA LYS A 10 -8.24 -29.11 -0.56
C LYS A 10 -7.80 -28.47 -1.88
N PRO A 11 -7.75 -27.13 -1.90
CA PRO A 11 -7.33 -26.36 -3.08
C PRO A 11 -5.85 -26.52 -3.37
N ALA A 12 -5.39 -25.87 -4.44
CA ALA A 12 -3.99 -25.94 -4.83
C ALA A 12 -3.25 -24.66 -4.44
N LYS A 13 -1.99 -24.57 -4.84
CA LYS A 13 -1.17 -23.40 -4.55
C LYS A 13 -1.27 -22.37 -5.66
N THR A 14 -0.59 -21.23 -5.48
CA THR A 14 -0.61 -20.17 -6.48
C THR A 14 0.71 -20.12 -7.23
N GLN A 15 0.75 -19.30 -8.29
CA GLN A 15 1.96 -19.16 -9.10
C GLN A 15 2.97 -18.24 -8.42
N LYS A 16 4.09 -17.99 -9.09
CA LYS A 16 5.13 -17.13 -8.56
C LYS A 16 5.46 -16.01 -9.54
N THR A 17 6.32 -15.09 -9.11
CA THR A 17 6.72 -13.95 -9.94
C THR A 17 7.87 -14.34 -10.86
N SER A 18 7.84 -13.82 -12.08
CA SER A 18 8.89 -14.11 -13.06
C SER A 18 10.07 -13.16 -12.89
N LEU A 19 11.21 -13.52 -13.46
CA LEU A 19 12.41 -12.71 -13.38
C LEU A 19 12.20 -11.35 -14.03
N ASP A 20 11.81 -11.37 -15.31
CA ASP A 20 11.56 -10.13 -16.04
C ASP A 20 10.52 -9.28 -15.35
N GLU A 21 9.83 -9.86 -14.37
CA GLU A 21 8.79 -9.16 -13.62
C GLU A 21 9.39 -8.48 -12.39
N ALA A 22 9.98 -9.28 -11.51
CA ALA A 22 10.59 -8.75 -10.29
C ALA A 22 11.29 -7.43 -10.56
N LEU A 23 11.79 -7.26 -11.77
CA LEU A 23 12.48 -6.03 -12.15
C LEU A 23 11.49 -4.89 -12.40
N GLN A 24 10.39 -5.22 -13.06
CA GLN A 24 9.35 -4.23 -13.37
C GLN A 24 8.87 -3.54 -12.10
N TRP A 25 9.18 -4.13 -10.96
CA TRP A 25 8.78 -3.57 -9.68
C TRP A 25 9.58 -2.31 -9.35
N ARG A 26 10.77 -2.20 -9.96
CA ARG A 26 11.62 -1.05 -9.73
C ARG A 26 11.07 0.19 -10.42
N ASP A 27 10.51 0.01 -11.61
CA ASP A 27 9.94 1.11 -12.37
C ASP A 27 8.98 1.92 -11.52
N SER A 28 7.94 1.25 -11.02
CA SER A 28 6.94 1.91 -10.18
C SER A 28 6.61 1.05 -8.96
N LEU A 29 6.47 1.70 -7.81
CA LEU A 29 6.14 1.01 -6.57
C LEU A 29 4.85 0.21 -6.71
N ASP A 30 3.95 0.70 -7.55
CA ASP A 30 2.68 0.03 -7.78
C ASP A 30 2.90 -1.41 -8.22
N LYS A 31 3.63 -1.58 -9.31
CA LYS A 31 3.91 -2.91 -9.85
C LYS A 31 4.34 -3.87 -8.74
N LEU A 32 4.89 -3.31 -7.67
CA LEU A 32 5.35 -4.10 -6.54
C LEU A 32 4.19 -4.45 -5.61
N LEU A 33 3.53 -3.42 -5.09
CA LEU A 33 2.40 -3.62 -4.19
C LEU A 33 1.34 -4.51 -4.84
N GLN A 34 1.00 -4.20 -6.09
CA GLN A 34 0.00 -4.97 -6.82
C GLN A 34 0.34 -6.46 -6.80
N ASN A 35 1.60 -6.77 -7.07
CA ASN A 35 2.05 -8.16 -7.08
C ASN A 35 2.17 -8.71 -5.67
N ASN A 36 1.33 -9.69 -5.35
CA ASN A 36 1.34 -10.30 -4.02
C ASN A 36 2.78 -10.55 -3.55
N TYR A 37 3.52 -11.34 -4.31
CA TYR A 37 4.90 -11.65 -3.97
C TYR A 37 5.66 -10.40 -3.55
N GLY A 38 5.76 -9.44 -4.46
CA GLY A 38 6.46 -8.20 -4.17
C GLY A 38 5.94 -7.53 -2.91
N LEU A 39 4.63 -7.37 -2.83
CA LEU A 39 4.01 -6.74 -1.66
C LEU A 39 4.44 -7.44 -0.37
N ALA A 40 4.04 -8.70 -0.24
CA ALA A 40 4.37 -9.49 0.94
C ALA A 40 5.81 -9.19 1.41
N SER A 41 6.76 -9.34 0.50
CA SER A 41 8.16 -9.09 0.83
C SER A 41 8.39 -7.62 1.15
N PHE A 42 7.71 -6.74 0.42
CA PHE A 42 7.84 -5.31 0.62
C PHE A 42 7.49 -4.94 2.07
N LYS A 43 6.46 -5.58 2.60
CA LYS A 43 6.00 -5.32 3.96
C LYS A 43 7.09 -5.70 4.97
N SER A 44 7.40 -7.00 5.02
CA SER A 44 8.41 -7.50 5.94
C SER A 44 9.59 -6.53 6.03
N PHE A 45 10.00 -6.01 4.89
CA PHE A 45 11.12 -5.07 4.84
C PHE A 45 10.87 -3.88 5.76
N LEU A 46 9.70 -3.27 5.63
CA LEU A 46 9.34 -2.12 6.45
C LEU A 46 9.47 -2.45 7.93
N LYS A 47 8.89 -3.58 8.34
CA LYS A 47 8.94 -4.00 9.73
C LYS A 47 10.35 -3.82 10.30
N SER A 48 11.35 -4.09 9.48
CA SER A 48 12.74 -3.96 9.91
C SER A 48 13.10 -2.50 10.15
N GLU A 49 12.55 -1.61 9.32
CA GLU A 49 12.82 -0.19 9.44
C GLU A 49 11.77 0.48 10.32
N PHE A 50 10.78 -0.29 10.75
CA PHE A 50 9.71 0.23 11.61
C PHE A 50 8.90 1.29 10.88
N SER A 51 8.84 1.16 9.55
CA SER A 51 8.10 2.11 8.73
C SER A 51 6.92 1.43 8.03
N GLU A 52 6.45 0.33 8.62
CA GLU A 52 5.34 -0.42 8.04
C GLU A 52 4.06 0.41 8.07
N GLU A 53 4.08 1.51 8.82
CA GLU A 53 2.92 2.38 8.93
C GLU A 53 2.64 3.07 7.59
N ASN A 54 3.69 3.38 6.86
CA ASN A 54 3.56 4.05 5.57
C ASN A 54 2.73 3.19 4.61
N LEU A 55 2.85 1.88 4.73
CA LEU A 55 2.12 0.95 3.87
C LEU A 55 0.69 0.79 4.36
N GLU A 56 0.53 0.62 5.66
CA GLU A 56 -0.81 0.45 6.25
C GLU A 56 -1.78 1.49 5.70
N PHE A 57 -1.38 2.76 5.77
CA PHE A 57 -2.22 3.84 5.29
C PHE A 57 -2.66 3.59 3.84
N TRP A 58 -1.78 2.99 3.06
CA TRP A 58 -2.08 2.69 1.66
C TRP A 58 -3.11 1.58 1.56
N ILE A 59 -2.77 0.40 2.06
CA ILE A 59 -3.67 -0.74 2.02
C ILE A 59 -5.07 -0.35 2.47
N ALA A 60 -5.14 0.44 3.53
CA ALA A 60 -6.42 0.89 4.07
C ALA A 60 -7.12 1.85 3.10
N CYS A 61 -6.34 2.74 2.50
CA CYS A 61 -6.88 3.71 1.56
C CYS A 61 -7.59 3.01 0.41
N GLU A 62 -6.89 2.08 -0.24
CA GLU A 62 -7.46 1.34 -1.36
C GLU A 62 -8.69 0.56 -0.91
N ASP A 63 -8.69 0.10 0.33
CA ASP A 63 -9.81 -0.66 0.88
C ASP A 63 -11.01 0.24 1.12
N TYR A 64 -10.75 1.50 1.47
CA TYR A 64 -11.81 2.46 1.74
C TYR A 64 -12.54 2.83 0.45
N LYS A 65 -11.84 2.77 -0.66
CA LYS A 65 -12.41 3.09 -1.96
C LYS A 65 -13.51 2.10 -2.33
N LYS A 66 -13.46 0.93 -1.72
CA LYS A 66 -14.46 -0.11 -1.98
C LYS A 66 -15.70 0.09 -1.11
N ILE A 67 -15.85 1.30 -0.58
CA ILE A 67 -17.00 1.61 0.26
C ILE A 67 -18.01 2.47 -0.48
N LYS A 68 -19.28 2.10 -0.39
CA LYS A 68 -20.35 2.84 -1.05
C LYS A 68 -21.41 3.29 -0.04
N SER A 69 -21.26 2.84 1.20
CA SER A 69 -22.20 3.18 2.26
C SER A 69 -22.05 4.66 2.65
N PRO A 70 -23.19 5.34 2.81
CA PRO A 70 -23.21 6.76 3.18
C PRO A 70 -22.77 6.99 4.62
N ALA A 71 -22.60 5.89 5.36
CA ALA A 71 -22.17 5.97 6.76
C ALA A 71 -20.71 5.56 6.90
N LYS A 72 -20.34 4.46 6.24
CA LYS A 72 -18.96 3.96 6.29
C LYS A 72 -18.02 4.90 5.55
N MET A 73 -18.41 5.30 4.34
CA MET A 73 -17.60 6.19 3.52
C MET A 73 -17.14 7.40 4.33
N ALA A 74 -17.98 7.84 5.26
CA ALA A 74 -17.66 8.99 6.10
C ALA A 74 -16.96 8.55 7.38
N GLU A 75 -17.62 7.69 8.15
CA GLU A 75 -17.06 7.20 9.41
C GLU A 75 -15.68 6.57 9.18
N LYS A 76 -15.63 5.58 8.30
CA LYS A 76 -14.38 4.90 7.99
C LYS A 76 -13.25 5.89 7.79
N ALA A 77 -13.58 7.02 7.16
CA ALA A 77 -12.59 8.07 6.90
C ALA A 77 -11.99 8.58 8.20
N LYS A 78 -12.85 8.91 9.16
CA LYS A 78 -12.40 9.41 10.46
C LYS A 78 -11.48 8.41 11.14
N GLN A 79 -11.76 7.12 10.94
CA GLN A 79 -10.95 6.06 11.54
C GLN A 79 -9.51 6.13 11.05
N ILE A 80 -9.33 6.03 9.73
CA ILE A 80 -8.00 6.07 9.13
C ILE A 80 -7.26 7.36 9.54
N TYR A 81 -8.02 8.39 9.87
CA TYR A 81 -7.45 9.66 10.28
C TYR A 81 -7.04 9.63 11.76
N GLU A 82 -7.92 9.09 12.59
CA GLU A 82 -7.65 9.00 14.02
C GLU A 82 -6.52 8.04 14.31
N GLU A 83 -6.07 7.32 13.27
CA GLU A 83 -4.99 6.36 13.41
C GLU A 83 -3.70 6.91 12.80
N PHE A 84 -3.79 7.33 11.54
CA PHE A 84 -2.63 7.87 10.84
C PHE A 84 -2.64 9.40 10.84
N ILE A 85 -3.77 9.97 10.38
CA ILE A 85 -3.92 11.41 10.34
C ILE A 85 -4.28 11.98 11.71
N GLN A 86 -3.88 11.26 12.76
CA GLN A 86 -4.17 11.69 14.12
C GLN A 86 -2.90 12.20 14.80
N THR A 87 -3.08 13.11 15.76
CA THR A 87 -1.95 13.69 16.48
C THR A 87 -1.10 12.60 17.15
N GLU A 88 0.21 12.74 17.05
CA GLU A 88 1.12 11.77 17.63
C GLU A 88 0.57 10.36 17.52
N ALA A 89 -0.19 10.11 16.46
CA ALA A 89 -0.78 8.80 16.24
C ALA A 89 0.26 7.68 16.39
N PRO A 90 -0.22 6.45 16.61
CA PRO A 90 0.65 5.29 16.77
C PRO A 90 1.36 4.90 15.48
N LYS A 91 0.68 5.11 14.36
CA LYS A 91 1.24 4.79 13.05
C LYS A 91 1.29 6.02 12.15
N GLU A 92 1.06 7.19 12.75
CA GLU A 92 1.07 8.44 12.00
C GLU A 92 2.13 8.41 10.89
N VAL A 93 1.67 8.26 9.65
CA VAL A 93 2.57 8.20 8.50
C VAL A 93 3.41 9.47 8.41
N ASN A 94 4.21 9.56 7.36
CA ASN A 94 5.07 10.72 7.15
C ASN A 94 4.43 11.71 6.17
N ILE A 95 3.68 12.66 6.71
CA ILE A 95 3.01 13.66 5.88
C ILE A 95 3.09 15.05 6.52
N ASP A 96 3.80 15.94 5.87
CA ASP A 96 3.95 17.31 6.37
C ASP A 96 2.59 17.94 6.65
N HIS A 97 2.57 18.93 7.54
CA HIS A 97 1.33 19.61 7.89
C HIS A 97 0.53 19.96 6.64
N PHE A 98 1.24 20.30 5.57
CA PHE A 98 0.59 20.65 4.31
C PHE A 98 -0.42 19.59 3.90
N THR A 99 0.09 18.42 3.49
CA THR A 99 -0.77 17.32 3.06
C THR A 99 -1.70 16.90 4.18
N LYS A 100 -1.15 16.69 5.37
CA LYS A 100 -1.95 16.28 6.52
C LYS A 100 -3.21 17.12 6.65
N ASP A 101 -3.04 18.44 6.56
CA ASP A 101 -4.17 19.36 6.66
C ASP A 101 -5.20 19.07 5.57
N ILE A 102 -4.73 18.84 4.35
CA ILE A 102 -5.61 18.56 3.23
C ILE A 102 -6.65 17.52 3.60
N THR A 103 -6.20 16.31 3.91
CA THR A 103 -7.10 15.22 4.29
C THR A 103 -8.19 15.72 5.23
N MET A 104 -7.80 16.39 6.30
CA MET A 104 -8.74 16.92 7.27
C MET A 104 -9.90 17.62 6.57
N LYS A 105 -9.59 18.56 5.69
CA LYS A 105 -10.60 19.30 4.95
C LYS A 105 -11.41 18.37 4.05
N ASN A 106 -10.83 17.22 3.73
CA ASN A 106 -11.50 16.24 2.88
C ASN A 106 -12.32 15.27 3.72
N LEU A 107 -12.42 15.55 5.02
CA LEU A 107 -13.18 14.70 5.93
C LEU A 107 -14.61 15.20 6.07
N VAL A 108 -14.91 16.31 5.42
CA VAL A 108 -16.25 16.89 5.47
C VAL A 108 -17.20 16.14 4.54
N GLU A 109 -16.87 16.09 3.26
CA GLU A 109 -17.70 15.40 2.28
C GLU A 109 -16.90 14.32 1.55
N PRO A 110 -16.23 13.46 2.33
CA PRO A 110 -15.42 12.36 1.79
C PRO A 110 -16.27 11.27 1.14
N SER A 111 -15.83 10.80 -0.02
CA SER A 111 -16.55 9.76 -0.74
C SER A 111 -15.60 8.65 -1.20
N LEU A 112 -14.76 8.97 -2.18
CA LEU A 112 -13.81 8.01 -2.70
C LEU A 112 -12.41 8.62 -2.80
N SER A 113 -12.34 9.84 -3.33
CA SER A 113 -11.08 10.54 -3.48
C SER A 113 -10.74 11.33 -2.22
N SER A 114 -11.35 10.96 -1.10
CA SER A 114 -11.13 11.64 0.16
C SER A 114 -9.64 11.62 0.53
N PHE A 115 -9.05 10.43 0.46
CA PHE A 115 -7.63 10.27 0.79
C PHE A 115 -6.77 10.24 -0.48
N ASP A 116 -7.25 10.91 -1.53
CA ASP A 116 -6.54 10.96 -2.79
C ASP A 116 -5.13 11.53 -2.60
N MET A 117 -5.06 12.73 -2.02
CA MET A 117 -3.77 13.38 -1.78
C MET A 117 -2.92 12.57 -0.81
N ALA A 118 -3.39 12.43 0.42
CA ALA A 118 -2.68 11.67 1.44
C ALA A 118 -2.16 10.35 0.88
N GLN A 119 -2.99 9.68 0.10
CA GLN A 119 -2.61 8.40 -0.50
C GLN A 119 -1.44 8.58 -1.46
N LYS A 120 -1.60 9.48 -2.43
CA LYS A 120 -0.56 9.75 -3.41
C LYS A 120 0.69 10.31 -2.73
N ARG A 121 0.50 10.95 -1.58
CA ARG A 121 1.61 11.53 -0.84
C ARG A 121 2.49 10.45 -0.22
N ILE A 122 1.86 9.50 0.46
CA ILE A 122 2.59 8.41 1.10
C ILE A 122 3.10 7.42 0.06
N HIS A 123 2.25 7.10 -0.92
CA HIS A 123 2.62 6.16 -1.96
C HIS A 123 3.91 6.59 -2.66
N ALA A 124 4.06 7.90 -2.86
CA ALA A 124 5.25 8.43 -3.50
C ALA A 124 6.46 8.33 -2.59
N LEU A 125 6.21 8.24 -1.29
CA LEU A 125 7.29 8.14 -0.31
C LEU A 125 7.80 6.70 -0.20
N MET A 126 6.87 5.75 -0.29
CA MET A 126 7.23 4.34 -0.21
C MET A 126 7.86 3.86 -1.52
N GLU A 127 7.77 4.69 -2.54
CA GLU A 127 8.33 4.36 -3.86
C GLU A 127 9.69 5.03 -4.05
N LYS A 128 9.93 6.10 -3.29
CA LYS A 128 11.19 6.82 -3.39
C LYS A 128 12.04 6.60 -2.14
N ASP A 129 11.44 6.00 -1.13
CA ASP A 129 12.14 5.73 0.12
C ASP A 129 12.31 4.23 0.33
N SER A 130 11.20 3.52 0.50
CA SER A 130 11.23 2.08 0.71
C SER A 130 11.58 1.34 -0.58
N LEU A 131 10.75 1.53 -1.60
CA LEU A 131 10.97 0.89 -2.89
C LEU A 131 12.47 0.76 -3.19
N PRO A 132 13.18 1.90 -3.16
CA PRO A 132 14.62 1.94 -3.42
C PRO A 132 15.43 1.29 -2.29
N ARG A 133 14.87 1.29 -1.09
CA ARG A 133 15.54 0.72 0.06
C ARG A 133 15.21 -0.77 0.19
N PHE A 134 14.21 -1.22 -0.55
CA PHE A 134 13.80 -2.62 -0.53
C PHE A 134 14.61 -3.45 -1.51
N VAL A 135 14.91 -2.87 -2.67
CA VAL A 135 15.69 -3.55 -3.69
C VAL A 135 17.12 -3.78 -3.22
N ARG A 136 17.52 -3.08 -2.17
CA ARG A 136 18.86 -3.21 -1.62
C ARG A 136 18.97 -4.41 -0.69
N SER A 137 17.91 -4.64 0.08
CA SER A 137 17.88 -5.76 1.02
C SER A 137 17.74 -7.08 0.28
N GLU A 138 18.49 -8.09 0.74
CA GLU A 138 18.44 -9.40 0.11
C GLU A 138 17.02 -9.77 -0.31
N PHE A 139 16.06 -9.50 0.56
CA PHE A 139 14.67 -9.79 0.28
C PHE A 139 14.37 -9.66 -1.21
N TYR A 140 15.00 -8.66 -1.84
CA TYR A 140 14.80 -8.43 -3.27
C TYR A 140 15.78 -9.25 -4.09
N GLN A 141 17.07 -9.11 -3.79
CA GLN A 141 18.11 -9.84 -4.51
C GLN A 141 17.67 -11.28 -4.79
N GLU A 142 17.02 -11.89 -3.80
CA GLU A 142 16.56 -13.26 -3.94
C GLU A 142 15.43 -13.36 -4.96
N LEU A 143 14.61 -12.32 -5.02
CA LEU A 143 13.49 -12.28 -5.95
C LEU A 143 13.96 -12.56 -7.38
N ILE A 144 15.24 -12.34 -7.62
CA ILE A 144 15.83 -12.58 -8.95
C ILE A 144 16.95 -13.60 -8.87
N SER A 145 17.71 -13.58 -7.79
CA SER A 145 18.82 -14.50 -7.60
C SER A 145 18.31 -15.87 -7.17
N GLY A 146 17.06 -15.93 -6.73
CA GLY A 146 16.48 -17.18 -6.29
C GLY A 146 16.14 -18.09 -7.45
N PRO A 147 15.23 -19.05 -7.21
CA PRO A 147 14.79 -20.00 -8.23
C PRO A 147 13.95 -19.34 -9.32
N SER A 148 14.60 -18.97 -10.42
CA SER A 148 13.92 -18.33 -11.54
C SER A 148 14.83 -18.23 -12.75
N SER A 149 14.24 -18.28 -13.93
CA SER A 149 15.00 -18.20 -15.18
C SER A 149 15.09 -16.75 -15.66
N GLY A 150 16.31 -16.32 -15.98
CA GLY A 150 16.50 -14.96 -16.46
C GLY A 150 17.85 -14.39 -16.04
N GLY A 1 -23.51 -7.48 -30.30
CA GLY A 1 -23.84 -8.84 -29.95
C GLY A 1 -23.26 -9.25 -28.61
N SER A 2 -22.44 -10.30 -28.62
CA SER A 2 -21.81 -10.79 -27.39
C SER A 2 -20.38 -11.23 -27.66
N SER A 3 -19.59 -11.31 -26.59
CA SER A 3 -18.19 -11.72 -26.70
C SER A 3 -17.68 -12.28 -25.37
N GLY A 4 -16.67 -13.14 -25.46
CA GLY A 4 -16.11 -13.74 -24.26
C GLY A 4 -16.86 -14.98 -23.82
N SER A 5 -16.13 -16.05 -23.55
CA SER A 5 -16.74 -17.31 -23.12
C SER A 5 -17.45 -17.14 -21.78
N SER A 6 -18.75 -17.45 -21.76
CA SER A 6 -19.54 -17.33 -20.55
C SER A 6 -19.22 -18.45 -19.58
N GLY A 7 -18.85 -18.08 -18.36
CA GLY A 7 -18.51 -19.08 -17.35
C GLY A 7 -17.08 -18.97 -16.87
N PRO A 8 -16.83 -18.06 -15.93
CA PRO A 8 -15.49 -17.84 -15.37
C PRO A 8 -15.02 -19.00 -14.50
N GLU A 9 -13.71 -19.19 -14.44
CA GLU A 9 -13.14 -20.28 -13.65
C GLU A 9 -11.67 -20.00 -13.33
N LYS A 10 -11.37 -19.84 -12.05
CA LYS A 10 -10.01 -19.57 -11.61
C LYS A 10 -9.51 -20.67 -10.68
N PRO A 11 -8.23 -21.07 -10.87
CA PRO A 11 -7.61 -22.12 -10.06
C PRO A 11 -7.37 -21.67 -8.61
N ALA A 12 -6.60 -22.47 -7.88
CA ALA A 12 -6.29 -22.16 -6.50
C ALA A 12 -5.12 -21.18 -6.39
N LYS A 13 -3.97 -21.60 -6.87
CA LYS A 13 -2.77 -20.76 -6.84
C LYS A 13 -2.51 -20.14 -8.21
N THR A 14 -1.77 -19.03 -8.22
CA THR A 14 -1.45 -18.34 -9.46
C THR A 14 0.02 -18.54 -9.84
N GLN A 15 0.44 -17.89 -10.92
CA GLN A 15 1.82 -18.00 -11.38
C GLN A 15 2.75 -17.20 -10.48
N LYS A 16 3.98 -17.69 -10.32
CA LYS A 16 4.97 -17.02 -9.50
C LYS A 16 5.66 -15.91 -10.26
N THR A 17 5.92 -14.79 -9.58
CA THR A 17 6.59 -13.66 -10.19
C THR A 17 7.76 -14.10 -11.06
N SER A 18 7.92 -13.47 -12.21
CA SER A 18 9.01 -13.80 -13.13
C SER A 18 10.15 -12.79 -13.02
N LEU A 19 11.35 -13.22 -13.38
CA LEU A 19 12.52 -12.36 -13.32
C LEU A 19 12.22 -10.99 -13.94
N ASP A 20 11.91 -10.99 -15.23
CA ASP A 20 11.61 -9.75 -15.93
C ASP A 20 10.55 -8.95 -15.19
N GLU A 21 9.84 -9.62 -14.27
CA GLU A 21 8.80 -8.96 -13.49
C GLU A 21 9.38 -8.28 -12.25
N ALA A 22 10.05 -9.05 -11.41
CA ALA A 22 10.66 -8.53 -10.20
C ALA A 22 11.32 -7.18 -10.46
N LEU A 23 11.84 -7.01 -11.68
CA LEU A 23 12.50 -5.76 -12.06
C LEU A 23 11.48 -4.65 -12.29
N GLN A 24 10.34 -5.01 -12.87
CA GLN A 24 9.28 -4.05 -13.14
C GLN A 24 8.88 -3.30 -11.87
N TRP A 25 9.21 -3.88 -10.72
CA TRP A 25 8.88 -3.28 -9.44
C TRP A 25 9.79 -2.10 -9.15
N ARG A 26 10.97 -2.09 -9.76
CA ARG A 26 11.93 -1.02 -9.57
C ARG A 26 11.46 0.27 -10.23
N ASP A 27 10.90 0.14 -11.43
CA ASP A 27 10.41 1.30 -12.17
C ASP A 27 9.40 2.09 -11.34
N SER A 28 8.34 1.42 -10.91
CA SER A 28 7.30 2.04 -10.11
C SER A 28 6.90 1.16 -8.94
N LEU A 29 6.73 1.77 -7.76
CA LEU A 29 6.34 1.04 -6.57
C LEU A 29 5.04 0.29 -6.78
N ASP A 30 4.06 0.96 -7.38
CA ASP A 30 2.77 0.34 -7.66
C ASP A 30 2.93 -1.11 -8.09
N LYS A 31 3.66 -1.31 -9.18
CA LYS A 31 3.90 -2.66 -9.71
C LYS A 31 4.16 -3.64 -8.57
N LEU A 32 4.87 -3.19 -7.54
CA LEU A 32 5.18 -4.03 -6.39
C LEU A 32 3.92 -4.35 -5.60
N LEU A 33 3.34 -3.34 -4.99
CA LEU A 33 2.12 -3.51 -4.20
C LEU A 33 1.11 -4.39 -4.93
N GLN A 34 0.82 -4.01 -6.17
CA GLN A 34 -0.14 -4.75 -6.99
C GLN A 34 0.21 -6.23 -7.01
N ASN A 35 1.49 -6.54 -6.97
CA ASN A 35 1.96 -7.93 -6.99
C ASN A 35 1.91 -8.52 -5.59
N ASN A 36 1.34 -9.73 -5.49
CA ASN A 36 1.23 -10.41 -4.21
C ASN A 36 2.61 -10.65 -3.60
N TYR A 37 3.48 -11.29 -4.36
CA TYR A 37 4.84 -11.59 -3.89
C TYR A 37 5.56 -10.30 -3.51
N GLY A 38 5.62 -9.36 -4.45
CA GLY A 38 6.30 -8.10 -4.20
C GLY A 38 5.75 -7.39 -2.97
N LEU A 39 4.43 -7.39 -2.83
CA LEU A 39 3.79 -6.74 -1.69
C LEU A 39 4.22 -7.38 -0.38
N ALA A 40 3.87 -8.66 -0.22
CA ALA A 40 4.22 -9.40 0.99
C ALA A 40 5.65 -9.08 1.44
N SER A 41 6.60 -9.31 0.55
CA SER A 41 8.00 -9.05 0.85
C SER A 41 8.23 -7.57 1.16
N PHE A 42 7.50 -6.71 0.48
CA PHE A 42 7.61 -5.27 0.68
C PHE A 42 7.25 -4.89 2.12
N LYS A 43 6.21 -5.53 2.64
CA LYS A 43 5.75 -5.27 4.00
C LYS A 43 6.83 -5.63 5.02
N SER A 44 7.21 -6.90 5.06
CA SER A 44 8.23 -7.37 5.99
C SER A 44 9.34 -6.34 6.13
N PHE A 45 9.94 -5.96 5.00
CA PHE A 45 11.02 -4.99 5.00
C PHE A 45 10.69 -3.81 5.91
N LEU A 46 9.47 -3.29 5.77
CA LEU A 46 9.03 -2.16 6.57
C LEU A 46 8.94 -2.53 8.05
N LYS A 47 8.26 -3.63 8.34
CA LYS A 47 8.11 -4.10 9.71
C LYS A 47 9.43 -3.98 10.48
N SER A 48 10.53 -4.34 9.82
CA SER A 48 11.84 -4.28 10.43
C SER A 48 12.35 -2.84 10.50
N GLU A 49 12.02 -2.06 9.46
CA GLU A 49 12.45 -0.66 9.40
C GLU A 49 11.43 0.24 10.08
N PHE A 50 10.55 -0.36 10.88
CA PHE A 50 9.52 0.39 11.59
C PHE A 50 8.83 1.38 10.66
N SER A 51 8.77 1.03 9.38
CA SER A 51 8.15 1.89 8.38
C SER A 51 6.93 1.21 7.75
N GLU A 52 6.34 0.27 8.50
CA GLU A 52 5.17 -0.45 8.03
C GLU A 52 3.95 0.45 7.99
N GLU A 53 3.97 1.51 8.79
CA GLU A 53 2.86 2.44 8.85
C GLU A 53 2.64 3.12 7.49
N ASN A 54 3.72 3.25 6.73
CA ASN A 54 3.64 3.88 5.42
C ASN A 54 2.72 3.09 4.49
N LEU A 55 2.94 1.78 4.40
CA LEU A 55 2.12 0.93 3.55
C LEU A 55 0.70 0.85 4.07
N GLU A 56 0.55 0.59 5.37
CA GLU A 56 -0.76 0.49 5.99
C GLU A 56 -1.70 1.54 5.43
N PHE A 57 -1.33 2.81 5.61
CA PHE A 57 -2.15 3.92 5.12
C PHE A 57 -2.62 3.66 3.69
N TRP A 58 -1.79 2.99 2.91
CA TRP A 58 -2.12 2.68 1.53
C TRP A 58 -3.17 1.59 1.45
N ILE A 59 -2.81 0.39 1.89
CA ILE A 59 -3.73 -0.74 1.88
C ILE A 59 -5.10 -0.34 2.40
N ALA A 60 -5.12 0.43 3.48
CA ALA A 60 -6.37 0.89 4.08
C ALA A 60 -7.17 1.74 3.10
N CYS A 61 -6.53 2.77 2.56
CA CYS A 61 -7.18 3.67 1.60
C CYS A 61 -7.97 2.87 0.57
N GLU A 62 -7.27 2.02 -0.19
CA GLU A 62 -7.92 1.21 -1.21
C GLU A 62 -9.14 0.50 -0.66
N ASP A 63 -9.01 -0.02 0.56
CA ASP A 63 -10.11 -0.73 1.21
C ASP A 63 -11.27 0.22 1.50
N TYR A 64 -10.96 1.51 1.59
CA TYR A 64 -11.98 2.52 1.88
C TYR A 64 -12.70 2.93 0.59
N LYS A 65 -12.08 2.66 -0.55
CA LYS A 65 -12.65 3.01 -1.84
C LYS A 65 -13.83 2.09 -2.16
N LYS A 66 -13.75 0.84 -1.72
CA LYS A 66 -14.80 -0.14 -1.97
C LYS A 66 -15.93 0.03 -0.96
N ILE A 67 -16.00 1.20 -0.34
CA ILE A 67 -17.04 1.48 0.64
C ILE A 67 -18.18 2.29 0.02
N LYS A 68 -19.34 1.66 -0.09
CA LYS A 68 -20.52 2.31 -0.67
C LYS A 68 -21.40 2.90 0.43
N SER A 69 -21.42 2.25 1.59
CA SER A 69 -22.23 2.72 2.71
C SER A 69 -22.04 4.22 2.92
N PRO A 70 -23.17 4.92 3.10
CA PRO A 70 -23.16 6.37 3.32
C PRO A 70 -22.59 6.75 4.68
N ALA A 71 -22.67 5.82 5.63
CA ALA A 71 -22.16 6.05 6.97
C ALA A 71 -20.71 5.60 7.10
N LYS A 72 -20.37 4.51 6.42
CA LYS A 72 -19.02 3.97 6.46
C LYS A 72 -18.06 4.88 5.69
N MET A 73 -18.45 5.27 4.48
CA MET A 73 -17.62 6.14 3.65
C MET A 73 -17.14 7.34 4.44
N ALA A 74 -17.99 7.86 5.32
CA ALA A 74 -17.65 9.01 6.14
C ALA A 74 -17.01 8.57 7.46
N GLU A 75 -17.71 7.72 8.19
CA GLU A 75 -17.22 7.23 9.48
C GLU A 75 -15.83 6.61 9.33
N LYS A 76 -15.73 5.58 8.48
CA LYS A 76 -14.47 4.90 8.24
C LYS A 76 -13.34 5.90 8.00
N ALA A 77 -13.64 6.93 7.20
CA ALA A 77 -12.66 7.96 6.89
C ALA A 77 -12.02 8.50 8.17
N LYS A 78 -12.84 8.86 9.15
CA LYS A 78 -12.34 9.39 10.41
C LYS A 78 -11.43 8.38 11.10
N GLN A 79 -11.73 7.10 10.93
CA GLN A 79 -10.93 6.04 11.54
C GLN A 79 -9.50 6.09 11.04
N ILE A 80 -9.32 5.98 9.73
CA ILE A 80 -8.01 6.01 9.13
C ILE A 80 -7.22 7.26 9.55
N TYR A 81 -7.95 8.35 9.77
CA TYR A 81 -7.34 9.60 10.18
C TYR A 81 -6.96 9.56 11.66
N GLU A 82 -7.86 9.04 12.49
CA GLU A 82 -7.62 8.94 13.92
C GLU A 82 -6.50 7.95 14.21
N GLU A 83 -6.07 7.22 13.18
CA GLU A 83 -5.02 6.24 13.33
C GLU A 83 -3.71 6.74 12.73
N PHE A 84 -3.77 7.20 11.48
CA PHE A 84 -2.60 7.72 10.80
C PHE A 84 -2.60 9.25 10.79
N ILE A 85 -3.68 9.83 10.29
CA ILE A 85 -3.80 11.28 10.23
C ILE A 85 -4.18 11.86 11.59
N GLN A 86 -3.80 11.15 12.65
CA GLN A 86 -4.10 11.59 14.01
C GLN A 86 -2.85 12.14 14.68
N THR A 87 -3.04 13.06 15.62
CA THR A 87 -1.93 13.67 16.34
C THR A 87 -1.09 12.61 17.06
N GLU A 88 0.20 12.62 16.81
CA GLU A 88 1.11 11.67 17.43
C GLU A 88 0.53 10.25 17.36
N ALA A 89 -0.24 9.98 16.32
CA ALA A 89 -0.86 8.68 16.15
C ALA A 89 0.18 7.56 16.26
N PRO A 90 -0.30 6.32 16.49
CA PRO A 90 0.57 5.15 16.64
C PRO A 90 1.24 4.76 15.32
N LYS A 91 0.56 5.05 14.21
CA LYS A 91 1.09 4.73 12.89
C LYS A 91 1.16 5.98 12.02
N GLU A 92 1.10 7.14 12.65
CA GLU A 92 1.15 8.41 11.93
C GLU A 92 2.21 8.36 10.83
N VAL A 93 1.76 8.16 9.59
CA VAL A 93 2.65 8.09 8.45
C VAL A 93 3.47 9.36 8.32
N ASN A 94 4.26 9.45 7.25
CA ASN A 94 5.10 10.62 7.00
C ASN A 94 4.44 11.56 6.01
N ILE A 95 3.79 12.60 6.53
CA ILE A 95 3.11 13.57 5.68
C ILE A 95 3.19 14.97 6.29
N ASP A 96 3.92 15.86 5.61
CA ASP A 96 4.07 17.23 6.09
C ASP A 96 2.71 17.87 6.34
N HIS A 97 2.71 18.93 7.14
CA HIS A 97 1.47 19.64 7.47
C HIS A 97 0.66 19.93 6.21
N PHE A 98 1.35 20.27 5.13
CA PHE A 98 0.70 20.57 3.87
C PHE A 98 -0.32 19.48 3.51
N THR A 99 0.18 18.31 3.15
CA THR A 99 -0.68 17.20 2.79
C THR A 99 -1.59 16.80 3.94
N LYS A 100 -1.00 16.56 5.10
CA LYS A 100 -1.77 16.17 6.29
C LYS A 100 -3.01 17.03 6.43
N ASP A 101 -2.84 18.35 6.28
CA ASP A 101 -3.96 19.28 6.39
C ASP A 101 -5.02 18.98 5.34
N ILE A 102 -4.58 18.75 4.11
CA ILE A 102 -5.49 18.46 3.01
C ILE A 102 -6.53 17.43 3.43
N THR A 103 -6.08 16.22 3.75
CA THR A 103 -6.98 15.14 4.16
C THR A 103 -8.06 15.66 5.11
N MET A 104 -7.63 16.37 6.15
CA MET A 104 -8.56 16.93 7.12
C MET A 104 -9.72 17.65 6.43
N LYS A 105 -9.38 18.61 5.58
CA LYS A 105 -10.38 19.37 4.85
C LYS A 105 -11.21 18.47 3.95
N ASN A 106 -10.72 17.24 3.74
CA ASN A 106 -11.42 16.27 2.90
C ASN A 106 -12.28 15.34 3.75
N LEU A 107 -12.25 15.55 5.06
CA LEU A 107 -13.03 14.72 5.98
C LEU A 107 -14.42 15.30 6.18
N VAL A 108 -14.73 16.38 5.47
CA VAL A 108 -16.03 17.04 5.56
C VAL A 108 -17.02 16.44 4.56
N GLU A 109 -16.53 16.18 3.35
CA GLU A 109 -17.37 15.61 2.31
C GLU A 109 -16.65 14.47 1.59
N PRO A 110 -16.02 13.59 2.37
CA PRO A 110 -15.28 12.45 1.83
C PRO A 110 -16.20 11.39 1.24
N SER A 111 -15.87 10.93 0.03
CA SER A 111 -16.67 9.92 -0.66
C SER A 111 -15.80 8.74 -1.09
N LEU A 112 -14.90 9.00 -2.04
CA LEU A 112 -14.01 7.95 -2.55
C LEU A 112 -12.58 8.46 -2.63
N SER A 113 -12.41 9.67 -3.16
CA SER A 113 -11.09 10.27 -3.30
C SER A 113 -10.76 11.13 -2.09
N SER A 114 -11.38 10.82 -0.95
CA SER A 114 -11.15 11.57 0.28
C SER A 114 -9.67 11.57 0.65
N PHE A 115 -9.03 10.41 0.50
CA PHE A 115 -7.61 10.28 0.82
C PHE A 115 -6.77 10.17 -0.45
N ASP A 116 -7.15 10.93 -1.47
CA ASP A 116 -6.44 10.92 -2.74
C ASP A 116 -5.03 11.47 -2.57
N MET A 117 -4.93 12.72 -2.12
CA MET A 117 -3.64 13.37 -1.92
C MET A 117 -2.79 12.56 -0.96
N ALA A 118 -3.28 12.37 0.27
CA ALA A 118 -2.56 11.62 1.28
C ALA A 118 -2.07 10.29 0.73
N GLN A 119 -2.94 9.60 0.00
CA GLN A 119 -2.59 8.31 -0.58
C GLN A 119 -1.41 8.44 -1.54
N LYS A 120 -1.56 9.31 -2.54
CA LYS A 120 -0.51 9.52 -3.53
C LYS A 120 0.75 10.10 -2.87
N ARG A 121 0.55 10.80 -1.75
CA ARG A 121 1.67 11.40 -1.02
C ARG A 121 2.56 10.32 -0.43
N ILE A 122 1.98 9.44 0.38
CA ILE A 122 2.73 8.37 1.02
C ILE A 122 3.27 7.39 -0.02
N HIS A 123 2.43 7.05 -0.99
CA HIS A 123 2.83 6.12 -2.05
C HIS A 123 4.11 6.59 -2.73
N ALA A 124 4.24 7.89 -2.92
CA ALA A 124 5.42 8.47 -3.54
C ALA A 124 6.64 8.35 -2.63
N LEU A 125 6.39 8.25 -1.33
CA LEU A 125 7.46 8.14 -0.36
C LEU A 125 7.96 6.70 -0.26
N MET A 126 7.03 5.75 -0.26
CA MET A 126 7.38 4.33 -0.18
C MET A 126 8.00 3.84 -1.48
N GLU A 127 7.91 4.67 -2.52
CA GLU A 127 8.46 4.32 -3.82
C GLU A 127 9.83 4.97 -4.03
N LYS A 128 10.07 6.06 -3.32
CA LYS A 128 11.34 6.77 -3.41
C LYS A 128 12.14 6.63 -2.12
N ASP A 129 11.55 5.99 -1.13
CA ASP A 129 12.21 5.78 0.16
C ASP A 129 12.44 4.29 0.41
N SER A 130 11.35 3.54 0.57
CA SER A 130 11.43 2.12 0.82
C SER A 130 11.77 1.35 -0.45
N LEU A 131 10.92 1.52 -1.47
CA LEU A 131 11.12 0.84 -2.75
C LEU A 131 12.61 0.73 -3.08
N PRO A 132 13.31 1.88 -3.06
CA PRO A 132 14.75 1.93 -3.34
C PRO A 132 15.58 1.29 -2.25
N ARG A 133 15.04 1.27 -1.04
CA ARG A 133 15.75 0.68 0.10
C ARG A 133 15.40 -0.79 0.25
N PHE A 134 14.36 -1.22 -0.45
CA PHE A 134 13.91 -2.61 -0.40
C PHE A 134 14.65 -3.46 -1.42
N VAL A 135 15.03 -2.84 -2.53
CA VAL A 135 15.76 -3.54 -3.59
C VAL A 135 17.18 -3.87 -3.16
N ARG A 136 17.82 -2.91 -2.49
CA ARG A 136 19.20 -3.10 -2.03
C ARG A 136 19.30 -4.31 -1.10
N SER A 137 18.35 -4.43 -0.18
CA SER A 137 18.34 -5.53 0.77
C SER A 137 18.24 -6.87 0.04
N GLU A 138 18.63 -7.94 0.72
CA GLU A 138 18.58 -9.27 0.14
C GLU A 138 17.15 -9.67 -0.21
N PHE A 139 16.21 -9.27 0.64
CA PHE A 139 14.81 -9.59 0.43
C PHE A 139 14.45 -9.51 -1.06
N TYR A 140 15.04 -8.54 -1.75
CA TYR A 140 14.79 -8.34 -3.17
C TYR A 140 15.77 -9.15 -4.02
N GLN A 141 17.05 -9.03 -3.69
CA GLN A 141 18.09 -9.76 -4.41
C GLN A 141 17.68 -11.21 -4.65
N GLU A 142 16.90 -11.75 -3.73
CA GLU A 142 16.44 -13.13 -3.83
C GLU A 142 15.32 -13.26 -4.86
N LEU A 143 14.52 -12.20 -4.97
CA LEU A 143 13.40 -12.19 -5.92
C LEU A 143 13.88 -12.47 -7.34
N ILE A 144 15.11 -12.06 -7.63
CA ILE A 144 15.70 -12.27 -8.95
C ILE A 144 16.81 -13.29 -8.90
N SER A 145 17.58 -13.28 -7.80
CA SER A 145 18.69 -14.21 -7.63
C SER A 145 18.19 -15.65 -7.64
N GLY A 146 16.97 -15.85 -7.14
CA GLY A 146 16.40 -17.18 -7.09
C GLY A 146 16.48 -17.90 -8.43
N PRO A 147 15.96 -19.13 -8.47
CA PRO A 147 15.95 -19.95 -9.69
C PRO A 147 15.00 -19.41 -10.75
N SER A 148 15.57 -18.85 -11.82
CA SER A 148 14.76 -18.29 -12.90
C SER A 148 15.65 -17.89 -14.08
N SER A 149 15.02 -17.46 -15.16
CA SER A 149 15.74 -17.05 -16.36
C SER A 149 15.82 -15.53 -16.46
N GLY A 150 17.02 -15.03 -16.71
CA GLY A 150 17.20 -13.59 -16.83
C GLY A 150 18.57 -13.23 -17.36
N GLY A 1 -10.23 -59.05 2.98
CA GLY A 1 -10.87 -58.34 1.89
C GLY A 1 -10.30 -56.95 1.68
N SER A 2 -9.67 -56.73 0.53
CA SER A 2 -9.06 -55.45 0.21
C SER A 2 -8.38 -54.86 1.45
N SER A 3 -7.67 -55.69 2.19
CA SER A 3 -6.98 -55.25 3.39
C SER A 3 -6.39 -53.86 3.20
N GLY A 4 -5.63 -53.69 2.12
CA GLY A 4 -5.03 -52.40 1.84
C GLY A 4 -5.82 -51.59 0.83
N SER A 5 -5.83 -50.28 1.02
CA SER A 5 -6.56 -49.39 0.11
C SER A 5 -5.65 -48.29 -0.42
N SER A 6 -5.72 -48.06 -1.74
CA SER A 6 -4.89 -47.04 -2.37
C SER A 6 -5.35 -45.64 -1.96
N GLY A 7 -4.65 -44.62 -2.46
CA GLY A 7 -5.00 -43.26 -2.14
C GLY A 7 -4.00 -42.26 -2.69
N PRO A 8 -4.21 -41.83 -3.94
CA PRO A 8 -3.32 -40.88 -4.61
C PRO A 8 -3.44 -39.48 -4.02
N GLU A 9 -2.67 -38.54 -4.58
CA GLU A 9 -2.68 -37.16 -4.10
C GLU A 9 -2.55 -36.18 -5.26
N LYS A 10 -2.65 -34.89 -4.96
CA LYS A 10 -2.54 -33.85 -5.97
C LYS A 10 -1.49 -32.82 -5.58
N PRO A 11 -0.87 -32.19 -6.59
CA PRO A 11 0.16 -31.17 -6.37
C PRO A 11 -0.41 -29.88 -5.79
N ALA A 12 0.43 -29.13 -5.09
CA ALA A 12 0.01 -27.87 -4.48
C ALA A 12 0.85 -26.71 -4.99
N LYS A 13 2.16 -26.94 -5.15
CA LYS A 13 3.07 -25.91 -5.63
C LYS A 13 2.38 -25.01 -6.64
N THR A 14 2.78 -23.73 -6.65
CA THR A 14 2.20 -22.77 -7.58
C THR A 14 3.29 -22.01 -8.33
N GLN A 15 2.88 -21.20 -9.30
CA GLN A 15 3.82 -20.42 -10.09
C GLN A 15 4.68 -19.53 -9.20
N LYS A 16 5.56 -18.75 -9.81
CA LYS A 16 6.44 -17.86 -9.07
C LYS A 16 6.84 -16.66 -9.92
N THR A 17 6.89 -15.49 -9.29
CA THR A 17 7.26 -14.26 -9.99
C THR A 17 8.36 -14.52 -11.00
N SER A 18 8.36 -13.74 -12.09
CA SER A 18 9.36 -13.89 -13.13
C SER A 18 10.40 -12.77 -13.05
N LEU A 19 11.66 -13.11 -13.28
CA LEU A 19 12.74 -12.14 -13.24
C LEU A 19 12.33 -10.84 -13.92
N ASP A 20 12.06 -10.92 -15.21
CA ASP A 20 11.66 -9.74 -15.98
C ASP A 20 10.60 -8.93 -15.22
N GLU A 21 9.83 -9.62 -14.38
CA GLU A 21 8.78 -8.96 -13.61
C GLU A 21 9.39 -8.24 -12.40
N ALA A 22 10.04 -9.01 -11.52
CA ALA A 22 10.65 -8.45 -10.33
C ALA A 22 11.29 -7.09 -10.62
N LEU A 23 11.78 -6.93 -11.84
CA LEU A 23 12.42 -5.68 -12.25
C LEU A 23 11.38 -4.59 -12.46
N GLN A 24 10.25 -4.96 -13.06
CA GLN A 24 9.18 -4.00 -13.31
C GLN A 24 8.76 -3.29 -12.03
N TRP A 25 9.07 -3.91 -10.89
CA TRP A 25 8.72 -3.34 -9.60
C TRP A 25 9.59 -2.12 -9.29
N ARG A 26 10.76 -2.07 -9.92
CA ARG A 26 11.69 -0.96 -9.71
C ARG A 26 11.16 0.32 -10.34
N ASP A 27 10.60 0.19 -11.54
CA ASP A 27 10.05 1.34 -12.26
C ASP A 27 9.13 2.15 -11.35
N SER A 28 8.08 1.52 -10.86
CA SER A 28 7.12 2.19 -9.99
C SER A 28 6.77 1.32 -8.79
N LEU A 29 6.46 1.94 -7.66
CA LEU A 29 6.11 1.22 -6.45
C LEU A 29 4.84 0.40 -6.66
N ASP A 30 3.80 1.04 -7.21
CA ASP A 30 2.54 0.36 -7.46
C ASP A 30 2.77 -1.03 -8.03
N LYS A 31 3.59 -1.12 -9.08
CA LYS A 31 3.90 -2.39 -9.71
C LYS A 31 4.24 -3.45 -8.67
N LEU A 32 4.92 -3.03 -7.60
CA LEU A 32 5.31 -3.95 -6.53
C LEU A 32 4.09 -4.37 -5.71
N LEU A 33 3.51 -3.41 -5.01
CA LEU A 33 2.33 -3.68 -4.18
C LEU A 33 1.29 -4.50 -4.95
N GLN A 34 1.00 -4.06 -6.17
CA GLN A 34 0.02 -4.75 -7.01
C GLN A 34 0.22 -6.26 -6.95
N ASN A 35 1.47 -6.69 -7.18
CA ASN A 35 1.80 -8.12 -7.14
C ASN A 35 1.78 -8.64 -5.71
N ASN A 36 1.08 -9.76 -5.51
CA ASN A 36 1.00 -10.38 -4.18
C ASN A 36 2.39 -10.66 -3.62
N TYR A 37 3.17 -11.44 -4.36
CA TYR A 37 4.52 -11.78 -3.93
C TYR A 37 5.30 -10.54 -3.54
N GLY A 38 5.43 -9.60 -4.48
CA GLY A 38 6.16 -8.38 -4.21
C GLY A 38 5.64 -7.65 -2.98
N LEU A 39 4.32 -7.54 -2.87
CA LEU A 39 3.70 -6.86 -1.74
C LEU A 39 4.11 -7.52 -0.43
N ALA A 40 3.75 -8.80 -0.28
CA ALA A 40 4.07 -9.54 0.93
C ALA A 40 5.50 -9.27 1.38
N SER A 41 6.44 -9.39 0.45
CA SER A 41 7.85 -9.15 0.75
C SER A 41 8.09 -7.69 1.15
N PHE A 42 7.53 -6.78 0.36
CA PHE A 42 7.67 -5.35 0.63
C PHE A 42 7.31 -5.03 2.08
N LYS A 43 6.13 -5.47 2.49
CA LYS A 43 5.66 -5.24 3.85
C LYS A 43 6.72 -5.61 4.88
N SER A 44 7.08 -6.89 4.90
CA SER A 44 8.08 -7.39 5.83
C SER A 44 9.26 -6.42 5.92
N PHE A 45 9.83 -6.07 4.76
CA PHE A 45 10.96 -5.16 4.71
C PHE A 45 10.74 -3.96 5.62
N LEU A 46 9.50 -3.49 5.70
CA LEU A 46 9.15 -2.35 6.54
C LEU A 46 9.11 -2.76 8.01
N LYS A 47 8.37 -3.82 8.30
CA LYS A 47 8.24 -4.31 9.67
C LYS A 47 9.59 -4.24 10.40
N SER A 48 10.65 -4.58 9.68
CA SER A 48 12.00 -4.57 10.26
C SER A 48 12.47 -3.13 10.49
N GLU A 49 12.22 -2.28 9.50
CA GLU A 49 12.62 -0.88 9.59
C GLU A 49 11.67 -0.09 10.49
N PHE A 50 10.59 -0.75 10.90
CA PHE A 50 9.59 -0.10 11.76
C PHE A 50 8.92 1.05 11.05
N SER A 51 8.70 0.90 9.74
CA SER A 51 8.06 1.93 8.94
C SER A 51 6.90 1.35 8.13
N GLU A 52 6.25 0.34 8.68
CA GLU A 52 5.13 -0.30 8.00
C GLU A 52 3.93 0.63 7.93
N GLU A 53 3.81 1.52 8.91
CA GLU A 53 2.71 2.47 8.96
C GLU A 53 2.54 3.17 7.62
N ASN A 54 3.66 3.45 6.95
CA ASN A 54 3.62 4.12 5.66
C ASN A 54 2.80 3.33 4.65
N LEU A 55 2.91 2.01 4.72
CA LEU A 55 2.17 1.13 3.82
C LEU A 55 0.72 0.95 4.29
N GLU A 56 0.56 0.74 5.60
CA GLU A 56 -0.77 0.55 6.18
C GLU A 56 -1.75 1.59 5.63
N PHE A 57 -1.34 2.86 5.66
CA PHE A 57 -2.18 3.94 5.18
C PHE A 57 -2.63 3.68 3.74
N TRP A 58 -1.72 3.13 2.94
CA TRP A 58 -2.02 2.82 1.54
C TRP A 58 -3.08 1.74 1.44
N ILE A 59 -2.77 0.56 1.97
CA ILE A 59 -3.70 -0.56 1.93
C ILE A 59 -5.10 -0.14 2.39
N ALA A 60 -5.16 0.56 3.51
CA ALA A 60 -6.43 1.03 4.05
C ALA A 60 -7.18 1.87 3.03
N CYS A 61 -6.47 2.80 2.40
CA CYS A 61 -7.07 3.67 1.39
C CYS A 61 -7.90 2.86 0.39
N GLU A 62 -7.23 1.94 -0.31
CA GLU A 62 -7.91 1.11 -1.29
C GLU A 62 -9.13 0.42 -0.68
N ASP A 63 -8.96 -0.08 0.53
CA ASP A 63 -10.06 -0.77 1.23
C ASP A 63 -11.20 0.19 1.52
N TYR A 64 -10.89 1.48 1.54
CA TYR A 64 -11.89 2.51 1.82
C TYR A 64 -12.62 2.91 0.54
N LYS A 65 -11.94 2.80 -0.59
CA LYS A 65 -12.52 3.14 -1.88
C LYS A 65 -13.65 2.19 -2.24
N LYS A 66 -13.50 0.92 -1.86
CA LYS A 66 -14.51 -0.09 -2.14
C LYS A 66 -15.65 -0.03 -1.13
N ILE A 67 -15.78 1.12 -0.48
CA ILE A 67 -16.83 1.30 0.53
C ILE A 67 -18.06 1.97 -0.07
N LYS A 68 -19.13 1.20 -0.23
CA LYS A 68 -20.37 1.70 -0.80
C LYS A 68 -21.28 2.26 0.30
N SER A 69 -21.09 1.78 1.52
CA SER A 69 -21.90 2.23 2.66
C SER A 69 -21.77 3.74 2.84
N PRO A 70 -22.92 4.40 3.00
CA PRO A 70 -22.96 5.86 3.20
C PRO A 70 -22.41 6.28 4.56
N ALA A 71 -22.54 5.40 5.54
CA ALA A 71 -22.06 5.69 6.89
C ALA A 71 -20.58 5.33 7.02
N LYS A 72 -20.18 4.22 6.42
CA LYS A 72 -18.79 3.77 6.47
C LYS A 72 -17.89 4.74 5.71
N MET A 73 -18.26 5.05 4.48
CA MET A 73 -17.48 5.97 3.65
C MET A 73 -17.02 7.18 4.46
N ALA A 74 -17.89 7.65 5.36
CA ALA A 74 -17.58 8.80 6.19
C ALA A 74 -16.92 8.37 7.50
N GLU A 75 -17.61 7.53 8.26
CA GLU A 75 -17.10 7.04 9.52
C GLU A 75 -15.69 6.46 9.36
N LYS A 76 -15.57 5.44 8.51
CA LYS A 76 -14.29 4.80 8.25
C LYS A 76 -13.22 5.84 7.96
N ALA A 77 -13.56 6.83 7.14
CA ALA A 77 -12.63 7.89 6.79
C ALA A 77 -11.95 8.48 8.02
N LYS A 78 -12.77 8.90 8.99
CA LYS A 78 -12.25 9.47 10.23
C LYS A 78 -11.32 8.49 10.93
N GLN A 79 -11.70 7.21 10.93
CA GLN A 79 -10.90 6.18 11.57
C GLN A 79 -9.46 6.23 11.08
N ILE A 80 -9.28 6.15 9.77
CA ILE A 80 -7.95 6.18 9.17
C ILE A 80 -7.19 7.44 9.58
N TYR A 81 -7.93 8.52 9.83
CA TYR A 81 -7.32 9.78 10.24
C TYR A 81 -6.93 9.75 11.71
N GLU A 82 -7.82 9.21 12.55
CA GLU A 82 -7.56 9.12 13.98
C GLU A 82 -6.42 8.14 14.26
N GLU A 83 -5.99 7.42 13.23
CA GLU A 83 -4.91 6.44 13.36
C GLU A 83 -3.62 6.97 12.74
N PHE A 84 -3.71 7.41 11.48
CA PHE A 84 -2.56 7.92 10.76
C PHE A 84 -2.57 9.45 10.76
N ILE A 85 -3.67 10.03 10.29
CA ILE A 85 -3.80 11.47 10.24
C ILE A 85 -4.16 12.06 11.60
N GLN A 86 -3.76 11.35 12.65
CA GLN A 86 -4.04 11.79 14.01
C GLN A 86 -2.78 12.32 14.68
N THR A 87 -2.96 13.21 15.67
CA THR A 87 -1.83 13.79 16.38
C THR A 87 -0.99 12.72 17.04
N GLU A 88 0.34 12.82 16.87
CA GLU A 88 1.25 11.85 17.46
C GLU A 88 0.68 10.44 17.38
N ALA A 89 -0.12 10.18 16.35
CA ALA A 89 -0.72 8.87 16.16
C ALA A 89 0.31 7.76 16.27
N PRO A 90 -0.17 6.53 16.51
CA PRO A 90 0.70 5.36 16.65
C PRO A 90 1.35 4.96 15.32
N LYS A 91 0.66 5.25 14.23
CA LYS A 91 1.15 4.93 12.89
C LYS A 91 1.19 6.17 12.01
N GLU A 92 1.14 7.34 12.63
CA GLU A 92 1.17 8.60 11.89
C GLU A 92 2.22 8.56 10.79
N VAL A 93 1.76 8.29 9.56
CA VAL A 93 2.65 8.22 8.41
C VAL A 93 3.47 9.49 8.28
N ASN A 94 4.30 9.56 7.23
CA ASN A 94 5.13 10.73 6.99
C ASN A 94 4.46 11.68 6.00
N ILE A 95 3.80 12.71 6.53
CA ILE A 95 3.12 13.69 5.70
C ILE A 95 3.17 15.07 6.33
N ASP A 96 3.91 15.98 5.71
CA ASP A 96 4.04 17.34 6.20
C ASP A 96 2.67 17.96 6.47
N HIS A 97 2.65 19.04 7.24
CA HIS A 97 1.41 19.72 7.58
C HIS A 97 0.60 20.03 6.31
N PHE A 98 1.30 20.40 5.24
CA PHE A 98 0.64 20.71 3.97
C PHE A 98 -0.36 19.63 3.60
N THR A 99 0.14 18.46 3.25
CA THR A 99 -0.72 17.34 2.86
C THR A 99 -1.65 16.95 4.00
N LYS A 100 -1.09 16.75 5.19
CA LYS A 100 -1.86 16.37 6.36
C LYS A 100 -3.13 17.21 6.46
N ASP A 101 -2.98 18.53 6.34
CA ASP A 101 -4.11 19.45 6.42
C ASP A 101 -5.16 19.09 5.36
N ILE A 102 -4.70 18.89 4.13
CA ILE A 102 -5.60 18.55 3.03
C ILE A 102 -6.65 17.53 3.47
N THR A 103 -6.20 16.31 3.76
CA THR A 103 -7.09 15.24 4.18
C THR A 103 -8.17 15.78 5.12
N MET A 104 -7.73 16.47 6.17
CA MET A 104 -8.67 17.04 7.15
C MET A 104 -9.85 17.70 6.45
N LYS A 105 -9.57 18.60 5.52
CA LYS A 105 -10.60 19.30 4.79
C LYS A 105 -11.43 18.33 3.94
N ASN A 106 -10.81 17.21 3.58
CA ASN A 106 -11.48 16.19 2.77
C ASN A 106 -12.28 15.24 3.65
N LEU A 107 -12.30 15.52 4.96
CA LEU A 107 -13.03 14.69 5.91
C LEU A 107 -14.47 15.18 6.05
N VAL A 108 -14.78 16.30 5.40
CA VAL A 108 -16.12 16.87 5.46
C VAL A 108 -17.09 16.11 4.56
N GLU A 109 -16.75 16.01 3.28
CA GLU A 109 -17.58 15.32 2.32
C GLU A 109 -16.79 14.22 1.59
N PRO A 110 -16.11 13.37 2.38
CA PRO A 110 -15.29 12.28 1.84
C PRO A 110 -16.16 11.18 1.22
N SER A 111 -15.74 10.72 0.03
CA SER A 111 -16.47 9.67 -0.67
C SER A 111 -15.52 8.58 -1.16
N LEU A 112 -14.67 8.94 -2.11
CA LEU A 112 -13.71 8.01 -2.68
C LEU A 112 -12.32 8.63 -2.78
N SER A 113 -12.28 9.87 -3.27
CA SER A 113 -11.02 10.58 -3.43
C SER A 113 -10.70 11.40 -2.17
N SER A 114 -11.28 11.00 -1.05
CA SER A 114 -11.07 11.70 0.21
C SER A 114 -9.59 11.71 0.58
N PHE A 115 -8.94 10.56 0.46
CA PHE A 115 -7.53 10.43 0.79
C PHE A 115 -6.68 10.33 -0.48
N ASP A 116 -7.12 11.04 -1.53
CA ASP A 116 -6.40 11.03 -2.80
C ASP A 116 -4.99 11.60 -2.63
N MET A 117 -4.91 12.83 -2.14
CA MET A 117 -3.62 13.48 -1.93
C MET A 117 -2.77 12.68 -0.95
N ALA A 118 -3.25 12.55 0.28
CA ALA A 118 -2.52 11.81 1.31
C ALA A 118 -2.07 10.45 0.79
N GLN A 119 -2.94 9.77 0.05
CA GLN A 119 -2.63 8.46 -0.50
C GLN A 119 -1.43 8.55 -1.46
N LYS A 120 -1.56 9.41 -2.47
CA LYS A 120 -0.48 9.58 -3.45
C LYS A 120 0.77 10.15 -2.78
N ARG A 121 0.58 10.90 -1.71
CA ARG A 121 1.70 11.49 -0.98
C ARG A 121 2.59 10.41 -0.37
N ILE A 122 1.98 9.55 0.42
CA ILE A 122 2.72 8.47 1.08
C ILE A 122 3.26 7.48 0.06
N HIS A 123 2.44 7.16 -0.94
CA HIS A 123 2.84 6.22 -1.99
C HIS A 123 4.12 6.70 -2.68
N ALA A 124 4.23 8.01 -2.87
CA ALA A 124 5.38 8.60 -3.52
C ALA A 124 6.62 8.51 -2.63
N LEU A 125 6.39 8.31 -1.33
CA LEU A 125 7.49 8.21 -0.37
C LEU A 125 8.00 6.77 -0.30
N MET A 126 7.09 5.82 -0.12
CA MET A 126 7.46 4.42 -0.03
C MET A 126 8.05 3.92 -1.35
N GLU A 127 7.94 4.74 -2.39
CA GLU A 127 8.47 4.39 -3.71
C GLU A 127 9.84 5.01 -3.93
N LYS A 128 10.12 6.10 -3.22
CA LYS A 128 11.39 6.78 -3.33
C LYS A 128 12.22 6.64 -2.05
N ASP A 129 11.61 6.03 -1.04
CA ASP A 129 12.28 5.83 0.24
C ASP A 129 12.53 4.34 0.48
N SER A 130 11.45 3.58 0.66
CA SER A 130 11.55 2.15 0.90
C SER A 130 11.82 1.39 -0.38
N LEU A 131 10.95 1.57 -1.36
CA LEU A 131 11.10 0.90 -2.66
C LEU A 131 12.57 0.77 -3.04
N PRO A 132 13.28 1.90 -3.03
CA PRO A 132 14.71 1.94 -3.37
C PRO A 132 15.57 1.27 -2.30
N ARG A 133 15.10 1.28 -1.07
CA ARG A 133 15.82 0.68 0.04
C ARG A 133 15.46 -0.80 0.19
N PHE A 134 14.39 -1.22 -0.48
CA PHE A 134 13.94 -2.59 -0.43
C PHE A 134 14.73 -3.48 -1.40
N VAL A 135 14.95 -2.96 -2.61
CA VAL A 135 15.69 -3.68 -3.63
C VAL A 135 17.10 -4.01 -3.16
N ARG A 136 17.67 -3.11 -2.36
CA ARG A 136 19.02 -3.30 -1.84
C ARG A 136 19.09 -4.53 -0.94
N SER A 137 18.16 -4.62 -0.01
CA SER A 137 18.12 -5.74 0.93
C SER A 137 18.10 -7.07 0.18
N GLU A 138 18.20 -8.16 0.93
CA GLU A 138 18.21 -9.50 0.33
C GLU A 138 16.83 -9.86 -0.19
N PHE A 139 15.80 -9.49 0.55
CA PHE A 139 14.42 -9.77 0.16
C PHE A 139 14.25 -9.69 -1.35
N TYR A 140 14.89 -8.69 -1.95
CA TYR A 140 14.81 -8.48 -3.39
C TYR A 140 15.80 -9.38 -4.12
N GLN A 141 17.07 -9.30 -3.71
CA GLN A 141 18.12 -10.08 -4.32
C GLN A 141 17.67 -11.54 -4.50
N GLU A 142 16.85 -12.01 -3.57
CA GLU A 142 16.36 -13.39 -3.63
C GLU A 142 15.21 -13.51 -4.62
N LEU A 143 14.48 -12.41 -4.81
CA LEU A 143 13.35 -12.39 -5.73
C LEU A 143 13.82 -12.53 -7.17
N ILE A 144 14.95 -11.92 -7.47
CA ILE A 144 15.52 -11.97 -8.82
C ILE A 144 16.60 -13.04 -8.93
N SER A 145 17.45 -13.12 -7.91
CA SER A 145 18.53 -14.10 -7.89
C SER A 145 18.01 -15.47 -7.45
N GLY A 146 17.28 -15.49 -6.34
CA GLY A 146 16.74 -16.74 -5.84
C GLY A 146 17.68 -17.90 -6.02
N PRO A 147 17.12 -19.10 -6.26
CA PRO A 147 17.91 -20.32 -6.47
C PRO A 147 18.67 -20.31 -7.79
N SER A 148 19.80 -20.99 -7.82
CA SER A 148 20.62 -21.05 -9.02
C SER A 148 21.10 -19.66 -9.43
N SER A 149 21.52 -18.87 -8.45
CA SER A 149 21.99 -17.52 -8.70
C SER A 149 23.29 -17.54 -9.51
N GLY A 150 23.79 -16.36 -9.85
CA GLY A 150 25.02 -16.25 -10.62
C GLY A 150 26.23 -16.06 -9.75
N GLY A 1 -27.97 -20.81 9.63
CA GLY A 1 -27.69 -22.11 9.04
C GLY A 1 -28.83 -23.09 9.24
N SER A 2 -29.55 -23.39 8.16
CA SER A 2 -30.68 -24.31 8.23
C SER A 2 -30.50 -25.46 7.23
N SER A 3 -29.76 -26.48 7.65
CA SER A 3 -29.50 -27.63 6.79
C SER A 3 -28.75 -27.22 5.54
N GLY A 4 -27.75 -26.37 5.71
CA GLY A 4 -26.95 -25.92 4.58
C GLY A 4 -25.86 -26.89 4.21
N SER A 5 -25.34 -26.77 2.99
CA SER A 5 -24.29 -27.65 2.50
C SER A 5 -23.47 -26.97 1.41
N SER A 6 -22.42 -27.65 0.96
CA SER A 6 -21.56 -27.12 -0.10
C SER A 6 -21.42 -25.61 0.04
N GLY A 7 -21.20 -25.14 1.27
CA GLY A 7 -21.05 -23.72 1.51
C GLY A 7 -19.71 -23.19 1.01
N PRO A 8 -18.62 -23.72 1.58
CA PRO A 8 -17.26 -23.31 1.21
C PRO A 8 -16.88 -23.77 -0.19
N GLU A 9 -15.73 -23.29 -0.67
CA GLU A 9 -15.26 -23.64 -2.01
C GLU A 9 -13.74 -23.87 -2.00
N LYS A 10 -13.24 -24.51 -3.05
CA LYS A 10 -11.82 -24.78 -3.17
C LYS A 10 -11.09 -23.63 -3.84
N PRO A 11 -9.99 -23.18 -3.21
CA PRO A 11 -9.18 -22.07 -3.73
C PRO A 11 -8.42 -22.46 -5.00
N ALA A 12 -7.44 -21.63 -5.36
CA ALA A 12 -6.64 -21.88 -6.55
C ALA A 12 -5.22 -21.40 -6.37
N LYS A 13 -4.39 -21.59 -7.39
CA LYS A 13 -2.99 -21.17 -7.34
C LYS A 13 -2.56 -20.54 -8.65
N THR A 14 -1.35 -20.00 -8.69
CA THR A 14 -0.82 -19.37 -9.89
C THR A 14 0.64 -18.99 -9.71
N GLN A 15 1.27 -18.53 -10.78
CA GLN A 15 2.67 -18.12 -10.74
C GLN A 15 2.92 -17.11 -9.63
N LYS A 16 4.16 -17.03 -9.18
CA LYS A 16 4.53 -16.10 -8.11
C LYS A 16 5.09 -14.81 -8.69
N THR A 17 6.33 -14.86 -9.17
CA THR A 17 6.98 -13.70 -9.75
C THR A 17 8.08 -14.11 -10.72
N SER A 18 8.23 -13.34 -11.80
CA SER A 18 9.25 -13.62 -12.80
C SER A 18 10.39 -12.62 -12.72
N LEU A 19 11.59 -13.07 -13.09
CA LEU A 19 12.77 -12.21 -13.05
C LEU A 19 12.48 -10.86 -13.69
N ASP A 20 12.11 -10.89 -14.97
CA ASP A 20 11.80 -9.65 -15.69
C ASP A 20 10.71 -8.85 -14.97
N GLU A 21 10.06 -9.49 -14.01
CA GLU A 21 9.00 -8.85 -13.25
C GLU A 21 9.57 -8.10 -12.04
N ALA A 22 10.23 -8.84 -11.17
CA ALA A 22 10.83 -8.26 -9.97
C ALA A 22 11.48 -6.92 -10.27
N LEU A 23 12.02 -6.80 -11.48
CA LEU A 23 12.68 -5.56 -11.90
C LEU A 23 11.65 -4.45 -12.16
N GLN A 24 10.51 -4.84 -12.73
CA GLN A 24 9.44 -3.89 -13.02
C GLN A 24 9.04 -3.11 -11.76
N TRP A 25 9.31 -3.70 -10.61
CA TRP A 25 8.98 -3.07 -9.33
C TRP A 25 9.91 -1.89 -9.05
N ARG A 26 11.09 -1.92 -9.66
CA ARG A 26 12.07 -0.85 -9.48
C ARG A 26 11.61 0.43 -10.18
N ASP A 27 11.09 0.29 -11.39
CA ASP A 27 10.62 1.44 -12.16
C ASP A 27 9.52 2.17 -11.41
N SER A 28 8.48 1.44 -11.03
CA SER A 28 7.35 2.03 -10.31
C SER A 28 6.94 1.15 -9.13
N LEU A 29 6.65 1.78 -8.01
CA LEU A 29 6.24 1.06 -6.80
C LEU A 29 4.95 0.28 -7.04
N ASP A 30 4.00 0.92 -7.74
CA ASP A 30 2.72 0.29 -8.03
C ASP A 30 2.91 -1.18 -8.39
N LYS A 31 3.64 -1.44 -9.47
CA LYS A 31 3.90 -2.79 -9.93
C LYS A 31 4.11 -3.73 -8.74
N LEU A 32 4.90 -3.27 -7.77
CA LEU A 32 5.19 -4.06 -6.58
C LEU A 32 3.92 -4.35 -5.80
N LEU A 33 3.28 -3.29 -5.30
CA LEU A 33 2.05 -3.42 -4.54
C LEU A 33 1.04 -4.31 -5.26
N GLN A 34 0.90 -4.08 -6.56
CA GLN A 34 -0.02 -4.86 -7.38
C GLN A 34 0.29 -6.35 -7.27
N ASN A 35 1.56 -6.70 -7.37
CA ASN A 35 1.99 -8.09 -7.29
C ASN A 35 1.90 -8.61 -5.85
N ASN A 36 1.08 -9.63 -5.65
CA ASN A 36 0.90 -10.21 -4.33
C ASN A 36 2.24 -10.56 -3.70
N TYR A 37 3.07 -11.27 -4.45
CA TYR A 37 4.38 -11.67 -3.97
C TYR A 37 5.20 -10.46 -3.56
N GLY A 38 5.40 -9.53 -4.49
CA GLY A 38 6.17 -8.34 -4.21
C GLY A 38 5.64 -7.59 -3.00
N LEU A 39 4.33 -7.43 -2.93
CA LEU A 39 3.70 -6.72 -1.83
C LEU A 39 4.04 -7.38 -0.49
N ALA A 40 3.60 -8.62 -0.32
CA ALA A 40 3.88 -9.37 0.90
C ALA A 40 5.31 -9.15 1.37
N SER A 41 6.26 -9.35 0.45
CA SER A 41 7.68 -9.18 0.79
C SER A 41 7.98 -7.73 1.14
N PHE A 42 7.46 -6.81 0.34
CA PHE A 42 7.68 -5.38 0.57
C PHE A 42 7.31 -5.00 2.00
N LYS A 43 6.16 -5.48 2.46
CA LYS A 43 5.68 -5.19 3.80
C LYS A 43 6.73 -5.61 4.84
N SER A 44 7.03 -6.90 4.90
CA SER A 44 7.99 -7.42 5.85
C SER A 44 9.22 -6.51 5.94
N PHE A 45 9.72 -6.11 4.77
CA PHE A 45 10.89 -5.23 4.72
C PHE A 45 10.68 -3.99 5.57
N LEU A 46 9.45 -3.47 5.57
CA LEU A 46 9.13 -2.28 6.34
C LEU A 46 9.10 -2.59 7.83
N LYS A 47 8.39 -3.65 8.21
CA LYS A 47 8.29 -4.06 9.60
C LYS A 47 9.64 -3.95 10.30
N SER A 48 10.68 -4.44 9.63
CA SER A 48 12.04 -4.40 10.18
C SER A 48 12.51 -2.96 10.36
N GLU A 49 12.19 -2.11 9.39
CA GLU A 49 12.59 -0.71 9.43
C GLU A 49 11.62 0.09 10.30
N PHE A 50 10.50 -0.51 10.64
CA PHE A 50 9.49 0.16 11.46
C PHE A 50 8.80 1.27 10.69
N SER A 51 8.70 1.10 9.38
CA SER A 51 8.07 2.10 8.52
C SER A 51 6.91 1.48 7.73
N GLU A 52 6.29 0.46 8.31
CA GLU A 52 5.18 -0.22 7.66
C GLU A 52 3.96 0.71 7.57
N GLU A 53 3.95 1.73 8.41
CA GLU A 53 2.85 2.69 8.42
C GLU A 53 2.70 3.38 7.06
N ASN A 54 3.83 3.58 6.39
CA ASN A 54 3.83 4.22 5.09
C ASN A 54 2.95 3.47 4.10
N LEU A 55 3.07 2.15 4.10
CA LEU A 55 2.27 1.31 3.21
C LEU A 55 0.86 1.13 3.74
N GLU A 56 0.75 0.79 5.03
CA GLU A 56 -0.54 0.59 5.65
C GLU A 56 -1.55 1.64 5.19
N PHE A 57 -1.19 2.91 5.37
CA PHE A 57 -2.06 4.02 4.96
C PHE A 57 -2.52 3.84 3.52
N TRP A 58 -1.64 3.28 2.68
CA TRP A 58 -1.97 3.06 1.28
C TRP A 58 -3.01 1.95 1.13
N ILE A 59 -2.68 0.76 1.62
CA ILE A 59 -3.59 -0.38 1.55
C ILE A 59 -4.98 -0.01 2.04
N ALA A 60 -5.02 0.65 3.21
CA ALA A 60 -6.29 1.06 3.80
C ALA A 60 -7.04 2.02 2.88
N CYS A 61 -6.31 2.96 2.29
CA CYS A 61 -6.91 3.93 1.39
C CYS A 61 -7.67 3.24 0.26
N GLU A 62 -7.02 2.30 -0.41
CA GLU A 62 -7.63 1.57 -1.51
C GLU A 62 -8.81 0.73 -1.01
N ASP A 63 -8.69 0.22 0.21
CA ASP A 63 -9.74 -0.59 0.80
C ASP A 63 -10.95 0.26 1.16
N TYR A 64 -10.69 1.49 1.58
CA TYR A 64 -11.76 2.41 1.96
C TYR A 64 -12.60 2.80 0.75
N LYS A 65 -11.96 2.86 -0.41
CA LYS A 65 -12.65 3.22 -1.65
C LYS A 65 -13.67 2.15 -2.04
N LYS A 66 -13.44 0.93 -1.57
CA LYS A 66 -14.34 -0.18 -1.86
C LYS A 66 -15.64 -0.05 -1.07
N ILE A 67 -15.74 1.01 -0.28
CA ILE A 67 -16.93 1.25 0.52
C ILE A 67 -17.96 2.07 -0.25
N LYS A 68 -19.23 1.69 -0.11
CA LYS A 68 -20.30 2.39 -0.79
C LYS A 68 -21.28 2.98 0.21
N SER A 69 -21.33 2.40 1.41
CA SER A 69 -22.23 2.87 2.45
C SER A 69 -21.98 4.33 2.76
N PRO A 70 -23.07 5.08 2.98
CA PRO A 70 -23.00 6.52 3.29
C PRO A 70 -22.42 6.78 4.68
N ALA A 71 -22.53 5.79 5.56
CA ALA A 71 -22.02 5.92 6.92
C ALA A 71 -20.55 5.50 6.99
N LYS A 72 -20.27 4.28 6.53
CA LYS A 72 -18.91 3.77 6.54
C LYS A 72 -17.96 4.70 5.80
N MET A 73 -18.32 5.05 4.57
CA MET A 73 -17.50 5.95 3.76
C MET A 73 -17.07 7.16 4.57
N ALA A 74 -17.90 7.58 5.51
CA ALA A 74 -17.59 8.73 6.36
C ALA A 74 -16.85 8.30 7.62
N GLU A 75 -17.51 7.49 8.44
CA GLU A 75 -16.90 7.02 9.68
C GLU A 75 -15.54 6.39 9.42
N LYS A 76 -15.52 5.36 8.58
CA LYS A 76 -14.28 4.68 8.24
C LYS A 76 -13.17 5.68 7.96
N ALA A 77 -13.48 6.71 7.18
CA ALA A 77 -12.51 7.73 6.83
C ALA A 77 -11.82 8.28 8.08
N LYS A 78 -12.63 8.68 9.06
CA LYS A 78 -12.10 9.21 10.31
C LYS A 78 -11.15 8.22 10.98
N GLN A 79 -11.53 6.95 10.94
CA GLN A 79 -10.72 5.90 11.55
C GLN A 79 -9.27 5.98 11.06
N ILE A 80 -9.10 5.93 9.74
CA ILE A 80 -7.77 5.99 9.14
C ILE A 80 -7.03 7.25 9.58
N TYR A 81 -7.79 8.31 9.85
CA TYR A 81 -7.20 9.58 10.28
C TYR A 81 -6.75 9.50 11.74
N GLU A 82 -7.63 8.98 12.59
CA GLU A 82 -7.33 8.85 14.01
C GLU A 82 -6.18 7.87 14.24
N GLU A 83 -5.78 7.18 13.17
CA GLU A 83 -4.70 6.21 13.27
C GLU A 83 -3.43 6.76 12.64
N PHE A 84 -3.53 7.23 11.39
CA PHE A 84 -2.38 7.77 10.68
C PHE A 84 -2.41 9.30 10.71
N ILE A 85 -3.52 9.88 10.28
CA ILE A 85 -3.68 11.33 10.26
C ILE A 85 -4.01 11.86 11.65
N GLN A 86 -3.58 11.14 12.67
CA GLN A 86 -3.83 11.55 14.05
C GLN A 86 -2.55 12.08 14.70
N THR A 87 -2.72 12.95 15.69
CA THR A 87 -1.58 13.53 16.39
C THR A 87 -0.76 12.46 17.10
N GLU A 88 0.55 12.50 16.90
CA GLU A 88 1.45 11.53 17.51
C GLU A 88 0.90 10.11 17.38
N ALA A 89 0.10 9.89 16.33
CA ALA A 89 -0.48 8.58 16.09
C ALA A 89 0.58 7.48 16.11
N PRO A 90 0.13 6.23 16.26
CA PRO A 90 1.03 5.07 16.30
C PRO A 90 1.67 4.78 14.94
N LYS A 91 0.95 5.13 13.88
CA LYS A 91 1.44 4.91 12.52
C LYS A 91 1.45 6.21 11.73
N GLU A 92 1.43 7.33 12.44
CA GLU A 92 1.44 8.64 11.80
C GLU A 92 2.41 8.67 10.62
N VAL A 93 1.90 8.35 9.43
CA VAL A 93 2.72 8.34 8.23
C VAL A 93 3.49 9.64 8.08
N ASN A 94 4.35 9.70 7.05
CA ASN A 94 5.15 10.89 6.80
C ASN A 94 4.44 11.83 5.83
N ILE A 95 3.81 12.87 6.38
CA ILE A 95 3.10 13.84 5.57
C ILE A 95 3.14 15.23 6.21
N ASP A 96 3.81 16.16 5.55
CA ASP A 96 3.93 17.52 6.04
C ASP A 96 2.56 18.11 6.36
N HIS A 97 2.54 19.17 7.16
CA HIS A 97 1.29 19.82 7.54
C HIS A 97 0.43 20.11 6.31
N PHE A 98 1.09 20.48 5.22
CA PHE A 98 0.38 20.79 3.98
C PHE A 98 -0.60 19.68 3.62
N THR A 99 -0.06 18.54 3.21
CA THR A 99 -0.88 17.39 2.84
C THR A 99 -1.77 16.95 3.99
N LYS A 100 -1.16 16.77 5.16
CA LYS A 100 -1.88 16.33 6.35
C LYS A 100 -3.19 17.12 6.50
N ASP A 101 -3.09 18.45 6.40
CA ASP A 101 -4.26 19.30 6.52
C ASP A 101 -5.30 18.96 5.47
N ILE A 102 -4.87 18.81 4.22
CA ILE A 102 -5.77 18.47 3.13
C ILE A 102 -6.77 17.39 3.55
N THR A 103 -6.25 16.20 3.82
CA THR A 103 -7.11 15.08 4.24
C THR A 103 -8.19 15.55 5.20
N MET A 104 -7.77 16.23 6.27
CA MET A 104 -8.70 16.73 7.28
C MET A 104 -9.89 17.42 6.61
N LYS A 105 -9.60 18.42 5.79
CA LYS A 105 -10.64 19.16 5.10
C LYS A 105 -11.47 18.24 4.20
N ASN A 106 -10.91 17.08 3.89
CA ASN A 106 -11.58 16.10 3.04
C ASN A 106 -12.37 15.11 3.88
N LEU A 107 -12.43 15.34 5.18
CA LEU A 107 -13.15 14.47 6.09
C LEU A 107 -14.59 14.95 6.28
N VAL A 108 -14.93 16.06 5.63
CA VAL A 108 -16.28 16.61 5.72
C VAL A 108 -17.24 15.87 4.81
N GLU A 109 -16.95 15.87 3.51
CA GLU A 109 -17.78 15.19 2.54
C GLU A 109 -16.99 14.11 1.80
N PRO A 110 -16.30 13.26 2.55
CA PRO A 110 -15.49 12.17 1.99
C PRO A 110 -16.35 11.07 1.38
N SER A 111 -15.97 10.63 0.18
CA SER A 111 -16.71 9.58 -0.52
C SER A 111 -15.77 8.44 -0.91
N LEU A 112 -14.94 8.69 -1.92
CA LEU A 112 -14.00 7.69 -2.40
C LEU A 112 -12.60 8.28 -2.58
N SER A 113 -12.55 9.50 -3.09
CA SER A 113 -11.27 10.18 -3.30
C SER A 113 -10.91 11.05 -2.10
N SER A 114 -11.50 10.73 -0.95
CA SER A 114 -11.25 11.48 0.27
C SER A 114 -9.76 11.48 0.61
N PHE A 115 -9.14 10.30 0.56
CA PHE A 115 -7.73 10.16 0.86
C PHE A 115 -6.91 10.03 -0.42
N ASP A 116 -7.26 10.82 -1.43
CA ASP A 116 -6.56 10.80 -2.70
C ASP A 116 -5.18 11.44 -2.59
N MET A 117 -5.14 12.69 -2.12
CA MET A 117 -3.88 13.41 -1.96
C MET A 117 -2.96 12.67 -1.00
N ALA A 118 -3.36 12.60 0.27
CA ALA A 118 -2.57 11.93 1.29
C ALA A 118 -2.07 10.57 0.79
N GLN A 119 -2.93 9.86 0.08
CA GLN A 119 -2.59 8.54 -0.45
C GLN A 119 -1.42 8.64 -1.42
N LYS A 120 -1.58 9.47 -2.45
CA LYS A 120 -0.54 9.66 -3.46
C LYS A 120 0.72 10.26 -2.83
N ARG A 121 0.53 11.07 -1.78
CA ARG A 121 1.64 11.70 -1.10
C ARG A 121 2.56 10.67 -0.47
N ILE A 122 1.97 9.77 0.31
CA ILE A 122 2.73 8.72 0.98
C ILE A 122 3.34 7.75 -0.03
N HIS A 123 2.49 7.24 -0.92
CA HIS A 123 2.93 6.30 -1.95
C HIS A 123 4.18 6.82 -2.66
N ALA A 124 4.16 8.11 -2.99
CA ALA A 124 5.29 8.73 -3.67
C ALA A 124 6.55 8.68 -2.82
N LEU A 125 6.36 8.54 -1.51
CA LEU A 125 7.49 8.48 -0.58
C LEU A 125 8.00 7.05 -0.44
N MET A 126 7.10 6.14 -0.04
CA MET A 126 7.46 4.73 0.14
C MET A 126 7.98 4.14 -1.17
N GLU A 127 7.84 4.90 -2.25
CA GLU A 127 8.31 4.45 -3.56
C GLU A 127 9.69 5.00 -3.88
N LYS A 128 10.04 6.10 -3.22
CA LYS A 128 11.35 6.74 -3.42
C LYS A 128 12.24 6.54 -2.20
N ASP A 129 11.66 6.03 -1.11
CA ASP A 129 12.40 5.80 0.11
C ASP A 129 12.55 4.31 0.39
N SER A 130 11.42 3.64 0.64
CA SER A 130 11.42 2.22 0.92
C SER A 130 11.68 1.41 -0.35
N LEU A 131 10.79 1.56 -1.32
CA LEU A 131 10.92 0.85 -2.59
C LEU A 131 12.38 0.65 -2.96
N PRO A 132 13.12 1.76 -3.04
CA PRO A 132 14.55 1.73 -3.38
C PRO A 132 15.40 1.12 -2.27
N ARG A 133 14.91 1.22 -1.04
CA ARG A 133 15.63 0.68 0.11
C ARG A 133 15.27 -0.79 0.34
N PHE A 134 14.21 -1.24 -0.34
CA PHE A 134 13.76 -2.61 -0.21
C PHE A 134 14.53 -3.53 -1.15
N VAL A 135 14.79 -3.04 -2.37
CA VAL A 135 15.52 -3.82 -3.36
C VAL A 135 16.91 -4.20 -2.85
N ARG A 136 17.52 -3.30 -2.08
CA ARG A 136 18.85 -3.54 -1.54
C ARG A 136 18.82 -4.68 -0.53
N SER A 137 17.73 -4.77 0.23
CA SER A 137 17.59 -5.81 1.24
C SER A 137 17.49 -7.19 0.59
N GLU A 138 18.10 -8.18 1.23
CA GLU A 138 18.08 -9.55 0.70
C GLU A 138 16.68 -9.93 0.24
N PHE A 139 15.68 -9.49 0.98
CA PHE A 139 14.29 -9.80 0.65
C PHE A 139 14.06 -9.71 -0.86
N TYR A 140 14.74 -8.77 -1.50
CA TYR A 140 14.62 -8.58 -2.94
C TYR A 140 15.58 -9.49 -3.69
N GLN A 141 16.83 -9.51 -3.25
CA GLN A 141 17.86 -10.34 -3.88
C GLN A 141 17.37 -11.76 -4.08
N GLU A 142 16.56 -12.24 -3.13
CA GLU A 142 16.01 -13.59 -3.20
C GLU A 142 14.86 -13.67 -4.18
N LEU A 143 14.22 -12.53 -4.41
CA LEU A 143 13.09 -12.47 -5.34
C LEU A 143 13.56 -12.62 -6.79
N ILE A 144 14.77 -12.14 -7.07
CA ILE A 144 15.33 -12.23 -8.40
C ILE A 144 16.36 -13.35 -8.49
N SER A 145 17.19 -13.46 -7.45
CA SER A 145 18.22 -14.49 -7.41
C SER A 145 17.60 -15.89 -7.37
N GLY A 146 16.49 -16.01 -6.65
CA GLY A 146 15.82 -17.30 -6.54
C GLY A 146 15.69 -17.99 -7.88
N PRO A 147 15.22 -19.25 -7.85
CA PRO A 147 15.03 -20.06 -9.06
C PRO A 147 13.89 -19.55 -9.92
N SER A 148 14.21 -18.69 -10.89
CA SER A 148 13.20 -18.12 -11.78
C SER A 148 13.85 -17.28 -12.87
N SER A 149 13.72 -17.73 -14.11
CA SER A 149 14.31 -17.02 -15.25
C SER A 149 13.23 -16.40 -16.11
N GLY A 150 13.64 -15.70 -17.16
CA GLY A 150 12.69 -15.07 -18.05
C GLY A 150 12.56 -15.79 -19.38
N GLY A 1 0.20 5.62 -21.17
CA GLY A 1 0.07 5.26 -19.77
C GLY A 1 0.41 3.80 -19.52
N SER A 2 -0.07 3.27 -18.40
CA SER A 2 0.20 1.88 -18.04
C SER A 2 -1.00 1.26 -17.32
N SER A 3 -1.62 0.28 -17.95
CA SER A 3 -2.78 -0.38 -17.38
C SER A 3 -2.52 -1.88 -17.23
N GLY A 4 -3.44 -2.56 -16.55
CA GLY A 4 -3.30 -3.99 -16.35
C GLY A 4 -4.37 -4.80 -17.06
N SER A 5 -4.52 -6.07 -16.69
CA SER A 5 -5.50 -6.93 -17.30
C SER A 5 -6.48 -7.49 -16.25
N SER A 6 -7.68 -6.91 -16.22
CA SER A 6 -8.69 -7.35 -15.25
C SER A 6 -9.52 -8.49 -15.82
N GLY A 7 -9.18 -9.71 -15.41
CA GLY A 7 -9.90 -10.88 -15.88
C GLY A 7 -11.06 -11.25 -14.97
N PRO A 8 -11.83 -12.27 -15.38
CA PRO A 8 -12.99 -12.75 -14.61
C PRO A 8 -12.58 -13.45 -13.32
N GLU A 9 -13.56 -14.00 -12.61
CA GLU A 9 -13.29 -14.70 -11.36
C GLU A 9 -11.98 -15.47 -11.44
N LYS A 10 -11.08 -15.19 -10.49
CA LYS A 10 -9.78 -15.86 -10.45
C LYS A 10 -9.90 -17.21 -9.75
N PRO A 11 -9.24 -18.24 -10.32
CA PRO A 11 -9.25 -19.59 -9.76
C PRO A 11 -8.46 -19.68 -8.46
N ALA A 12 -8.58 -20.83 -7.79
CA ALA A 12 -7.88 -21.04 -6.52
C ALA A 12 -6.60 -21.86 -6.74
N LYS A 13 -5.55 -21.19 -7.24
CA LYS A 13 -4.28 -21.86 -7.49
C LYS A 13 -3.12 -20.99 -7.00
N THR A 14 -1.90 -21.47 -7.25
CA THR A 14 -0.70 -20.74 -6.82
C THR A 14 -0.05 -20.04 -8.01
N GLN A 15 1.03 -19.31 -7.74
CA GLN A 15 1.76 -18.60 -8.78
C GLN A 15 3.16 -18.24 -8.32
N LYS A 16 3.93 -17.62 -9.21
CA LYS A 16 5.30 -17.22 -8.90
C LYS A 16 5.67 -15.93 -9.62
N THR A 17 6.84 -15.40 -9.31
CA THR A 17 7.32 -14.17 -9.93
C THR A 17 8.48 -14.44 -10.88
N SER A 18 8.49 -13.75 -12.01
CA SER A 18 9.55 -13.92 -13.00
C SER A 18 10.56 -12.79 -12.91
N LEU A 19 11.82 -13.12 -13.17
CA LEU A 19 12.89 -12.14 -13.11
C LEU A 19 12.48 -10.83 -13.79
N ASP A 20 12.22 -10.91 -15.10
CA ASP A 20 11.81 -9.74 -15.85
C ASP A 20 10.76 -8.94 -15.09
N GLU A 21 10.04 -9.61 -14.19
CA GLU A 21 9.00 -8.96 -13.41
C GLU A 21 9.60 -8.23 -12.20
N ALA A 22 10.28 -8.98 -11.34
CA ALA A 22 10.91 -8.41 -10.16
C ALA A 22 11.53 -7.05 -10.47
N LEU A 23 12.06 -6.92 -11.68
CA LEU A 23 12.69 -5.68 -12.10
C LEU A 23 11.65 -4.58 -12.33
N GLN A 24 10.51 -4.97 -12.89
CA GLN A 24 9.44 -4.03 -13.17
C GLN A 24 9.00 -3.30 -11.90
N TRP A 25 9.27 -3.94 -10.75
CA TRP A 25 8.91 -3.35 -9.46
C TRP A 25 9.78 -2.13 -9.16
N ARG A 26 10.87 -1.98 -9.90
CA ARG A 26 11.78 -0.86 -9.71
C ARG A 26 11.24 0.39 -10.40
N ASP A 27 10.55 0.19 -11.50
CA ASP A 27 9.98 1.31 -12.26
C ASP A 27 8.96 2.07 -11.43
N SER A 28 7.92 1.37 -10.97
CA SER A 28 6.87 1.99 -10.18
C SER A 28 6.51 1.10 -8.99
N LEU A 29 6.55 1.68 -7.78
CA LEU A 29 6.22 0.94 -6.58
C LEU A 29 4.88 0.24 -6.71
N ASP A 30 3.97 0.84 -7.48
CA ASP A 30 2.65 0.27 -7.70
C ASP A 30 2.75 -1.17 -8.20
N LYS A 31 3.52 -1.36 -9.27
CA LYS A 31 3.70 -2.69 -9.85
C LYS A 31 4.14 -3.69 -8.79
N LEU A 32 4.82 -3.20 -7.76
CA LEU A 32 5.30 -4.05 -6.68
C LEU A 32 4.17 -4.40 -5.72
N LEU A 33 3.45 -3.38 -5.27
CA LEU A 33 2.33 -3.58 -4.35
C LEU A 33 1.27 -4.48 -4.97
N GLN A 34 0.97 -4.23 -6.24
CA GLN A 34 -0.03 -5.02 -6.95
C GLN A 34 0.28 -6.52 -6.87
N ASN A 35 1.55 -6.86 -7.10
CA ASN A 35 1.98 -8.25 -7.05
C ASN A 35 2.01 -8.77 -5.61
N ASN A 36 1.19 -9.77 -5.34
CA ASN A 36 1.12 -10.36 -4.00
C ASN A 36 2.51 -10.63 -3.46
N TYR A 37 3.30 -11.37 -4.22
CA TYR A 37 4.66 -11.72 -3.81
C TYR A 37 5.45 -10.47 -3.42
N GLY A 38 5.59 -9.55 -4.37
CA GLY A 38 6.32 -8.32 -4.10
C GLY A 38 5.80 -7.59 -2.87
N LEU A 39 4.49 -7.39 -2.82
CA LEU A 39 3.86 -6.70 -1.69
C LEU A 39 4.25 -7.36 -0.37
N ALA A 40 3.86 -8.63 -0.22
CA ALA A 40 4.16 -9.37 1.00
C ALA A 40 5.57 -9.07 1.49
N SER A 41 6.56 -9.36 0.65
CA SER A 41 7.96 -9.12 1.00
C SER A 41 8.20 -7.64 1.29
N PHE A 42 7.60 -6.78 0.48
CA PHE A 42 7.75 -5.33 0.66
C PHE A 42 7.34 -4.92 2.06
N LYS A 43 6.19 -5.41 2.51
CA LYS A 43 5.69 -5.08 3.84
C LYS A 43 6.74 -5.40 4.92
N SER A 44 7.03 -6.68 5.08
CA SER A 44 8.01 -7.11 6.07
C SER A 44 9.18 -6.15 6.14
N PHE A 45 9.80 -5.88 4.99
CA PHE A 45 10.93 -4.97 4.93
C PHE A 45 10.70 -3.74 5.80
N LEU A 46 9.50 -3.17 5.69
CA LEU A 46 9.15 -1.99 6.46
C LEU A 46 9.15 -2.30 7.95
N LYS A 47 8.37 -3.29 8.35
CA LYS A 47 8.28 -3.69 9.76
C LYS A 47 9.67 -3.63 10.42
N SER A 48 10.68 -4.07 9.68
CA SER A 48 12.05 -4.07 10.21
C SER A 48 12.58 -2.64 10.34
N GLU A 49 12.24 -1.81 9.37
CA GLU A 49 12.69 -0.42 9.37
C GLU A 49 11.74 0.46 10.19
N PHE A 50 10.74 -0.17 10.78
CA PHE A 50 9.76 0.54 11.59
C PHE A 50 8.98 1.54 10.74
N SER A 51 8.81 1.22 9.46
CA SER A 51 8.08 2.09 8.54
C SER A 51 6.94 1.33 7.87
N GLU A 52 6.38 0.36 8.58
CA GLU A 52 5.29 -0.44 8.04
C GLU A 52 4.00 0.37 7.99
N GLU A 53 3.94 1.43 8.79
CA GLU A 53 2.77 2.29 8.83
C GLU A 53 2.53 2.95 7.47
N ASN A 54 3.62 3.29 6.78
CA ASN A 54 3.53 3.93 5.48
C ASN A 54 2.63 3.12 4.55
N LEU A 55 2.90 1.82 4.43
CA LEU A 55 2.13 0.95 3.58
C LEU A 55 0.70 0.79 4.10
N GLU A 56 0.57 0.62 5.41
CA GLU A 56 -0.74 0.48 6.03
C GLU A 56 -1.73 1.51 5.49
N PHE A 57 -1.38 2.78 5.65
CA PHE A 57 -2.24 3.87 5.18
C PHE A 57 -2.69 3.62 3.73
N TRP A 58 -1.78 3.07 2.93
CA TRP A 58 -2.09 2.78 1.53
C TRP A 58 -3.15 1.69 1.42
N ILE A 59 -2.84 0.51 1.94
CA ILE A 59 -3.76 -0.61 1.91
C ILE A 59 -5.16 -0.18 2.32
N ALA A 60 -5.25 0.61 3.38
CA ALA A 60 -6.52 1.09 3.88
C ALA A 60 -7.21 1.98 2.85
N CYS A 61 -6.44 2.89 2.24
CA CYS A 61 -6.99 3.80 1.24
C CYS A 61 -7.81 3.04 0.20
N GLU A 62 -7.18 2.06 -0.44
CA GLU A 62 -7.86 1.26 -1.45
C GLU A 62 -9.08 0.55 -0.87
N ASP A 63 -8.94 0.05 0.35
CA ASP A 63 -10.02 -0.65 1.03
C ASP A 63 -11.17 0.30 1.34
N TYR A 64 -10.88 1.59 1.33
CA TYR A 64 -11.88 2.61 1.61
C TYR A 64 -12.64 2.99 0.35
N LYS A 65 -11.94 2.99 -0.78
CA LYS A 65 -12.55 3.32 -2.06
C LYS A 65 -13.69 2.37 -2.40
N LYS A 66 -13.54 1.12 -1.98
CA LYS A 66 -14.57 0.11 -2.23
C LYS A 66 -15.70 0.21 -1.21
N ILE A 67 -15.76 1.33 -0.51
CA ILE A 67 -16.80 1.55 0.48
C ILE A 67 -17.96 2.37 -0.09
N LYS A 68 -19.11 1.72 -0.22
CA LYS A 68 -20.30 2.38 -0.76
C LYS A 68 -21.19 2.90 0.37
N SER A 69 -21.22 2.16 1.48
CA SER A 69 -22.03 2.55 2.63
C SER A 69 -21.94 4.05 2.89
N PRO A 70 -23.09 4.69 3.10
CA PRO A 70 -23.16 6.13 3.37
C PRO A 70 -22.58 6.50 4.73
N ALA A 71 -22.58 5.54 5.65
CA ALA A 71 -22.05 5.76 6.99
C ALA A 71 -20.59 5.33 7.08
N LYS A 72 -20.25 4.27 6.36
CA LYS A 72 -18.89 3.76 6.37
C LYS A 72 -17.94 4.71 5.63
N MET A 73 -18.36 5.16 4.45
CA MET A 73 -17.56 6.08 3.66
C MET A 73 -17.07 7.26 4.50
N ALA A 74 -17.94 7.71 5.41
CA ALA A 74 -17.59 8.84 6.28
C ALA A 74 -16.95 8.35 7.58
N GLU A 75 -17.65 7.47 8.29
CA GLU A 75 -17.15 6.94 9.55
C GLU A 75 -15.75 6.34 9.37
N LYS A 76 -15.63 5.45 8.39
CA LYS A 76 -14.35 4.80 8.11
C LYS A 76 -13.25 5.83 7.89
N ALA A 77 -13.56 6.86 7.11
CA ALA A 77 -12.59 7.92 6.84
C ALA A 77 -11.95 8.43 8.12
N LYS A 78 -12.78 8.79 9.10
CA LYS A 78 -12.29 9.29 10.38
C LYS A 78 -11.44 8.24 11.08
N GLN A 79 -11.82 6.98 10.92
CA GLN A 79 -11.09 5.88 11.55
C GLN A 79 -9.64 5.85 11.07
N ILE A 80 -9.46 5.93 9.76
CA ILE A 80 -8.12 5.90 9.18
C ILE A 80 -7.32 7.14 9.60
N TYR A 81 -8.02 8.24 9.79
CA TYR A 81 -7.37 9.49 10.19
C TYR A 81 -6.97 9.45 11.66
N GLU A 82 -7.87 8.93 12.50
CA GLU A 82 -7.60 8.83 13.93
C GLU A 82 -6.47 7.85 14.21
N GLU A 83 -6.06 7.13 13.17
CA GLU A 83 -4.98 6.14 13.30
C GLU A 83 -3.70 6.66 12.67
N PHE A 84 -3.79 7.09 11.41
CA PHE A 84 -2.63 7.61 10.69
C PHE A 84 -2.64 9.14 10.66
N ILE A 85 -3.74 9.71 10.17
CA ILE A 85 -3.88 11.15 10.09
C ILE A 85 -4.24 11.75 11.45
N GLN A 86 -3.81 11.08 12.51
CA GLN A 86 -4.09 11.54 13.87
C GLN A 86 -2.84 12.14 14.50
N THR A 87 -3.04 13.09 15.42
CA THR A 87 -1.93 13.74 16.10
C THR A 87 -1.10 12.72 16.88
N GLU A 88 0.20 12.66 16.58
CA GLU A 88 1.09 11.74 17.25
C GLU A 88 0.55 10.32 17.21
N ALA A 89 -0.23 10.02 16.18
CA ALA A 89 -0.81 8.70 16.01
C ALA A 89 0.25 7.61 16.12
N PRO A 90 -0.20 6.37 16.36
CA PRO A 90 0.70 5.22 16.50
C PRO A 90 1.35 4.83 15.17
N LYS A 91 0.64 5.06 14.08
CA LYS A 91 1.14 4.74 12.75
C LYS A 91 1.14 5.97 11.85
N GLU A 92 1.07 7.15 12.47
CA GLU A 92 1.05 8.40 11.72
C GLU A 92 2.09 8.39 10.60
N VAL A 93 1.64 8.11 9.39
CA VAL A 93 2.53 8.06 8.23
C VAL A 93 3.35 9.34 8.12
N ASN A 94 4.20 9.41 7.09
CA ASN A 94 5.03 10.58 6.87
C ASN A 94 4.38 11.54 5.89
N ILE A 95 3.74 12.58 6.43
CA ILE A 95 3.07 13.57 5.59
C ILE A 95 3.18 14.97 6.21
N ASP A 96 3.93 15.84 5.56
CA ASP A 96 4.12 17.20 6.05
C ASP A 96 2.77 17.85 6.38
N HIS A 97 2.81 18.87 7.24
CA HIS A 97 1.59 19.56 7.65
C HIS A 97 0.73 19.90 6.43
N PHE A 98 1.36 20.36 5.37
CA PHE A 98 0.64 20.72 4.14
C PHE A 98 -0.34 19.62 3.74
N THR A 99 0.20 18.44 3.43
CA THR A 99 -0.63 17.32 3.03
C THR A 99 -1.51 16.85 4.19
N LYS A 100 -0.89 16.56 5.32
CA LYS A 100 -1.62 16.10 6.49
C LYS A 100 -2.90 16.92 6.70
N ASP A 101 -2.79 18.23 6.51
CA ASP A 101 -3.92 19.13 6.68
C ASP A 101 -4.99 18.85 5.62
N ILE A 102 -4.54 18.68 4.37
CA ILE A 102 -5.45 18.42 3.27
C ILE A 102 -6.51 17.40 3.67
N THR A 103 -6.08 16.18 3.96
CA THR A 103 -6.99 15.12 4.36
C THR A 103 -8.06 15.64 5.32
N MET A 104 -7.61 16.27 6.40
CA MET A 104 -8.53 16.82 7.40
C MET A 104 -9.62 17.63 6.73
N LYS A 105 -9.22 18.62 5.94
CA LYS A 105 -10.17 19.48 5.25
C LYS A 105 -11.03 18.68 4.29
N ASN A 106 -10.64 17.43 4.05
CA ASN A 106 -11.39 16.55 3.15
C ASN A 106 -12.23 15.55 3.94
N LEU A 107 -12.26 15.74 5.26
CA LEU A 107 -13.04 14.85 6.13
C LEU A 107 -14.45 15.39 6.33
N VAL A 108 -14.76 16.49 5.66
CA VAL A 108 -16.09 17.10 5.76
C VAL A 108 -17.07 16.46 4.80
N GLU A 109 -16.61 16.20 3.58
CA GLU A 109 -17.44 15.58 2.56
C GLU A 109 -16.69 14.47 1.83
N PRO A 110 -16.04 13.59 2.60
CA PRO A 110 -15.27 12.48 2.04
C PRO A 110 -16.16 11.41 1.41
N SER A 111 -15.87 11.09 0.16
CA SER A 111 -16.65 10.08 -0.56
C SER A 111 -15.76 8.95 -1.06
N LEU A 112 -14.88 9.26 -2.01
CA LEU A 112 -13.96 8.28 -2.57
C LEU A 112 -12.55 8.84 -2.66
N SER A 113 -12.43 10.09 -3.10
CA SER A 113 -11.13 10.74 -3.24
C SER A 113 -10.73 11.42 -1.93
N SER A 114 -11.36 11.00 -0.83
CA SER A 114 -11.08 11.58 0.48
C SER A 114 -9.57 11.66 0.71
N PHE A 115 -8.90 10.53 0.64
CA PHE A 115 -7.46 10.47 0.85
C PHE A 115 -6.72 10.36 -0.47
N ASP A 116 -7.19 11.11 -1.47
CA ASP A 116 -6.58 11.10 -2.79
C ASP A 116 -5.16 11.66 -2.74
N MET A 117 -4.99 12.74 -1.98
CA MET A 117 -3.68 13.37 -1.84
C MET A 117 -2.78 12.57 -0.91
N ALA A 118 -3.25 12.36 0.32
CA ALA A 118 -2.49 11.60 1.32
C ALA A 118 -2.07 10.24 0.76
N GLN A 119 -2.98 9.60 0.04
CA GLN A 119 -2.71 8.29 -0.54
C GLN A 119 -1.55 8.36 -1.54
N LYS A 120 -1.66 9.27 -2.51
CA LYS A 120 -0.64 9.45 -3.52
C LYS A 120 0.65 9.96 -2.89
N ARG A 121 0.52 10.74 -1.83
CA ARG A 121 1.67 11.30 -1.13
C ARG A 121 2.53 10.19 -0.52
N ILE A 122 1.92 9.38 0.33
CA ILE A 122 2.62 8.28 0.98
C ILE A 122 3.13 7.27 -0.04
N HIS A 123 2.29 6.94 -1.01
CA HIS A 123 2.67 5.99 -2.05
C HIS A 123 3.93 6.45 -2.78
N ALA A 124 4.03 7.75 -2.99
CA ALA A 124 5.19 8.32 -3.68
C ALA A 124 6.44 8.25 -2.80
N LEU A 125 6.23 8.14 -1.49
CA LEU A 125 7.34 8.07 -0.54
C LEU A 125 7.88 6.64 -0.44
N MET A 126 6.96 5.68 -0.39
CA MET A 126 7.34 4.27 -0.30
C MET A 126 7.93 3.78 -1.62
N GLU A 127 7.81 4.60 -2.65
CA GLU A 127 8.33 4.24 -3.97
C GLU A 127 9.69 4.90 -4.21
N LYS A 128 9.93 6.01 -3.52
CA LYS A 128 11.18 6.75 -3.67
C LYS A 128 12.01 6.63 -2.39
N ASP A 129 11.45 5.99 -1.38
CA ASP A 129 12.16 5.81 -0.11
C ASP A 129 12.40 4.34 0.17
N SER A 130 11.32 3.59 0.37
CA SER A 130 11.41 2.16 0.65
C SER A 130 11.73 1.37 -0.62
N LEU A 131 10.87 1.53 -1.63
CA LEU A 131 11.06 0.84 -2.90
C LEU A 131 12.54 0.71 -3.24
N PRO A 132 13.24 1.85 -3.27
CA PRO A 132 14.67 1.90 -3.57
C PRO A 132 15.52 1.27 -2.48
N ARG A 133 15.00 1.29 -1.25
CA ARG A 133 15.71 0.72 -0.11
C ARG A 133 15.35 -0.74 0.09
N PHE A 134 14.31 -1.19 -0.60
CA PHE A 134 13.85 -2.57 -0.50
C PHE A 134 14.62 -3.46 -1.47
N VAL A 135 14.95 -2.92 -2.63
CA VAL A 135 15.69 -3.67 -3.64
C VAL A 135 17.13 -3.94 -3.18
N ARG A 136 17.68 -3.02 -2.41
CA ARG A 136 19.05 -3.17 -1.91
C ARG A 136 19.14 -4.32 -0.91
N SER A 137 18.12 -4.44 -0.06
CA SER A 137 18.09 -5.50 0.93
C SER A 137 18.08 -6.88 0.28
N GLU A 138 18.13 -7.92 1.11
CA GLU A 138 18.13 -9.28 0.60
C GLU A 138 16.75 -9.67 0.07
N PHE A 139 15.71 -9.29 0.81
CA PHE A 139 14.35 -9.59 0.41
C PHE A 139 14.19 -9.53 -1.11
N TYR A 140 14.91 -8.61 -1.74
CA TYR A 140 14.85 -8.45 -3.18
C TYR A 140 15.85 -9.37 -3.88
N GLN A 141 17.08 -9.37 -3.40
CA GLN A 141 18.13 -10.21 -3.98
C GLN A 141 17.65 -11.65 -4.12
N GLU A 142 16.79 -12.08 -3.20
CA GLU A 142 16.26 -13.43 -3.22
C GLU A 142 15.16 -13.57 -4.26
N LEU A 143 14.51 -12.45 -4.59
CA LEU A 143 13.43 -12.44 -5.57
C LEU A 143 13.99 -12.56 -6.99
N ILE A 144 15.14 -11.93 -7.23
CA ILE A 144 15.77 -11.97 -8.53
C ILE A 144 16.91 -12.99 -8.56
N SER A 145 17.70 -13.01 -7.49
CA SER A 145 18.83 -13.93 -7.40
C SER A 145 18.50 -15.07 -6.43
N GLY A 146 17.25 -15.52 -6.44
CA GLY A 146 16.84 -16.60 -5.56
C GLY A 146 17.50 -17.92 -5.92
N PRO A 147 16.76 -19.02 -5.71
CA PRO A 147 17.26 -20.37 -6.01
C PRO A 147 17.40 -20.62 -7.50
N SER A 148 18.53 -20.20 -8.07
CA SER A 148 18.79 -20.38 -9.49
C SER A 148 18.72 -21.85 -9.87
N SER A 149 18.53 -22.12 -11.16
CA SER A 149 18.45 -23.48 -11.66
C SER A 149 18.36 -23.51 -13.18
N GLY A 150 19.04 -24.46 -13.80
CA GLY A 150 19.03 -24.57 -15.24
C GLY A 150 18.18 -25.73 -15.73
N GLY A 1 -23.23 -42.15 -13.57
CA GLY A 1 -24.28 -41.25 -13.14
C GLY A 1 -24.47 -40.09 -14.10
N SER A 2 -25.13 -39.03 -13.62
CA SER A 2 -25.38 -37.85 -14.43
C SER A 2 -24.19 -36.91 -14.41
N SER A 3 -23.73 -36.57 -13.21
CA SER A 3 -22.59 -35.67 -13.05
C SER A 3 -21.40 -36.41 -12.43
N GLY A 4 -20.21 -36.18 -13.00
CA GLY A 4 -19.02 -36.83 -12.51
C GLY A 4 -18.14 -35.89 -11.70
N SER A 5 -16.91 -36.30 -11.45
CA SER A 5 -15.97 -35.50 -10.68
C SER A 5 -14.54 -35.93 -10.94
N SER A 6 -13.74 -35.02 -11.51
CA SER A 6 -12.35 -35.31 -11.82
C SER A 6 -11.60 -34.04 -12.20
N GLY A 7 -10.30 -34.02 -11.93
CA GLY A 7 -9.49 -32.86 -12.25
C GLY A 7 -8.04 -33.21 -12.54
N PRO A 8 -7.63 -33.05 -13.80
CA PRO A 8 -6.26 -33.36 -14.23
C PRO A 8 -5.24 -32.37 -13.66
N GLU A 9 -4.00 -32.49 -14.12
CA GLU A 9 -2.94 -31.60 -13.65
C GLU A 9 -2.87 -30.33 -14.51
N LYS A 10 -1.90 -29.48 -14.20
CA LYS A 10 -1.73 -28.23 -14.94
C LYS A 10 -0.33 -28.15 -15.56
N PRO A 11 -0.21 -27.38 -16.66
CA PRO A 11 1.06 -27.20 -17.36
C PRO A 11 2.06 -26.38 -16.55
N ALA A 12 3.17 -26.02 -17.19
CA ALA A 12 4.20 -25.23 -16.53
C ALA A 12 4.18 -23.79 -17.00
N LYS A 13 4.07 -22.85 -16.06
CA LYS A 13 4.04 -21.43 -16.39
C LYS A 13 4.05 -20.58 -15.12
N THR A 14 4.34 -19.30 -15.28
CA THR A 14 4.39 -18.38 -14.15
C THR A 14 3.39 -18.78 -13.07
N GLN A 15 3.79 -18.59 -11.82
CA GLN A 15 2.91 -18.93 -10.69
C GLN A 15 2.80 -17.76 -9.72
N LYS A 16 3.92 -17.12 -9.45
CA LYS A 16 3.95 -15.97 -8.54
C LYS A 16 4.61 -14.76 -9.20
N THR A 17 5.93 -14.82 -9.33
CA THR A 17 6.68 -13.74 -9.94
C THR A 17 7.84 -14.27 -10.79
N SER A 18 8.20 -13.53 -11.82
CA SER A 18 9.29 -13.93 -12.71
C SER A 18 10.42 -12.91 -12.67
N LEU A 19 11.62 -13.34 -13.05
CA LEU A 19 12.79 -12.47 -13.07
C LEU A 19 12.48 -11.15 -13.78
N ASP A 20 12.09 -11.23 -15.05
CA ASP A 20 11.75 -10.05 -15.83
C ASP A 20 10.67 -9.24 -15.14
N GLU A 21 10.01 -9.85 -14.15
CA GLU A 21 8.93 -9.18 -13.43
C GLU A 21 9.49 -8.43 -12.22
N ALA A 22 10.17 -9.16 -11.33
CA ALA A 22 10.75 -8.57 -10.14
C ALA A 22 11.37 -7.20 -10.44
N LEU A 23 11.89 -7.06 -11.65
CA LEU A 23 12.51 -5.81 -12.07
C LEU A 23 11.46 -4.74 -12.35
N GLN A 24 10.36 -5.15 -12.97
CA GLN A 24 9.27 -4.23 -13.28
C GLN A 24 8.80 -3.50 -12.03
N TRP A 25 9.07 -4.08 -10.87
CA TRP A 25 8.68 -3.48 -9.60
C TRP A 25 9.50 -2.24 -9.30
N ARG A 26 10.69 -2.16 -9.90
CA ARG A 26 11.58 -1.02 -9.68
C ARG A 26 11.06 0.21 -10.43
N ASP A 27 10.47 -0.02 -11.60
CA ASP A 27 9.94 1.08 -12.41
C ASP A 27 8.93 1.91 -11.61
N SER A 28 7.91 1.25 -11.10
CA SER A 28 6.88 1.92 -10.31
C SER A 28 6.52 1.12 -9.07
N LEU A 29 6.48 1.81 -7.93
CA LEU A 29 6.16 1.16 -6.65
C LEU A 29 4.86 0.35 -6.76
N ASP A 30 3.92 0.87 -7.54
CA ASP A 30 2.64 0.20 -7.73
C ASP A 30 2.84 -1.25 -8.17
N LYS A 31 3.49 -1.42 -9.31
CA LYS A 31 3.75 -2.75 -9.85
C LYS A 31 4.13 -3.73 -8.73
N LEU A 32 4.83 -3.23 -7.73
CA LEU A 32 5.24 -4.05 -6.59
C LEU A 32 4.05 -4.38 -5.69
N LEU A 33 3.48 -3.35 -5.08
CA LEU A 33 2.32 -3.54 -4.19
C LEU A 33 1.26 -4.39 -4.86
N GLN A 34 0.94 -4.06 -6.12
CA GLN A 34 -0.07 -4.81 -6.86
C GLN A 34 0.21 -6.31 -6.80
N ASN A 35 1.45 -6.69 -7.03
CA ASN A 35 1.84 -8.10 -7.01
C ASN A 35 1.88 -8.62 -5.58
N ASN A 36 1.18 -9.73 -5.35
CA ASN A 36 1.13 -10.33 -4.02
C ASN A 36 2.54 -10.66 -3.51
N TYR A 37 3.31 -11.35 -4.34
CA TYR A 37 4.67 -11.72 -3.98
C TYR A 37 5.47 -10.50 -3.56
N GLY A 38 5.56 -9.51 -4.44
CA GLY A 38 6.31 -8.31 -4.14
C GLY A 38 5.77 -7.59 -2.92
N LEU A 39 4.44 -7.51 -2.81
CA LEU A 39 3.80 -6.84 -1.68
C LEU A 39 4.16 -7.52 -0.37
N ALA A 40 3.78 -8.79 -0.24
CA ALA A 40 4.06 -9.56 0.95
C ALA A 40 5.49 -9.31 1.44
N SER A 41 6.45 -9.43 0.52
CA SER A 41 7.85 -9.22 0.86
C SER A 41 8.12 -7.75 1.21
N PHE A 42 7.57 -6.86 0.39
CA PHE A 42 7.75 -5.43 0.61
C PHE A 42 7.36 -5.04 2.03
N LYS A 43 6.26 -5.62 2.51
CA LYS A 43 5.78 -5.33 3.86
C LYS A 43 6.79 -5.76 4.91
N SER A 44 7.04 -7.07 4.99
CA SER A 44 7.99 -7.61 5.95
C SER A 44 9.25 -6.75 6.01
N PHE A 45 9.69 -6.27 4.85
CA PHE A 45 10.88 -5.43 4.76
C PHE A 45 10.74 -4.19 5.62
N LEU A 46 9.56 -3.59 5.61
CA LEU A 46 9.30 -2.39 6.40
C LEU A 46 9.29 -2.72 7.89
N LYS A 47 8.55 -3.74 8.26
CA LYS A 47 8.46 -4.15 9.66
C LYS A 47 9.83 -4.06 10.34
N SER A 48 10.87 -4.46 9.62
CA SER A 48 12.23 -4.42 10.16
C SER A 48 12.68 -2.98 10.37
N GLU A 49 12.39 -2.12 9.40
CA GLU A 49 12.77 -0.72 9.47
C GLU A 49 11.78 0.07 10.31
N PHE A 50 10.72 -0.60 10.75
CA PHE A 50 9.69 0.04 11.57
C PHE A 50 9.02 1.16 10.80
N SER A 51 8.94 1.01 9.48
CA SER A 51 8.32 2.02 8.62
C SER A 51 7.17 1.41 7.81
N GLU A 52 6.53 0.39 8.39
CA GLU A 52 5.42 -0.28 7.72
C GLU A 52 4.17 0.59 7.75
N GLU A 53 4.11 1.52 8.71
CA GLU A 53 2.96 2.41 8.83
C GLU A 53 2.66 3.12 7.52
N ASN A 54 3.72 3.48 6.79
CA ASN A 54 3.58 4.16 5.52
C ASN A 54 2.73 3.33 4.55
N LEU A 55 2.94 2.02 4.57
CA LEU A 55 2.20 1.12 3.70
C LEU A 55 0.76 0.95 4.17
N GLU A 56 0.60 0.65 5.47
CA GLU A 56 -0.72 0.47 6.05
C GLU A 56 -1.69 1.51 5.51
N PHE A 57 -1.32 2.78 5.63
CA PHE A 57 -2.16 3.87 5.15
C PHE A 57 -2.62 3.62 3.72
N TRP A 58 -1.73 3.08 2.91
CA TRP A 58 -2.05 2.79 1.51
C TRP A 58 -3.10 1.70 1.41
N ILE A 59 -2.79 0.52 1.94
CA ILE A 59 -3.70 -0.61 1.90
C ILE A 59 -5.10 -0.19 2.33
N ALA A 60 -5.17 0.57 3.42
CA ALA A 60 -6.45 1.04 3.93
C ALA A 60 -7.16 1.95 2.92
N CYS A 61 -6.39 2.86 2.33
CA CYS A 61 -6.94 3.79 1.36
C CYS A 61 -7.79 3.05 0.32
N GLU A 62 -7.19 2.08 -0.35
CA GLU A 62 -7.88 1.29 -1.36
C GLU A 62 -9.12 0.63 -0.78
N ASP A 63 -8.97 0.01 0.38
CA ASP A 63 -10.08 -0.66 1.04
C ASP A 63 -11.21 0.32 1.36
N TYR A 64 -10.86 1.61 1.41
CA TYR A 64 -11.83 2.65 1.70
C TYR A 64 -12.59 3.06 0.44
N LYS A 65 -11.90 3.00 -0.70
CA LYS A 65 -12.50 3.38 -1.98
C LYS A 65 -13.58 2.38 -2.37
N LYS A 66 -13.37 1.11 -2.03
CA LYS A 66 -14.33 0.06 -2.34
C LYS A 66 -15.45 0.02 -1.31
N ILE A 67 -15.68 1.15 -0.64
CA ILE A 67 -16.73 1.23 0.37
C ILE A 67 -18.05 1.68 -0.24
N LYS A 68 -18.92 0.72 -0.52
CA LYS A 68 -20.22 1.01 -1.10
C LYS A 68 -21.24 1.36 -0.01
N SER A 69 -20.73 1.79 1.13
CA SER A 69 -21.60 2.16 2.26
C SER A 69 -21.59 3.67 2.48
N PRO A 70 -22.78 4.26 2.58
CA PRO A 70 -22.94 5.71 2.79
C PRO A 70 -22.51 6.14 4.19
N ALA A 71 -22.35 5.16 5.08
CA ALA A 71 -21.93 5.44 6.45
C ALA A 71 -20.44 5.17 6.63
N LYS A 72 -19.99 4.01 6.17
CA LYS A 72 -18.58 3.63 6.29
C LYS A 72 -17.69 4.62 5.54
N MET A 73 -18.12 5.02 4.35
CA MET A 73 -17.36 5.97 3.54
C MET A 73 -16.96 7.19 4.36
N ALA A 74 -17.87 7.65 5.22
CA ALA A 74 -17.61 8.81 6.06
C ALA A 74 -16.97 8.38 7.39
N GLU A 75 -17.68 7.52 8.12
CA GLU A 75 -17.18 7.05 9.41
C GLU A 75 -15.74 6.55 9.29
N LYS A 76 -15.54 5.55 8.44
CA LYS A 76 -14.21 4.98 8.23
C LYS A 76 -13.18 6.08 8.02
N ALA A 77 -13.48 7.01 7.13
CA ALA A 77 -12.57 8.12 6.84
C ALA A 77 -11.93 8.64 8.11
N LYS A 78 -12.75 8.92 9.11
CA LYS A 78 -12.25 9.43 10.39
C LYS A 78 -11.35 8.41 11.07
N GLN A 79 -11.68 7.13 10.91
CA GLN A 79 -10.89 6.06 11.51
C GLN A 79 -9.44 6.12 11.03
N ILE A 80 -9.26 6.12 9.72
CA ILE A 80 -7.93 6.17 9.12
C ILE A 80 -7.18 7.42 9.58
N TYR A 81 -7.92 8.48 9.87
CA TYR A 81 -7.33 9.73 10.31
C TYR A 81 -6.91 9.66 11.77
N GLU A 82 -7.81 9.14 12.60
CA GLU A 82 -7.53 9.01 14.03
C GLU A 82 -6.40 8.01 14.28
N GLU A 83 -5.99 7.31 13.22
CA GLU A 83 -4.93 6.32 13.32
C GLU A 83 -3.63 6.85 12.72
N PHE A 84 -3.71 7.33 11.48
CA PHE A 84 -2.54 7.86 10.79
C PHE A 84 -2.55 9.39 10.83
N ILE A 85 -3.66 9.99 10.39
CA ILE A 85 -3.78 11.44 10.36
C ILE A 85 -4.13 11.98 11.75
N GLN A 86 -3.73 11.23 12.78
CA GLN A 86 -3.99 11.64 14.16
C GLN A 86 -2.72 12.15 14.82
N THR A 87 -2.88 13.08 15.76
CA THR A 87 -1.74 13.65 16.48
C THR A 87 -0.93 12.55 17.17
N GLU A 88 0.38 12.57 16.96
CA GLU A 88 1.26 11.59 17.57
C GLU A 88 0.69 10.18 17.43
N ALA A 89 -0.03 9.96 16.33
CA ALA A 89 -0.63 8.65 16.08
C ALA A 89 0.41 7.54 16.17
N PRO A 90 -0.05 6.29 16.37
CA PRO A 90 0.81 5.13 16.47
C PRO A 90 1.47 4.77 15.13
N LYS A 91 0.76 5.04 14.05
CA LYS A 91 1.27 4.75 12.71
C LYS A 91 1.30 6.00 11.84
N GLU A 92 1.21 7.17 12.50
CA GLU A 92 1.22 8.44 11.79
C GLU A 92 2.26 8.43 10.67
N VAL A 93 1.79 8.25 9.44
CA VAL A 93 2.69 8.22 8.28
C VAL A 93 3.46 9.52 8.16
N ASN A 94 4.33 9.59 7.16
CA ASN A 94 5.14 10.78 6.93
C ASN A 94 4.44 11.72 5.95
N ILE A 95 3.81 12.76 6.49
CA ILE A 95 3.10 13.73 5.66
C ILE A 95 3.19 15.13 6.27
N ASP A 96 3.90 16.03 5.60
CA ASP A 96 4.04 17.40 6.07
C ASP A 96 2.69 18.02 6.39
N HIS A 97 2.71 19.12 7.12
CA HIS A 97 1.48 19.81 7.50
C HIS A 97 0.61 20.09 6.28
N PHE A 98 1.25 20.38 5.16
CA PHE A 98 0.55 20.66 3.92
C PHE A 98 -0.45 19.56 3.60
N THR A 99 0.05 18.39 3.23
CA THR A 99 -0.80 17.26 2.89
C THR A 99 -1.69 16.87 4.07
N LYS A 100 -1.08 16.73 5.24
CA LYS A 100 -1.82 16.37 6.45
C LYS A 100 -3.08 17.21 6.59
N ASP A 101 -2.93 18.52 6.50
CA ASP A 101 -4.06 19.44 6.62
C ASP A 101 -5.13 19.11 5.57
N ILE A 102 -4.69 18.94 4.33
CA ILE A 102 -5.61 18.63 3.23
C ILE A 102 -6.64 17.58 3.67
N THR A 103 -6.16 16.38 3.96
CA THR A 103 -7.05 15.30 4.39
C THR A 103 -8.11 15.80 5.34
N MET A 104 -7.69 16.44 6.43
CA MET A 104 -8.61 16.98 7.42
C MET A 104 -9.78 17.69 6.74
N LYS A 105 -9.46 18.69 5.92
CA LYS A 105 -10.47 19.45 5.21
C LYS A 105 -11.31 18.54 4.31
N ASN A 106 -10.76 17.39 3.97
CA ASN A 106 -11.46 16.43 3.12
C ASN A 106 -12.27 15.45 3.96
N LEU A 107 -12.30 15.68 5.27
CA LEU A 107 -13.04 14.80 6.19
C LEU A 107 -14.47 15.31 6.36
N VAL A 108 -14.78 16.43 5.73
CA VAL A 108 -16.12 17.02 5.82
C VAL A 108 -17.10 16.26 4.94
N GLU A 109 -16.80 16.20 3.65
CA GLU A 109 -17.67 15.51 2.70
C GLU A 109 -16.88 14.45 1.92
N PRO A 110 -16.17 13.60 2.65
CA PRO A 110 -15.36 12.52 2.06
C PRO A 110 -16.23 11.43 1.43
N SER A 111 -15.94 11.10 0.17
CA SER A 111 -16.70 10.08 -0.53
C SER A 111 -15.77 8.98 -1.04
N LEU A 112 -14.90 9.34 -1.98
CA LEU A 112 -13.96 8.39 -2.56
C LEU A 112 -12.56 9.00 -2.65
N SER A 113 -12.48 10.24 -3.12
CA SER A 113 -11.21 10.93 -3.25
C SER A 113 -10.85 11.66 -1.96
N SER A 114 -11.43 11.21 -0.86
CA SER A 114 -11.18 11.82 0.44
C SER A 114 -9.68 11.82 0.76
N PHE A 115 -9.03 10.69 0.48
CA PHE A 115 -7.60 10.56 0.74
C PHE A 115 -6.82 10.46 -0.57
N ASP A 116 -7.27 11.22 -1.57
CA ASP A 116 -6.61 11.22 -2.87
C ASP A 116 -5.20 11.79 -2.77
N MET A 117 -5.06 12.85 -1.99
CA MET A 117 -3.76 13.50 -1.81
C MET A 117 -2.89 12.70 -0.84
N ALA A 118 -3.38 12.51 0.37
CA ALA A 118 -2.66 11.76 1.38
C ALA A 118 -2.15 10.44 0.83
N GLN A 119 -2.99 9.77 0.04
CA GLN A 119 -2.61 8.49 -0.55
C GLN A 119 -1.43 8.65 -1.49
N LYS A 120 -1.59 9.50 -2.50
CA LYS A 120 -0.53 9.74 -3.47
C LYS A 120 0.72 10.29 -2.80
N ARG A 121 0.52 11.03 -1.71
CA ARG A 121 1.64 11.61 -0.97
C ARG A 121 2.52 10.51 -0.37
N ILE A 122 1.90 9.60 0.38
CA ILE A 122 2.63 8.50 1.00
C ILE A 122 3.16 7.53 -0.05
N HIS A 123 2.28 7.11 -0.96
CA HIS A 123 2.66 6.18 -2.01
C HIS A 123 3.92 6.66 -2.73
N ALA A 124 4.01 7.96 -2.96
CA ALA A 124 5.16 8.54 -3.64
C ALA A 124 6.40 8.48 -2.76
N LEU A 125 6.19 8.47 -1.45
CA LEU A 125 7.30 8.41 -0.50
C LEU A 125 7.80 6.99 -0.33
N MET A 126 6.90 6.02 -0.50
CA MET A 126 7.25 4.62 -0.38
C MET A 126 7.90 4.10 -1.66
N GLU A 127 7.87 4.92 -2.70
CA GLU A 127 8.45 4.55 -3.98
C GLU A 127 9.85 5.14 -4.14
N LYS A 128 10.10 6.24 -3.43
CA LYS A 128 11.40 6.91 -3.49
C LYS A 128 12.15 6.75 -2.17
N ASP A 129 11.48 6.18 -1.18
CA ASP A 129 12.09 5.97 0.14
C ASP A 129 12.28 4.48 0.41
N SER A 130 11.16 3.76 0.54
CA SER A 130 11.20 2.33 0.80
C SER A 130 11.57 1.55 -0.46
N LEU A 131 10.75 1.71 -1.49
CA LEU A 131 10.98 1.03 -2.76
C LEU A 131 12.48 0.87 -3.03
N PRO A 132 13.20 1.99 -3.00
CA PRO A 132 14.65 2.01 -3.24
C PRO A 132 15.43 1.37 -2.11
N ARG A 133 14.87 1.42 -0.90
CA ARG A 133 15.52 0.83 0.27
C ARG A 133 15.16 -0.65 0.40
N PHE A 134 14.14 -1.08 -0.34
CA PHE A 134 13.70 -2.47 -0.30
C PHE A 134 14.54 -3.33 -1.23
N VAL A 135 14.67 -2.90 -2.48
CA VAL A 135 15.44 -3.63 -3.47
C VAL A 135 16.86 -3.91 -2.96
N ARG A 136 17.33 -3.08 -2.05
CA ARG A 136 18.66 -3.23 -1.49
C ARG A 136 18.73 -4.45 -0.57
N SER A 137 17.72 -4.60 0.28
CA SER A 137 17.66 -5.71 1.21
C SER A 137 17.60 -7.05 0.46
N GLU A 138 18.29 -8.05 0.99
CA GLU A 138 18.32 -9.36 0.37
C GLU A 138 16.93 -9.78 -0.09
N PHE A 139 15.91 -9.41 0.70
CA PHE A 139 14.53 -9.75 0.37
C PHE A 139 14.30 -9.65 -1.14
N TYR A 140 14.90 -8.65 -1.76
CA TYR A 140 14.75 -8.45 -3.20
C TYR A 140 15.75 -9.29 -3.97
N GLN A 141 17.01 -9.24 -3.56
CA GLN A 141 18.06 -10.01 -4.22
C GLN A 141 17.66 -11.46 -4.37
N GLU A 142 16.88 -11.97 -3.42
CA GLU A 142 16.42 -13.35 -3.45
C GLU A 142 15.28 -13.52 -4.47
N LEU A 143 14.53 -12.46 -4.68
CA LEU A 143 13.41 -12.49 -5.62
C LEU A 143 13.90 -12.68 -7.05
N ILE A 144 15.06 -12.10 -7.35
CA ILE A 144 15.65 -12.20 -8.68
C ILE A 144 16.73 -13.26 -8.73
N SER A 145 17.55 -13.32 -7.67
CA SER A 145 18.62 -14.29 -7.59
C SER A 145 18.08 -15.70 -7.47
N GLY A 146 16.86 -15.82 -6.94
CA GLY A 146 16.24 -17.12 -6.79
C GLY A 146 16.13 -17.87 -8.10
N PRO A 147 15.13 -18.77 -8.19
CA PRO A 147 14.89 -19.57 -9.38
C PRO A 147 14.36 -18.75 -10.54
N SER A 148 15.28 -18.18 -11.33
CA SER A 148 14.90 -17.36 -12.48
C SER A 148 14.46 -18.23 -13.65
N SER A 149 15.37 -19.06 -14.13
CA SER A 149 15.08 -19.95 -15.26
C SER A 149 15.33 -21.40 -14.89
N GLY A 150 16.41 -21.64 -14.14
CA GLY A 150 16.74 -22.98 -13.73
C GLY A 150 15.52 -23.82 -13.41
N GLY A 1 2.85 -50.37 -0.24
CA GLY A 1 2.75 -50.16 -1.67
C GLY A 1 1.37 -49.72 -2.10
N SER A 2 0.91 -50.23 -3.24
CA SER A 2 -0.41 -49.88 -3.76
C SER A 2 -1.51 -50.61 -2.99
N SER A 3 -1.99 -49.98 -1.93
CA SER A 3 -3.05 -50.57 -1.10
C SER A 3 -4.10 -51.24 -1.97
N GLY A 4 -4.56 -50.53 -3.01
CA GLY A 4 -5.57 -51.07 -3.90
C GLY A 4 -6.74 -50.13 -4.08
N SER A 5 -6.71 -49.34 -5.14
CA SER A 5 -7.78 -48.39 -5.43
C SER A 5 -7.80 -47.28 -4.38
N SER A 6 -6.62 -46.80 -4.02
CA SER A 6 -6.51 -45.73 -3.03
C SER A 6 -5.99 -44.44 -3.66
N GLY A 7 -6.26 -43.32 -3.01
CA GLY A 7 -5.81 -42.04 -3.54
C GLY A 7 -6.76 -40.90 -3.17
N PRO A 8 -6.45 -40.20 -2.08
CA PRO A 8 -7.28 -39.08 -1.60
C PRO A 8 -7.18 -37.87 -2.52
N GLU A 9 -7.78 -36.76 -2.11
CA GLU A 9 -7.78 -35.53 -2.89
C GLU A 9 -6.34 -35.08 -3.17
N LYS A 10 -6.16 -34.37 -4.28
CA LYS A 10 -4.84 -33.88 -4.66
C LYS A 10 -4.69 -32.41 -4.29
N PRO A 11 -3.53 -32.06 -3.71
CA PRO A 11 -3.23 -30.69 -3.30
C PRO A 11 -3.01 -29.76 -4.49
N ALA A 12 -2.62 -28.52 -4.21
CA ALA A 12 -2.38 -27.54 -5.25
C ALA A 12 -1.46 -26.42 -4.76
N LYS A 13 -1.02 -25.58 -5.69
CA LYS A 13 -0.13 -24.47 -5.35
C LYS A 13 -0.42 -23.26 -6.24
N THR A 14 0.29 -22.16 -5.99
CA THR A 14 0.12 -20.95 -6.77
C THR A 14 1.34 -20.67 -7.64
N GLN A 15 1.20 -19.70 -8.54
CA GLN A 15 2.30 -19.34 -9.44
C GLN A 15 3.35 -18.52 -8.71
N LYS A 16 4.43 -18.19 -9.42
CA LYS A 16 5.52 -17.42 -8.84
C LYS A 16 5.86 -16.22 -9.72
N THR A 17 6.69 -15.32 -9.21
CA THR A 17 7.10 -14.14 -9.94
C THR A 17 8.22 -14.46 -10.93
N SER A 18 8.30 -13.68 -12.01
CA SER A 18 9.31 -13.89 -13.03
C SER A 18 10.42 -12.84 -12.92
N LEU A 19 11.62 -13.21 -13.35
CA LEU A 19 12.76 -12.30 -13.29
C LEU A 19 12.42 -10.96 -13.93
N ASP A 20 11.92 -11.01 -15.16
CA ASP A 20 11.55 -9.81 -15.89
C ASP A 20 10.47 -9.03 -15.15
N GLU A 21 9.79 -9.71 -14.22
CA GLU A 21 8.74 -9.08 -13.44
C GLU A 21 9.31 -8.34 -12.23
N ALA A 22 10.01 -9.08 -11.38
CA ALA A 22 10.62 -8.50 -10.19
C ALA A 22 11.22 -7.12 -10.48
N LEU A 23 11.76 -6.98 -11.68
CA LEU A 23 12.37 -5.71 -12.10
C LEU A 23 11.30 -4.64 -12.32
N GLN A 24 10.16 -5.06 -12.86
CA GLN A 24 9.06 -4.14 -13.13
C GLN A 24 8.64 -3.41 -11.85
N TRP A 25 8.93 -4.03 -10.70
CA TRP A 25 8.59 -3.44 -9.42
C TRP A 25 9.45 -2.22 -9.12
N ARG A 26 10.54 -2.09 -9.85
CA ARG A 26 11.46 -0.97 -9.67
C ARG A 26 10.91 0.29 -10.35
N ASP A 27 10.30 0.10 -11.51
CA ASP A 27 9.74 1.23 -12.26
C ASP A 27 8.78 2.04 -11.40
N SER A 28 7.75 1.37 -10.88
CA SER A 28 6.76 2.03 -10.04
C SER A 28 6.44 1.18 -8.81
N LEU A 29 6.44 1.82 -7.65
CA LEU A 29 6.15 1.13 -6.39
C LEU A 29 4.87 0.30 -6.52
N ASP A 30 3.86 0.89 -7.15
CA ASP A 30 2.58 0.21 -7.33
C ASP A 30 2.79 -1.22 -7.82
N LYS A 31 3.38 -1.36 -9.00
CA LYS A 31 3.64 -2.68 -9.57
C LYS A 31 4.01 -3.68 -8.49
N LEU A 32 4.74 -3.21 -7.47
CA LEU A 32 5.17 -4.05 -6.37
C LEU A 32 4.00 -4.38 -5.44
N LEU A 33 3.41 -3.34 -4.87
CA LEU A 33 2.28 -3.51 -3.95
C LEU A 33 1.19 -4.37 -4.60
N GLN A 34 0.87 -4.05 -5.84
CA GLN A 34 -0.16 -4.80 -6.57
C GLN A 34 0.13 -6.30 -6.54
N ASN A 35 1.38 -6.66 -6.80
CA ASN A 35 1.79 -8.06 -6.81
C ASN A 35 1.82 -8.62 -5.38
N ASN A 36 1.11 -9.72 -5.17
CA ASN A 36 1.05 -10.35 -3.86
C ASN A 36 2.45 -10.69 -3.37
N TYR A 37 3.25 -11.31 -4.23
CA TYR A 37 4.61 -11.70 -3.88
C TYR A 37 5.43 -10.48 -3.47
N GLY A 38 5.53 -9.51 -4.38
CA GLY A 38 6.28 -8.29 -4.09
C GLY A 38 5.77 -7.56 -2.87
N LEU A 39 4.46 -7.54 -2.71
CA LEU A 39 3.84 -6.87 -1.57
C LEU A 39 4.23 -7.54 -0.26
N ALA A 40 3.82 -8.80 -0.11
CA ALA A 40 4.13 -9.57 1.09
C ALA A 40 5.56 -9.32 1.55
N SER A 41 6.50 -9.48 0.62
CA SER A 41 7.92 -9.28 0.93
C SER A 41 8.21 -7.81 1.24
N PHE A 42 7.65 -6.93 0.42
CA PHE A 42 7.85 -5.49 0.60
C PHE A 42 7.51 -5.07 2.03
N LYS A 43 6.36 -5.54 2.51
CA LYS A 43 5.91 -5.22 3.87
C LYS A 43 6.99 -5.56 4.89
N SER A 44 7.29 -6.85 5.01
CA SER A 44 8.30 -7.32 5.96
C SER A 44 9.48 -6.35 6.00
N PHE A 45 10.04 -6.07 4.83
CA PHE A 45 11.19 -5.16 4.73
C PHE A 45 10.98 -3.93 5.61
N LEU A 46 9.75 -3.42 5.62
CA LEU A 46 9.43 -2.24 6.42
C LEU A 46 9.33 -2.59 7.90
N LYS A 47 8.55 -3.62 8.20
CA LYS A 47 8.36 -4.07 9.58
C LYS A 47 9.68 -4.03 10.34
N SER A 48 10.75 -4.46 9.70
CA SER A 48 12.07 -4.48 10.31
C SER A 48 12.59 -3.06 10.51
N GLU A 49 12.34 -2.19 9.53
CA GLU A 49 12.79 -0.81 9.60
C GLU A 49 11.84 0.02 10.47
N PHE A 50 10.72 -0.57 10.86
CA PHE A 50 9.73 0.11 11.70
C PHE A 50 9.06 1.23 10.92
N SER A 51 8.92 1.05 9.61
CA SER A 51 8.29 2.05 8.77
C SER A 51 7.17 1.44 7.93
N GLU A 52 6.52 0.42 8.49
CA GLU A 52 5.43 -0.25 7.80
C GLU A 52 4.18 0.62 7.78
N GLU A 53 4.08 1.54 8.74
CA GLU A 53 2.93 2.42 8.84
C GLU A 53 2.67 3.13 7.52
N ASN A 54 3.74 3.46 6.81
CA ASN A 54 3.64 4.14 5.52
C ASN A 54 2.78 3.33 4.55
N LEU A 55 2.98 2.02 4.54
CA LEU A 55 2.23 1.13 3.66
C LEU A 55 0.79 0.97 4.15
N GLU A 56 0.62 0.80 5.45
CA GLU A 56 -0.70 0.64 6.04
C GLU A 56 -1.67 1.69 5.49
N PHE A 57 -1.27 2.95 5.59
CA PHE A 57 -2.10 4.06 5.11
C PHE A 57 -2.53 3.82 3.67
N TRP A 58 -1.67 3.15 2.90
CA TRP A 58 -1.97 2.87 1.50
C TRP A 58 -3.01 1.76 1.38
N ILE A 59 -2.69 0.58 1.90
CA ILE A 59 -3.60 -0.56 1.85
C ILE A 59 -5.00 -0.15 2.32
N ALA A 60 -5.06 0.58 3.43
CA ALA A 60 -6.33 1.03 3.98
C ALA A 60 -7.08 1.90 2.99
N CYS A 61 -6.41 2.92 2.47
CA CYS A 61 -7.01 3.83 1.50
C CYS A 61 -7.78 3.06 0.44
N GLU A 62 -7.07 2.22 -0.31
CA GLU A 62 -7.69 1.43 -1.36
C GLU A 62 -8.91 0.67 -0.83
N ASP A 63 -8.76 0.09 0.36
CA ASP A 63 -9.85 -0.67 0.98
C ASP A 63 -11.03 0.24 1.28
N TYR A 64 -10.76 1.53 1.42
CA TYR A 64 -11.80 2.51 1.72
C TYR A 64 -12.53 2.95 0.44
N LYS A 65 -11.87 2.77 -0.69
CA LYS A 65 -12.44 3.14 -1.98
C LYS A 65 -13.64 2.25 -2.31
N LYS A 66 -13.56 0.99 -1.92
CA LYS A 66 -14.64 0.05 -2.17
C LYS A 66 -15.74 0.18 -1.12
N ILE A 67 -15.85 1.36 -0.53
CA ILE A 67 -16.86 1.62 0.48
C ILE A 67 -18.03 2.40 -0.10
N LYS A 68 -19.17 1.73 -0.25
CA LYS A 68 -20.37 2.38 -0.79
C LYS A 68 -21.26 2.89 0.33
N SER A 69 -21.25 2.19 1.46
CA SER A 69 -22.07 2.57 2.61
C SER A 69 -21.96 4.08 2.87
N PRO A 70 -23.11 4.72 3.08
CA PRO A 70 -23.16 6.16 3.35
C PRO A 70 -22.60 6.52 4.72
N ALA A 71 -22.57 5.54 5.62
CA ALA A 71 -22.05 5.75 6.97
C ALA A 71 -20.58 5.33 7.07
N LYS A 72 -20.23 4.28 6.34
CA LYS A 72 -18.86 3.77 6.34
C LYS A 72 -17.93 4.74 5.60
N MET A 73 -18.35 5.17 4.42
CA MET A 73 -17.56 6.10 3.62
C MET A 73 -17.06 7.26 4.47
N ALA A 74 -17.91 7.73 5.38
CA ALA A 74 -17.56 8.85 6.25
C ALA A 74 -16.92 8.35 7.55
N GLU A 75 -17.63 7.46 8.24
CA GLU A 75 -17.14 6.91 9.50
C GLU A 75 -15.74 6.33 9.32
N LYS A 76 -15.60 5.40 8.38
CA LYS A 76 -14.32 4.77 8.11
C LYS A 76 -13.25 5.81 7.83
N ALA A 77 -13.59 6.83 7.05
CA ALA A 77 -12.66 7.89 6.71
C ALA A 77 -11.98 8.44 7.97
N LYS A 78 -12.78 8.78 8.96
CA LYS A 78 -12.25 9.32 10.21
C LYS A 78 -11.39 8.29 10.92
N GLN A 79 -11.77 7.02 10.83
CA GLN A 79 -11.02 5.95 11.46
C GLN A 79 -9.57 5.95 11.00
N ILE A 80 -9.37 6.00 9.68
CA ILE A 80 -8.02 6.01 9.11
C ILE A 80 -7.26 7.26 9.53
N TYR A 81 -7.98 8.34 9.75
CA TYR A 81 -7.37 9.60 10.15
C TYR A 81 -6.99 9.57 11.64
N GLU A 82 -7.85 8.97 12.44
CA GLU A 82 -7.61 8.87 13.88
C GLU A 82 -6.50 7.85 14.17
N GLU A 83 -6.11 7.10 13.16
CA GLU A 83 -5.06 6.09 13.31
C GLU A 83 -3.78 6.55 12.64
N PHE A 84 -3.91 7.18 11.47
CA PHE A 84 -2.75 7.67 10.73
C PHE A 84 -2.71 9.20 10.73
N ILE A 85 -3.78 9.81 10.23
CA ILE A 85 -3.88 11.26 10.16
C ILE A 85 -4.22 11.85 11.52
N GLN A 86 -3.81 11.15 12.58
CA GLN A 86 -4.08 11.61 13.95
C GLN A 86 -2.80 12.10 14.62
N THR A 87 -2.96 13.01 15.57
CA THR A 87 -1.82 13.56 16.30
C THR A 87 -1.04 12.47 17.01
N GLU A 88 0.28 12.48 16.85
CA GLU A 88 1.14 11.49 17.49
C GLU A 88 0.54 10.09 17.36
N ALA A 89 -0.24 9.88 16.30
CA ALA A 89 -0.86 8.59 16.05
C ALA A 89 0.15 7.45 16.17
N PRO A 90 -0.35 6.24 16.44
CA PRO A 90 0.49 5.05 16.58
C PRO A 90 1.11 4.62 15.26
N LYS A 91 0.45 4.95 14.17
CA LYS A 91 0.94 4.60 12.84
C LYS A 91 1.08 5.84 11.96
N GLU A 92 1.10 7.00 12.59
CA GLU A 92 1.24 8.26 11.87
C GLU A 92 2.22 8.12 10.71
N VAL A 93 1.78 8.50 9.51
CA VAL A 93 2.62 8.42 8.32
C VAL A 93 3.41 9.71 8.13
N ASN A 94 4.32 9.68 7.15
CA ASN A 94 5.15 10.85 6.86
C ASN A 94 4.43 11.79 5.90
N ILE A 95 3.83 12.84 6.45
CA ILE A 95 3.11 13.82 5.65
C ILE A 95 3.13 15.20 6.31
N ASP A 96 3.84 16.13 5.69
CA ASP A 96 3.95 17.49 6.22
C ASP A 96 2.57 18.07 6.49
N HIS A 97 2.53 19.12 7.30
CA HIS A 97 1.27 19.77 7.64
C HIS A 97 0.47 20.09 6.38
N PHE A 98 1.17 20.46 5.32
CA PHE A 98 0.52 20.80 4.06
C PHE A 98 -0.46 19.70 3.64
N THR A 99 0.09 18.53 3.32
CA THR A 99 -0.72 17.40 2.89
C THR A 99 -1.64 16.93 4.02
N LYS A 100 -1.07 16.75 5.20
CA LYS A 100 -1.83 16.32 6.37
C LYS A 100 -3.12 17.12 6.50
N ASP A 101 -3.01 18.44 6.42
CA ASP A 101 -4.17 19.31 6.53
C ASP A 101 -5.21 18.97 5.46
N ILE A 102 -4.75 18.78 4.24
CA ILE A 102 -5.64 18.46 3.14
C ILE A 102 -6.68 17.42 3.55
N THR A 103 -6.21 16.21 3.84
CA THR A 103 -7.09 15.13 4.26
C THR A 103 -8.17 15.63 5.20
N MET A 104 -7.74 16.26 6.30
CA MET A 104 -8.68 16.79 7.27
C MET A 104 -9.84 17.51 6.60
N LYS A 105 -9.51 18.53 5.79
CA LYS A 105 -10.52 19.30 5.09
C LYS A 105 -11.35 18.40 4.16
N ASN A 106 -10.78 17.24 3.81
CA ASN A 106 -11.46 16.29 2.94
C ASN A 106 -12.29 15.30 3.75
N LEU A 107 -12.35 15.53 5.05
CA LEU A 107 -13.11 14.65 5.95
C LEU A 107 -14.54 15.15 6.11
N VAL A 108 -14.85 16.28 5.48
CA VAL A 108 -16.18 16.86 5.55
C VAL A 108 -17.15 16.14 4.64
N GLU A 109 -16.82 16.11 3.34
CA GLU A 109 -17.67 15.45 2.36
C GLU A 109 -16.88 14.38 1.59
N PRO A 110 -16.19 13.51 2.35
CA PRO A 110 -15.40 12.43 1.76
C PRO A 110 -16.25 11.35 1.11
N SER A 111 -15.81 10.86 -0.03
CA SER A 111 -16.54 9.81 -0.75
C SER A 111 -15.61 8.71 -1.22
N LEU A 112 -14.75 9.02 -2.18
CA LEU A 112 -13.80 8.05 -2.70
C LEU A 112 -12.40 8.66 -2.79
N SER A 113 -12.32 9.88 -3.30
CA SER A 113 -11.03 10.57 -3.44
C SER A 113 -10.67 11.30 -2.15
N SER A 114 -11.30 10.91 -1.05
CA SER A 114 -11.05 11.53 0.24
C SER A 114 -9.55 11.63 0.51
N PHE A 115 -8.87 10.49 0.41
CA PHE A 115 -7.42 10.45 0.64
C PHE A 115 -6.66 10.38 -0.67
N ASP A 116 -7.13 11.14 -1.66
CA ASP A 116 -6.49 11.17 -2.96
C ASP A 116 -5.09 11.77 -2.87
N MET A 117 -4.95 12.81 -2.07
CA MET A 117 -3.66 13.48 -1.89
C MET A 117 -2.77 12.69 -0.95
N ALA A 118 -3.24 12.48 0.27
CA ALA A 118 -2.48 11.74 1.27
C ALA A 118 -1.99 10.41 0.71
N GLN A 119 -2.84 9.76 -0.07
CA GLN A 119 -2.49 8.47 -0.68
C GLN A 119 -1.30 8.62 -1.62
N LYS A 120 -1.45 9.50 -2.61
CA LYS A 120 -0.39 9.74 -3.58
C LYS A 120 0.86 10.30 -2.90
N ARG A 121 0.66 11.03 -1.81
CA ARG A 121 1.76 11.62 -1.07
C ARG A 121 2.65 10.54 -0.47
N ILE A 122 2.06 9.66 0.32
CA ILE A 122 2.81 8.58 0.95
C ILE A 122 3.35 7.60 -0.08
N HIS A 123 2.52 7.29 -1.08
CA HIS A 123 2.92 6.37 -2.14
C HIS A 123 4.20 6.83 -2.81
N ALA A 124 4.32 8.14 -3.00
CA ALA A 124 5.50 8.72 -3.63
C ALA A 124 6.72 8.61 -2.73
N LEU A 125 6.48 8.41 -1.44
CA LEU A 125 7.57 8.27 -0.48
C LEU A 125 8.07 6.83 -0.40
N MET A 126 7.14 5.90 -0.17
CA MET A 126 7.48 4.49 -0.08
C MET A 126 8.09 3.99 -1.39
N GLU A 127 8.00 4.82 -2.43
CA GLU A 127 8.54 4.46 -3.74
C GLU A 127 9.93 5.07 -3.94
N LYS A 128 10.21 6.14 -3.21
CA LYS A 128 11.50 6.82 -3.31
C LYS A 128 12.29 6.66 -2.02
N ASP A 129 11.67 6.04 -1.02
CA ASP A 129 12.33 5.81 0.26
C ASP A 129 12.54 4.32 0.51
N SER A 130 11.45 3.58 0.66
CA SER A 130 11.52 2.15 0.91
C SER A 130 11.79 1.38 -0.38
N LEU A 131 10.95 1.60 -1.39
CA LEU A 131 11.10 0.94 -2.68
C LEU A 131 12.57 0.80 -3.04
N PRO A 132 13.30 1.92 -3.01
CA PRO A 132 14.73 1.94 -3.34
C PRO A 132 15.58 1.26 -2.27
N ARG A 133 15.07 1.21 -1.05
CA ARG A 133 15.77 0.57 0.05
C ARG A 133 15.39 -0.89 0.18
N PHE A 134 14.32 -1.28 -0.52
CA PHE A 134 13.85 -2.66 -0.48
C PHE A 134 14.61 -3.52 -1.49
N VAL A 135 14.84 -2.97 -2.68
CA VAL A 135 15.56 -3.68 -3.73
C VAL A 135 16.97 -4.05 -3.28
N ARG A 136 17.59 -3.15 -2.53
CA ARG A 136 18.96 -3.38 -2.04
C ARG A 136 18.98 -4.55 -1.08
N SER A 137 18.04 -4.56 -0.13
CA SER A 137 17.97 -5.64 0.86
C SER A 137 17.81 -6.99 0.18
N GLU A 138 18.51 -7.99 0.71
CA GLU A 138 18.45 -9.34 0.16
C GLU A 138 17.02 -9.71 -0.21
N PHE A 139 16.08 -9.31 0.63
CA PHE A 139 14.66 -9.60 0.40
C PHE A 139 14.34 -9.53 -1.09
N TYR A 140 14.96 -8.61 -1.79
CA TYR A 140 14.73 -8.43 -3.23
C TYR A 140 15.71 -9.27 -4.03
N GLN A 141 16.98 -9.28 -3.61
CA GLN A 141 18.01 -10.04 -4.30
C GLN A 141 17.57 -11.49 -4.49
N GLU A 142 16.81 -12.00 -3.52
CA GLU A 142 16.34 -13.37 -3.58
C GLU A 142 15.20 -13.52 -4.59
N LEU A 143 14.51 -12.41 -4.85
CA LEU A 143 13.40 -12.41 -5.79
C LEU A 143 13.89 -12.55 -7.23
N ILE A 144 15.04 -11.96 -7.51
CA ILE A 144 15.63 -12.03 -8.84
C ILE A 144 16.70 -13.11 -8.91
N SER A 145 17.52 -13.19 -7.87
CA SER A 145 18.60 -14.18 -7.83
C SER A 145 18.03 -15.60 -7.75
N GLY A 146 16.97 -15.77 -6.97
CA GLY A 146 16.35 -17.07 -6.83
C GLY A 146 16.18 -17.78 -8.16
N PRO A 147 15.85 -19.07 -8.10
CA PRO A 147 15.65 -19.89 -9.30
C PRO A 147 14.40 -19.50 -10.08
N SER A 148 14.53 -18.50 -10.95
CA SER A 148 13.42 -18.02 -11.75
C SER A 148 13.81 -17.89 -13.22
N SER A 149 14.83 -17.07 -13.47
CA SER A 149 15.30 -16.83 -14.83
C SER A 149 16.56 -15.97 -14.83
N GLY A 150 17.26 -15.97 -15.96
CA GLY A 150 18.48 -15.18 -16.07
C GLY A 150 18.68 -14.62 -17.47
N GLY A 1 -15.94 11.44 -12.58
CA GLY A 1 -17.28 11.18 -13.06
C GLY A 1 -18.08 10.32 -12.11
N SER A 2 -17.85 9.02 -12.14
CA SER A 2 -18.56 8.09 -11.28
C SER A 2 -17.88 6.72 -11.27
N SER A 3 -18.25 5.89 -10.29
CA SER A 3 -17.67 4.56 -10.17
C SER A 3 -18.70 3.56 -9.63
N GLY A 4 -18.31 2.30 -9.55
CA GLY A 4 -19.22 1.27 -9.06
C GLY A 4 -19.38 0.13 -10.04
N SER A 5 -20.49 -0.59 -9.93
CA SER A 5 -20.77 -1.71 -10.81
C SER A 5 -19.63 -2.72 -10.77
N SER A 6 -19.14 -3.01 -9.57
CA SER A 6 -18.05 -3.95 -9.38
C SER A 6 -18.47 -5.10 -8.48
N GLY A 7 -17.81 -6.25 -8.62
CA GLY A 7 -18.12 -7.40 -7.81
C GLY A 7 -16.88 -8.08 -7.25
N PRO A 8 -16.78 -8.11 -5.92
CA PRO A 8 -15.64 -8.73 -5.22
C PRO A 8 -15.63 -10.25 -5.37
N GLU A 9 -16.70 -10.79 -5.94
CA GLU A 9 -16.81 -12.23 -6.14
C GLU A 9 -15.69 -12.75 -7.04
N LYS A 10 -14.70 -13.38 -6.43
CA LYS A 10 -13.57 -13.92 -7.17
C LYS A 10 -13.13 -15.27 -6.61
N PRO A 11 -12.90 -16.25 -7.50
CA PRO A 11 -12.48 -17.60 -7.10
C PRO A 11 -11.06 -17.62 -6.57
N ALA A 12 -10.52 -18.82 -6.36
CA ALA A 12 -9.18 -18.98 -5.85
C ALA A 12 -8.19 -19.23 -6.98
N LYS A 13 -6.94 -18.84 -6.77
CA LYS A 13 -5.89 -19.01 -7.77
C LYS A 13 -4.52 -18.71 -7.18
N THR A 14 -3.48 -18.92 -7.98
CA THR A 14 -2.11 -18.67 -7.54
C THR A 14 -1.27 -18.09 -8.67
N GLN A 15 -0.46 -17.10 -8.35
CA GLN A 15 0.41 -16.46 -9.35
C GLN A 15 1.87 -16.51 -8.91
N LYS A 16 2.75 -15.96 -9.75
CA LYS A 16 4.18 -15.95 -9.45
C LYS A 16 4.85 -14.71 -10.06
N THR A 17 6.13 -14.57 -9.81
CA THR A 17 6.89 -13.43 -10.33
C THR A 17 8.11 -13.90 -11.13
N SER A 18 8.33 -13.27 -12.28
CA SER A 18 9.46 -13.63 -13.13
C SER A 18 10.60 -12.63 -12.96
N LEU A 19 11.80 -13.03 -13.38
CA LEU A 19 12.97 -12.17 -13.28
C LEU A 19 12.71 -10.81 -13.90
N ASP A 20 12.44 -10.80 -15.20
CA ASP A 20 12.17 -9.56 -15.92
C ASP A 20 11.07 -8.76 -15.22
N GLU A 21 10.33 -9.43 -14.34
CA GLU A 21 9.23 -8.79 -13.62
C GLU A 21 9.76 -8.11 -12.36
N ALA A 22 10.41 -8.88 -11.50
CA ALA A 22 10.95 -8.35 -10.25
C ALA A 22 11.58 -6.97 -10.47
N LEU A 23 12.15 -6.77 -11.65
CA LEU A 23 12.79 -5.51 -11.99
C LEU A 23 11.75 -4.42 -12.23
N GLN A 24 10.66 -4.80 -12.90
CA GLN A 24 9.58 -3.86 -13.20
C GLN A 24 9.05 -3.22 -11.93
N TRP A 25 9.32 -3.85 -10.80
CA TRP A 25 8.87 -3.33 -9.50
C TRP A 25 9.68 -2.10 -9.09
N ARG A 26 10.87 -1.96 -9.68
CA ARG A 26 11.74 -0.84 -9.37
C ARG A 26 11.29 0.42 -10.11
N ASP A 27 10.77 0.23 -11.32
CA ASP A 27 10.30 1.34 -12.14
C ASP A 27 9.21 2.12 -11.41
N SER A 28 8.15 1.43 -11.02
CA SER A 28 7.03 2.05 -10.33
C SER A 28 6.60 1.21 -9.12
N LEU A 29 6.54 1.84 -7.96
CA LEU A 29 6.14 1.15 -6.74
C LEU A 29 4.81 0.42 -6.94
N ASP A 30 3.93 0.99 -7.74
CA ASP A 30 2.64 0.38 -8.03
C ASP A 30 2.81 -1.03 -8.59
N LYS A 31 3.76 -1.18 -9.50
CA LYS A 31 4.02 -2.47 -10.13
C LYS A 31 4.36 -3.52 -9.07
N LEU A 32 4.92 -3.07 -7.94
CA LEU A 32 5.28 -3.98 -6.85
C LEU A 32 4.05 -4.33 -6.02
N LEU A 33 3.35 -3.32 -5.55
CA LEU A 33 2.14 -3.53 -4.73
C LEU A 33 1.13 -4.39 -5.48
N GLN A 34 0.80 -3.99 -6.70
CA GLN A 34 -0.15 -4.74 -7.50
C GLN A 34 0.14 -6.24 -7.47
N ASN A 35 1.40 -6.58 -7.26
CA ASN A 35 1.82 -7.98 -7.20
C ASN A 35 1.78 -8.50 -5.76
N ASN A 36 1.09 -9.62 -5.56
CA ASN A 36 0.97 -10.21 -4.24
C ASN A 36 2.35 -10.59 -3.68
N TYR A 37 3.17 -11.22 -4.51
CA TYR A 37 4.51 -11.63 -4.11
C TYR A 37 5.33 -10.42 -3.68
N GLY A 38 5.51 -9.47 -4.59
CA GLY A 38 6.28 -8.28 -4.29
C GLY A 38 5.72 -7.51 -3.10
N LEU A 39 4.40 -7.46 -3.00
CA LEU A 39 3.75 -6.76 -1.91
C LEU A 39 4.10 -7.39 -0.56
N ALA A 40 3.68 -8.63 -0.37
CA ALA A 40 3.96 -9.35 0.87
C ALA A 40 5.36 -9.03 1.40
N SER A 41 6.36 -9.29 0.57
CA SER A 41 7.75 -9.03 0.95
C SER A 41 7.96 -7.55 1.27
N PHE A 42 7.38 -6.68 0.45
CA PHE A 42 7.50 -5.25 0.65
C PHE A 42 7.09 -4.85 2.06
N LYS A 43 6.05 -5.50 2.57
CA LYS A 43 5.56 -5.23 3.92
C LYS A 43 6.55 -5.72 4.97
N SER A 44 6.78 -7.02 5.01
CA SER A 44 7.70 -7.62 5.97
C SER A 44 8.99 -6.79 6.06
N PHE A 45 9.44 -6.28 4.92
CA PHE A 45 10.66 -5.48 4.87
C PHE A 45 10.51 -4.22 5.71
N LEU A 46 9.39 -3.52 5.53
CA LEU A 46 9.13 -2.29 6.27
C LEU A 46 9.20 -2.54 7.78
N LYS A 47 8.70 -3.69 8.22
CA LYS A 47 8.71 -4.04 9.62
C LYS A 47 10.13 -3.96 10.19
N SER A 48 11.11 -4.33 9.38
CA SER A 48 12.50 -4.30 9.80
C SER A 48 12.98 -2.86 9.99
N GLU A 49 12.53 -1.98 9.10
CA GLU A 49 12.92 -0.57 9.17
C GLU A 49 11.94 0.22 10.02
N PHE A 50 10.85 -0.43 10.43
CA PHE A 50 9.84 0.21 11.25
C PHE A 50 9.09 1.27 10.45
N SER A 51 9.05 1.09 9.13
CA SER A 51 8.37 2.03 8.24
C SER A 51 7.13 1.40 7.63
N GLU A 52 6.57 0.41 8.31
CA GLU A 52 5.38 -0.29 7.84
C GLU A 52 4.15 0.61 7.96
N GLU A 53 4.28 1.69 8.72
CA GLU A 53 3.18 2.63 8.91
C GLU A 53 2.87 3.38 7.62
N ASN A 54 3.89 3.56 6.78
CA ASN A 54 3.72 4.26 5.52
C ASN A 54 2.82 3.48 4.57
N LEU A 55 3.09 2.18 4.44
CA LEU A 55 2.30 1.32 3.58
C LEU A 55 0.87 1.19 4.09
N GLU A 56 0.73 0.88 5.37
CA GLU A 56 -0.58 0.73 5.98
C GLU A 56 -1.55 1.77 5.45
N PHE A 57 -1.21 3.04 5.63
CA PHE A 57 -2.07 4.13 5.16
C PHE A 57 -2.56 3.87 3.75
N TRP A 58 -1.70 3.29 2.92
CA TRP A 58 -2.05 2.98 1.54
C TRP A 58 -3.09 1.87 1.48
N ILE A 59 -2.68 0.66 1.87
CA ILE A 59 -3.58 -0.49 1.86
C ILE A 59 -4.98 -0.10 2.32
N ALA A 60 -5.04 0.64 3.43
CA ALA A 60 -6.32 1.09 3.98
C ALA A 60 -7.09 1.92 2.96
N CYS A 61 -6.42 2.93 2.41
CA CYS A 61 -7.04 3.81 1.43
C CYS A 61 -7.86 3.02 0.43
N GLU A 62 -7.23 2.03 -0.20
CA GLU A 62 -7.91 1.19 -1.18
C GLU A 62 -9.12 0.50 -0.57
N ASP A 63 -8.93 -0.07 0.62
CA ASP A 63 -10.01 -0.77 1.31
C ASP A 63 -11.16 0.18 1.62
N TYR A 64 -10.86 1.48 1.62
CA TYR A 64 -11.88 2.49 1.90
C TYR A 64 -12.62 2.89 0.64
N LYS A 65 -11.93 2.82 -0.49
CA LYS A 65 -12.52 3.16 -1.79
C LYS A 65 -13.61 2.16 -2.17
N LYS A 66 -13.45 0.92 -1.73
CA LYS A 66 -14.41 -0.13 -2.02
C LYS A 66 -15.58 -0.08 -1.05
N ILE A 67 -15.76 1.07 -0.40
CA ILE A 67 -16.85 1.25 0.55
C ILE A 67 -18.07 1.86 -0.12
N LYS A 68 -19.09 1.03 -0.33
CA LYS A 68 -20.33 1.49 -0.96
C LYS A 68 -21.26 2.13 0.06
N SER A 69 -21.11 1.72 1.32
CA SER A 69 -21.94 2.24 2.40
C SER A 69 -21.74 3.74 2.57
N PRO A 70 -22.84 4.47 2.80
CA PRO A 70 -22.80 5.92 2.98
C PRO A 70 -22.14 6.32 4.30
N ALA A 71 -22.52 5.64 5.38
CA ALA A 71 -21.96 5.93 6.69
C ALA A 71 -20.48 5.59 6.75
N LYS A 72 -20.15 4.32 6.51
CA LYS A 72 -18.77 3.86 6.53
C LYS A 72 -17.87 4.84 5.78
N MET A 73 -18.19 5.07 4.51
CA MET A 73 -17.40 5.98 3.69
C MET A 73 -16.97 7.21 4.49
N ALA A 74 -17.84 7.66 5.39
CA ALA A 74 -17.54 8.82 6.22
C ALA A 74 -16.88 8.40 7.53
N GLU A 75 -17.59 7.61 8.32
CA GLU A 75 -17.06 7.14 9.60
C GLU A 75 -15.67 6.53 9.43
N LYS A 76 -15.57 5.53 8.56
CA LYS A 76 -14.30 4.87 8.30
C LYS A 76 -13.20 5.89 8.00
N ALA A 77 -13.53 6.87 7.16
CA ALA A 77 -12.57 7.91 6.79
C ALA A 77 -11.89 8.49 8.02
N LYS A 78 -12.69 8.88 9.00
CA LYS A 78 -12.16 9.45 10.24
C LYS A 78 -11.25 8.45 10.95
N GLN A 79 -11.62 7.18 10.92
CA GLN A 79 -10.83 6.14 11.57
C GLN A 79 -9.38 6.18 11.09
N ILE A 80 -9.20 6.12 9.77
CA ILE A 80 -7.87 6.15 9.18
C ILE A 80 -7.12 7.41 9.60
N TYR A 81 -7.86 8.45 9.90
CA TYR A 81 -7.26 9.72 10.32
C TYR A 81 -6.85 9.68 11.78
N GLU A 82 -7.73 9.17 12.63
CA GLU A 82 -7.45 9.06 14.06
C GLU A 82 -6.32 8.07 14.33
N GLU A 83 -5.91 7.36 13.28
CA GLU A 83 -4.84 6.38 13.40
C GLU A 83 -3.54 6.90 12.79
N PHE A 84 -3.63 7.34 11.54
CA PHE A 84 -2.47 7.87 10.83
C PHE A 84 -2.48 9.40 10.84
N ILE A 85 -3.58 9.98 10.38
CA ILE A 85 -3.71 11.43 10.33
C ILE A 85 -4.04 12.00 11.70
N GLN A 86 -3.66 11.27 12.75
CA GLN A 86 -3.92 11.70 14.12
C GLN A 86 -2.64 12.22 14.78
N THR A 87 -2.79 13.10 15.75
CA THR A 87 -1.64 13.66 16.46
C THR A 87 -0.81 12.56 17.12
N GLU A 88 0.51 12.68 16.98
CA GLU A 88 1.41 11.69 17.55
C GLU A 88 0.85 10.28 17.42
N ALA A 89 0.08 10.05 16.36
CA ALA A 89 -0.52 8.74 16.12
C ALA A 89 0.52 7.64 16.19
N PRO A 90 0.05 6.40 16.39
CA PRO A 90 0.94 5.22 16.48
C PRO A 90 1.57 4.88 15.15
N LYS A 91 0.84 5.12 14.07
CA LYS A 91 1.34 4.83 12.72
C LYS A 91 1.37 6.09 11.87
N GLU A 92 1.22 7.25 12.51
CA GLU A 92 1.23 8.52 11.82
C GLU A 92 2.28 8.53 10.71
N VAL A 93 1.83 8.30 9.48
CA VAL A 93 2.73 8.28 8.33
C VAL A 93 3.49 9.60 8.20
N ASN A 94 4.34 9.70 7.18
CA ASN A 94 5.12 10.91 6.95
C ASN A 94 4.43 11.82 5.94
N ILE A 95 3.75 12.84 6.45
CA ILE A 95 3.04 13.78 5.59
C ILE A 95 3.12 15.20 6.17
N ASP A 96 3.80 16.09 5.44
CA ASP A 96 3.93 17.47 5.87
C ASP A 96 2.56 18.08 6.21
N HIS A 97 2.58 19.18 6.96
CA HIS A 97 1.34 19.85 7.34
C HIS A 97 0.46 20.10 6.11
N PHE A 98 1.08 20.44 4.99
CA PHE A 98 0.35 20.71 3.76
C PHE A 98 -0.63 19.58 3.45
N THR A 99 -0.09 18.41 3.12
CA THR A 99 -0.92 17.26 2.81
C THR A 99 -1.81 16.87 4.00
N LYS A 100 -1.19 16.71 5.16
CA LYS A 100 -1.91 16.36 6.37
C LYS A 100 -3.19 17.17 6.50
N ASP A 101 -3.07 18.49 6.38
CA ASP A 101 -4.22 19.38 6.47
C ASP A 101 -5.27 19.02 5.43
N ILE A 102 -4.84 18.88 4.19
CA ILE A 102 -5.74 18.54 3.10
C ILE A 102 -6.75 17.47 3.53
N THR A 103 -6.24 16.29 3.87
CA THR A 103 -7.09 15.19 4.30
C THR A 103 -8.17 15.67 5.27
N MET A 104 -7.75 16.38 6.31
CA MET A 104 -8.68 16.90 7.31
C MET A 104 -9.85 17.61 6.64
N LYS A 105 -9.54 18.59 5.80
CA LYS A 105 -10.57 19.34 5.09
C LYS A 105 -11.40 18.43 4.20
N ASN A 106 -10.84 17.26 3.87
CA ASN A 106 -11.54 16.30 3.02
C ASN A 106 -12.34 15.31 3.85
N LEU A 107 -12.40 15.57 5.16
CA LEU A 107 -13.13 14.70 6.08
C LEU A 107 -14.57 15.20 6.26
N VAL A 108 -14.88 16.33 5.64
CA VAL A 108 -16.21 16.91 5.74
C VAL A 108 -17.20 16.18 4.84
N GLU A 109 -16.89 16.15 3.54
CA GLU A 109 -17.76 15.48 2.57
C GLU A 109 -16.99 14.41 1.81
N PRO A 110 -16.30 13.53 2.55
CA PRO A 110 -15.51 12.45 1.95
C PRO A 110 -16.38 11.37 1.32
N SER A 111 -15.99 10.91 0.13
CA SER A 111 -16.74 9.89 -0.58
C SER A 111 -15.82 8.78 -1.06
N LEU A 112 -14.95 9.10 -2.01
CA LEU A 112 -14.00 8.13 -2.55
C LEU A 112 -12.60 8.72 -2.65
N SER A 113 -12.52 9.94 -3.14
CA SER A 113 -11.24 10.63 -3.29
C SER A 113 -10.87 11.38 -2.01
N SER A 114 -11.48 10.98 -0.91
CA SER A 114 -11.23 11.62 0.37
C SER A 114 -9.74 11.56 0.73
N PHE A 115 -9.11 10.44 0.39
CA PHE A 115 -7.69 10.25 0.66
C PHE A 115 -6.89 10.12 -0.63
N ASP A 116 -7.29 10.90 -1.64
CA ASP A 116 -6.60 10.87 -2.93
C ASP A 116 -5.21 11.48 -2.82
N MET A 117 -5.11 12.61 -2.12
CA MET A 117 -3.83 13.28 -1.95
C MET A 117 -2.94 12.52 -0.97
N ALA A 118 -3.43 12.33 0.25
CA ALA A 118 -2.68 11.62 1.28
C ALA A 118 -2.18 10.28 0.74
N GLN A 119 -3.05 9.54 0.06
CA GLN A 119 -2.70 8.24 -0.49
C GLN A 119 -1.51 8.37 -1.45
N LYS A 120 -1.67 9.21 -2.47
CA LYS A 120 -0.62 9.42 -3.46
C LYS A 120 0.63 10.03 -2.80
N ARG A 121 0.41 10.78 -1.72
CA ARG A 121 1.51 11.42 -1.02
C ARG A 121 2.43 10.38 -0.39
N ILE A 122 1.85 9.48 0.39
CA ILE A 122 2.62 8.43 1.04
C ILE A 122 3.18 7.43 0.03
N HIS A 123 2.32 6.98 -0.88
CA HIS A 123 2.73 6.03 -1.91
C HIS A 123 3.96 6.54 -2.67
N ALA A 124 4.01 7.86 -2.88
CA ALA A 124 5.12 8.47 -3.58
C ALA A 124 6.39 8.46 -2.74
N LEU A 125 6.21 8.34 -1.42
CA LEU A 125 7.34 8.31 -0.50
C LEU A 125 7.87 6.89 -0.32
N MET A 126 6.95 5.95 -0.13
CA MET A 126 7.32 4.55 0.06
C MET A 126 7.93 3.98 -1.21
N GLU A 127 7.86 4.75 -2.30
CA GLU A 127 8.40 4.31 -3.58
C GLU A 127 9.81 4.88 -3.79
N LYS A 128 10.12 5.96 -3.08
CA LYS A 128 11.43 6.59 -3.19
C LYS A 128 12.22 6.42 -1.90
N ASP A 129 11.55 5.93 -0.86
CA ASP A 129 12.19 5.72 0.44
C ASP A 129 12.40 4.22 0.69
N SER A 130 11.31 3.49 0.86
CA SER A 130 11.39 2.05 1.11
C SER A 130 11.65 1.29 -0.18
N LEU A 131 10.76 1.46 -1.15
CA LEU A 131 10.89 0.78 -2.44
C LEU A 131 12.36 0.56 -2.79
N PRO A 132 13.15 1.64 -2.80
CA PRO A 132 14.57 1.58 -3.11
C PRO A 132 15.38 0.89 -2.01
N ARG A 133 14.95 1.07 -0.76
CA ARG A 133 15.63 0.46 0.37
C ARG A 133 15.23 -1.01 0.52
N PHE A 134 14.18 -1.40 -0.18
CA PHE A 134 13.69 -2.78 -0.13
C PHE A 134 14.41 -3.65 -1.13
N VAL A 135 14.80 -3.06 -2.26
CA VAL A 135 15.50 -3.78 -3.30
C VAL A 135 16.93 -4.13 -2.88
N ARG A 136 17.49 -3.29 -2.02
CA ARG A 136 18.85 -3.50 -1.53
C ARG A 136 18.91 -4.72 -0.61
N SER A 137 17.91 -4.85 0.25
CA SER A 137 17.85 -5.96 1.19
C SER A 137 17.78 -7.29 0.45
N GLU A 138 18.03 -8.38 1.18
CA GLU A 138 18.00 -9.72 0.59
C GLU A 138 16.60 -10.04 0.06
N PHE A 139 15.58 -9.65 0.82
CA PHE A 139 14.20 -9.91 0.43
C PHE A 139 14.03 -9.80 -1.09
N TYR A 140 14.67 -8.80 -1.68
CA TYR A 140 14.60 -8.59 -3.12
C TYR A 140 15.61 -9.46 -3.85
N GLN A 141 16.87 -9.40 -3.40
CA GLN A 141 17.93 -10.18 -4.02
C GLN A 141 17.49 -11.62 -4.24
N GLU A 142 16.67 -12.13 -3.34
CA GLU A 142 16.17 -13.51 -3.44
C GLU A 142 15.08 -13.61 -4.51
N LEU A 143 14.31 -12.53 -4.66
CA LEU A 143 13.23 -12.50 -5.65
C LEU A 143 13.77 -12.67 -7.06
N ILE A 144 14.96 -12.14 -7.30
CA ILE A 144 15.59 -12.24 -8.61
C ILE A 144 16.66 -13.34 -8.62
N SER A 145 17.39 -13.45 -7.52
CA SER A 145 18.45 -14.45 -7.41
C SER A 145 17.86 -15.84 -7.18
N GLY A 146 17.01 -15.95 -6.16
CA GLY A 146 16.39 -17.23 -5.86
C GLY A 146 17.39 -18.37 -5.86
N PRO A 147 16.91 -19.57 -6.23
CA PRO A 147 17.74 -20.78 -6.29
C PRO A 147 18.76 -20.72 -7.42
N SER A 148 19.77 -21.58 -7.34
CA SER A 148 20.81 -21.63 -8.37
C SER A 148 20.24 -21.30 -9.74
N SER A 149 20.97 -20.50 -10.51
CA SER A 149 20.53 -20.10 -11.85
C SER A 149 21.68 -19.47 -12.62
N GLY A 150 21.57 -19.47 -13.94
CA GLY A 150 22.59 -18.89 -14.79
C GLY A 150 22.74 -17.39 -14.58
#